data_5DM7
#
_entry.id   5DM7
#
_cell.length_a   169.820
_cell.length_b   411.540
_cell.length_c   695.650
_cell.angle_alpha   90.000
_cell.angle_beta   90.000
_cell.angle_gamma   90.000
#
_symmetry.space_group_name_H-M   'I 2 2 2'
#
loop_
_entity.id
_entity.type
_entity.pdbx_description
1 polymer '50S ribosomal protein L1'
2 polymer '50S ribosomal protein L2'
3 polymer '50S ribosomal protein L3'
4 polymer '50S ribosomal protein L4'
5 polymer '50S ribosomal protein L5'
6 polymer '50S ribosomal protein L6'
7 polymer '50S ribosomal protein L11'
8 polymer '50S ribosomal protein L13'
9 polymer '50S ribosomal protein L14'
10 polymer '50S ribosomal protein L15'
11 polymer '50S ribosomal protein L16'
12 polymer '50S ribosomal protein L17'
13 polymer '50S ribosomal protein L18'
14 polymer '50S ribosomal protein L19'
15 polymer '50S ribosomal protein L20'
16 polymer '50S ribosomal protein L21'
17 polymer '50S ribosomal protein L22'
18 polymer '50S ribosomal protein L23'
19 polymer '50S ribosomal protein L24'
20 polymer '50S ribosomal protein L25'
21 polymer '50S ribosomal protein L27'
22 polymer '50S ribosomal protein L28'
23 polymer '50S ribosomal protein L29'
24 polymer '50S ribosomal protein L30'
25 polymer '50S ribosomal protein L32'
26 polymer '50S ribosomal protein L33'
27 polymer '50S ribosomal protein L34'
28 polymer '50S ribosomal protein L35'
29 polymer '23S ribosomal RNA'
30 polymer '5S ribosomal RNA'
31 non-polymer 'MAGNESIUM ION'
32 non-polymer 'Hygromycin A'
#
loop_
_entity_poly.entity_id
_entity_poly.type
_entity_poly.pdbx_seq_one_letter_code
_entity_poly.pdbx_strand_id
1 'polypeptide(L)'
;KRYRALEGKVDRNKQYSIDEAAALVKELATAKFDETVEVHFRLGIDPRKSDQNVRGTVALPHGTGRSVRVAVITKGENVQ
AAEAAGADVVGSDELIERIAGGFMDFDAVVATPDMMAQIGQKLARLLGPRGLLPNPKSGTVGADVAGMVRGLKAGRIEFR
NDKTGVVHAPIGKASFESGNLSANYQALISALEGAKPGTAKGVFLRSAYLTTTMGPSIPLALGG
;
0
2 'polypeptide(L)'
;AVKKYKPYTPSRRQMTTADFSGLAKKRPEKALTEALPKTGGRNNRGRITSRFIGGGHKRLYRIIDFKRRDKSGVNAKVAA
IEYDPNRSARIALLHYADGEKRYILAPEGLTVGATVNAGPEAEPKLGNALPLRFVPVGAVVHALELVPGKGAQLARSAGT
SVQVQGKESDYVIVRLPSGELRRVHSECYATIGAVGNAEHKNIVLGKAGRSRWLGRKPHQRGSAMNPVDHPHGGGEGRTG
AGRVPVTPWGKPTKGLKTRRKRKTSDRFLVTRRK
;
A
3 'polypeptide(L)'
;MKGILGTKIGMTQIWKNDRAIPVTVVLAGPCPIVQRKTAQTDGYEAVQIGYAPKAERKVNKPMQGHFAKAGVAPTRILRE
FRGFAPDGDSVNVDIFAEGEKIDATGTSKGKGTQGVMKRWNFAGGPASHGSKKWHRRPGSIGQRKTPGRVYKGKRMAGHM
GMERVTVQNLEVVEIRAGENLILVKGAIPGANGGLVVLRSAAKAS
;
B
4 'polypeptide(L)'
;AQINVIGQNGGRTIELPLPEVNSGVLHEVVTWQLASRRRGTASTRTRAQVSKTGRKMYGQKGTGNARHGDRSVPTFVGGG
VAFGPKPRSYDYTLPRQVRQLGLAMAIASRQEGGKLVAVDGFDIADAKTKNFISWAKQNGLDGTEKVLLVTDDENTRRAA
RNVSWVSVLPVAGVNVYDILRHDRLVIDAAALEIVEE
;
C
5 'polypeptide(L)'
;QLKTKYNDQVRPALMQQFGYSSVMAVPRIEKIVVNEGLGSSKEDSKAIDKAAKELALITLQKPIITKAKKSISNFKLRQG
MPVGIKVTLRGERMYVFLEKLINIGLPRIRDFRGINPNAFDGRGNYNLGIKEQLIFPEITYDMVDKTRGMDITIVTTAKT
DEEARALLQSMGLPFRK
;
D
6 'polypeptide(L)'
;GKQPIAVPSGVTVNAQDGVFKVKGPKGELTVPYNTELTVRQDGDQLLVERPSDAQKHRALHGLTRTLVANAVKGVSDGYT
INLELRGVGFRAKLTGKALEMNIGYSHPVIIEPPAGVTFAVPEPTRIDVSGIDKQLVGQVAANVRKVRKPDAYHGKGVRF
VGEQIALKAGK
;
E
7 'polypeptide(L)'
;MRRVAGIVKLQLPAGKATPAPPVGPALGQYGANIMEFTKAFNAQTADKGDAIIPVEITIYADRSFTFITKTPPMSYLIRK
AAGIGKGSSTPNKAKVGKLNWDQVLEIAKTKMPDLNAGSVEAAANTVAGTARSMGVTVEGGPNA
;
F
8 'polypeptide(L)'
;KTYIPKNDEQNWVVVDASGVPLGRLATLIASRIRGKHRPDFTPNMIQGDFVVVINAAQVALTGKKLDDKVYTRYTGYQGG
LKTETAREALSKHPERVIEHAVFGMLPKGRQGRAMHTRLKVYAGETHPHSAQKPQVLKTQPL
;
G
9 'polypeptide(L)'
;MIMPQSRLDVADNSGAREIMCIRVLNSGIGGKGLTTGGGGNKRYAHVGDIIVASVKDAAPRGAVKAGDVVKAVVVRTSHA
IKRADGSTIRFDRNAAVIINNQGEPRGTRVFGPVARELRDRRFMKIVSLAPEVL
;
H
10 'polypeptide(L)'
;HDLKPTPGSRKDRKRVGRGPGGTDKTAGRGHKGQKSRSGAGKGAFFEGGRSRLIARLPKRGFNNVGTTYEVVKLSQLQDL
EDTTFDRDTLEAYRLVRRKNRPVKLLASGEISRAVTVHVDAASAAAIKAVEAAGGRVVLPE
;
I
11 'polypeptide(L)'
;KRTKFRKQFRGRMTGDAKGGDYVAFGDYGLIAMEPAWIKSNQIEACRIVMSRHFRRGGKIYIRIFPDKPVTKKPAETRMG
KGKGAVEYWVSVVKPGRVMFEVAGVTEEQAKEAFRLAGHKLPIQTKMVKREVYDEA
;
J
12 'polypeptide(L)'
;HGKAGRKLNRNSSARVALARAQATALLREGRIQTTLTKAKELRPFVEQLITTAKGGDLHSRRLVAQDIHDKDVVRKVMDE
VAPKYAERPGGYTRILRVGTRRGDGVTMALIEL
;
K
13 'polypeptide(L)'
;RRKLRTRRKVRTTTAASGKLRLSVYRSSKHIYAQIIDDSRGQTLAAASSAALKSGNKTDTAAAVGKALAAAAAEKGIKQV
VFDRGSYKYHGRVKALADAAREGG
;
L
14 'polypeptide(L)'
;QTHIKINRGELLRGIEQDHTRQLPDFRPGDTVRVDTKVREGNRTRSQAFEGVVIAINGSGSRKSFTVRKISFGEGVERVF
PFASPLVNQVTIVERGKVRRAKLYYGKAA
;
M
15 'polypeptide(L)'
;PRAKTGIVRRRRHKKVLKRAKGFWGSRSKQYRNAFQTLLNAATYEYRDRRNKKRDFRRLWIQRINAGARLHGMNYSTFIN
GLKRANIDLNRKVLADIAAREPEAFKALVDASRNARQ
;
N
16 'polypeptide(L)'
;IQTGGKQYRVSEGDVIRVESLQGEAGDKVELKALFVGGEQTVFGEDAGKYTVQAEVVEHGRGKKIYIRKYKSGVQYRRRT
GHRQNFTAIKILGI
;
O
17 'polypeptide(L)'
;FRNKKQRKQQVKLRKPGFAVAKYVRMSPRKVRLVVDVIRGKSVQDAEDLLRFIPRSASEPVAKVLNSAKANALHNDEMLE
DRLFVKEAYVDAGPTLKRLIPRARGSANIIKKRTSHITIIVAEKGNK
;
P
18 'polypeptide(L)'
;SHYDILQAPVISEKAYSAMERGVYSFWVSPKATKTEIKDAIQQAFGVRVIGISTMNVPGKRKRVGRFIGQRNDRKKAIVR
LAEGQSIEALAGQ
;
Q
19 'polypeptide(L)'
;PSAGSHHNDKLHFKKGDTVIVLSGKHKGQTGKVLLALPRDQKVVVEGVNVITKNVKPSMTNPQGGQEQRELALHASKVAL
VDPETGKATRVRKQIVDGKKVRVAVASGKT
;
R
20 'polypeptide(L)'
;MELTAKPRTPKQKLDESMIAAVAYNKENNVSFALDRKAFDRAFRQQSTTGLFDITVEGGETFPALVKAVQMDKRKRAPIH
VDFYMVTYGEPVEVSVPVHTTGRSQGEVQGGLVDIVVHNLQIVAPGPRRIPQELVVDVTKMNIGDHITAGDIKLPEGCTL
AADPELTVVSVLPPR
;
S
21 'polypeptide(L)'
;AHKKGVGSSKNGRDSNPKYLGVKKFGGEVVKAGNILVRQRGTKFKAGQGVGMGRDHTLFALSDGKVVFINKGKGARFISI
EAAQ
;
T
22 'polypeptide(L)' TGKKNLVVNSVIRRGKARADGGVGRKTTGITKRVQRANLHKKAIRENGQVKTVWLSANAIRTLSKGPYKGIE U
23 'polypeptide(L)' MKPSEMRNLQATDFAKEIDARKKELMELRFQAAAGQLAQPHRVRQLRREVAQLNTVKAELARKGEQ V
24 'polypeptide(L)' MKIKLVRSVIGRPGNQVKTVQALGLRKIGDSREVSDTPAVRGMVKTVKHLLEVQE W
25 'polypeptide(L)' KHPVPKKKTSKSKRDMRRSHHALTAPNLTECPQCHGKKLSHHICPNCGYYDGRQVLA Z
26 'polypeptide(L)' AAAGAAPRIIVKMESSAGTGFYYTTTKNRRNTQAKLELKKYDPVAAHVVFAAAA 1
27 'polypeptide(L)' MKRTYQPNNRKRAKTHGFRARMKTKSGRNILARRRAKGRHQLTVSDE 2
28 'polypeptide(L)' PKMKTHKMAKRRIKITGTGKVMAFKSGKRHQNTGKSGDEIRGKGKGFVLAKAEWARMKLMLPRGK 3
29 'polyribonucleotide'
;GGGUCAAGAUAGUAAGGGUCCACGGUGGAUGCCCUGGCGCUGGAGCCGAUGAAGGACGCGAUUACCUGCGAAAAGCCCCG
ACGAGCUGGAGAUACGCUUUGACUCGGGGAUGUCCGAAUGGGGAAACCCACCUCGUAAGAGGUAUCCGCAAGGAUGGGAA
CUCAGGGAACUGAAACAUCUCAGUACCUGAAGGAGAAGAAAGAGAAUUCGAUUCCGUUAGUAGCGGCGAGCGAACCCGGA
UCAGCCCAAACCGAAACGCUUGCGUUUCGGGGUUGUAGGACCAGUUUUUAAGAUUCAACCCCUCAAGCCGAAGUGGCUGG
AAAGCUACACCUCAGAAGGUGAGAGUCCUGUAGGCGAACGAGCGGUUGACUGUACUGGCACCUGAGUAGGUCGUUGUUCG
UGAAACGAUGACUGAAUCCGCGCGGACCACCGCGCAAGGCUAAAUACUCCCAGUGACCGAUAGCGCAUAGUACCGUGAGG
GAAAGGUGAAAAGAACCCCGGGAGGGGAGUGAAAGAGAACCUGAAACCGUGGACUUACAAGCAGUCAUGGCACCUUAUGC
GUGUUAUGGCGUGCCUAUUGAAGCAUGAGCCGGCGACUUAGACCUGACGUGCGAGCUUAAGUUGAAAAACGGAGGCGGAG
CGAAAGCGAGUCCGAAUAGGGCGGCAUUAGUACGUCGGGCUAGACUCGAAACCAGGUGAGCUAAGCAUGACCAGGUUGAA
ACCCCCGUGACAGGGGGCGGAGGACCGAACCGGUGCCUGCUGAAACAGUCUCGGAUGAGUUGUGUUUAGGAGUGAAAAGC
UAACCGAACCUGGAGAUAGCUAGUUCUCCCCGAAAUGUAUUGAGGUACAGCCUCGGAUGUUGACCAUGUCCUGUAGAGCA
CUCACAAGGCUAGGGGGCCUACCAGCUUACCAAACCUUAUGAAACUCCGAAGGGGCACGCGUUUAGUCCGGGAGUGAGGC
UGCGAGAGCUAACUUCCGUAGCCGAGAGGGAAACAACCCAGACCAUCAGCUAAGGUCCCUAAAUGAUCGCUCAGUGGUUA
AGGAUGUGUCGUCGCAUAGACAGCCAGGAGGUUGGCUUAGAAGCAGCCACCCUUCAAAGAGUGCGUAAUAGCUCACUGGU
CGAGUGACGAUGCGCCGAAAAUGAUCGGGGCUCAAGUGAUCUACCGAAGCUAUGGAUUCAACUCGCGAAGCGAGUUGUCU
GGUAGGGGAGCGUUCAGUCCGCGGAGAAGCCAUACCGGAAGGAGUGGUGGAGCCGACUGAAGUGCGGAUGCCGGCAUGAG
UAACGAUAAAAGAAGUGAGAAUCUUCUUCGCCGUAAGGACAAGGGUUCCUGGGGAAGGGUCGUCCGCCCAGGGAAAGUCG
GGACCUAAGGUGAGGCCGAACGGCGCAGCCGAUGGACAGCAGGUCAAGAUUCCUGCACCGAUCAUGUGGAGUGAUGGAGG
GACGCAUUACGCUAUCCAAUGCCAAGCUAUGGCUAUGCUGGUUGGUACGCUCAAGGGCGAUCGGGUCAGAAAAUCUACCG
GUCACAUGCCUCAGACGUAUCGGGAGCUUCCUCGGAAGCGAAGUUGGAAACGCGACGGUGCCAAGAAAAGCUUCUAAACG
UUGAAACAUGAUUGCCCGUACCGCAAACCGACACAGGUGUCCGAGUGUCAAUGCACUAAGGCGCGCGAGAGAACCCUCGU
UAAGGAACUUUGCAAUCUCACCCCGUAACUUCGGAAGAAGGGGUCCCCACGCUUCGCGUGGGGCGCAGUGAAUAGGCCCA
GGCGACUGUUUACCAAAAUCACAGCACUCUGCCAACACGAACAGUGGACGUAUAGGGUGUGACGCCUGCCCGGUGCCGGA
AGGUCAAGUGGAGCGGUGCAAGCUGCGAAAUGAAGCCCCGGUGAACGGCGGCCGUAACUAUAACGGUCCUAAGGUAGCGA
AAUUCCUUGUCGGGUAAGUUCCGACCUGCACGAAAGGCGUAACGAUCUGGGCGCUGUCUCAACGAGGGACUCGGUGAAAU
UGAAUUGGCUGUAAAGAUGCGGCCUACCCGUAGCAGGACGAAAAGACCCCGUGGAGCUUUACUAUAGUCUGGCAUUGGGA
UUCGGGUUUCUCUGCGUAGGAUAGGUGGGAGCCUGCGAAACUGGCCUUUUGGGGUCGGUGGAGGCAACGGUGAAAUACCA
CCCUGAGAAACUUGGAUUUCUAACCUGAAAAAUCACUUUCGGGGACCGUGCUUGGCGGGUAGUUUGACUGGGGCGGUCGC
CUCCCAAAAUGUAACGGAGGCGCCCAAAGGUCACCUCAAGACGGUUGGAAAUCGUCUGUAGAGCGCAAAGGUAGAAGGUG
GCUUGACUGCGAGACUGACACGUCGAGCAGGGAGGAAACUCGGGCUUAGUGAACCGGUGGUACCGUGUGGAAGGGCCAUC
GAUCAACGGAUAAAAGUUACCCCGGGGAUAACAGGCUGAUCUCCCCCGAGAGUCCAUAUCGGCGGGGAGGUUUGGCACCU
CGAUGUCGGCUCGUCGCAUCCUGGGGCUGAAGAAGGUCCCAAGGGUUGGGCUGUUCGCCCAUUAAAGCGGCACGCGAGCU
GGGUUCAGAACGUCGUGAGACAGUUCGGUCUCUAUCCGCUACGGGCGCAGGAGAAUUGAGGGGAGUUGCUCCUAGUACGA
GAGGACCGGAGUGAACGGACCGCUGGUCUCCCUGCUGUCGUACCAACGGCACAUGCAGGGUAGCUAUGUCCGGAACGGAU
AACCGCUGAAAGCAUCUAAGCGGGAAGCCAGCCCCAAGAUGAGUUCUCCCACUGUUUAUCAGGUAAGACUCCCGGAAGAC
CACCGGGUUAAGAGGCCAGGCGUGCACGCAUAGCAAUGUGUUCAGCGGACUGGUGCUCAUCAGUCGAGGUCUUGACCACU
C
;
X
30 'polyribonucleotide'
;CACCCCCGUGCCCAUAGCACUGUGGAACCACCCCACCCCAUGCCGAACUGGGUCGUGAAACACAGCAGCGCCAAUGAUAC
UCGGACCGCAGGGUCCCGGAAAAGUCGGUCAGCGCGGGGGUU
;
Y
#
# COMPACT_ATOMS: atom_id res chain seq x y z
N LYS A 1 96.01 30.76 72.77
CA LYS A 1 94.60 31.09 72.58
C LYS A 1 94.41 32.60 72.38
N ARG A 2 94.12 33.30 73.48
CA ARG A 2 93.77 34.73 73.45
C ARG A 2 92.56 34.97 72.53
N TYR A 3 91.38 34.58 72.99
CA TYR A 3 90.18 34.59 72.16
C TYR A 3 89.02 35.48 72.67
N ARG A 4 89.23 36.24 73.74
CA ARG A 4 88.16 37.10 74.28
C ARG A 4 88.48 38.60 74.15
N ALA A 5 87.48 39.44 74.40
CA ALA A 5 87.58 40.90 74.23
C ALA A 5 87.90 41.31 72.79
N LEU A 6 87.56 40.43 71.86
CA LEU A 6 87.80 40.65 70.43
C LEU A 6 86.97 39.66 69.62
N GLU A 7 86.51 38.60 70.29
CA GLU A 7 85.61 37.61 69.68
C GLU A 7 84.34 37.52 70.52
N GLY A 8 84.43 37.96 71.76
CA GLY A 8 83.26 38.12 72.61
C GLY A 8 82.36 39.17 72.00
N LYS A 9 82.97 40.14 71.32
CA LYS A 9 82.24 41.16 70.58
C LYS A 9 81.93 40.67 69.17
N VAL A 10 82.12 39.37 68.94
CA VAL A 10 81.93 38.79 67.61
C VAL A 10 80.93 37.63 67.60
N ASP A 11 79.92 37.75 66.76
CA ASP A 11 78.89 36.74 66.62
C ASP A 11 78.69 36.39 65.14
N ARG A 12 78.92 35.13 64.80
CA ARG A 12 78.87 34.68 63.41
C ARG A 12 77.46 34.41 62.91
N ASN A 13 76.50 35.24 63.30
CA ASN A 13 75.11 35.04 62.92
C ASN A 13 74.38 36.33 62.53
N LYS A 14 75.02 37.47 62.79
CA LYS A 14 74.46 38.77 62.44
C LYS A 14 75.17 39.40 61.22
N GLN A 15 75.06 40.72 61.08
CA GLN A 15 75.62 41.41 59.92
C GLN A 15 76.40 42.70 60.27
N TYR A 16 77.25 43.12 59.33
CA TYR A 16 78.08 44.33 59.47
C TYR A 16 78.54 44.78 58.09
N SER A 17 77.72 45.58 57.42
CA SER A 17 77.89 45.87 55.98
C SER A 17 79.06 46.77 55.62
N ILE A 18 78.81 47.80 54.82
CA ILE A 18 79.86 48.68 54.29
C ILE A 18 80.24 49.81 55.25
N ASP A 19 79.25 50.57 55.71
CA ASP A 19 79.48 51.70 56.61
C ASP A 19 79.63 51.29 58.08
N GLU A 20 79.54 49.98 58.33
CA GLU A 20 79.58 49.46 59.71
C GLU A 20 80.84 48.65 60.01
N ALA A 21 81.20 47.74 59.10
CA ALA A 21 82.39 46.93 59.29
C ALA A 21 83.64 47.80 59.25
N ALA A 22 83.58 48.89 58.49
CA ALA A 22 84.70 49.81 58.36
C ALA A 22 85.07 50.50 59.68
N ALA A 23 84.10 50.57 60.59
CA ALA A 23 84.34 51.13 61.91
C ALA A 23 84.44 50.02 62.95
N LEU A 24 84.78 48.81 62.49
CA LEU A 24 84.97 47.67 63.38
C LEU A 24 85.92 46.62 62.79
N VAL A 25 86.77 47.05 61.86
CA VAL A 25 87.78 46.17 61.23
C VAL A 25 89.18 46.35 61.82
N LYS A 26 89.57 47.60 62.03
CA LYS A 26 90.86 47.92 62.66
C LYS A 26 90.83 47.58 64.16
N GLU A 27 89.64 47.32 64.68
CA GLU A 27 89.45 46.94 66.08
C GLU A 27 89.83 45.47 66.31
N LEU A 28 89.13 44.57 65.61
CA LEU A 28 89.33 43.13 65.77
C LEU A 28 90.73 42.68 65.33
N ALA A 29 91.75 43.21 65.99
CA ALA A 29 93.14 42.93 65.63
C ALA A 29 94.09 43.34 66.75
N THR A 30 93.63 43.23 67.99
CA THR A 30 94.47 43.54 69.16
C THR A 30 95.50 42.41 69.35
N ALA A 31 96.52 42.40 68.50
CA ALA A 31 97.54 41.36 68.55
C ALA A 31 98.96 41.93 68.64
N LYS A 32 99.58 42.16 67.49
CA LYS A 32 100.98 42.61 67.46
C LYS A 32 101.17 43.96 66.76
N PHE A 33 101.89 43.98 65.64
CA PHE A 33 102.17 45.21 64.89
C PHE A 33 100.92 45.74 64.18
N ASP A 34 101.13 46.38 63.02
CA ASP A 34 100.02 46.74 62.15
C ASP A 34 99.31 45.45 61.73
N GLU A 35 97.99 45.45 61.80
CA GLU A 35 97.23 44.24 61.48
C GLU A 35 96.12 44.48 60.46
N THR A 36 96.27 43.87 59.29
CA THR A 36 95.30 44.01 58.20
C THR A 36 94.26 42.90 58.28
N VAL A 37 93.00 43.26 58.03
CA VAL A 37 91.92 42.28 57.99
C VAL A 37 91.46 42.02 56.55
N GLU A 38 91.50 40.75 56.15
CA GLU A 38 91.17 40.37 54.77
C GLU A 38 89.77 40.76 54.35
N VAL A 39 89.50 40.64 53.05
CA VAL A 39 88.14 40.81 52.51
C VAL A 39 87.82 39.60 51.63
N HIS A 40 87.02 38.69 52.17
CA HIS A 40 86.76 37.39 51.54
C HIS A 40 85.62 37.40 50.51
N PHE A 41 85.86 36.74 49.38
CA PHE A 41 84.83 36.46 48.37
C PHE A 41 84.92 34.98 48.00
N ARG A 42 83.91 34.46 47.30
CA ARG A 42 83.89 33.03 46.96
C ARG A 42 83.60 32.72 45.50
N LEU A 43 84.65 32.49 44.71
CA LEU A 43 84.52 32.06 43.32
C LEU A 43 84.29 30.55 43.24
N GLY A 44 83.03 30.14 43.37
CA GLY A 44 82.68 28.74 43.29
C GLY A 44 81.72 28.44 42.16
N ILE A 45 81.89 29.16 41.05
CA ILE A 45 81.07 28.98 39.85
C ILE A 45 81.25 27.55 39.35
N ASP A 46 82.37 27.32 38.65
CA ASP A 46 82.81 25.97 38.29
C ASP A 46 84.34 25.95 38.31
N PRO A 47 84.93 25.44 39.41
CA PRO A 47 86.36 25.56 39.70
C PRO A 47 87.28 24.53 39.04
N ARG A 48 86.89 24.00 37.88
CA ARG A 48 87.74 23.02 37.20
C ARG A 48 87.66 23.10 35.66
N LYS A 49 87.54 24.32 35.15
CA LYS A 49 87.57 24.57 33.70
C LYS A 49 88.47 25.77 33.38
N SER A 50 88.96 25.83 32.15
CA SER A 50 89.96 26.83 31.77
C SER A 50 89.39 28.25 31.59
N ASP A 51 88.08 28.36 31.47
CA ASP A 51 87.44 29.67 31.28
C ASP A 51 86.63 30.14 32.49
N GLN A 52 87.16 29.88 33.70
CA GLN A 52 86.53 30.33 34.93
C GLN A 52 87.55 30.94 35.89
N ASN A 53 88.79 31.07 35.41
CA ASN A 53 89.85 31.74 36.17
C ASN A 53 89.91 33.23 35.81
N VAL A 54 89.86 34.08 36.82
CA VAL A 54 89.91 35.53 36.58
C VAL A 54 91.32 35.99 36.21
N ARG A 55 91.61 35.99 34.91
CA ARG A 55 92.93 36.37 34.42
C ARG A 55 93.02 37.87 34.14
N GLY A 56 92.72 38.67 35.15
CA GLY A 56 92.79 40.12 35.07
C GLY A 56 93.27 40.73 36.38
N THR A 57 93.41 42.04 36.42
CA THR A 57 93.98 42.72 37.59
C THR A 57 93.01 43.64 38.33
N VAL A 58 93.44 44.14 39.48
CA VAL A 58 92.67 45.06 40.30
C VAL A 58 93.53 46.27 40.68
N ALA A 59 92.93 47.44 40.81
CA ALA A 59 93.68 48.65 41.15
C ALA A 59 93.22 49.31 42.45
N LEU A 60 94.04 49.17 43.49
CA LEU A 60 93.78 49.80 44.80
C LEU A 60 93.63 51.32 44.68
N PRO A 61 92.80 51.92 45.54
CA PRO A 61 92.55 53.37 45.57
C PRO A 61 93.78 54.23 45.86
N HIS A 62 93.92 54.66 47.10
CA HIS A 62 94.96 55.64 47.48
C HIS A 62 96.37 55.04 47.49
N GLY A 63 97.17 55.47 48.45
CA GLY A 63 98.54 55.01 48.57
C GLY A 63 98.73 54.14 49.80
N THR A 64 99.04 52.86 49.57
CA THR A 64 99.27 51.93 50.65
C THR A 64 100.57 52.29 51.38
N GLY A 65 100.92 51.50 52.39
CA GLY A 65 102.16 51.72 53.12
C GLY A 65 103.35 51.05 52.44
N ARG A 66 103.12 50.60 51.20
CA ARG A 66 104.14 49.90 50.42
C ARG A 66 104.93 50.82 49.52
N SER A 67 105.01 50.46 48.23
CA SER A 67 105.76 51.23 47.25
C SER A 67 105.33 50.95 45.81
N VAL A 68 106.29 50.81 44.90
CA VAL A 68 106.02 50.56 43.48
C VAL A 68 107.04 49.59 42.88
N ARG A 69 106.56 48.53 42.23
CA ARG A 69 107.42 47.46 41.72
C ARG A 69 107.34 47.25 40.19
N VAL A 70 108.36 47.74 39.47
CA VAL A 70 108.44 47.58 38.02
C VAL A 70 109.91 47.61 37.51
N ALA A 71 110.42 46.44 37.13
CA ALA A 71 111.82 46.31 36.69
C ALA A 71 112.03 46.64 35.21
N VAL A 72 112.14 47.93 34.91
CA VAL A 72 112.21 48.41 33.52
C VAL A 72 113.48 47.95 32.78
N ILE A 73 113.35 47.78 31.46
CA ILE A 73 114.48 47.48 30.59
C ILE A 73 114.48 48.45 29.40
N THR A 74 115.22 49.56 29.51
CA THR A 74 115.20 50.61 28.50
C THR A 74 116.58 51.16 28.12
N LYS A 75 116.59 52.10 27.17
CA LYS A 75 117.81 52.77 26.72
C LYS A 75 117.48 54.04 25.94
N GLY A 76 118.22 55.13 26.23
CA GLY A 76 118.01 56.37 25.53
C GLY A 76 117.33 57.41 26.39
N GLU A 77 116.33 58.10 25.83
CA GLU A 77 115.55 59.09 26.58
C GLU A 77 114.41 58.44 27.36
N ASN A 78 114.68 57.24 27.86
CA ASN A 78 113.73 56.50 28.70
C ASN A 78 114.38 56.06 30.01
N VAL A 79 115.61 56.50 30.23
CA VAL A 79 116.35 56.17 31.46
C VAL A 79 116.21 57.30 32.49
N GLN A 80 116.16 58.54 32.00
CA GLN A 80 115.91 59.69 32.87
C GLN A 80 114.41 59.92 33.03
N ALA A 81 113.61 59.17 32.29
CA ALA A 81 112.17 59.18 32.44
C ALA A 81 111.72 57.92 33.17
N ALA A 82 112.67 57.22 33.78
CA ALA A 82 112.38 55.99 34.53
C ALA A 82 113.32 55.75 35.72
N GLU A 83 114.23 56.67 35.96
CA GLU A 83 115.08 56.63 37.15
C GLU A 83 114.84 57.84 38.05
N ALA A 84 114.30 58.91 37.47
CA ALA A 84 113.95 60.12 38.22
C ALA A 84 112.46 60.14 38.55
N ALA A 85 111.99 59.07 39.19
CA ALA A 85 110.59 58.94 39.57
C ALA A 85 110.39 57.98 40.75
N GLY A 86 110.78 56.72 40.57
CA GLY A 86 110.75 55.76 41.65
C GLY A 86 110.27 54.35 41.30
N ALA A 87 110.71 53.83 40.16
CA ALA A 87 110.32 52.49 39.73
C ALA A 87 111.02 51.39 40.53
N ASP A 88 111.84 50.59 39.84
CA ASP A 88 112.60 49.49 40.46
C ASP A 88 113.70 48.96 39.54
N VAL A 89 114.95 49.06 40.00
CA VAL A 89 116.09 48.48 39.28
C VAL A 89 116.12 48.88 37.80
N VAL A 90 116.59 50.09 37.53
CA VAL A 90 116.65 50.61 36.16
C VAL A 90 118.08 50.99 35.78
N GLY A 91 118.49 50.64 34.57
CA GLY A 91 119.82 50.93 34.08
C GLY A 91 119.87 51.05 32.57
N SER A 92 120.18 49.94 31.90
CA SER A 92 120.23 49.91 30.44
C SER A 92 119.78 48.56 29.88
N ASP A 93 120.53 48.04 28.92
CA ASP A 93 120.20 46.77 28.28
C ASP A 93 120.68 45.59 29.12
N GLU A 94 121.37 45.88 30.22
CA GLU A 94 121.90 44.86 31.10
C GLU A 94 120.87 44.36 32.12
N LEU A 95 119.59 44.62 31.86
CA LEU A 95 118.50 44.15 32.72
C LEU A 95 117.99 42.78 32.27
N ILE A 96 118.72 42.17 31.34
CA ILE A 96 118.50 40.79 30.92
C ILE A 96 119.44 39.91 31.73
N GLU A 97 120.50 40.54 32.24
CA GLU A 97 121.46 39.87 33.12
C GLU A 97 121.05 39.97 34.59
N ARG A 98 120.14 40.90 34.89
CA ARG A 98 119.57 41.04 36.23
C ARG A 98 118.26 40.24 36.36
N ILE A 99 117.80 39.68 35.24
CA ILE A 99 116.63 38.81 35.23
C ILE A 99 116.91 37.53 34.43
N ALA A 100 118.07 36.91 34.71
CA ALA A 100 118.46 35.62 34.16
C ALA A 100 119.76 35.17 34.84
N GLY A 101 120.13 35.89 35.90
CA GLY A 101 121.35 35.60 36.64
C GLY A 101 121.09 34.86 37.93
N GLY A 102 119.99 35.18 38.61
CA GLY A 102 119.63 34.50 39.85
C GLY A 102 118.58 35.16 40.73
N PHE A 103 117.79 36.08 40.17
CA PHE A 103 116.74 36.75 40.93
C PHE A 103 115.55 37.13 40.03
N MET A 104 114.38 36.56 40.33
CA MET A 104 113.17 36.92 39.59
C MET A 104 111.98 37.20 40.52
N ASP A 105 112.20 38.03 41.53
CA ASP A 105 111.11 38.46 42.40
C ASP A 105 110.56 39.83 41.98
N PHE A 106 111.00 40.31 40.81
CA PHE A 106 110.52 41.56 40.26
C PHE A 106 109.10 41.39 39.71
N ASP A 107 108.45 42.51 39.39
CA ASP A 107 107.09 42.48 38.86
C ASP A 107 107.03 42.79 37.36
N ALA A 108 106.12 43.67 36.98
CA ALA A 108 105.90 43.99 35.57
C ALA A 108 107.16 44.56 34.94
N VAL A 109 108.02 43.67 34.45
CA VAL A 109 109.26 44.05 33.78
C VAL A 109 108.97 44.73 32.44
N VAL A 110 109.08 46.06 32.41
CA VAL A 110 108.75 46.84 31.22
C VAL A 110 109.84 46.72 30.15
N ALA A 111 109.62 47.38 29.02
CA ALA A 111 110.60 47.39 27.93
C ALA A 111 110.48 48.68 27.13
N THR A 112 110.94 48.62 25.88
CA THR A 112 110.87 49.75 24.95
C THR A 112 110.23 49.21 23.66
N PRO A 113 109.46 50.05 22.94
CA PRO A 113 108.79 49.67 21.69
C PRO A 113 109.65 48.88 20.71
N ASP A 114 110.80 49.42 20.31
CA ASP A 114 111.69 48.75 19.36
C ASP A 114 112.65 47.81 20.09
N MET A 115 112.46 47.68 21.39
CA MET A 115 113.31 46.83 22.22
C MET A 115 112.50 45.76 22.97
N MET A 116 111.26 45.54 22.53
CA MET A 116 110.45 44.43 23.03
C MET A 116 111.19 43.12 22.80
N ALA A 117 111.97 43.09 21.72
CA ALA A 117 112.77 41.92 21.36
C ALA A 117 113.83 41.58 22.41
N GLN A 118 114.05 42.48 23.36
CA GLN A 118 114.97 42.22 24.47
C GLN A 118 114.34 41.25 25.47
N ILE A 119 113.02 41.26 25.55
CA ILE A 119 112.28 40.30 26.35
C ILE A 119 111.47 39.39 25.44
N GLY A 120 112.08 39.03 24.31
CA GLY A 120 111.46 38.18 23.31
C GLY A 120 112.46 37.41 22.46
N GLN A 121 113.72 37.86 22.48
CA GLN A 121 114.79 37.14 21.80
C GLN A 121 115.82 36.62 22.79
N LYS A 122 115.89 37.23 23.97
CA LYS A 122 116.85 36.83 25.00
C LYS A 122 116.17 36.21 26.23
N LEU A 123 114.98 36.70 26.55
CA LEU A 123 114.24 36.16 27.68
C LEU A 123 112.86 35.61 27.26
N ALA A 124 112.88 34.76 26.23
CA ALA A 124 111.72 33.98 25.84
C ALA A 124 112.07 32.50 25.99
N ARG A 125 113.25 32.27 26.57
CA ARG A 125 113.73 30.93 26.86
C ARG A 125 113.58 30.65 28.35
N LEU A 126 113.48 31.73 29.14
CA LEU A 126 113.30 31.63 30.58
C LEU A 126 112.10 32.47 31.04
N LEU A 127 112.15 33.77 30.76
CA LEU A 127 111.07 34.68 31.14
C LEU A 127 109.85 34.56 30.22
N GLY A 128 109.94 33.69 29.23
CA GLY A 128 108.84 33.49 28.27
C GLY A 128 107.51 33.13 28.91
N PRO A 129 107.41 31.92 29.48
CA PRO A 129 106.17 31.45 30.13
C PRO A 129 106.07 31.89 31.59
N ARG A 130 106.06 33.21 31.83
CA ARG A 130 105.93 33.72 33.19
C ARG A 130 104.70 34.61 33.32
N GLY A 131 104.17 35.07 32.20
CA GLY A 131 102.98 35.90 32.17
C GLY A 131 103.19 37.22 32.88
N LEU A 132 104.41 37.76 32.77
CA LEU A 132 104.78 39.02 33.42
C LEU A 132 105.46 39.98 32.43
N LEU A 133 105.18 39.80 31.14
CA LEU A 133 105.87 40.53 30.07
C LEU A 133 105.03 41.67 29.46
N PRO A 134 105.69 42.68 28.87
CA PRO A 134 104.97 43.78 28.23
C PRO A 134 104.53 43.46 26.79
N ASN A 135 103.24 43.54 26.53
CA ASN A 135 102.67 43.28 25.22
C ASN A 135 101.72 44.40 24.77
N PRO A 136 101.57 44.61 23.45
CA PRO A 136 100.73 45.71 22.94
C PRO A 136 99.21 45.52 23.09
N LYS A 137 98.72 45.34 24.33
CA LYS A 137 97.28 45.35 24.62
C LYS A 137 96.96 45.35 26.11
N SER A 138 97.92 44.91 26.92
CA SER A 138 97.68 44.71 28.35
C SER A 138 98.25 45.85 29.22
N GLY A 139 99.30 45.53 29.97
CA GLY A 139 99.87 46.46 30.92
C GLY A 139 100.50 47.70 30.32
N THR A 140 101.83 47.66 30.13
CA THR A 140 102.57 48.82 29.64
C THR A 140 103.29 48.55 28.32
N VAL A 141 102.77 49.09 27.24
CA VAL A 141 103.42 48.99 25.93
C VAL A 141 103.66 50.37 25.33
N GLY A 142 104.70 50.49 24.52
CA GLY A 142 105.02 51.75 23.88
C GLY A 142 105.88 52.63 24.76
N ALA A 143 105.74 53.94 24.60
CA ALA A 143 106.46 54.90 25.43
C ALA A 143 105.59 55.38 26.59
N ASP A 144 104.77 54.47 27.12
CA ASP A 144 103.90 54.77 28.24
C ASP A 144 104.45 54.24 29.57
N VAL A 145 105.77 54.33 29.75
CA VAL A 145 106.42 53.89 30.98
C VAL A 145 106.63 55.07 31.93
N ALA A 146 105.55 55.81 32.19
CA ALA A 146 105.58 56.97 33.08
C ALA A 146 104.17 57.44 33.43
N GLY A 147 103.17 56.91 32.72
CA GLY A 147 101.80 57.35 32.90
C GLY A 147 100.83 56.26 33.30
N MET A 148 100.98 55.08 32.71
CA MET A 148 100.09 53.97 33.01
C MET A 148 100.81 52.83 33.75
N VAL A 149 102.07 53.09 34.10
CA VAL A 149 102.77 52.31 35.11
C VAL A 149 102.36 52.90 36.46
N ARG A 150 101.61 54.00 36.39
CA ARG A 150 100.95 54.58 37.56
C ARG A 150 99.73 53.75 37.94
N GLY A 151 99.49 52.69 37.17
CA GLY A 151 98.53 51.66 37.54
C GLY A 151 99.26 50.61 38.36
N LEU A 152 100.60 50.67 38.31
CA LEU A 152 101.46 49.86 39.16
C LEU A 152 102.00 50.72 40.30
N LYS A 153 101.53 51.97 40.36
CA LYS A 153 101.87 52.88 41.45
C LYS A 153 100.72 52.99 42.44
N ALA A 154 99.60 53.54 41.97
CA ALA A 154 98.41 53.70 42.79
C ALA A 154 97.43 52.56 42.59
N GLY A 155 97.85 51.34 42.95
CA GLY A 155 97.00 50.17 42.84
C GLY A 155 97.74 48.84 42.87
N ARG A 156 97.64 48.13 44.00
CA ARG A 156 98.24 46.80 44.13
C ARG A 156 97.62 45.82 43.13
N ILE A 157 98.42 45.46 42.13
CA ILE A 157 97.97 44.64 41.00
C ILE A 157 97.34 43.29 41.39
N GLU A 158 98.17 42.24 41.46
CA GLU A 158 97.75 40.92 41.92
C GLU A 158 96.75 40.18 41.00
N PHE A 159 97.16 39.01 40.51
CA PHE A 159 96.28 38.14 39.70
C PHE A 159 96.46 36.64 39.98
N ARG A 160 95.48 36.04 40.65
CA ARG A 160 95.54 34.62 41.06
C ARG A 160 94.18 33.93 41.12
N ASN A 161 94.18 32.61 40.88
CA ASN A 161 92.99 31.78 40.98
C ASN A 161 93.34 30.41 41.59
N ASP A 162 92.33 29.70 42.12
CA ASP A 162 92.60 28.50 42.91
C ASP A 162 91.79 27.24 42.53
N LYS A 163 91.98 26.17 43.31
CA LYS A 163 91.34 24.88 43.05
C LYS A 163 90.48 24.38 44.22
N THR A 164 89.80 25.28 44.91
CA THR A 164 88.97 24.90 46.05
C THR A 164 87.65 25.69 46.11
N GLY A 165 87.74 27.00 46.27
CA GLY A 165 86.57 27.85 46.32
C GLY A 165 86.68 29.05 47.24
N VAL A 166 87.89 29.57 47.41
CA VAL A 166 88.12 30.76 48.24
C VAL A 166 89.01 31.80 47.52
N VAL A 167 88.52 33.03 47.42
CA VAL A 167 89.28 34.12 46.81
C VAL A 167 89.19 35.42 47.62
N HIS A 168 90.31 35.83 48.19
CA HIS A 168 90.32 37.00 49.07
C HIS A 168 91.42 38.02 48.74
N ALA A 169 91.02 39.16 48.19
CA ALA A 169 91.96 40.22 47.85
C ALA A 169 92.03 41.26 48.97
N PRO A 170 93.25 41.76 49.25
CA PRO A 170 93.48 42.71 50.34
C PRO A 170 93.09 44.15 49.99
N ILE A 171 92.81 44.94 51.02
CA ILE A 171 92.49 46.35 50.86
C ILE A 171 93.75 47.20 50.95
N GLY A 172 94.76 46.65 51.61
CA GLY A 172 96.02 47.34 51.83
C GLY A 172 96.43 47.24 53.29
N LYS A 173 96.14 48.29 54.05
CA LYS A 173 96.36 48.28 55.50
C LYS A 173 95.19 48.95 56.21
N ALA A 174 95.17 48.87 57.53
CA ALA A 174 94.14 49.53 58.33
C ALA A 174 94.70 50.80 58.96
N SER A 175 95.88 51.20 58.49
CA SER A 175 96.54 52.41 59.00
C SER A 175 95.97 53.67 58.33
N PHE A 176 94.65 53.74 58.25
CA PHE A 176 93.98 54.88 57.61
C PHE A 176 92.79 55.39 58.45
N GLU A 177 91.58 55.23 57.92
CA GLU A 177 90.38 55.73 58.59
C GLU A 177 89.21 54.73 58.50
N SER A 178 88.09 55.07 59.14
CA SER A 178 86.89 54.21 59.11
C SER A 178 86.00 54.56 57.91
N GLY A 179 86.51 55.45 57.06
CA GLY A 179 85.85 55.78 55.81
C GLY A 179 86.79 55.48 54.65
N ASN A 180 87.98 54.95 54.99
CA ASN A 180 88.96 54.52 54.00
C ASN A 180 89.18 53.01 53.97
N LEU A 181 88.63 52.31 54.96
CA LEU A 181 88.59 50.85 54.94
C LEU A 181 87.36 50.40 54.14
N SER A 182 86.45 51.35 53.92
CA SER A 182 85.29 51.14 53.05
C SER A 182 85.41 51.97 51.77
N ALA A 183 86.57 52.60 51.60
CA ALA A 183 86.91 53.27 50.34
C ALA A 183 87.85 52.38 49.56
N ASN A 184 88.59 51.54 50.28
CA ASN A 184 89.34 50.45 49.67
C ASN A 184 88.39 49.28 49.40
N TYR A 185 87.25 49.30 50.08
CA TYR A 185 86.20 48.30 49.90
C TYR A 185 85.18 48.77 48.85
N GLN A 186 85.50 49.86 48.17
CA GLN A 186 84.71 50.32 47.03
C GLN A 186 85.51 50.11 45.73
N ALA A 187 86.47 49.20 45.80
CA ALA A 187 87.28 48.85 44.65
C ALA A 187 87.50 47.35 44.59
N LEU A 188 86.83 46.63 45.49
CA LEU A 188 86.90 45.17 45.54
C LEU A 188 85.61 44.51 45.02
N ILE A 189 84.49 45.19 45.18
CA ILE A 189 83.26 44.79 44.52
C ILE A 189 83.09 45.71 43.31
N SER A 190 84.22 46.35 42.95
CA SER A 190 84.27 47.28 41.82
C SER A 190 85.39 46.92 40.85
N ALA A 191 86.05 45.78 41.08
CA ALA A 191 87.11 45.31 40.20
C ALA A 191 87.44 43.82 40.42
N LEU A 192 86.45 43.06 40.88
CA LEU A 192 86.62 41.62 41.13
C LEU A 192 85.37 40.79 40.81
N GLU A 193 84.23 41.47 40.69
CA GLU A 193 83.00 40.79 40.29
C GLU A 193 82.68 41.04 38.82
N GLY A 194 83.72 41.11 38.00
CA GLY A 194 83.57 41.32 36.57
C GLY A 194 84.34 40.29 35.74
N ALA A 195 84.26 39.03 36.15
CA ALA A 195 84.91 37.95 35.44
C ALA A 195 83.89 37.05 34.77
N LYS A 196 83.47 37.42 33.57
CA LYS A 196 82.50 36.63 32.80
C LYS A 196 82.89 36.52 31.33
N PRO A 197 83.84 35.62 31.03
CA PRO A 197 84.32 35.43 29.65
C PRO A 197 83.48 34.49 28.78
N GLY A 198 83.25 33.26 29.24
CA GLY A 198 82.62 32.25 28.40
C GLY A 198 81.33 31.62 28.90
N THR A 199 81.29 31.23 30.17
CA THR A 199 80.12 30.55 30.73
C THR A 199 80.06 30.65 32.26
N ALA A 200 78.87 30.94 32.80
CA ALA A 200 78.66 31.04 34.26
C ALA A 200 77.24 30.65 34.67
N LYS A 201 77.00 30.58 35.98
CA LYS A 201 75.70 30.19 36.52
C LYS A 201 74.86 31.39 36.95
N GLY A 202 74.00 31.18 37.94
CA GLY A 202 73.10 32.22 38.41
C GLY A 202 73.37 32.68 39.83
N VAL A 203 73.32 33.99 40.03
CA VAL A 203 73.56 34.64 41.32
C VAL A 203 75.01 34.50 41.79
N PHE A 204 75.68 35.63 42.00
CA PHE A 204 77.10 35.63 42.35
C PHE A 204 77.43 35.89 43.83
N LEU A 205 77.05 37.06 44.35
CA LEU A 205 77.31 37.40 45.75
C LEU A 205 76.33 36.70 46.72
N ARG A 206 76.86 36.09 47.78
CA ARG A 206 76.06 35.33 48.74
C ARG A 206 76.20 35.87 50.17
N SER A 207 77.43 36.13 50.59
CA SER A 207 77.72 36.70 51.92
C SER A 207 79.17 37.20 51.96
N ALA A 208 79.80 37.14 53.14
CA ALA A 208 81.21 37.52 53.31
C ALA A 208 81.76 37.15 54.69
N TYR A 209 83.07 36.95 54.79
CA TYR A 209 83.75 36.62 56.05
C TYR A 209 85.07 37.37 56.22
N LEU A 210 85.85 37.04 57.25
CA LEU A 210 87.07 37.79 57.58
C LEU A 210 88.31 36.93 57.94
N THR A 211 89.40 37.62 58.29
CA THR A 211 90.70 37.00 58.57
C THR A 211 91.74 38.02 59.09
N THR A 212 92.46 37.65 60.16
CA THR A 212 93.54 38.50 60.69
C THR A 212 94.69 37.65 61.27
N THR A 213 95.46 38.23 62.19
CA THR A 213 96.54 37.52 62.88
C THR A 213 96.00 36.95 64.19
N MET A 214 94.70 37.11 64.40
CA MET A 214 93.96 36.39 65.42
C MET A 214 92.48 36.48 65.12
N GLY A 215 92.15 36.35 63.84
CA GLY A 215 90.78 36.43 63.37
C GLY A 215 90.14 37.75 63.71
N PRO A 216 88.81 37.77 63.81
CA PRO A 216 87.94 36.61 63.58
C PRO A 216 87.10 36.76 62.31
N SER A 217 85.78 36.83 62.48
CA SER A 217 84.86 36.97 61.35
C SER A 217 83.43 37.35 61.79
N ILE A 218 82.99 38.53 61.38
CA ILE A 218 81.60 38.96 61.52
C ILE A 218 80.98 39.09 60.12
N PRO A 219 80.18 38.10 59.71
CA PRO A 219 79.63 37.96 58.34
C PRO A 219 79.11 39.25 57.73
N LEU A 220 79.82 39.77 56.74
CA LEU A 220 79.49 41.07 56.13
C LEU A 220 78.22 41.00 55.28
N ALA A 221 77.36 42.00 55.44
CA ALA A 221 76.11 42.09 54.70
C ALA A 221 76.32 42.75 53.34
N LEU A 222 75.28 42.73 52.52
CA LEU A 222 75.35 43.31 51.19
C LEU A 222 74.05 44.04 50.83
N GLY A 223 74.16 45.04 49.96
CA GLY A 223 73.01 45.82 49.54
C GLY A 223 73.40 47.07 48.74
N GLY A 224 72.54 48.07 48.77
CA GLY A 224 72.79 49.31 48.06
C GLY A 224 73.63 50.30 48.86
N ALA B 1 24.06 -48.69 61.51
CA ALA B 1 24.96 -47.77 60.82
C ALA B 1 24.13 -46.72 60.10
N VAL B 2 23.23 -47.22 59.26
CA VAL B 2 22.25 -46.40 58.54
C VAL B 2 21.09 -47.35 58.25
N LYS B 3 19.86 -46.89 58.45
CA LYS B 3 18.75 -47.76 58.07
C LYS B 3 18.62 -47.71 56.57
N LYS B 4 18.18 -48.80 55.96
CA LYS B 4 17.88 -48.79 54.53
C LYS B 4 16.45 -49.27 54.32
N TYR B 5 16.02 -49.30 53.07
CA TYR B 5 14.63 -49.60 52.78
C TYR B 5 14.47 -50.43 51.53
N LYS B 6 13.66 -51.49 51.64
CA LYS B 6 13.26 -52.29 50.49
C LYS B 6 12.46 -51.38 49.56
N PRO B 7 12.42 -51.70 48.26
CA PRO B 7 11.88 -50.74 47.30
C PRO B 7 10.33 -50.70 47.22
N TYR B 8 9.61 -50.88 48.33
CA TYR B 8 8.15 -50.97 48.26
C TYR B 8 7.48 -49.82 47.55
N THR B 9 7.99 -48.62 47.77
CA THR B 9 7.67 -47.44 46.93
C THR B 9 8.87 -47.12 46.04
N PRO B 10 8.62 -46.50 44.88
CA PRO B 10 9.71 -46.06 44.01
C PRO B 10 10.81 -45.31 44.75
N SER B 11 10.43 -44.39 45.62
CA SER B 11 11.43 -43.55 46.28
C SER B 11 11.94 -44.14 47.59
N ARG B 12 11.39 -45.27 47.98
CA ARG B 12 11.83 -45.88 49.21
C ARG B 12 12.92 -46.93 48.93
N ARG B 13 13.73 -46.71 47.88
CA ARG B 13 14.92 -47.52 47.71
C ARG B 13 16.13 -46.75 48.21
N GLN B 14 16.77 -45.99 47.33
CA GLN B 14 17.99 -45.25 47.64
C GLN B 14 17.93 -44.51 48.96
N MET B 15 16.72 -44.22 49.41
CA MET B 15 16.54 -43.52 50.66
C MET B 15 17.34 -44.22 51.74
N THR B 16 17.85 -43.42 52.66
CA THR B 16 18.63 -43.90 53.79
C THR B 16 18.34 -42.99 54.99
N THR B 17 18.65 -43.49 56.18
CA THR B 17 18.22 -42.85 57.42
C THR B 17 19.31 -43.01 58.47
N ALA B 18 19.36 -42.09 59.42
CA ALA B 18 20.36 -42.15 60.49
C ALA B 18 20.32 -43.40 61.38
N ASP B 19 21.40 -43.60 62.14
CA ASP B 19 21.46 -44.61 63.20
C ASP B 19 21.40 -43.88 64.53
N PHE B 20 20.22 -43.84 65.12
CA PHE B 20 19.98 -43.10 66.35
C PHE B 20 19.75 -44.07 67.48
N SER B 21 20.25 -45.29 67.31
CA SER B 21 20.03 -46.35 68.29
C SER B 21 20.84 -46.07 69.55
N GLY B 22 21.78 -45.14 69.45
CA GLY B 22 22.54 -44.72 70.60
C GLY B 22 22.14 -43.34 71.09
N LEU B 23 20.86 -42.99 70.93
CA LEU B 23 20.38 -41.70 71.37
C LEU B 23 19.50 -41.79 72.59
N ALA B 24 20.03 -41.36 73.73
CA ALA B 24 19.26 -41.30 74.96
C ALA B 24 17.95 -40.51 74.79
N LYS B 25 16.87 -41.22 74.42
CA LYS B 25 15.56 -40.63 74.08
C LYS B 25 14.89 -39.78 75.18
N LYS B 26 14.76 -38.49 74.91
CA LYS B 26 14.46 -37.49 75.94
C LYS B 26 14.07 -36.14 75.31
N ARG B 27 13.04 -35.48 75.86
CA ARG B 27 12.64 -34.14 75.39
C ARG B 27 13.50 -33.07 76.07
N PRO B 28 14.44 -32.49 75.29
CA PRO B 28 15.56 -31.64 75.72
C PRO B 28 15.19 -30.67 76.82
N GLU B 29 16.13 -30.39 77.72
CA GLU B 29 15.83 -29.68 78.96
C GLU B 29 15.11 -28.32 78.80
N LYS B 30 14.05 -28.14 79.59
CA LYS B 30 13.12 -27.02 79.47
C LYS B 30 13.82 -25.67 79.58
N ALA B 31 14.64 -25.51 80.60
CA ALA B 31 15.36 -24.25 80.79
C ALA B 31 16.60 -24.17 79.89
N LEU B 32 16.49 -24.74 78.69
CA LEU B 32 17.57 -24.74 77.70
C LEU B 32 17.04 -24.88 76.28
N THR B 33 15.73 -24.70 76.13
CA THR B 33 15.06 -25.00 74.88
C THR B 33 14.35 -23.78 74.30
N GLU B 34 15.14 -22.85 73.78
CA GLU B 34 14.64 -21.63 73.16
C GLU B 34 13.87 -21.90 71.86
N ALA B 35 13.29 -20.84 71.33
CA ALA B 35 12.37 -20.95 70.21
C ALA B 35 12.90 -20.27 68.98
N LEU B 36 13.23 -21.08 67.97
CA LEU B 36 13.65 -20.57 66.69
C LEU B 36 12.47 -20.53 65.72
N PRO B 37 12.12 -19.33 65.24
CA PRO B 37 11.22 -19.23 64.09
C PRO B 37 12.03 -19.26 62.80
N LYS B 38 11.38 -19.60 61.70
CA LYS B 38 12.06 -19.63 60.42
C LYS B 38 12.01 -18.29 59.71
N THR B 39 12.91 -18.12 58.77
CA THR B 39 13.07 -16.89 58.04
C THR B 39 13.21 -17.24 56.59
N GLY B 40 12.17 -16.99 55.80
CA GLY B 40 12.16 -17.36 54.39
C GLY B 40 13.40 -17.03 53.57
N GLY B 41 14.34 -16.31 54.18
CA GLY B 41 15.52 -15.86 53.49
C GLY B 41 15.41 -14.36 53.40
N ARG B 42 14.21 -13.88 53.72
CA ARG B 42 13.93 -12.46 53.81
C ARG B 42 14.58 -11.94 55.10
N ASN B 43 15.02 -10.70 55.08
CA ASN B 43 15.60 -10.12 56.27
C ASN B 43 14.66 -9.05 56.77
N ASN B 44 15.16 -8.17 57.64
CA ASN B 44 14.34 -7.08 58.16
C ASN B 44 13.91 -6.02 57.13
N ARG B 45 14.02 -6.36 55.85
CA ARG B 45 13.46 -5.53 54.80
C ARG B 45 12.47 -6.34 53.98
N GLY B 46 12.40 -7.62 54.31
CA GLY B 46 11.39 -8.48 53.72
C GLY B 46 11.74 -8.93 52.32
N ARG B 47 13.02 -8.81 51.96
CA ARG B 47 13.49 -9.29 50.66
C ARG B 47 14.39 -10.49 50.86
N ILE B 48 14.33 -11.43 49.94
CA ILE B 48 15.07 -12.65 50.10
C ILE B 48 16.56 -12.44 49.85
N THR B 49 17.30 -12.23 50.92
CA THR B 49 18.74 -12.05 50.81
C THR B 49 19.48 -13.35 50.49
N SER B 50 19.14 -14.41 51.22
CA SER B 50 19.82 -15.71 51.14
C SER B 50 19.37 -16.62 50.00
N ARG B 51 18.08 -16.57 49.67
CA ARG B 51 17.54 -17.25 48.49
C ARG B 51 17.31 -18.73 48.70
N PHE B 52 16.11 -19.19 48.32
CA PHE B 52 15.72 -20.60 48.37
C PHE B 52 15.57 -21.22 49.76
N ILE B 53 14.90 -20.51 50.66
CA ILE B 53 14.61 -21.04 51.99
C ILE B 53 13.08 -21.17 52.20
N GLY B 54 12.63 -22.31 52.74
CA GLY B 54 11.19 -22.52 52.92
C GLY B 54 10.63 -23.66 53.75
N GLY B 55 10.27 -23.33 54.99
CA GLY B 55 9.47 -24.22 55.83
C GLY B 55 10.17 -25.45 56.35
N GLY B 56 9.44 -26.56 56.43
CA GLY B 56 10.04 -27.87 56.70
C GLY B 56 9.53 -28.70 57.85
N HIS B 57 9.80 -28.20 59.06
CA HIS B 57 9.33 -28.79 60.30
C HIS B 57 9.73 -27.84 61.43
N LYS B 58 8.93 -27.79 62.48
CA LYS B 58 9.13 -26.84 63.56
C LYS B 58 10.42 -27.18 64.30
N ARG B 59 11.25 -26.18 64.55
CA ARG B 59 12.49 -26.42 65.26
C ARG B 59 12.66 -25.55 66.51
N LEU B 60 13.55 -25.98 67.40
CA LEU B 60 13.87 -25.27 68.64
C LEU B 60 15.38 -25.17 68.86
N TYR B 61 15.81 -24.12 69.56
CA TYR B 61 17.24 -23.99 69.87
C TYR B 61 17.56 -24.64 71.19
N ARG B 62 18.67 -25.36 71.20
CA ARG B 62 19.23 -25.84 72.46
C ARG B 62 20.54 -25.08 72.65
N ILE B 63 20.60 -24.24 73.67
CA ILE B 63 21.79 -23.45 73.97
C ILE B 63 22.97 -24.38 74.17
N ILE B 64 24.03 -24.19 73.39
CA ILE B 64 25.21 -25.00 73.57
C ILE B 64 26.38 -24.09 73.82
N ASP B 65 26.59 -23.70 75.07
CA ASP B 65 27.75 -22.89 75.43
C ASP B 65 29.00 -23.56 74.86
N PHE B 66 29.84 -22.77 74.19
CA PHE B 66 31.03 -23.31 73.56
C PHE B 66 32.27 -22.97 74.39
N LYS B 67 32.27 -21.75 74.93
CA LYS B 67 33.27 -21.37 75.92
C LYS B 67 33.03 -22.12 77.24
N ARG B 68 33.71 -23.24 77.41
CA ARG B 68 33.54 -24.04 78.62
C ARG B 68 34.16 -23.32 79.83
N ARG B 69 34.98 -22.31 79.55
CA ARG B 69 35.67 -21.54 80.58
C ARG B 69 34.76 -20.88 81.63
N ASP B 70 33.45 -21.05 81.47
CA ASP B 70 32.51 -20.55 82.47
C ASP B 70 32.43 -21.54 83.63
N LYS B 71 32.94 -22.75 83.42
CA LYS B 71 32.90 -23.75 84.48
C LYS B 71 34.10 -24.68 84.46
N SER B 72 35.21 -24.22 83.89
CA SER B 72 36.43 -25.00 83.91
C SER B 72 37.02 -25.00 85.31
N GLY B 73 37.87 -25.99 85.59
CA GLY B 73 38.38 -26.17 86.93
C GLY B 73 37.49 -27.07 87.77
N VAL B 74 36.42 -27.57 87.15
CA VAL B 74 35.55 -28.55 87.78
C VAL B 74 35.11 -29.51 86.69
N ASN B 75 34.52 -30.64 87.06
CA ASN B 75 34.02 -31.57 86.05
C ASN B 75 32.53 -31.87 86.15
N ALA B 76 32.00 -32.38 85.04
CA ALA B 76 30.60 -32.76 84.93
C ALA B 76 30.60 -34.19 84.43
N LYS B 77 29.45 -34.85 84.47
CA LYS B 77 29.34 -36.15 83.83
C LYS B 77 28.27 -36.16 82.74
N VAL B 78 28.54 -36.87 81.66
CA VAL B 78 27.63 -36.95 80.53
C VAL B 78 26.37 -37.65 80.98
N ALA B 79 25.22 -37.14 80.57
CA ALA B 79 23.95 -37.71 81.01
C ALA B 79 23.11 -38.30 79.87
N ALA B 80 23.32 -37.81 78.66
CA ALA B 80 22.51 -38.25 77.52
C ALA B 80 23.11 -37.70 76.25
N ILE B 81 22.75 -38.30 75.13
CA ILE B 81 23.16 -37.78 73.83
C ILE B 81 21.96 -37.62 72.91
N GLU B 82 21.18 -36.57 73.14
CA GLU B 82 19.94 -36.34 72.41
C GLU B 82 20.19 -35.82 70.99
N TYR B 83 19.13 -35.48 70.28
CA TYR B 83 19.21 -35.14 68.85
C TYR B 83 18.78 -33.71 68.52
N ASP B 84 19.75 -32.86 68.18
CA ASP B 84 19.49 -31.48 67.78
C ASP B 84 19.22 -31.42 66.27
N PRO B 85 18.11 -30.78 65.85
CA PRO B 85 17.73 -30.69 64.44
C PRO B 85 18.40 -29.52 63.74
N ASN B 86 19.09 -28.69 64.51
CA ASN B 86 19.76 -27.53 63.96
C ASN B 86 21.22 -27.76 63.65
N ARG B 87 21.79 -28.82 64.23
CA ARG B 87 23.18 -29.12 63.97
C ARG B 87 23.32 -30.39 63.15
N SER B 88 24.40 -30.43 62.38
CA SER B 88 24.78 -31.59 61.61
C SER B 88 25.24 -32.72 62.53
N ALA B 89 25.63 -32.33 63.74
CA ALA B 89 26.18 -33.27 64.72
C ALA B 89 25.16 -33.72 65.74
N ARG B 90 25.65 -34.45 66.72
CA ARG B 90 24.84 -34.84 67.87
C ARG B 90 25.33 -34.04 69.04
N ILE B 91 24.46 -33.83 70.02
CA ILE B 91 24.81 -33.05 71.20
C ILE B 91 24.63 -33.88 72.47
N ALA B 92 25.31 -33.48 73.53
CA ALA B 92 25.30 -34.24 74.78
C ALA B 92 25.01 -33.38 76.01
N LEU B 93 24.52 -34.05 77.04
CA LEU B 93 23.98 -33.40 78.22
C LEU B 93 24.97 -33.48 79.37
N LEU B 94 25.32 -32.30 79.88
CA LEU B 94 26.27 -32.21 80.98
C LEU B 94 25.57 -32.00 82.31
N HIS B 95 25.90 -32.89 83.25
CA HIS B 95 25.50 -32.73 84.64
C HIS B 95 26.71 -32.33 85.46
N TYR B 96 26.89 -31.04 85.68
CA TYR B 96 28.00 -30.60 86.52
C TYR B 96 27.78 -31.05 87.94
N ALA B 97 28.81 -31.67 88.51
CA ALA B 97 28.76 -32.24 89.86
C ALA B 97 28.18 -31.25 90.88
N ASP B 98 28.34 -29.97 90.59
CA ASP B 98 27.84 -28.90 91.45
C ASP B 98 26.54 -28.29 90.90
N GLY B 99 25.59 -29.15 90.58
CA GLY B 99 24.25 -28.71 90.26
C GLY B 99 24.02 -28.45 88.79
N GLU B 100 24.38 -27.25 88.35
CA GLU B 100 24.04 -26.74 87.02
C GLU B 100 24.19 -27.76 85.91
N LYS B 101 23.16 -27.86 85.08
CA LYS B 101 23.24 -28.65 83.87
C LYS B 101 23.67 -27.73 82.73
N ARG B 102 24.29 -28.30 81.71
CA ARG B 102 24.54 -27.55 80.48
C ARG B 102 24.37 -28.50 79.31
N TYR B 103 24.45 -27.96 78.11
CA TYR B 103 24.53 -28.78 76.92
C TYR B 103 25.86 -28.49 76.25
N ILE B 104 26.57 -29.53 75.82
CA ILE B 104 27.78 -29.33 75.03
C ILE B 104 27.70 -30.17 73.78
N LEU B 105 28.57 -29.88 72.82
CA LEU B 105 28.57 -30.64 71.59
C LEU B 105 29.13 -32.02 71.88
N ALA B 106 28.63 -33.02 71.14
CA ALA B 106 29.04 -34.39 71.36
C ALA B 106 30.04 -34.82 70.30
N PRO B 107 31.19 -35.38 70.73
CA PRO B 107 32.26 -35.92 69.87
C PRO B 107 32.13 -37.41 69.51
N GLU B 108 33.13 -37.95 68.79
CA GLU B 108 33.09 -39.34 68.27
C GLU B 108 33.54 -40.42 69.25
N GLY B 109 32.60 -41.27 69.66
CA GLY B 109 32.88 -42.32 70.62
C GLY B 109 32.27 -42.05 71.98
N LEU B 110 32.65 -40.91 72.59
CA LEU B 110 32.26 -40.51 73.96
C LEU B 110 30.97 -41.13 74.51
N THR B 111 31.10 -42.32 75.11
CA THR B 111 29.94 -43.08 75.63
C THR B 111 29.17 -42.36 76.75
N VAL B 112 27.87 -42.61 76.76
CA VAL B 112 26.97 -41.98 77.72
C VAL B 112 27.39 -42.22 79.16
N GLY B 113 27.83 -41.16 79.82
CA GLY B 113 28.12 -41.25 81.24
C GLY B 113 29.56 -41.05 81.64
N ALA B 114 30.46 -41.03 80.66
CA ALA B 114 31.85 -40.73 80.94
C ALA B 114 31.92 -39.37 81.63
N THR B 115 32.68 -39.28 82.72
CA THR B 115 32.85 -38.00 83.44
C THR B 115 34.06 -37.21 82.91
N VAL B 116 33.77 -36.07 82.31
CA VAL B 116 34.78 -35.29 81.63
C VAL B 116 35.01 -33.96 82.32
N ASN B 117 36.19 -33.41 82.10
CA ASN B 117 36.67 -32.23 82.79
C ASN B 117 36.77 -31.00 81.90
N ALA B 118 37.27 -29.92 82.47
CA ALA B 118 37.38 -28.65 81.79
C ALA B 118 38.35 -27.79 82.58
N GLY B 119 39.33 -27.24 81.90
CA GLY B 119 40.36 -26.47 82.57
C GLY B 119 41.67 -26.83 81.91
N PRO B 120 42.67 -25.95 82.01
CA PRO B 120 44.01 -26.30 81.51
C PRO B 120 44.52 -27.55 82.22
N GLU B 121 44.03 -27.74 83.45
CA GLU B 121 44.36 -28.90 84.26
C GLU B 121 43.44 -30.05 83.92
N ALA B 122 43.45 -30.44 82.64
CA ALA B 122 42.60 -31.52 82.19
C ALA B 122 43.37 -32.54 81.35
N GLU B 123 42.98 -33.79 81.54
CA GLU B 123 43.52 -34.91 80.82
C GLU B 123 43.04 -34.83 79.38
N PRO B 124 43.94 -35.08 78.42
CA PRO B 124 43.63 -35.10 76.99
C PRO B 124 42.43 -35.98 76.59
N LYS B 125 41.58 -36.35 77.52
CA LYS B 125 40.46 -37.25 77.22
C LYS B 125 39.47 -36.60 76.27
N LEU B 126 38.65 -37.44 75.65
CA LEU B 126 37.59 -36.97 74.79
C LEU B 126 36.61 -36.15 75.61
N GLY B 127 36.38 -34.91 75.18
CA GLY B 127 35.36 -34.07 75.78
C GLY B 127 35.87 -33.06 76.79
N ASN B 128 37.18 -32.97 76.91
CA ASN B 128 37.79 -32.02 77.83
C ASN B 128 37.94 -30.64 77.24
N ALA B 129 37.69 -29.62 78.06
CA ALA B 129 38.03 -28.28 77.68
C ALA B 129 39.50 -28.12 77.96
N LEU B 130 40.29 -27.94 76.91
CA LEU B 130 41.73 -27.79 77.07
C LEU B 130 42.28 -26.71 76.14
N PRO B 131 43.04 -25.76 76.71
CA PRO B 131 43.75 -24.75 75.92
C PRO B 131 44.61 -25.43 74.85
N LEU B 132 44.85 -24.74 73.75
CA LEU B 132 45.51 -25.33 72.58
C LEU B 132 46.99 -25.58 72.78
N ARG B 133 47.61 -24.84 73.70
CA ARG B 133 49.03 -25.00 73.96
C ARG B 133 49.30 -26.25 74.78
N PHE B 134 48.42 -26.53 75.75
CA PHE B 134 48.56 -27.71 76.59
C PHE B 134 48.20 -28.98 75.81
N VAL B 135 47.64 -28.80 74.63
CA VAL B 135 47.35 -29.92 73.75
C VAL B 135 48.64 -30.50 73.16
N PRO B 136 48.76 -31.84 73.20
CA PRO B 136 49.86 -32.55 72.52
C PRO B 136 49.99 -32.15 71.07
N VAL B 137 51.21 -32.25 70.55
CA VAL B 137 51.49 -32.09 69.14
C VAL B 137 50.81 -33.23 68.36
N GLY B 138 50.11 -32.89 67.29
CA GLY B 138 49.50 -33.88 66.42
C GLY B 138 48.23 -34.52 66.95
N ALA B 139 47.70 -33.96 68.04
CA ALA B 139 46.48 -34.48 68.66
C ALA B 139 45.22 -34.13 67.84
N VAL B 140 44.13 -34.86 68.08
CA VAL B 140 42.87 -34.68 67.35
C VAL B 140 41.82 -33.96 68.19
N VAL B 141 41.27 -32.87 67.63
CA VAL B 141 40.42 -31.97 68.40
C VAL B 141 39.34 -31.32 67.53
N HIS B 142 38.38 -30.66 68.17
CA HIS B 142 37.43 -29.78 67.48
C HIS B 142 37.00 -28.60 68.36
N ALA B 143 36.04 -27.80 67.88
CA ALA B 143 35.47 -26.68 68.65
C ALA B 143 36.50 -25.65 69.07
N LEU B 144 37.02 -24.89 68.10
CA LEU B 144 38.12 -23.97 68.37
C LEU B 144 37.76 -22.51 68.18
N GLU B 145 38.05 -21.68 69.18
CA GLU B 145 37.74 -20.28 69.04
C GLU B 145 38.84 -19.50 68.33
N LEU B 146 38.48 -18.32 67.83
CA LEU B 146 39.41 -17.44 67.15
C LEU B 146 39.92 -16.43 68.16
N VAL B 147 39.47 -16.59 69.39
CA VAL B 147 40.00 -15.85 70.54
C VAL B 147 39.40 -16.39 71.82
N PRO B 148 40.18 -16.36 72.92
CA PRO B 148 39.75 -16.77 74.25
C PRO B 148 38.43 -16.14 74.67
N GLY B 149 37.44 -16.99 74.95
CA GLY B 149 36.16 -16.55 75.48
C GLY B 149 35.09 -16.29 74.44
N LYS B 150 35.52 -15.95 73.23
CA LYS B 150 34.62 -15.62 72.12
C LYS B 150 33.55 -16.67 71.92
N GLY B 151 33.98 -17.88 71.57
CA GLY B 151 33.10 -18.99 71.32
C GLY B 151 33.69 -19.89 70.25
N ALA B 152 33.47 -21.19 70.40
CA ALA B 152 34.04 -22.16 69.46
C ALA B 152 33.36 -22.07 68.10
N GLN B 153 34.11 -21.66 67.08
CA GLN B 153 33.57 -21.47 65.74
C GLN B 153 34.23 -22.38 64.72
N LEU B 154 35.10 -23.27 65.18
CA LEU B 154 35.81 -24.16 64.27
C LEU B 154 35.52 -25.62 64.57
N ALA B 155 35.45 -26.43 63.51
CA ALA B 155 35.21 -27.86 63.61
C ALA B 155 33.95 -28.16 64.39
N ARG B 156 32.80 -28.08 63.73
CA ARG B 156 31.51 -28.22 64.41
C ARG B 156 30.55 -29.14 63.65
N SER B 157 30.72 -29.21 62.34
CA SER B 157 29.95 -30.10 61.48
C SER B 157 30.34 -31.55 61.79
N ALA B 158 29.64 -32.53 61.22
CA ALA B 158 29.84 -33.92 61.61
C ALA B 158 31.21 -34.51 61.27
N GLY B 159 31.80 -35.20 62.24
CA GLY B 159 33.09 -35.85 62.09
C GLY B 159 34.22 -34.93 61.67
N THR B 160 34.34 -33.77 62.32
CA THR B 160 35.41 -32.84 61.97
C THR B 160 36.49 -32.71 63.05
N SER B 161 37.72 -32.50 62.57
CA SER B 161 38.93 -32.54 63.37
C SER B 161 39.93 -31.48 62.93
N VAL B 162 40.11 -30.48 63.78
CA VAL B 162 41.21 -29.56 63.60
C VAL B 162 42.40 -30.22 64.26
N GLN B 163 43.56 -30.19 63.61
CA GLN B 163 44.72 -30.92 64.14
C GLN B 163 45.96 -30.07 64.48
N VAL B 164 46.31 -30.05 65.76
CA VAL B 164 47.47 -29.32 66.27
C VAL B 164 48.74 -29.71 65.54
N GLN B 165 49.18 -28.87 64.62
CA GLN B 165 50.46 -29.11 63.96
C GLN B 165 51.59 -28.90 64.96
N GLY B 166 51.32 -28.11 65.99
CA GLY B 166 52.29 -27.84 67.03
C GLY B 166 52.34 -26.39 67.43
N LYS B 167 52.96 -26.12 68.58
CA LYS B 167 53.08 -24.76 69.08
C LYS B 167 54.03 -23.94 68.20
N GLU B 168 54.42 -22.77 68.68
CA GLU B 168 55.33 -21.91 67.96
C GLU B 168 55.70 -20.72 68.83
N SER B 169 54.81 -19.74 68.86
CA SER B 169 55.03 -18.50 69.58
C SER B 169 54.06 -18.43 70.77
N ASP B 170 52.96 -17.70 70.58
CA ASP B 170 51.81 -17.78 71.45
C ASP B 170 50.66 -18.18 70.57
N TYR B 171 50.93 -18.22 69.28
CA TYR B 171 49.96 -18.68 68.30
C TYR B 171 50.30 -20.09 67.83
N VAL B 172 49.44 -21.05 68.20
CA VAL B 172 49.63 -22.45 67.81
C VAL B 172 49.14 -22.70 66.38
N ILE B 173 49.94 -23.39 65.58
CA ILE B 173 49.52 -23.77 64.24
C ILE B 173 48.45 -24.86 64.34
N VAL B 174 47.54 -24.87 63.37
CA VAL B 174 46.36 -25.75 63.42
C VAL B 174 45.95 -26.24 62.03
N ARG B 175 45.46 -27.47 61.94
CA ARG B 175 44.99 -28.01 60.67
C ARG B 175 43.46 -28.00 60.56
N LEU B 176 42.94 -27.02 59.83
CA LEU B 176 41.51 -26.90 59.59
C LEU B 176 41.06 -28.03 58.68
N PRO B 177 39.81 -28.49 58.86
CA PRO B 177 39.24 -29.62 58.12
C PRO B 177 39.24 -29.41 56.61
N SER B 178 39.18 -28.15 56.20
CA SER B 178 39.15 -27.78 54.79
C SER B 178 40.49 -28.03 54.11
N GLY B 179 41.53 -28.17 54.92
CA GLY B 179 42.88 -28.34 54.40
C GLY B 179 43.59 -27.01 54.43
N GLU B 180 43.54 -26.36 55.59
CA GLU B 180 44.14 -25.05 55.73
C GLU B 180 44.97 -24.99 57.00
N LEU B 181 46.02 -24.17 56.99
CA LEU B 181 46.90 -24.06 58.14
C LEU B 181 46.76 -22.69 58.82
N ARG B 182 46.28 -22.72 60.06
CA ARG B 182 45.89 -21.50 60.78
C ARG B 182 46.60 -21.29 62.11
N ARG B 183 47.06 -20.06 62.34
CA ARG B 183 47.62 -19.65 63.63
C ARG B 183 46.50 -19.33 64.63
N VAL B 184 46.64 -19.84 65.84
CA VAL B 184 45.61 -19.69 66.87
C VAL B 184 46.24 -19.32 68.21
N HIS B 185 45.77 -18.22 68.80
CA HIS B 185 46.34 -17.71 70.04
C HIS B 185 46.22 -18.73 71.17
N SER B 186 47.36 -19.33 71.53
CA SER B 186 47.40 -20.49 72.43
C SER B 186 46.58 -20.41 73.73
N GLU B 187 46.06 -19.23 74.03
CA GLU B 187 45.09 -19.09 75.11
C GLU B 187 43.67 -19.41 74.57
N CYS B 188 43.60 -19.92 73.35
CA CYS B 188 42.33 -20.42 72.80
C CYS B 188 42.01 -21.81 73.36
N TYR B 189 40.73 -22.12 73.40
CA TYR B 189 40.28 -23.36 74.02
C TYR B 189 39.98 -24.41 72.98
N ALA B 190 39.81 -25.64 73.43
CA ALA B 190 39.55 -26.78 72.56
C ALA B 190 38.75 -27.86 73.27
N THR B 191 38.18 -28.76 72.48
CA THR B 191 37.48 -29.92 73.00
C THR B 191 38.00 -31.15 72.28
N ILE B 192 38.67 -32.04 73.01
CA ILE B 192 39.42 -33.13 72.39
C ILE B 192 38.57 -34.16 71.66
N GLY B 193 38.87 -34.35 70.37
CA GLY B 193 38.28 -35.41 69.61
C GLY B 193 37.71 -35.01 68.27
N ALA B 194 37.28 -36.02 67.52
CA ALA B 194 36.56 -35.81 66.28
C ALA B 194 35.09 -35.60 66.62
N VAL B 195 34.36 -34.91 65.75
CA VAL B 195 32.99 -34.52 66.04
C VAL B 195 32.04 -35.70 66.19
N GLY B 196 32.14 -36.66 65.29
CA GLY B 196 31.19 -37.75 65.34
C GLY B 196 29.97 -37.41 64.52
N ASN B 197 28.88 -38.10 64.81
CA ASN B 197 27.85 -38.37 63.80
C ASN B 197 28.55 -39.10 62.65
N ALA B 198 29.39 -38.38 61.92
CA ALA B 198 30.33 -38.99 60.97
C ALA B 198 29.61 -39.75 59.87
N GLU B 199 28.77 -40.70 60.28
CA GLU B 199 27.90 -41.43 59.37
C GLU B 199 27.10 -40.46 58.52
N HIS B 200 26.85 -39.26 59.08
CA HIS B 200 25.99 -38.26 58.46
C HIS B 200 26.27 -38.17 56.98
N LYS B 201 27.41 -37.56 56.64
CA LYS B 201 27.92 -37.38 55.27
C LYS B 201 27.31 -38.26 54.16
N ASN B 202 26.78 -39.42 54.56
CA ASN B 202 26.44 -40.47 53.62
C ASN B 202 24.96 -40.74 53.42
N ILE B 203 24.11 -40.33 54.36
CA ILE B 203 22.69 -40.63 54.22
C ILE B 203 22.09 -40.09 52.94
N VAL B 204 21.69 -41.00 52.06
CA VAL B 204 20.98 -40.62 50.84
C VAL B 204 19.62 -40.05 51.19
N LEU B 205 19.31 -38.86 50.65
CA LEU B 205 18.07 -38.13 50.94
C LEU B 205 16.82 -38.87 50.42
N GLY B 206 16.78 -39.11 49.12
CA GLY B 206 15.88 -40.11 48.59
C GLY B 206 14.70 -39.59 47.80
N LYS B 207 14.07 -38.53 48.31
CA LYS B 207 12.93 -37.95 47.63
C LYS B 207 12.78 -36.47 47.96
N ALA B 208 12.17 -35.72 47.04
CA ALA B 208 11.91 -34.27 47.19
C ALA B 208 11.60 -33.90 48.62
N GLY B 209 10.50 -34.49 49.09
CA GLY B 209 10.06 -34.31 50.44
C GLY B 209 11.23 -34.17 51.37
N ARG B 210 12.13 -35.14 51.36
CA ARG B 210 13.20 -35.16 52.34
C ARG B 210 13.99 -33.87 52.27
N SER B 211 14.05 -33.25 51.10
CA SER B 211 14.70 -31.97 51.05
C SER B 211 13.81 -30.98 51.78
N ARG B 212 12.52 -31.02 51.47
CA ARG B 212 11.58 -30.03 52.01
C ARG B 212 11.60 -30.10 53.53
N TRP B 213 11.67 -31.30 54.09
CA TRP B 213 11.55 -31.50 55.52
C TRP B 213 12.68 -30.83 56.28
N LEU B 214 13.79 -30.55 55.60
CA LEU B 214 14.84 -29.75 56.21
C LEU B 214 14.77 -28.28 55.75
N GLY B 215 13.74 -27.98 54.97
CA GLY B 215 13.41 -26.63 54.59
C GLY B 215 14.35 -26.07 53.55
N ARG B 216 14.53 -26.82 52.47
CA ARG B 216 15.33 -26.31 51.37
C ARG B 216 14.52 -26.27 50.06
N LYS B 217 13.74 -25.20 49.92
CA LYS B 217 12.89 -24.97 48.75
C LYS B 217 13.68 -25.19 47.46
N PRO B 218 13.00 -25.73 46.44
CA PRO B 218 13.60 -26.23 45.19
C PRO B 218 14.47 -25.20 44.47
N HIS B 219 15.71 -25.61 44.15
CA HIS B 219 16.74 -24.75 43.53
C HIS B 219 16.58 -24.57 42.02
N GLN B 220 17.09 -23.47 41.49
CA GLN B 220 16.65 -23.12 40.16
C GLN B 220 17.75 -22.75 39.16
N ARG B 221 17.80 -23.49 38.06
CA ARG B 221 18.73 -23.17 37.00
C ARG B 221 18.30 -21.87 36.35
N GLY B 222 19.19 -20.90 36.35
CA GLY B 222 18.92 -19.69 35.60
C GLY B 222 18.71 -20.02 34.12
N SER B 223 19.05 -21.23 33.71
CA SER B 223 18.95 -21.61 32.31
C SER B 223 17.49 -21.88 31.96
N ALA B 224 16.65 -21.67 32.95
CA ALA B 224 15.22 -21.83 32.84
C ALA B 224 14.58 -20.48 32.61
N MET B 225 15.12 -19.54 33.36
CA MET B 225 14.64 -18.18 33.43
C MET B 225 14.68 -17.49 32.08
N ASN B 226 14.27 -16.23 32.07
CA ASN B 226 14.32 -15.43 30.87
C ASN B 226 15.29 -14.27 31.09
N PRO B 227 15.75 -13.66 29.98
CA PRO B 227 16.54 -12.43 30.02
C PRO B 227 16.20 -11.59 31.25
N VAL B 228 15.02 -10.96 31.24
CA VAL B 228 14.47 -10.15 32.34
C VAL B 228 14.82 -10.67 33.73
N ASP B 229 14.85 -12.00 33.85
CA ASP B 229 15.01 -12.63 35.15
C ASP B 229 16.46 -12.78 35.55
N HIS B 230 17.28 -13.37 34.68
CA HIS B 230 18.64 -13.78 35.05
C HIS B 230 19.57 -14.14 33.87
N PRO B 231 20.88 -13.81 34.01
CA PRO B 231 21.95 -13.92 33.03
C PRO B 231 21.88 -15.03 31.97
N HIS B 232 21.76 -16.29 32.38
CA HIS B 232 21.93 -17.41 31.46
C HIS B 232 20.66 -17.69 30.66
N GLY B 233 19.63 -16.90 30.96
CA GLY B 233 18.31 -17.05 30.36
C GLY B 233 18.25 -16.81 28.87
N GLY B 234 17.05 -16.98 28.30
CA GLY B 234 16.82 -16.90 26.88
C GLY B 234 17.19 -18.18 26.14
N GLY B 235 17.21 -18.10 24.82
CA GLY B 235 17.61 -19.21 24.00
C GLY B 235 16.43 -19.86 23.33
N GLU B 236 16.72 -20.77 22.42
CA GLU B 236 15.71 -21.53 21.72
C GLU B 236 16.09 -23.01 21.72
N GLY B 237 16.01 -23.63 22.90
CA GLY B 237 16.47 -24.99 23.07
C GLY B 237 17.23 -25.12 24.36
N ARG B 238 17.45 -26.37 24.81
CA ARG B 238 18.26 -26.62 26.00
C ARG B 238 19.63 -25.97 25.71
N THR B 239 19.71 -24.66 25.97
CA THR B 239 20.79 -23.83 25.44
C THR B 239 21.99 -23.72 26.36
N GLY B 240 23.16 -23.56 25.75
CA GLY B 240 24.43 -23.62 26.45
C GLY B 240 24.65 -22.54 27.46
N ALA B 241 25.39 -21.52 27.04
CA ALA B 241 25.66 -20.37 27.89
C ALA B 241 25.78 -19.15 27.00
N GLY B 242 26.89 -19.07 26.28
CA GLY B 242 27.14 -18.01 25.32
C GLY B 242 27.92 -16.90 25.97
N ARG B 243 28.07 -17.00 27.28
CA ARG B 243 28.95 -16.13 28.03
C ARG B 243 29.57 -17.02 29.08
N VAL B 244 30.58 -16.49 29.77
CA VAL B 244 31.21 -17.27 30.83
C VAL B 244 30.27 -17.35 32.00
N PRO B 245 30.04 -18.57 32.50
CA PRO B 245 29.40 -18.91 33.77
C PRO B 245 29.53 -17.84 34.83
N VAL B 246 28.44 -17.62 35.55
CA VAL B 246 28.17 -16.34 36.16
C VAL B 246 26.96 -16.45 37.09
N THR B 247 27.00 -15.75 38.22
CA THR B 247 25.90 -15.75 39.20
C THR B 247 24.69 -14.97 38.64
N PRO B 248 23.57 -14.91 39.39
CA PRO B 248 22.54 -13.99 38.91
C PRO B 248 23.08 -12.59 38.77
N TRP B 249 24.00 -12.23 39.64
CA TRP B 249 24.53 -10.88 39.69
C TRP B 249 25.64 -10.63 38.65
N GLY B 250 25.95 -11.66 37.88
CA GLY B 250 26.92 -11.55 36.80
C GLY B 250 28.38 -11.65 37.21
N LYS B 251 28.64 -11.85 38.50
CA LYS B 251 30.01 -11.98 38.99
C LYS B 251 30.34 -13.45 38.96
N PRO B 252 31.23 -13.84 38.05
CA PRO B 252 31.52 -15.21 37.58
C PRO B 252 31.52 -16.28 38.65
N THR B 253 30.82 -17.36 38.37
CA THR B 253 30.99 -18.58 39.13
C THR B 253 31.91 -19.46 38.29
N LYS B 254 32.46 -20.51 38.91
CA LYS B 254 33.53 -21.35 38.31
C LYS B 254 34.86 -20.60 38.19
N GLY B 255 35.77 -20.90 39.12
CA GLY B 255 37.11 -20.37 39.10
C GLY B 255 37.19 -18.84 39.15
N LEU B 256 36.78 -18.27 40.26
CA LEU B 256 37.03 -16.86 40.52
C LEU B 256 37.21 -16.67 42.00
N LYS B 257 38.45 -16.43 42.41
CA LYS B 257 38.74 -16.17 43.81
C LYS B 257 37.85 -15.01 44.26
N THR B 258 37.22 -15.13 45.44
CA THR B 258 36.28 -14.10 45.87
C THR B 258 36.58 -13.48 47.23
N ARG B 259 37.47 -14.09 48.00
CA ARG B 259 37.88 -13.53 49.28
C ARG B 259 38.35 -12.08 49.09
N ARG B 260 38.22 -11.23 50.11
CA ARG B 260 38.70 -9.85 50.04
C ARG B 260 40.23 -9.79 50.12
N LYS B 261 40.86 -9.12 49.16
CA LYS B 261 42.32 -9.22 48.97
C LYS B 261 43.18 -8.73 50.14
N ARG B 262 42.86 -7.57 50.71
CA ARG B 262 43.53 -7.11 51.92
C ARG B 262 42.73 -7.56 53.13
N LYS B 263 43.40 -8.09 54.16
CA LYS B 263 42.70 -8.51 55.38
C LYS B 263 43.64 -8.68 56.56
N THR B 264 43.06 -8.71 57.76
CA THR B 264 43.82 -8.88 59.00
C THR B 264 44.12 -10.36 59.22
N SER B 265 43.32 -11.22 58.61
CA SER B 265 43.50 -12.66 58.72
C SER B 265 44.74 -13.09 57.94
N ASP B 266 45.08 -12.29 56.93
CA ASP B 266 46.16 -12.64 56.00
C ASP B 266 47.53 -12.87 56.64
N ARG B 267 47.71 -12.47 57.90
CA ARG B 267 48.85 -12.96 58.67
C ARG B 267 48.45 -13.87 59.84
N PHE B 268 47.69 -14.92 59.49
CA PHE B 268 47.42 -16.03 60.39
C PHE B 268 47.23 -17.32 59.58
N LEU B 269 47.12 -17.18 58.26
CA LEU B 269 46.98 -18.33 57.36
C LEU B 269 48.31 -18.63 56.72
N VAL B 270 49.01 -19.66 57.20
CA VAL B 270 50.32 -20.00 56.66
C VAL B 270 50.19 -20.67 55.28
N THR B 271 49.08 -21.36 55.07
CA THR B 271 48.78 -21.93 53.77
C THR B 271 47.34 -21.69 53.37
N ARG B 272 47.00 -22.19 52.19
CA ARG B 272 45.66 -22.07 51.65
C ARG B 272 44.93 -23.42 51.68
N ARG B 273 43.62 -23.34 51.92
CA ARG B 273 42.73 -24.41 51.56
C ARG B 273 42.91 -24.58 50.06
N LYS B 274 43.46 -25.70 49.64
CA LYS B 274 43.78 -25.83 48.23
C LYS B 274 42.86 -26.81 47.53
N MET C 1 -57.40 -42.07 -22.82
CA MET C 1 -58.82 -42.44 -22.73
C MET C 1 -59.28 -43.16 -21.44
N LYS C 2 -59.15 -44.48 -21.39
CA LYS C 2 -59.77 -45.27 -20.32
C LYS C 2 -59.56 -44.67 -18.92
N GLY C 3 -60.65 -44.55 -18.17
CA GLY C 3 -60.59 -44.00 -16.82
C GLY C 3 -61.85 -44.08 -15.94
N ILE C 4 -61.60 -44.10 -14.62
CA ILE C 4 -62.68 -44.04 -13.63
C ILE C 4 -62.12 -43.72 -12.23
N LEU C 5 -63.01 -43.43 -11.29
CA LEU C 5 -62.65 -42.91 -9.97
C LEU C 5 -63.01 -43.86 -8.84
N GLY C 6 -62.26 -43.81 -7.75
CA GLY C 6 -62.64 -44.58 -6.58
C GLY C 6 -61.74 -44.37 -5.38
N THR C 7 -61.94 -45.15 -4.33
CA THR C 7 -61.22 -44.89 -3.08
C THR C 7 -60.11 -45.88 -2.79
N LYS C 8 -59.07 -45.42 -2.09
CA LYS C 8 -58.06 -46.34 -1.57
C LYS C 8 -58.55 -46.94 -0.28
N ILE C 9 -58.84 -48.24 -0.32
CA ILE C 9 -59.37 -48.96 0.82
C ILE C 9 -58.31 -49.64 1.68
N GLY C 10 -57.30 -50.25 1.04
CA GLY C 10 -56.25 -50.95 1.78
C GLY C 10 -55.23 -51.77 1.02
N MET C 11 -54.08 -51.99 1.68
CA MET C 11 -53.01 -52.85 1.19
C MET C 11 -53.17 -54.20 1.87
N THR C 12 -53.02 -55.30 1.15
CA THR C 12 -53.16 -56.64 1.73
C THR C 12 -52.33 -57.64 0.93
N GLN C 13 -52.18 -58.87 1.45
CA GLN C 13 -51.41 -59.96 0.79
C GLN C 13 -52.31 -61.10 0.23
N ILE C 14 -52.19 -61.39 -1.07
CA ILE C 14 -53.00 -62.43 -1.71
C ILE C 14 -52.20 -63.21 -2.76
N TRP C 15 -52.67 -64.43 -3.06
CA TRP C 15 -51.94 -65.36 -3.94
C TRP C 15 -52.53 -65.63 -5.31
N LYS C 16 -51.73 -65.43 -6.35
CA LYS C 16 -52.08 -66.01 -7.63
C LYS C 16 -51.08 -67.11 -7.99
N ASN C 17 -51.65 -68.30 -8.16
CA ASN C 17 -50.87 -69.48 -8.44
C ASN C 17 -49.94 -69.79 -7.28
N ASP C 18 -48.74 -69.21 -7.23
CA ASP C 18 -47.87 -69.52 -6.10
C ASP C 18 -47.23 -68.31 -5.43
N ARG C 19 -47.38 -67.14 -6.01
CA ARG C 19 -46.64 -66.06 -5.42
C ARG C 19 -47.46 -65.10 -4.59
N ALA C 20 -46.84 -64.68 -3.48
CA ALA C 20 -47.35 -63.58 -2.68
C ALA C 20 -47.36 -62.32 -3.53
N ILE C 21 -48.48 -62.02 -4.16
CA ILE C 21 -48.62 -60.70 -4.74
C ILE C 21 -49.07 -59.82 -3.58
N PRO C 22 -48.53 -58.60 -3.47
CA PRO C 22 -49.13 -57.66 -2.54
C PRO C 22 -50.12 -56.80 -3.32
N VAL C 23 -51.37 -56.78 -2.87
CA VAL C 23 -52.35 -55.98 -3.60
C VAL C 23 -53.02 -54.87 -2.79
N THR C 24 -53.09 -53.70 -3.41
CA THR C 24 -53.87 -52.61 -2.86
C THR C 24 -55.27 -52.62 -3.44
N VAL C 25 -56.25 -52.50 -2.54
CA VAL C 25 -57.65 -52.53 -2.93
C VAL C 25 -58.13 -51.15 -3.18
N VAL C 26 -58.55 -50.92 -4.42
CA VAL C 26 -59.29 -49.74 -4.81
C VAL C 26 -60.76 -50.11 -4.87
N LEU C 27 -61.64 -49.13 -4.67
CA LEU C 27 -63.05 -49.30 -4.98
C LEU C 27 -63.34 -48.30 -6.10
N ALA C 28 -64.24 -48.63 -7.00
CA ALA C 28 -64.66 -47.68 -8.01
C ALA C 28 -66.14 -47.86 -8.16
N GLY C 29 -66.88 -47.38 -7.15
CA GLY C 29 -68.35 -47.39 -7.10
C GLY C 29 -68.83 -46.58 -8.28
N PRO C 30 -70.00 -46.92 -8.84
CA PRO C 30 -70.37 -46.45 -10.18
C PRO C 30 -70.24 -44.95 -10.31
N CYS C 31 -69.71 -44.48 -11.44
CA CYS C 31 -69.61 -43.04 -11.66
C CYS C 31 -70.61 -42.65 -12.74
N PRO C 32 -71.26 -41.48 -12.55
CA PRO C 32 -72.33 -41.06 -13.43
C PRO C 32 -71.87 -39.98 -14.38
N ILE C 33 -72.63 -39.80 -15.44
CA ILE C 33 -72.18 -39.07 -16.62
C ILE C 33 -72.01 -37.56 -16.42
N VAL C 34 -72.92 -36.91 -15.66
CA VAL C 34 -72.88 -35.44 -15.37
C VAL C 34 -72.53 -34.42 -16.49
N GLN C 35 -71.30 -34.42 -17.01
CA GLN C 35 -71.04 -33.53 -18.16
C GLN C 35 -70.26 -34.19 -19.31
N ARG C 36 -70.78 -34.05 -20.53
CA ARG C 36 -70.18 -34.58 -21.76
C ARG C 36 -69.72 -33.47 -22.71
N LYS C 37 -68.44 -33.08 -22.60
CA LYS C 37 -67.89 -31.95 -23.34
C LYS C 37 -67.20 -32.30 -24.66
N THR C 38 -67.62 -31.62 -25.72
CA THR C 38 -67.07 -31.81 -27.06
C THR C 38 -66.55 -30.49 -27.60
N ALA C 39 -65.75 -30.57 -28.66
CA ALA C 39 -65.17 -29.40 -29.32
C ALA C 39 -66.14 -28.24 -29.57
N GLN C 40 -67.21 -28.50 -30.33
CA GLN C 40 -68.19 -27.47 -30.71
C GLN C 40 -68.92 -26.90 -29.49
N THR C 41 -68.64 -27.46 -28.32
CA THR C 41 -69.27 -27.03 -27.09
C THR C 41 -68.28 -26.28 -26.18
N ASP C 42 -67.14 -26.90 -25.91
CA ASP C 42 -66.20 -26.39 -24.91
C ASP C 42 -64.77 -26.45 -25.42
N GLY C 43 -64.63 -26.54 -26.74
CA GLY C 43 -63.32 -26.60 -27.35
C GLY C 43 -62.67 -27.97 -27.32
N TYR C 44 -62.47 -28.50 -26.12
CA TYR C 44 -61.68 -29.72 -25.97
C TYR C 44 -62.48 -30.98 -25.66
N GLU C 45 -61.80 -32.12 -25.75
CA GLU C 45 -62.46 -33.41 -25.77
C GLU C 45 -62.38 -34.15 -24.43
N ALA C 46 -63.51 -34.26 -23.71
CA ALA C 46 -63.48 -34.79 -22.36
C ALA C 46 -64.80 -35.36 -21.87
N VAL C 47 -64.78 -35.87 -20.64
CA VAL C 47 -66.01 -36.16 -19.88
C VAL C 47 -65.82 -35.98 -18.37
N GLN C 48 -66.77 -35.30 -17.75
CA GLN C 48 -66.76 -35.09 -16.33
C GLN C 48 -67.70 -36.08 -15.76
N ILE C 49 -67.21 -36.91 -14.84
CA ILE C 49 -68.03 -37.81 -14.03
C ILE C 49 -67.79 -37.59 -12.53
N GLY C 50 -68.45 -38.39 -11.70
CA GLY C 50 -68.41 -38.20 -10.24
C GLY C 50 -68.39 -39.42 -9.32
N TYR C 51 -67.75 -39.28 -8.14
CA TYR C 51 -67.61 -40.41 -7.22
C TYR C 51 -68.59 -40.40 -6.01
N ALA C 52 -68.10 -40.13 -4.79
CA ALA C 52 -68.87 -40.35 -3.53
C ALA C 52 -70.20 -39.58 -3.43
N PRO C 53 -71.28 -40.26 -3.01
CA PRO C 53 -72.58 -39.62 -3.18
C PRO C 53 -72.74 -38.54 -2.11
N LYS C 54 -73.76 -37.70 -2.23
CA LYS C 54 -74.03 -36.65 -1.26
C LYS C 54 -75.54 -36.41 -1.17
N ALA C 55 -76.05 -36.17 0.04
CA ALA C 55 -77.49 -35.93 0.24
C ALA C 55 -77.93 -34.52 -0.13
N GLU C 56 -79.06 -34.40 -0.84
CA GLU C 56 -79.56 -33.12 -1.36
C GLU C 56 -79.43 -31.93 -0.41
N ARG C 57 -79.50 -32.18 0.90
CA ARG C 57 -79.45 -31.11 1.90
C ARG C 57 -78.10 -30.38 1.96
N LYS C 58 -77.01 -31.12 2.15
CA LYS C 58 -75.67 -30.51 2.25
C LYS C 58 -75.17 -29.89 0.92
N VAL C 59 -76.05 -29.85 -0.09
CA VAL C 59 -75.72 -29.41 -1.44
C VAL C 59 -76.11 -27.95 -1.74
N ASN C 60 -75.18 -27.23 -2.40
CA ASN C 60 -75.42 -25.91 -3.00
C ASN C 60 -76.70 -25.81 -3.80
N LYS C 61 -77.06 -24.60 -4.15
CA LYS C 61 -78.07 -24.47 -5.16
C LYS C 61 -77.43 -24.74 -6.52
N PRO C 62 -76.39 -23.95 -6.90
CA PRO C 62 -75.85 -24.15 -8.24
C PRO C 62 -75.54 -25.61 -8.47
N MET C 63 -74.78 -26.21 -7.56
CA MET C 63 -74.33 -27.56 -7.78
C MET C 63 -75.52 -28.49 -7.99
N GLN C 64 -76.63 -28.14 -7.35
CA GLN C 64 -77.89 -28.86 -7.55
C GLN C 64 -78.35 -28.71 -9.00
N GLY C 65 -78.42 -27.46 -9.46
CA GLY C 65 -78.82 -27.20 -10.84
C GLY C 65 -78.00 -28.04 -11.80
N HIS C 66 -76.68 -27.97 -11.63
CA HIS C 66 -75.73 -28.79 -12.38
C HIS C 66 -76.14 -30.23 -12.42
N PHE C 67 -75.92 -30.90 -11.28
CA PHE C 67 -76.28 -32.29 -11.14
C PHE C 67 -77.70 -32.66 -11.62
N ALA C 68 -78.56 -31.66 -11.81
CA ALA C 68 -79.93 -31.90 -12.25
C ALA C 68 -80.05 -31.81 -13.76
N LYS C 69 -79.08 -31.17 -14.38
CA LYS C 69 -79.10 -31.00 -15.82
C LYS C 69 -79.11 -32.33 -16.60
N ALA C 70 -78.60 -33.39 -15.97
CA ALA C 70 -78.68 -34.75 -16.53
C ALA C 70 -79.09 -35.76 -15.47
N GLY C 71 -80.06 -35.37 -14.64
CA GLY C 71 -80.73 -36.24 -13.67
C GLY C 71 -79.80 -37.21 -13.00
N VAL C 72 -79.14 -36.78 -11.95
CA VAL C 72 -77.98 -37.53 -11.54
C VAL C 72 -77.78 -37.79 -10.04
N ALA C 73 -78.31 -36.91 -9.21
CA ALA C 73 -78.15 -37.02 -7.75
C ALA C 73 -76.70 -36.76 -7.38
N PRO C 74 -76.51 -35.82 -6.45
CA PRO C 74 -75.21 -35.18 -6.30
C PRO C 74 -74.10 -36.11 -5.83
N THR C 75 -72.93 -35.89 -6.41
CA THR C 75 -71.72 -36.52 -5.99
C THR C 75 -70.87 -35.52 -5.24
N ARG C 76 -70.42 -35.92 -4.06
CA ARG C 76 -69.56 -35.08 -3.24
C ARG C 76 -68.37 -34.59 -4.02
N ILE C 77 -67.99 -35.35 -5.07
CA ILE C 77 -66.78 -35.11 -5.89
C ILE C 77 -66.96 -35.15 -7.43
N LEU C 78 -66.47 -34.14 -8.13
CA LEU C 78 -66.38 -34.20 -9.62
C LEU C 78 -64.96 -34.38 -10.24
N ARG C 79 -64.89 -34.78 -11.50
CA ARG C 79 -63.59 -34.89 -12.17
C ARG C 79 -63.71 -35.12 -13.68
N GLU C 80 -62.68 -34.76 -14.41
CA GLU C 80 -62.65 -34.96 -15.85
C GLU C 80 -61.64 -36.03 -16.36
N PHE C 81 -62.00 -36.65 -17.48
CA PHE C 81 -61.18 -37.63 -18.15
C PHE C 81 -61.16 -37.26 -19.61
N ARG C 82 -59.97 -36.97 -20.14
CA ARG C 82 -59.82 -36.50 -21.52
C ARG C 82 -60.03 -37.61 -22.57
N GLY C 83 -60.80 -37.31 -23.59
CA GLY C 83 -61.01 -38.20 -24.71
C GLY C 83 -61.66 -39.53 -24.38
N PHE C 84 -62.86 -39.48 -23.80
CA PHE C 84 -63.65 -40.66 -23.43
C PHE C 84 -64.91 -40.66 -24.31
N ALA C 85 -65.97 -41.37 -23.91
CA ALA C 85 -67.23 -41.35 -24.69
C ALA C 85 -68.53 -41.90 -24.07
N PRO C 86 -68.44 -42.89 -23.17
CA PRO C 86 -69.30 -44.07 -22.97
C PRO C 86 -70.77 -44.04 -23.47
N ASP C 87 -71.62 -44.79 -22.78
CA ASP C 87 -73.08 -44.71 -23.00
C ASP C 87 -73.85 -45.29 -21.79
N GLY C 88 -74.58 -44.43 -21.09
CA GLY C 88 -75.17 -44.78 -19.82
C GLY C 88 -74.36 -44.15 -18.70
N ASP C 89 -73.87 -44.97 -17.76
CA ASP C 89 -73.05 -44.48 -16.64
C ASP C 89 -71.95 -45.51 -16.29
N SER C 90 -70.92 -45.09 -15.56
CA SER C 90 -69.60 -45.76 -15.68
C SER C 90 -68.96 -46.51 -14.48
N VAL C 91 -68.88 -47.84 -14.57
CA VAL C 91 -68.28 -48.71 -13.54
C VAL C 91 -66.95 -49.28 -14.06
N ASN C 92 -66.34 -50.27 -13.39
CA ASN C 92 -65.05 -50.82 -13.84
C ASN C 92 -65.12 -52.01 -14.76
N VAL C 93 -66.16 -52.84 -14.57
CA VAL C 93 -66.47 -53.81 -15.59
C VAL C 93 -66.79 -52.95 -16.82
N ASP C 94 -66.49 -53.49 -18.01
CA ASP C 94 -66.51 -52.76 -19.28
C ASP C 94 -65.30 -51.83 -19.43
N ILE C 95 -64.55 -51.63 -18.35
CA ILE C 95 -63.46 -50.67 -18.40
C ILE C 95 -62.09 -51.30 -18.23
N PHE C 96 -62.00 -52.25 -17.31
CA PHE C 96 -60.76 -52.96 -17.17
C PHE C 96 -61.01 -54.44 -17.33
N ALA C 97 -60.05 -55.14 -17.94
CA ALA C 97 -60.01 -56.60 -17.88
C ALA C 97 -58.88 -56.96 -16.92
N GLU C 98 -58.99 -58.12 -16.27
CA GLU C 98 -57.97 -58.52 -15.32
C GLU C 98 -56.60 -58.72 -16.01
N GLY C 99 -55.60 -57.97 -15.56
CA GLY C 99 -54.25 -58.11 -16.09
C GLY C 99 -53.77 -56.91 -16.89
N GLU C 100 -54.72 -56.07 -17.27
CA GLU C 100 -54.43 -54.87 -18.03
C GLU C 100 -53.55 -53.91 -17.21
N LYS C 101 -52.46 -53.42 -17.81
CA LYS C 101 -51.61 -52.48 -17.10
C LYS C 101 -52.40 -51.21 -16.96
N ILE C 102 -52.24 -50.50 -15.84
CA ILE C 102 -52.93 -49.20 -15.65
C ILE C 102 -52.15 -48.18 -14.84
N ASP C 103 -52.40 -46.90 -15.15
CA ASP C 103 -51.78 -45.78 -14.46
C ASP C 103 -52.69 -45.24 -13.35
N ALA C 104 -52.20 -45.31 -12.13
CA ALA C 104 -53.02 -44.95 -10.99
C ALA C 104 -52.53 -43.68 -10.36
N THR C 105 -53.44 -42.70 -10.26
CA THR C 105 -53.10 -41.39 -9.76
C THR C 105 -53.81 -41.10 -8.45
N GLY C 106 -53.05 -40.58 -7.48
CA GLY C 106 -53.65 -40.12 -6.24
C GLY C 106 -52.99 -38.83 -5.76
N THR C 107 -53.32 -38.42 -4.56
CA THR C 107 -52.62 -37.34 -3.92
C THR C 107 -51.68 -38.09 -3.02
N SER C 108 -50.57 -37.53 -2.58
CA SER C 108 -49.78 -38.29 -1.65
C SER C 108 -50.31 -38.12 -0.26
N LYS C 109 -49.71 -38.86 0.67
CA LYS C 109 -49.66 -38.46 2.07
C LYS C 109 -48.64 -37.32 2.07
N GLY C 110 -49.01 -36.16 2.62
CA GLY C 110 -48.08 -35.03 2.77
C GLY C 110 -47.46 -35.05 4.16
N LYS C 111 -46.30 -34.38 4.30
CA LYS C 111 -45.50 -34.48 5.53
C LYS C 111 -45.19 -33.16 6.32
N GLY C 112 -45.68 -32.03 5.83
CA GLY C 112 -45.39 -30.83 6.55
C GLY C 112 -44.09 -30.30 5.99
N THR C 113 -43.44 -29.42 6.73
CA THR C 113 -42.30 -28.72 6.20
C THR C 113 -41.17 -29.61 6.59
N GLN C 114 -40.43 -30.07 5.58
CA GLN C 114 -39.55 -31.18 5.77
C GLN C 114 -38.08 -30.88 5.54
N GLY C 115 -37.24 -31.57 6.30
CA GLY C 115 -35.79 -31.50 6.16
C GLY C 115 -35.15 -31.76 4.80
N VAL C 116 -33.89 -31.36 4.69
CA VAL C 116 -33.16 -31.49 3.45
C VAL C 116 -32.91 -32.99 3.07
N MET C 117 -32.54 -33.80 4.09
CA MET C 117 -32.79 -35.23 4.12
C MET C 117 -34.16 -35.52 3.54
N LYS C 118 -35.08 -35.94 4.41
CA LYS C 118 -36.46 -36.35 4.02
C LYS C 118 -36.93 -35.81 2.68
N ARG C 119 -36.75 -34.52 2.49
CA ARG C 119 -37.25 -33.91 1.28
C ARG C 119 -36.51 -34.44 0.04
N TRP C 120 -35.20 -34.20 0.01
CA TRP C 120 -34.46 -34.30 -1.25
C TRP C 120 -33.27 -35.30 -1.24
N ASN C 121 -33.08 -35.95 -0.11
CA ASN C 121 -32.10 -37.01 0.05
C ASN C 121 -30.75 -36.35 0.14
N PHE C 122 -30.58 -35.46 1.11
CA PHE C 122 -29.28 -34.82 1.33
C PHE C 122 -28.44 -35.62 2.33
N ALA C 123 -27.26 -36.02 1.86
CA ALA C 123 -26.05 -36.27 2.65
C ALA C 123 -26.06 -36.18 4.15
N GLY C 124 -26.12 -34.95 4.66
CA GLY C 124 -26.00 -34.77 6.09
C GLY C 124 -24.73 -34.12 6.61
N GLY C 125 -24.25 -34.61 7.74
CA GLY C 125 -23.17 -33.94 8.45
C GLY C 125 -22.71 -34.84 9.56
N PRO C 126 -21.40 -34.80 9.84
CA PRO C 126 -20.65 -35.82 10.59
C PRO C 126 -21.08 -35.72 12.01
N ALA C 127 -22.08 -36.53 12.31
CA ALA C 127 -22.80 -36.52 13.55
C ALA C 127 -21.87 -36.51 14.78
N SER C 128 -20.58 -36.70 14.61
CA SER C 128 -19.72 -36.62 15.78
C SER C 128 -18.34 -36.14 15.52
N HIS C 129 -18.09 -35.58 14.36
CA HIS C 129 -16.70 -35.17 14.13
C HIS C 129 -16.33 -33.70 14.35
N GLY C 130 -16.74 -33.21 15.53
CA GLY C 130 -16.52 -31.85 16.00
C GLY C 130 -17.65 -30.92 15.60
N SER C 131 -18.52 -31.46 14.75
CA SER C 131 -19.45 -30.69 13.92
C SER C 131 -20.53 -29.87 14.64
N LYS C 132 -20.16 -28.72 15.23
CA LYS C 132 -21.10 -27.78 15.86
C LYS C 132 -22.37 -27.61 15.04
N LYS C 133 -23.51 -27.60 15.72
CA LYS C 133 -24.80 -27.24 15.13
C LYS C 133 -25.00 -27.47 13.60
N TRP C 134 -24.28 -28.43 12.99
CA TRP C 134 -24.42 -28.71 11.55
C TRP C 134 -24.87 -30.15 11.14
N HIS C 135 -25.26 -30.91 12.15
CA HIS C 135 -25.84 -32.23 11.98
C HIS C 135 -26.92 -32.39 10.84
N ARG C 136 -27.86 -31.47 10.67
CA ARG C 136 -28.93 -31.71 9.65
C ARG C 136 -29.07 -30.69 8.50
N ARG C 137 -28.01 -29.92 8.25
CA ARG C 137 -28.13 -28.70 7.42
C ARG C 137 -27.33 -28.84 6.15
N PRO C 138 -27.85 -28.25 5.05
CA PRO C 138 -27.41 -28.73 3.74
C PRO C 138 -26.07 -28.11 3.37
N GLY C 139 -25.37 -27.40 4.28
CA GLY C 139 -24.05 -26.84 3.99
C GLY C 139 -23.97 -25.55 3.19
N SER C 140 -23.78 -25.65 1.87
CA SER C 140 -23.67 -24.43 1.08
C SER C 140 -24.84 -24.23 0.07
N ILE C 141 -25.18 -22.97 -0.19
CA ILE C 141 -26.23 -22.60 -1.17
C ILE C 141 -25.66 -22.16 -2.52
N GLY C 142 -24.42 -21.67 -2.50
CA GLY C 142 -23.83 -21.24 -3.75
C GLY C 142 -22.31 -21.33 -3.93
N GLN C 143 -21.80 -20.31 -4.62
CA GLN C 143 -20.40 -20.24 -4.88
C GLN C 143 -19.86 -19.01 -4.14
N ARG C 144 -19.71 -17.86 -4.81
CA ARG C 144 -19.32 -16.58 -4.15
C ARG C 144 -19.70 -15.38 -5.01
N LYS C 145 -18.77 -14.44 -5.15
CA LYS C 145 -19.11 -13.14 -5.69
C LYS C 145 -19.71 -13.30 -7.08
N THR C 146 -19.34 -14.40 -7.72
CA THR C 146 -20.00 -14.88 -8.92
C THR C 146 -20.71 -16.17 -8.53
N PRO C 147 -22.01 -16.27 -8.80
CA PRO C 147 -22.77 -15.23 -9.47
C PRO C 147 -23.20 -14.21 -8.41
N GLY C 148 -23.07 -14.57 -7.13
CA GLY C 148 -23.50 -13.74 -6.02
C GLY C 148 -24.96 -13.91 -5.66
N ARG C 149 -25.68 -14.76 -6.39
CA ARG C 149 -27.07 -15.08 -6.06
C ARG C 149 -27.18 -16.46 -5.45
N VAL C 150 -28.40 -16.97 -5.38
CA VAL C 150 -28.64 -18.40 -5.16
C VAL C 150 -29.48 -18.88 -6.33
N TYR C 151 -29.28 -20.12 -6.79
CA TYR C 151 -29.88 -20.52 -8.05
C TYR C 151 -31.37 -20.53 -7.87
N LYS C 152 -32.10 -20.38 -8.97
CA LYS C 152 -33.56 -20.58 -8.93
C LYS C 152 -33.72 -22.07 -8.64
N GLY C 153 -34.85 -22.43 -8.05
CA GLY C 153 -35.18 -23.82 -7.75
C GLY C 153 -34.20 -24.62 -6.91
N LYS C 154 -33.20 -23.99 -6.30
CA LYS C 154 -32.32 -24.75 -5.42
C LYS C 154 -33.06 -25.47 -4.32
N ARG C 155 -33.31 -26.76 -4.50
CA ARG C 155 -33.75 -27.63 -3.41
C ARG C 155 -33.28 -27.15 -2.03
N MET C 156 -34.21 -27.18 -1.09
CA MET C 156 -33.93 -26.92 0.31
C MET C 156 -35.24 -27.16 1.10
N ALA C 157 -35.20 -26.97 2.43
CA ALA C 157 -36.32 -27.27 3.31
C ALA C 157 -37.63 -26.83 2.68
N GLY C 158 -38.68 -27.64 2.86
CA GLY C 158 -39.95 -27.34 2.22
C GLY C 158 -41.07 -28.32 2.57
N HIS C 159 -42.30 -27.90 2.34
CA HIS C 159 -43.45 -28.74 2.57
C HIS C 159 -43.35 -29.92 1.58
N MET C 160 -43.24 -31.09 2.20
CA MET C 160 -43.09 -32.34 1.50
C MET C 160 -44.39 -33.14 1.46
N GLY C 161 -44.83 -33.44 0.24
CA GLY C 161 -45.97 -34.31 0.10
C GLY C 161 -47.22 -33.57 -0.30
N MET C 162 -48.34 -34.26 -0.18
CA MET C 162 -49.61 -33.75 -0.70
C MET C 162 -49.45 -33.34 -2.16
N GLU C 163 -48.54 -34.00 -2.87
CA GLU C 163 -48.37 -33.76 -4.29
C GLU C 163 -49.36 -34.62 -5.03
N ARG C 164 -49.57 -34.32 -6.31
CA ARG C 164 -50.33 -35.23 -7.15
C ARG C 164 -49.39 -36.26 -7.77
N VAL C 165 -49.48 -37.53 -7.36
CA VAL C 165 -48.52 -38.54 -7.84
C VAL C 165 -49.17 -39.59 -8.75
N THR C 166 -48.49 -39.90 -9.85
CA THR C 166 -48.96 -40.96 -10.74
C THR C 166 -47.96 -42.10 -10.76
N VAL C 167 -48.45 -43.32 -10.57
CA VAL C 167 -47.55 -44.46 -10.78
C VAL C 167 -47.99 -45.32 -11.95
N GLN C 168 -46.97 -45.75 -12.70
CA GLN C 168 -47.14 -46.22 -14.07
C GLN C 168 -47.11 -47.73 -14.28
N ASN C 169 -47.98 -48.19 -15.18
CA ASN C 169 -48.10 -49.61 -15.49
C ASN C 169 -48.33 -50.45 -14.27
N LEU C 170 -49.58 -50.51 -13.85
CA LEU C 170 -49.94 -51.33 -12.74
C LEU C 170 -50.94 -52.31 -13.25
N GLU C 171 -50.97 -53.49 -12.63
CA GLU C 171 -51.64 -54.62 -13.22
C GLU C 171 -52.87 -55.00 -12.47
N VAL C 172 -53.95 -55.11 -13.23
CA VAL C 172 -55.21 -55.51 -12.65
C VAL C 172 -55.15 -57.01 -12.32
N VAL C 173 -54.71 -57.30 -11.10
CA VAL C 173 -54.79 -58.65 -10.59
C VAL C 173 -56.22 -59.13 -10.71
N GLU C 174 -57.16 -58.45 -10.03
CA GLU C 174 -58.55 -58.95 -9.84
C GLU C 174 -59.69 -57.92 -9.90
N ILE C 175 -60.78 -58.33 -10.54
CA ILE C 175 -62.00 -57.53 -10.65
C ILE C 175 -63.15 -58.21 -9.88
N ARG C 176 -63.48 -57.69 -8.70
CA ARG C 176 -64.68 -58.15 -8.00
C ARG C 176 -65.78 -57.22 -8.49
N ALA C 177 -66.37 -57.60 -9.63
CA ALA C 177 -67.33 -56.74 -10.34
C ALA C 177 -68.67 -56.73 -9.64
N GLY C 178 -69.37 -55.59 -9.74
CA GLY C 178 -70.65 -55.45 -9.05
C GLY C 178 -70.46 -55.71 -7.57
N GLU C 179 -69.36 -55.16 -7.09
CA GLU C 179 -69.03 -55.05 -5.69
C GLU C 179 -67.98 -53.97 -5.93
N ASN C 180 -68.01 -53.49 -7.18
CA ASN C 180 -67.16 -52.45 -7.69
C ASN C 180 -65.82 -52.38 -7.00
N LEU C 181 -65.27 -53.55 -6.71
CA LEU C 181 -64.00 -53.64 -6.03
C LEU C 181 -62.93 -53.94 -7.06
N ILE C 182 -61.79 -53.27 -6.93
CA ILE C 182 -60.64 -53.51 -7.79
C ILE C 182 -59.43 -53.88 -6.97
N LEU C 183 -58.76 -54.92 -7.43
CA LEU C 183 -57.49 -55.34 -6.87
C LEU C 183 -56.37 -54.92 -7.80
N VAL C 184 -55.37 -54.28 -7.21
CA VAL C 184 -54.27 -53.82 -8.03
C VAL C 184 -52.89 -54.19 -7.48
N LYS C 185 -51.99 -54.59 -8.38
CA LYS C 185 -50.66 -54.96 -8.00
C LYS C 185 -49.96 -53.81 -7.29
N GLY C 186 -49.52 -54.02 -6.06
CA GLY C 186 -48.58 -53.11 -5.40
C GLY C 186 -49.05 -51.79 -4.79
N ALA C 187 -48.19 -50.77 -4.87
CA ALA C 187 -48.43 -49.45 -4.24
C ALA C 187 -49.39 -48.54 -5.00
N ILE C 188 -49.90 -47.54 -4.29
CA ILE C 188 -50.77 -46.52 -4.86
C ILE C 188 -50.66 -45.36 -3.87
N PRO C 189 -50.46 -44.16 -4.40
CA PRO C 189 -49.94 -43.17 -3.47
C PRO C 189 -51.09 -42.47 -2.75
N GLY C 190 -50.79 -42.00 -1.55
CA GLY C 190 -51.75 -41.26 -0.76
C GLY C 190 -52.63 -42.14 0.06
N ALA C 191 -52.79 -41.71 1.31
CA ALA C 191 -53.38 -42.47 2.42
C ALA C 191 -54.70 -43.22 2.25
N ASN C 192 -54.80 -44.24 3.08
CA ASN C 192 -55.97 -45.05 3.18
C ASN C 192 -57.24 -44.24 3.39
N GLY C 193 -58.32 -44.67 2.74
CA GLY C 193 -59.49 -43.84 2.58
C GLY C 193 -59.10 -42.77 1.59
N GLY C 194 -58.41 -43.20 0.53
CA GLY C 194 -57.84 -42.24 -0.39
C GLY C 194 -58.78 -41.92 -1.53
N LEU C 195 -58.46 -40.91 -2.34
CA LEU C 195 -59.21 -40.68 -3.58
C LEU C 195 -58.26 -40.88 -4.73
N VAL C 196 -58.53 -41.91 -5.53
CA VAL C 196 -57.63 -42.24 -6.64
C VAL C 196 -58.38 -42.44 -7.95
N VAL C 197 -57.66 -42.20 -9.03
CA VAL C 197 -58.23 -42.33 -10.34
C VAL C 197 -57.41 -43.35 -11.10
N LEU C 198 -58.09 -44.39 -11.55
CA LEU C 198 -57.46 -45.40 -12.37
C LEU C 198 -57.72 -45.06 -13.82
N ARG C 199 -56.65 -44.71 -14.51
CA ARG C 199 -56.76 -44.43 -15.93
C ARG C 199 -55.90 -45.48 -16.63
N SER C 200 -56.19 -45.76 -17.89
CA SER C 200 -55.36 -46.68 -18.69
C SER C 200 -53.92 -46.19 -18.59
N ALA C 201 -52.95 -47.03 -18.94
CA ALA C 201 -51.57 -46.56 -18.95
C ALA C 201 -51.44 -45.38 -19.89
N ALA C 202 -50.43 -44.55 -19.68
CA ALA C 202 -50.16 -43.47 -20.61
C ALA C 202 -49.52 -44.05 -21.86
N LYS C 203 -48.71 -45.07 -21.62
CA LYS C 203 -47.77 -45.59 -22.61
C LYS C 203 -48.22 -46.86 -23.33
N ALA C 204 -47.23 -47.67 -23.70
CA ALA C 204 -47.45 -48.81 -24.57
C ALA C 204 -46.58 -50.02 -24.19
N SER C 205 -45.25 -49.83 -24.36
CA SER C 205 -44.18 -50.86 -24.18
C SER C 205 -43.83 -51.74 -25.42
N ALA D 1 -12.75 83.06 17.20
CA ALA D 1 -13.17 84.46 17.35
C ALA D 1 -14.62 84.61 17.77
N GLN D 2 -14.89 84.58 19.09
CA GLN D 2 -16.28 84.57 19.58
C GLN D 2 -16.53 85.10 21.02
N ILE D 3 -17.70 85.71 21.22
CA ILE D 3 -18.02 86.55 22.38
C ILE D 3 -18.28 85.85 23.71
N ASN D 4 -17.99 86.53 24.82
CA ASN D 4 -18.23 85.95 26.13
C ASN D 4 -19.63 86.24 26.66
N VAL D 5 -19.81 86.28 27.98
CA VAL D 5 -21.16 86.51 28.53
C VAL D 5 -21.36 87.44 29.77
N ILE D 6 -20.78 87.13 30.93
CA ILE D 6 -21.12 87.91 32.14
C ILE D 6 -20.09 88.99 32.60
N GLY D 7 -18.82 88.79 32.28
CA GLY D 7 -17.80 89.80 32.50
C GLY D 7 -17.48 90.48 31.18
N GLN D 8 -16.28 90.21 30.66
CA GLN D 8 -15.77 90.82 29.41
C GLN D 8 -16.63 90.55 28.17
N ASN D 9 -15.99 90.63 26.99
CA ASN D 9 -16.69 90.44 25.73
C ASN D 9 -15.71 90.10 24.58
N GLY D 10 -14.46 89.79 24.95
CA GLY D 10 -13.39 89.58 23.98
C GLY D 10 -13.55 88.40 23.04
N GLY D 11 -12.73 87.36 23.22
CA GLY D 11 -12.90 86.07 22.52
C GLY D 11 -12.40 85.98 21.09
N ARG D 12 -11.75 87.02 20.61
CA ARG D 12 -11.36 87.17 19.19
C ARG D 12 -10.11 86.35 18.81
N THR D 13 -9.42 85.81 19.82
CA THR D 13 -8.31 84.89 19.57
C THR D 13 -8.86 83.49 19.35
N ILE D 14 -8.05 82.50 19.73
CA ILE D 14 -8.32 81.11 19.40
C ILE D 14 -8.45 80.93 17.89
N GLU D 15 -7.34 80.50 17.30
CA GLU D 15 -7.29 80.01 15.92
C GLU D 15 -7.88 78.59 15.90
N LEU D 16 -8.21 78.12 14.70
CA LEU D 16 -9.05 76.93 14.57
C LEU D 16 -8.55 75.96 13.50
N PRO D 17 -8.92 74.67 13.61
CA PRO D 17 -8.51 73.56 12.73
C PRO D 17 -9.37 73.38 11.47
N LEU D 18 -9.02 74.15 10.45
CA LEU D 18 -9.61 74.03 9.13
C LEU D 18 -8.79 72.90 8.46
N PRO D 19 -9.06 72.51 7.17
CA PRO D 19 -9.89 72.97 6.06
C PRO D 19 -11.32 73.36 6.43
N GLU D 20 -12.10 72.41 6.91
CA GLU D 20 -13.41 72.71 7.50
C GLU D 20 -13.74 71.67 8.57
N VAL D 21 -12.84 71.50 9.55
CA VAL D 21 -12.90 70.45 10.59
C VAL D 21 -12.90 69.04 10.01
N ASN D 22 -12.17 68.13 10.65
CA ASN D 22 -12.07 66.78 10.11
C ASN D 22 -12.75 65.69 10.96
N SER D 23 -13.58 64.88 10.31
CA SER D 23 -14.30 63.78 10.96
C SER D 23 -13.37 62.63 11.33
N GLY D 24 -12.36 62.43 10.48
CA GLY D 24 -11.46 61.31 10.60
C GLY D 24 -10.68 61.33 11.90
N VAL D 25 -9.98 62.43 12.13
CA VAL D 25 -9.09 62.53 13.28
C VAL D 25 -9.95 62.52 14.53
N LEU D 26 -11.14 63.05 14.39
CA LEU D 26 -12.08 62.98 15.46
C LEU D 26 -12.29 61.53 15.82
N HIS D 27 -13.04 60.83 14.98
CA HIS D 27 -13.37 59.42 15.20
C HIS D 27 -12.18 58.63 15.73
N GLU D 28 -10.98 58.91 15.20
CA GLU D 28 -9.74 58.34 15.72
C GLU D 28 -9.60 58.56 17.21
N VAL D 29 -9.55 59.84 17.60
CA VAL D 29 -9.37 60.18 19.01
C VAL D 29 -10.48 59.63 19.87
N VAL D 30 -11.71 59.67 19.36
CA VAL D 30 -12.82 59.14 20.14
C VAL D 30 -12.62 57.67 20.43
N THR D 31 -12.65 56.84 19.38
CA THR D 31 -12.61 55.39 19.55
C THR D 31 -11.42 55.01 20.42
N TRP D 32 -10.30 55.71 20.20
CA TRP D 32 -9.15 55.57 21.09
C TRP D 32 -9.56 55.75 22.54
N GLN D 33 -10.10 56.92 22.83
CA GLN D 33 -10.45 57.29 24.20
C GLN D 33 -11.36 56.24 24.84
N LEU D 34 -12.35 55.79 24.06
CA LEU D 34 -13.30 54.77 24.50
C LEU D 34 -12.56 53.54 24.89
N ALA D 35 -11.65 53.13 24.01
CA ALA D 35 -10.84 51.95 24.27
C ALA D 35 -10.08 52.09 25.59
N SER D 36 -9.20 53.09 25.66
CA SER D 36 -8.31 53.29 26.82
C SER D 36 -8.91 53.02 28.22
N ARG D 37 -10.23 53.08 28.31
CA ARG D 37 -10.89 52.98 29.62
C ARG D 37 -11.65 51.66 29.89
N ARG D 38 -11.45 50.63 29.05
CA ARG D 38 -12.11 49.33 29.24
C ARG D 38 -11.43 48.46 30.27
N ARG D 39 -12.23 47.77 31.06
CA ARG D 39 -11.75 47.00 32.22
C ARG D 39 -10.82 45.79 31.95
N GLY D 40 -10.66 45.40 30.68
CA GLY D 40 -9.84 44.26 30.28
C GLY D 40 -10.08 43.03 31.16
N THR D 41 -11.14 42.31 30.86
CA THR D 41 -11.72 41.55 31.93
C THR D 41 -12.32 40.18 31.60
N ALA D 42 -12.80 40.01 30.37
CA ALA D 42 -13.39 38.74 29.91
C ALA D 42 -12.47 37.51 30.01
N SER D 43 -12.45 36.86 31.18
CA SER D 43 -11.71 35.62 31.37
C SER D 43 -12.57 34.37 31.17
N THR D 44 -11.94 33.38 30.50
CA THR D 44 -12.44 32.01 30.33
C THR D 44 -11.29 31.05 30.58
N ARG D 45 -11.65 29.76 30.67
CA ARG D 45 -10.68 28.68 30.95
C ARG D 45 -10.21 27.88 29.72
N THR D 46 -8.98 27.40 29.76
CA THR D 46 -8.56 26.40 28.81
C THR D 46 -8.42 25.05 29.49
N ARG D 47 -7.99 24.07 28.70
CA ARG D 47 -7.82 22.71 29.18
C ARG D 47 -7.06 22.63 30.48
N ALA D 48 -5.96 23.36 30.56
CA ALA D 48 -5.13 23.37 31.77
C ALA D 48 -5.96 23.70 33.00
N GLN D 49 -6.99 24.50 32.81
CA GLN D 49 -7.81 24.99 33.90
C GLN D 49 -9.03 24.11 34.23
N VAL D 50 -9.88 23.84 33.24
CA VAL D 50 -11.13 23.08 33.50
C VAL D 50 -10.88 21.84 34.32
N SER D 51 -11.02 21.99 35.64
CA SER D 51 -10.93 20.86 36.59
C SER D 51 -11.50 19.56 35.98
N LYS D 52 -10.66 18.87 35.22
CA LYS D 52 -11.10 17.70 34.48
C LYS D 52 -9.90 16.78 34.25
N THR D 53 -9.24 16.43 35.36
CA THR D 53 -8.02 15.57 35.44
C THR D 53 -7.50 14.83 34.21
N GLY D 54 -6.17 14.93 34.06
CA GLY D 54 -5.42 14.37 32.96
C GLY D 54 -5.85 12.99 32.48
N ARG D 55 -5.93 12.04 33.43
CA ARG D 55 -6.18 10.61 33.17
C ARG D 55 -6.62 10.24 31.75
N LYS D 56 -5.92 9.35 31.07
CA LYS D 56 -6.43 8.84 29.81
C LYS D 56 -7.80 8.26 30.12
N MET D 57 -8.81 8.56 29.31
CA MET D 57 -10.14 8.11 29.69
C MET D 57 -10.38 6.62 29.39
N TYR D 58 -10.15 6.21 28.15
CA TYR D 58 -10.21 4.80 27.87
C TYR D 58 -9.15 4.30 26.87
N GLY D 59 -9.54 3.34 26.02
CA GLY D 59 -8.61 2.68 25.12
C GLY D 59 -8.28 3.39 23.83
N GLN D 60 -6.97 3.54 23.58
CA GLN D 60 -6.42 4.31 22.46
C GLN D 60 -6.85 3.66 21.13
N LYS D 61 -6.78 2.34 21.10
CA LYS D 61 -7.52 1.60 20.10
C LYS D 61 -8.43 0.59 20.82
N GLY D 62 -9.36 0.00 20.07
CA GLY D 62 -10.09 -1.14 20.61
C GLY D 62 -11.57 -0.99 20.86
N THR D 63 -11.97 0.16 21.39
CA THR D 63 -13.34 0.34 21.87
C THR D 63 -14.42 0.35 20.79
N GLY D 64 -14.13 0.89 19.61
CA GLY D 64 -15.14 0.98 18.57
C GLY D 64 -15.72 2.37 18.64
N ASN D 65 -15.07 3.18 19.48
CA ASN D 65 -15.43 4.57 19.71
C ASN D 65 -14.40 5.51 19.07
N ALA D 66 -14.75 6.77 18.86
CA ALA D 66 -13.74 7.76 18.48
C ALA D 66 -12.68 7.81 19.58
N ARG D 67 -11.52 8.34 19.28
CA ARG D 67 -10.43 8.31 20.24
C ARG D 67 -10.43 9.58 21.03
N HIS D 68 -10.27 9.49 22.35
CA HIS D 68 -10.06 10.71 23.13
C HIS D 68 -8.94 10.52 24.11
N GLY D 69 -8.45 11.64 24.63
CA GLY D 69 -7.43 11.65 25.65
C GLY D 69 -7.96 12.09 27.00
N ASP D 70 -8.41 13.34 27.08
CA ASP D 70 -8.93 13.90 28.33
C ASP D 70 -10.39 14.33 28.15
N ARG D 71 -11.05 14.70 29.23
CA ARG D 71 -12.38 15.33 29.14
C ARG D 71 -12.34 16.87 29.22
N SER D 72 -11.12 17.43 29.30
CA SER D 72 -10.87 18.89 29.39
C SER D 72 -10.65 19.59 28.03
N VAL D 73 -11.39 19.16 27.02
CA VAL D 73 -11.04 19.52 25.67
C VAL D 73 -12.13 20.23 24.90
N PRO D 74 -11.75 21.32 24.25
CA PRO D 74 -12.46 22.15 23.27
C PRO D 74 -13.60 21.49 22.53
N THR D 75 -13.49 20.21 22.23
CA THR D 75 -14.59 19.55 21.51
C THR D 75 -15.60 18.91 22.47
N PHE D 76 -15.26 18.91 23.76
CA PHE D 76 -16.14 18.34 24.79
C PHE D 76 -17.12 19.36 25.38
N VAL D 77 -18.36 18.95 25.58
CA VAL D 77 -19.16 19.73 26.48
C VAL D 77 -18.48 19.62 27.84
N GLY D 78 -18.49 20.72 28.56
CA GLY D 78 -17.94 20.75 29.90
C GLY D 78 -16.56 21.34 29.87
N GLY D 79 -15.79 20.90 28.89
CA GLY D 79 -14.37 21.21 28.86
C GLY D 79 -14.01 22.68 28.72
N GLY D 80 -12.72 22.96 28.52
CA GLY D 80 -12.25 24.33 28.40
C GLY D 80 -12.57 24.94 27.06
N VAL D 81 -12.54 26.27 26.98
CA VAL D 81 -12.79 26.94 25.71
C VAL D 81 -11.53 26.91 24.89
N ALA D 82 -11.70 26.91 23.58
CA ALA D 82 -10.53 26.94 22.74
C ALA D 82 -9.96 28.34 22.80
N PHE D 83 -10.38 29.14 21.83
CA PHE D 83 -9.81 30.45 21.57
C PHE D 83 -10.56 31.61 22.25
N GLY D 84 -10.59 31.56 23.57
CA GLY D 84 -11.39 32.46 24.36
C GLY D 84 -10.60 33.71 24.65
N PRO D 85 -11.28 34.72 25.21
CA PRO D 85 -10.64 35.95 25.64
C PRO D 85 -10.04 35.73 27.02
N LYS D 86 -8.98 36.44 27.31
CA LYS D 86 -8.37 36.39 28.63
C LYS D 86 -8.29 37.82 29.14
N PRO D 87 -7.85 38.02 30.38
CA PRO D 87 -7.56 39.40 30.77
C PRO D 87 -6.42 40.05 29.95
N ARG D 88 -6.73 41.18 29.28
CA ARG D 88 -5.72 42.06 28.67
C ARG D 88 -5.95 43.56 29.00
N SER D 89 -5.81 44.41 27.96
CA SER D 89 -5.88 45.88 28.04
C SER D 89 -5.71 46.56 26.67
N TYR D 90 -6.81 47.02 26.08
CA TYR D 90 -6.84 47.55 24.70
C TYR D 90 -6.23 48.96 24.55
N ASP D 91 -5.56 49.44 25.59
CA ASP D 91 -5.02 50.79 25.67
C ASP D 91 -3.67 50.94 25.00
N TYR D 92 -3.44 52.12 24.42
CA TYR D 92 -2.16 52.48 23.82
C TYR D 92 -1.92 53.96 24.07
N THR D 93 -0.79 54.48 23.59
CA THR D 93 -0.60 55.92 23.72
C THR D 93 -0.64 56.66 22.35
N LEU D 94 -1.84 57.14 22.03
CA LEU D 94 -2.09 58.00 20.87
C LEU D 94 -1.22 59.22 21.02
N PRO D 95 -0.46 59.56 19.96
CA PRO D 95 0.60 60.58 20.12
C PRO D 95 0.13 62.02 20.31
N ARG D 96 0.26 62.55 21.53
CA ARG D 96 0.07 63.96 21.90
C ARG D 96 -0.56 64.88 20.86
N GLN D 97 0.27 65.13 19.84
CA GLN D 97 -0.07 65.88 18.63
C GLN D 97 -1.58 65.82 18.31
N VAL D 98 -2.06 64.60 18.10
CA VAL D 98 -3.42 64.39 17.64
C VAL D 98 -4.45 64.45 18.76
N ARG D 99 -4.02 64.31 20.01
CA ARG D 99 -4.90 64.61 21.15
C ARG D 99 -5.27 66.09 21.10
N GLN D 100 -4.24 66.91 21.00
CA GLN D 100 -4.41 68.35 20.95
C GLN D 100 -5.29 68.74 19.74
N LEU D 101 -4.90 68.23 18.56
CA LEU D 101 -5.62 68.54 17.32
C LEU D 101 -7.08 68.08 17.33
N GLY D 102 -7.33 66.94 17.93
CA GLY D 102 -8.71 66.52 18.11
C GLY D 102 -9.47 67.53 18.96
N LEU D 103 -9.10 67.60 20.25
CA LEU D 103 -9.70 68.51 21.23
C LEU D 103 -10.14 69.79 20.58
N ALA D 104 -9.13 70.47 20.04
CA ALA D 104 -9.34 71.63 19.19
C ALA D 104 -10.50 71.39 18.23
N MET D 105 -10.33 70.45 17.29
CA MET D 105 -11.27 70.25 16.20
C MET D 105 -12.69 70.06 16.69
N ALA D 106 -12.81 69.66 17.95
CA ALA D 106 -14.10 69.46 18.57
C ALA D 106 -14.70 70.80 18.95
N ILE D 107 -13.95 71.54 19.77
CA ILE D 107 -14.30 72.92 20.13
C ILE D 107 -14.82 73.62 18.88
N ALA D 108 -13.92 73.75 17.92
CA ALA D 108 -14.22 74.32 16.62
C ALA D 108 -15.52 73.81 16.05
N SER D 109 -15.63 72.50 15.90
CA SER D 109 -16.79 71.90 15.26
C SER D 109 -18.05 72.45 15.89
N ARG D 110 -17.97 72.75 17.19
CA ARG D 110 -19.12 73.34 17.86
C ARG D 110 -19.16 74.89 17.88
N GLN D 111 -18.09 75.54 17.44
CA GLN D 111 -18.09 77.00 17.32
C GLN D 111 -18.77 77.46 16.04
N GLU D 112 -18.37 76.87 14.91
CA GLU D 112 -19.01 77.16 13.62
C GLU D 112 -20.36 76.48 13.58
N GLY D 113 -20.76 75.90 14.71
CA GLY D 113 -22.06 75.29 14.90
C GLY D 113 -23.27 76.21 14.70
N GLY D 114 -23.48 77.19 15.58
CA GLY D 114 -22.55 77.49 16.67
C GLY D 114 -23.05 77.19 18.06
N LYS D 115 -22.71 76.02 18.57
CA LYS D 115 -23.15 75.68 19.91
C LYS D 115 -22.09 75.96 20.97
N LEU D 116 -21.48 77.14 20.91
CA LEU D 116 -20.60 77.57 21.99
C LEU D 116 -21.30 78.66 22.78
N VAL D 117 -21.00 78.70 24.08
CA VAL D 117 -21.47 79.76 24.96
C VAL D 117 -20.32 80.12 25.90
N ALA D 118 -19.46 81.04 25.46
CA ALA D 118 -18.29 81.46 26.24
C ALA D 118 -18.68 82.27 27.47
N VAL D 119 -18.40 81.74 28.65
CA VAL D 119 -19.01 82.26 29.89
C VAL D 119 -18.06 82.89 30.92
N ASP D 120 -18.30 84.16 31.22
CA ASP D 120 -17.47 84.90 32.16
C ASP D 120 -18.27 85.38 33.39
N GLY D 121 -18.64 84.48 34.30
CA GLY D 121 -19.33 84.93 35.50
C GLY D 121 -20.13 83.96 36.34
N PHE D 122 -21.30 83.55 35.84
CA PHE D 122 -22.21 82.65 36.55
C PHE D 122 -22.90 83.33 37.74
N ASP D 123 -24.19 83.62 37.60
CA ASP D 123 -25.01 84.02 38.73
C ASP D 123 -25.94 82.91 39.20
N ILE D 124 -25.43 82.07 40.10
CA ILE D 124 -26.17 80.90 40.57
C ILE D 124 -26.18 80.88 42.10
N ALA D 125 -26.69 81.96 42.70
CA ALA D 125 -26.71 82.16 44.16
C ALA D 125 -25.67 81.37 44.96
N ASP D 126 -26.11 80.71 46.02
CA ASP D 126 -25.24 79.81 46.77
C ASP D 126 -25.54 78.34 46.46
N ALA D 127 -24.83 77.79 45.49
CA ALA D 127 -24.79 76.34 45.28
C ALA D 127 -26.14 75.67 45.08
N LYS D 128 -27.14 76.43 44.64
CA LYS D 128 -28.46 75.83 44.48
C LYS D 128 -28.78 75.53 43.03
N THR D 129 -29.56 74.49 42.84
CA THR D 129 -29.85 73.98 41.53
C THR D 129 -30.85 74.87 40.79
N LYS D 130 -31.89 75.33 41.49
CA LYS D 130 -32.93 76.09 40.82
C LYS D 130 -32.29 77.31 40.15
N ASN D 131 -31.32 77.89 40.85
CA ASN D 131 -30.56 79.04 40.33
C ASN D 131 -29.84 78.67 39.03
N PHE D 132 -29.36 77.43 38.95
CA PHE D 132 -28.72 76.97 37.72
C PHE D 132 -29.77 76.96 36.62
N ILE D 133 -30.92 76.37 36.94
CA ILE D 133 -31.97 76.20 35.95
C ILE D 133 -32.42 77.54 35.39
N SER D 134 -32.49 78.54 36.28
CA SER D 134 -32.87 79.90 35.93
C SER D 134 -31.85 80.62 35.04
N TRP D 135 -30.62 80.73 35.55
CA TRP D 135 -29.52 81.31 34.80
C TRP D 135 -29.54 80.73 33.39
N ALA D 136 -29.36 79.41 33.34
CA ALA D 136 -29.52 78.58 32.14
C ALA D 136 -30.64 79.10 31.25
N LYS D 137 -31.85 79.15 31.82
CA LYS D 137 -33.05 79.56 31.10
C LYS D 137 -32.83 80.88 30.40
N GLN D 138 -32.14 81.79 31.09
CA GLN D 138 -31.90 83.14 30.56
C GLN D 138 -30.65 83.32 29.68
N ASN D 139 -29.81 82.29 29.55
CA ASN D 139 -28.76 82.36 28.53
C ASN D 139 -29.14 81.74 27.18
N GLY D 140 -30.23 80.98 27.16
CA GLY D 140 -30.70 80.35 25.93
C GLY D 140 -30.85 78.85 26.07
N LEU D 141 -30.83 78.37 27.31
CA LEU D 141 -30.85 76.94 27.59
C LEU D 141 -32.27 76.41 27.78
N ASP D 142 -32.99 76.29 26.66
CA ASP D 142 -34.40 75.87 26.67
C ASP D 142 -34.57 74.71 27.64
N GLY D 143 -33.93 73.60 27.32
CA GLY D 143 -34.01 72.38 28.15
C GLY D 143 -33.95 71.14 27.28
N THR D 144 -33.79 71.38 25.98
CA THR D 144 -33.89 70.33 24.99
C THR D 144 -32.53 70.02 24.33
N GLU D 145 -31.47 70.04 25.14
CA GLU D 145 -30.14 69.71 24.68
C GLU D 145 -29.27 69.15 25.80
N LYS D 146 -28.19 68.49 25.45
CA LYS D 146 -27.23 68.05 26.47
C LYS D 146 -26.08 69.04 26.52
N VAL D 147 -25.71 69.42 27.75
CA VAL D 147 -24.84 70.56 27.95
C VAL D 147 -23.70 70.20 28.86
N LEU D 148 -22.50 70.60 28.50
CA LEU D 148 -21.33 70.16 29.24
C LEU D 148 -20.62 71.31 29.90
N LEU D 149 -20.64 71.32 31.23
CA LEU D 149 -19.99 72.40 31.95
C LEU D 149 -18.46 72.24 32.00
N VAL D 150 -17.74 73.33 31.79
CA VAL D 150 -16.34 73.41 32.18
C VAL D 150 -16.11 74.76 32.87
N THR D 151 -15.93 74.74 34.19
CA THR D 151 -15.52 75.92 34.96
C THR D 151 -14.49 75.54 36.00
N ASP D 152 -14.58 76.18 37.17
CA ASP D 152 -13.69 75.85 38.26
C ASP D 152 -14.38 76.13 39.59
N ASP D 153 -15.60 76.66 39.53
CA ASP D 153 -16.30 77.02 40.77
C ASP D 153 -17.26 75.96 41.31
N GLU D 154 -16.79 75.31 42.37
CA GLU D 154 -17.54 74.29 43.10
C GLU D 154 -19.04 74.55 43.16
N ASN D 155 -19.41 75.80 43.43
CA ASN D 155 -20.82 76.15 43.53
C ASN D 155 -21.59 75.89 42.25
N THR D 156 -21.03 76.34 41.13
CA THR D 156 -21.72 76.20 39.84
C THR D 156 -21.92 74.75 39.46
N ARG D 157 -20.95 73.92 39.81
CA ARG D 157 -21.06 72.50 39.53
C ARG D 157 -22.15 71.93 40.40
N ARG D 158 -21.99 72.10 41.70
CA ARG D 158 -22.99 71.63 42.65
C ARG D 158 -24.40 72.02 42.21
N ALA D 159 -24.49 73.12 41.49
CA ALA D 159 -25.74 73.51 40.87
C ALA D 159 -26.01 72.71 39.58
N ALA D 160 -24.95 72.45 38.84
CA ALA D 160 -25.07 71.80 37.54
C ALA D 160 -25.11 70.26 37.58
N ARG D 161 -25.17 69.66 38.77
CA ARG D 161 -25.00 68.21 38.87
C ARG D 161 -26.28 67.38 38.65
N ASN D 162 -27.27 67.53 39.53
CA ASN D 162 -28.51 66.78 39.37
C ASN D 162 -29.25 66.98 38.05
N VAL D 163 -28.82 67.95 37.26
CA VAL D 163 -29.53 68.26 36.03
C VAL D 163 -29.47 67.09 35.02
N SER D 164 -30.64 66.50 34.79
CA SER D 164 -30.78 65.42 33.84
C SER D 164 -30.19 65.76 32.46
N TRP D 165 -30.38 66.98 31.99
CA TRP D 165 -29.90 67.30 30.66
C TRP D 165 -28.51 67.94 30.64
N VAL D 166 -27.83 67.94 31.79
CA VAL D 166 -26.48 68.49 31.82
C VAL D 166 -25.43 67.66 32.57
N SER D 167 -24.19 67.72 32.06
CA SER D 167 -23.01 67.06 32.62
C SER D 167 -22.05 68.11 33.16
N VAL D 168 -21.24 67.71 34.15
CA VAL D 168 -20.35 68.64 34.80
C VAL D 168 -18.90 68.18 34.80
N LEU D 169 -18.16 68.58 33.77
CA LEU D 169 -16.72 68.38 33.70
C LEU D 169 -15.96 69.48 34.46
N PRO D 170 -15.22 69.12 35.51
CA PRO D 170 -14.38 70.14 36.15
C PRO D 170 -13.24 70.64 35.26
N VAL D 171 -12.13 70.99 35.90
CA VAL D 171 -11.06 71.78 35.28
C VAL D 171 -10.58 71.35 33.88
N ALA D 172 -9.50 70.59 33.88
CA ALA D 172 -8.82 70.28 32.64
C ALA D 172 -9.40 69.04 31.97
N GLY D 173 -9.77 68.05 32.78
CA GLY D 173 -10.29 66.80 32.26
C GLY D 173 -11.39 66.99 31.23
N VAL D 174 -10.97 67.36 30.01
CA VAL D 174 -11.89 67.60 28.91
C VAL D 174 -11.42 66.78 27.70
N ASN D 175 -12.37 66.33 26.88
CA ASN D 175 -12.08 65.28 25.93
C ASN D 175 -13.02 65.38 24.76
N VAL D 176 -12.57 64.92 23.60
CA VAL D 176 -13.36 65.01 22.38
C VAL D 176 -14.71 64.32 22.54
N TYR D 177 -14.71 63.32 23.40
CA TYR D 177 -15.89 62.53 23.68
C TYR D 177 -16.97 63.43 24.25
N ASP D 178 -16.91 63.64 25.56
CA ASP D 178 -17.90 64.45 26.28
C ASP D 178 -18.45 65.58 25.44
N ILE D 179 -17.56 66.35 24.84
CA ILE D 179 -17.96 67.48 24.00
C ILE D 179 -18.80 67.03 22.82
N LEU D 180 -18.27 66.10 22.02
CA LEU D 180 -19.04 65.61 20.88
C LEU D 180 -20.21 64.80 21.41
N ARG D 181 -20.03 64.27 22.62
CA ARG D 181 -21.04 63.47 23.30
C ARG D 181 -22.29 64.29 23.55
N HIS D 182 -22.15 65.60 23.42
CA HIS D 182 -23.22 66.49 23.81
C HIS D 182 -23.67 67.41 22.70
N ASP D 183 -24.59 68.31 23.03
CA ASP D 183 -25.13 69.30 22.11
C ASP D 183 -24.48 70.62 22.35
N ARG D 184 -24.20 70.90 23.62
CA ARG D 184 -23.71 72.20 24.00
C ARG D 184 -22.45 72.16 24.87
N LEU D 185 -21.54 73.09 24.63
CA LEU D 185 -20.46 73.31 25.58
C LEU D 185 -20.60 74.62 26.39
N VAL D 186 -20.74 74.48 27.70
CA VAL D 186 -20.58 75.56 28.68
C VAL D 186 -19.11 75.86 28.78
N ILE D 187 -18.67 76.86 28.04
CA ILE D 187 -17.30 76.88 27.54
C ILE D 187 -16.12 76.57 28.52
N ASP D 188 -15.83 77.36 29.57
CA ASP D 188 -16.52 78.57 30.00
C ASP D 188 -15.97 79.84 29.32
N ALA D 189 -14.94 80.45 29.89
CA ALA D 189 -14.27 81.55 29.23
C ALA D 189 -12.86 81.75 29.79
N ALA D 190 -12.77 81.74 31.13
CA ALA D 190 -11.51 81.98 31.84
C ALA D 190 -10.28 81.25 31.24
N ALA D 191 -10.26 79.93 31.35
CA ALA D 191 -9.19 79.15 30.74
C ALA D 191 -9.56 78.82 29.30
N LEU D 192 -9.60 79.83 28.45
CA LEU D 192 -9.89 79.61 27.05
C LEU D 192 -8.98 80.47 26.17
N GLU D 193 -8.86 81.74 26.55
CA GLU D 193 -8.03 82.68 25.82
C GLU D 193 -6.64 82.63 26.40
N ILE D 194 -6.57 82.30 27.68
CA ILE D 194 -5.29 82.10 28.35
C ILE D 194 -4.75 80.69 28.11
N VAL D 195 -5.65 79.73 27.82
CA VAL D 195 -5.20 78.41 27.37
C VAL D 195 -4.91 78.43 25.87
N GLU D 196 -5.33 79.51 25.21
CA GLU D 196 -4.82 79.85 23.88
C GLU D 196 -3.35 80.20 24.12
N GLU D 197 -3.14 81.22 24.95
CA GLU D 197 -1.84 81.57 25.56
C GLU D 197 -2.06 82.80 26.45
N GLN E 1 91.09 8.62 -51.62
CA GLN E 1 91.66 9.90 -51.98
C GLN E 1 91.79 9.98 -53.49
N LEU E 2 92.54 9.04 -54.04
CA LEU E 2 92.79 8.96 -55.46
C LEU E 2 91.54 8.40 -56.14
N LYS E 3 90.75 7.65 -55.37
CA LYS E 3 89.55 7.01 -55.90
C LYS E 3 88.57 8.06 -56.43
N THR E 4 88.80 9.30 -56.03
CA THR E 4 88.18 10.46 -56.63
C THR E 4 88.44 10.50 -58.13
N LYS E 5 89.70 10.65 -58.50
CA LYS E 5 90.10 10.66 -59.91
C LYS E 5 89.73 9.34 -60.60
N TYR E 6 89.44 8.31 -59.81
CA TYR E 6 89.05 7.03 -60.38
C TYR E 6 87.59 7.12 -60.80
N ASN E 7 86.79 7.75 -59.93
CA ASN E 7 85.42 8.11 -60.25
C ASN E 7 85.46 8.88 -61.55
N ASP E 8 86.46 9.74 -61.67
CA ASP E 8 86.60 10.57 -62.86
C ASP E 8 87.22 9.82 -64.05
N GLN E 9 87.69 8.59 -63.80
CA GLN E 9 88.04 7.67 -64.87
C GLN E 9 86.76 6.98 -65.33
N VAL E 10 85.77 6.91 -64.44
CA VAL E 10 84.48 6.32 -64.78
C VAL E 10 83.55 7.31 -65.49
N ARG E 11 83.66 8.59 -65.13
CA ARG E 11 82.75 9.62 -65.62
C ARG E 11 82.53 9.53 -67.14
N PRO E 12 83.61 9.55 -67.93
CA PRO E 12 83.31 9.31 -69.33
C PRO E 12 83.57 7.85 -69.76
N ALA E 13 83.83 6.96 -68.79
CA ALA E 13 83.94 5.54 -69.11
C ALA E 13 82.57 5.04 -69.51
N LEU E 14 81.55 5.74 -69.03
CA LEU E 14 80.18 5.37 -69.30
C LEU E 14 79.47 6.50 -70.08
N MET E 15 79.99 7.72 -69.98
CA MET E 15 79.52 8.81 -70.82
C MET E 15 79.94 8.57 -72.27
N GLN E 16 80.94 7.71 -72.46
CA GLN E 16 81.38 7.28 -73.78
C GLN E 16 80.93 5.84 -74.10
N GLN E 17 80.57 5.08 -73.06
CA GLN E 17 79.98 3.76 -73.26
C GLN E 17 78.48 3.87 -73.52
N PHE E 18 77.79 4.68 -72.71
CA PHE E 18 76.34 4.82 -72.86
C PHE E 18 75.95 5.74 -74.01
N GLY E 19 75.73 7.01 -73.69
CA GLY E 19 75.21 7.96 -74.66
C GLY E 19 74.41 9.02 -73.96
N TYR E 20 74.83 9.33 -72.74
CA TYR E 20 74.16 10.32 -71.89
C TYR E 20 74.20 11.74 -72.44
N SER E 21 73.38 12.59 -71.84
CA SER E 21 73.33 13.99 -72.22
C SER E 21 74.34 14.80 -71.41
N SER E 22 74.76 14.26 -70.26
CA SER E 22 75.62 15.05 -69.38
C SER E 22 76.45 14.25 -68.38
N VAL E 23 77.38 14.95 -67.75
CA VAL E 23 78.39 14.34 -66.87
C VAL E 23 77.97 14.23 -65.39
N MET E 24 76.98 15.03 -65.00
CA MET E 24 76.41 14.94 -63.65
C MET E 24 75.27 13.93 -63.67
N ALA E 25 74.82 13.62 -64.89
CA ALA E 25 73.70 12.70 -65.12
C ALA E 25 74.12 11.24 -65.11
N VAL E 26 75.32 11.00 -64.59
CA VAL E 26 75.85 9.64 -64.49
C VAL E 26 76.12 9.30 -63.03
N PRO E 27 75.51 8.20 -62.57
CA PRO E 27 75.45 7.69 -61.18
C PRO E 27 76.65 8.00 -60.27
N ARG E 28 76.42 8.90 -59.32
CA ARG E 28 77.35 9.10 -58.21
C ARG E 28 76.97 8.17 -57.07
N ILE E 29 77.69 8.26 -55.96
CA ILE E 29 77.50 7.34 -54.84
C ILE E 29 77.37 8.06 -53.50
N GLU E 30 76.18 8.57 -53.19
CA GLU E 30 76.00 9.23 -51.90
C GLU E 30 76.08 8.21 -50.76
N LYS E 31 77.11 8.36 -49.91
CA LYS E 31 77.26 7.57 -48.67
C LYS E 31 77.33 6.03 -48.74
N ILE E 32 78.06 5.46 -47.79
CA ILE E 32 78.33 4.01 -47.76
C ILE E 32 77.53 3.29 -46.66
N VAL E 33 77.28 3.97 -45.54
CA VAL E 33 76.40 3.49 -44.47
C VAL E 33 76.74 2.15 -43.81
N VAL E 34 77.18 2.19 -42.56
CA VAL E 34 77.50 0.96 -41.82
C VAL E 34 76.59 0.72 -40.62
N ASN E 35 75.98 -0.47 -40.56
CA ASN E 35 75.12 -0.85 -39.44
C ASN E 35 75.64 -2.00 -38.58
N GLU E 36 76.13 -1.64 -37.40
CA GLU E 36 76.59 -2.61 -36.41
C GLU E 36 75.41 -2.98 -35.50
N GLY E 37 74.47 -3.75 -36.03
CA GLY E 37 73.28 -4.11 -35.28
C GLY E 37 73.37 -5.41 -34.49
N LEU E 38 73.99 -5.35 -33.32
CA LEU E 38 74.00 -6.49 -32.41
C LEU E 38 72.56 -6.78 -32.01
N GLY E 39 72.12 -6.19 -30.90
CA GLY E 39 70.71 -6.15 -30.55
C GLY E 39 69.97 -7.47 -30.48
N SER E 40 68.64 -7.39 -30.48
CA SER E 40 67.73 -8.53 -30.19
C SER E 40 68.09 -9.22 -28.86
N SER E 41 69.26 -9.84 -28.81
CA SER E 41 69.78 -10.53 -27.62
C SER E 41 70.85 -9.71 -26.87
N LYS E 42 71.97 -9.45 -27.55
CA LYS E 42 73.16 -8.87 -26.94
C LYS E 42 72.93 -7.50 -26.28
N GLU E 43 72.79 -7.54 -24.96
CA GLU E 43 72.52 -6.36 -24.14
C GLU E 43 73.61 -6.17 -23.08
N ASP E 44 74.85 -6.09 -23.53
CA ASP E 44 75.98 -5.82 -22.63
C ASP E 44 76.64 -4.47 -22.90
N SER E 45 77.06 -3.79 -21.83
CA SER E 45 77.80 -2.53 -21.96
C SER E 45 79.11 -2.75 -22.71
N LYS E 46 79.69 -3.94 -22.54
CA LYS E 46 80.96 -4.30 -23.15
C LYS E 46 80.94 -4.46 -24.69
N ALA E 47 79.83 -4.96 -25.23
CA ALA E 47 79.71 -5.18 -26.69
C ALA E 47 79.42 -3.88 -27.46
N ILE E 48 78.98 -2.86 -26.75
CA ILE E 48 78.84 -1.52 -27.33
C ILE E 48 80.09 -0.67 -27.09
N ASP E 49 80.81 -0.94 -26.00
CA ASP E 49 82.18 -0.43 -25.86
C ASP E 49 82.98 -0.92 -27.06
N LYS E 50 82.88 -2.23 -27.30
CA LYS E 50 83.58 -2.89 -28.39
C LYS E 50 83.13 -2.41 -29.76
N ALA E 51 81.82 -2.37 -30.00
CA ALA E 51 81.30 -1.89 -31.28
C ALA E 51 81.73 -0.45 -31.55
N ALA E 52 81.84 0.33 -30.47
CA ALA E 52 82.33 1.71 -30.54
C ALA E 52 83.80 1.80 -30.94
N LYS E 53 84.69 1.15 -30.17
CA LYS E 53 86.11 1.14 -30.51
C LYS E 53 86.29 0.67 -31.94
N GLU E 54 85.63 -0.44 -32.26
CA GLU E 54 85.71 -1.06 -33.58
C GLU E 54 85.34 -0.10 -34.70
N LEU E 55 84.11 0.38 -34.65
CA LEU E 55 83.64 1.31 -35.67
C LEU E 55 84.52 2.55 -35.76
N ALA E 56 84.92 3.09 -34.62
CA ALA E 56 85.69 4.35 -34.56
C ALA E 56 87.17 4.21 -34.94
N LEU E 57 87.65 2.98 -35.03
CA LEU E 57 89.02 2.75 -35.48
C LEU E 57 89.04 2.32 -36.94
N ILE E 58 88.06 1.53 -37.35
CA ILE E 58 87.99 1.08 -38.75
C ILE E 58 87.60 2.21 -39.72
N THR E 59 86.58 3.01 -39.37
CA THR E 59 86.16 4.12 -40.22
C THR E 59 86.50 5.50 -39.64
N LEU E 60 87.22 5.50 -38.53
CA LEU E 60 87.68 6.75 -37.91
C LEU E 60 86.55 7.75 -37.65
N GLN E 61 85.34 7.25 -37.38
CA GLN E 61 84.17 8.10 -37.18
C GLN E 61 83.24 7.61 -36.04
N LYS E 62 82.84 8.53 -35.16
CA LYS E 62 81.96 8.25 -34.03
C LYS E 62 80.70 7.50 -34.49
N PRO E 63 80.24 6.52 -33.69
CA PRO E 63 79.06 5.70 -33.99
C PRO E 63 77.78 6.14 -33.27
N ILE E 64 76.66 6.18 -33.99
CA ILE E 64 75.38 6.55 -33.38
C ILE E 64 74.58 5.32 -32.95
N ILE E 65 74.10 5.35 -31.72
CA ILE E 65 73.43 4.22 -31.11
C ILE E 65 71.95 4.20 -31.47
N THR E 66 71.57 3.39 -32.45
CA THR E 66 70.16 3.30 -32.84
C THR E 66 69.39 2.35 -31.93
N LYS E 67 68.26 2.85 -31.42
CA LYS E 67 67.56 2.20 -30.32
C LYS E 67 66.36 1.36 -30.76
N ALA E 68 65.58 0.94 -29.77
CA ALA E 68 64.42 0.11 -30.02
C ALA E 68 63.26 0.95 -30.50
N LYS E 69 62.80 0.67 -31.71
CA LYS E 69 61.73 1.45 -32.35
C LYS E 69 60.40 1.28 -31.61
N LYS E 70 60.48 1.24 -30.28
CA LYS E 70 59.36 0.90 -29.40
C LYS E 70 58.79 -0.50 -29.68
N SER E 71 59.51 -1.26 -30.51
CA SER E 71 59.07 -2.61 -30.87
C SER E 71 59.38 -3.57 -29.73
N ILE E 72 58.33 -4.06 -29.10
CA ILE E 72 58.47 -4.90 -27.93
C ILE E 72 57.77 -6.23 -28.17
N SER E 73 58.31 -7.04 -29.06
CA SER E 73 57.66 -8.30 -29.41
C SER E 73 57.68 -9.31 -28.25
N ASN E 74 57.09 -10.47 -28.46
CA ASN E 74 56.92 -11.50 -27.44
C ASN E 74 58.21 -11.82 -26.69
N PHE E 75 59.33 -11.77 -27.40
CA PHE E 75 60.64 -12.10 -26.85
C PHE E 75 61.19 -11.00 -25.96
N LYS E 76 62.52 -10.89 -25.92
CA LYS E 76 63.18 -9.85 -25.14
C LYS E 76 63.33 -8.58 -25.97
N LEU E 77 62.42 -7.63 -25.73
CA LEU E 77 62.44 -6.31 -26.39
C LEU E 77 61.83 -5.31 -25.42
N ARG E 78 62.02 -4.01 -25.69
CA ARG E 78 61.34 -2.95 -24.93
C ARG E 78 61.33 -1.62 -25.70
N GLN E 79 61.72 -0.52 -25.06
CA GLN E 79 61.59 0.80 -25.70
C GLN E 79 62.88 1.56 -25.97
N GLY E 80 63.57 1.95 -24.91
CA GLY E 80 64.76 2.79 -25.07
C GLY E 80 66.05 2.05 -24.86
N MET E 81 66.44 1.24 -25.84
CA MET E 81 67.67 0.47 -25.75
C MET E 81 68.32 0.22 -27.11
N PRO E 82 69.67 0.23 -27.15
CA PRO E 82 70.51 0.02 -28.32
C PRO E 82 70.29 -1.32 -29.03
N VAL E 83 69.65 -1.35 -30.19
CA VAL E 83 69.49 -2.60 -30.94
C VAL E 83 70.13 -2.52 -32.31
N GLY E 84 70.94 -1.48 -32.51
CA GLY E 84 71.64 -1.28 -33.77
C GLY E 84 72.55 -0.07 -33.68
N ILE E 85 73.74 -0.20 -34.26
CA ILE E 85 74.68 0.89 -34.21
C ILE E 85 74.83 1.39 -35.64
N LYS E 86 75.13 2.68 -35.82
CA LYS E 86 75.24 3.25 -37.16
C LYS E 86 76.38 4.26 -37.35
N VAL E 87 77.01 4.18 -38.52
CA VAL E 87 78.01 5.15 -38.96
C VAL E 87 77.86 5.43 -40.46
N THR E 88 77.31 6.59 -40.78
CA THR E 88 77.18 7.00 -42.16
C THR E 88 78.51 7.58 -42.63
N LEU E 89 79.02 7.06 -43.75
CA LEU E 89 80.25 7.54 -44.32
C LEU E 89 79.93 8.07 -45.70
N ARG E 90 80.26 9.33 -45.95
CA ARG E 90 79.94 9.98 -47.23
C ARG E 90 81.10 10.79 -47.80
N GLY E 91 81.14 10.88 -49.14
CA GLY E 91 82.15 11.64 -49.85
C GLY E 91 83.59 11.23 -49.65
N GLU E 92 84.30 12.02 -48.85
CA GLU E 92 85.73 11.84 -48.60
C GLU E 92 86.04 10.53 -47.87
N ARG E 93 85.61 10.46 -46.61
CA ARG E 93 85.85 9.31 -45.75
C ARG E 93 85.14 8.08 -46.29
N MET E 94 84.11 8.31 -47.11
CA MET E 94 83.45 7.23 -47.84
C MET E 94 84.42 6.62 -48.83
N TYR E 95 84.99 7.46 -49.67
CA TYR E 95 85.94 6.99 -50.67
C TYR E 95 87.18 6.34 -50.04
N VAL E 96 87.62 6.90 -48.90
CA VAL E 96 88.75 6.36 -48.13
C VAL E 96 88.46 4.98 -47.52
N PHE E 97 87.29 4.82 -46.91
CA PHE E 97 86.93 3.54 -46.29
C PHE E 97 86.59 2.47 -47.34
N LEU E 98 85.94 2.88 -48.43
CA LEU E 98 85.69 1.98 -49.56
C LEU E 98 87.00 1.51 -50.21
N GLU E 99 87.97 2.41 -50.31
CA GLU E 99 89.30 1.99 -50.77
C GLU E 99 89.95 1.06 -49.73
N LYS E 100 89.77 1.34 -48.44
CA LYS E 100 90.21 0.42 -47.38
C LYS E 100 89.64 -0.97 -47.63
N LEU E 101 88.43 -1.01 -48.18
CA LEU E 101 87.79 -2.26 -48.59
C LEU E 101 88.47 -2.94 -49.79
N ILE E 102 88.38 -2.33 -50.97
CA ILE E 102 88.83 -2.99 -52.21
C ILE E 102 90.33 -3.31 -52.17
N ASN E 103 91.08 -2.46 -51.48
CA ASN E 103 92.50 -2.67 -51.26
C ASN E 103 92.75 -3.71 -50.18
N ILE E 104 92.32 -3.42 -48.95
CA ILE E 104 92.73 -4.24 -47.82
C ILE E 104 91.58 -4.98 -47.10
N GLY E 105 90.45 -5.15 -47.78
CA GLY E 105 89.33 -5.84 -47.19
C GLY E 105 88.82 -6.99 -48.04
N LEU E 106 88.69 -6.74 -49.35
CA LEU E 106 88.16 -7.73 -50.29
C LEU E 106 89.06 -8.97 -50.53
N PRO E 107 90.37 -8.77 -50.77
CA PRO E 107 91.23 -9.96 -50.84
C PRO E 107 91.32 -10.70 -49.49
N ARG E 108 91.51 -9.95 -48.40
CA ARG E 108 91.64 -10.51 -47.05
C ARG E 108 90.53 -11.50 -46.71
N ILE E 109 89.42 -11.43 -47.46
CA ILE E 109 88.28 -12.32 -47.25
C ILE E 109 88.66 -13.79 -47.43
N ARG E 110 88.51 -14.55 -46.34
CA ARG E 110 88.69 -15.99 -46.35
C ARG E 110 87.55 -16.60 -47.16
N ASP E 111 87.89 -17.24 -48.27
CA ASP E 111 86.93 -17.76 -49.27
C ASP E 111 86.17 -16.62 -49.97
N PHE E 112 86.60 -16.28 -51.18
CA PHE E 112 86.04 -15.09 -51.86
C PHE E 112 86.29 -15.00 -53.37
N ARG E 113 85.25 -15.29 -54.16
CA ARG E 113 85.33 -15.24 -55.63
C ARG E 113 84.53 -14.06 -56.17
N GLY E 114 84.21 -13.10 -55.31
CA GLY E 114 83.32 -12.00 -55.65
C GLY E 114 82.09 -12.07 -54.75
N ILE E 115 81.17 -11.11 -54.90
CA ILE E 115 79.94 -11.08 -54.10
C ILE E 115 78.64 -11.02 -54.93
N ASN E 116 77.50 -11.03 -54.25
CA ASN E 116 76.20 -11.26 -54.89
C ASN E 116 75.81 -10.31 -56.01
N PRO E 117 75.81 -10.80 -57.27
CA PRO E 117 75.47 -9.97 -58.42
C PRO E 117 74.00 -10.02 -58.85
N ASN E 118 73.11 -10.47 -57.96
CA ASN E 118 71.67 -10.44 -58.26
C ASN E 118 71.08 -9.05 -57.99
N ALA E 119 70.07 -8.67 -58.78
CA ALA E 119 69.49 -7.32 -58.73
C ALA E 119 69.10 -6.86 -57.32
N PHE E 120 69.85 -5.88 -56.80
CA PHE E 120 69.63 -5.37 -55.44
C PHE E 120 68.42 -4.44 -55.39
N ASP E 121 68.66 -3.19 -54.96
CA ASP E 121 67.62 -2.16 -54.97
C ASP E 121 67.02 -2.08 -56.37
N GLY E 122 65.79 -2.59 -56.52
CA GLY E 122 65.13 -2.58 -57.81
C GLY E 122 65.06 -1.22 -58.48
N ARG E 123 65.25 -0.18 -57.66
CA ARG E 123 65.37 1.22 -58.13
C ARG E 123 66.73 1.45 -58.77
N GLY E 124 67.63 0.48 -58.60
CA GLY E 124 68.96 0.53 -59.17
C GLY E 124 70.03 1.03 -58.22
N ASN E 125 69.96 0.64 -56.95
CA ASN E 125 70.97 1.02 -55.99
C ASN E 125 71.62 -0.23 -55.44
N TYR E 126 72.19 -0.14 -54.25
CA TYR E 126 72.83 -1.33 -53.69
C TYR E 126 72.88 -1.39 -52.16
N ASN E 127 73.33 -2.53 -51.65
CA ASN E 127 73.37 -2.80 -50.22
C ASN E 127 74.63 -3.59 -49.83
N LEU E 128 74.47 -4.89 -49.67
CA LEU E 128 75.59 -5.81 -49.41
C LEU E 128 76.20 -5.63 -48.01
N GLY E 129 75.88 -6.57 -47.12
CA GLY E 129 76.23 -6.42 -45.71
C GLY E 129 77.36 -7.26 -45.16
N ILE E 130 77.37 -8.55 -45.48
CA ILE E 130 78.51 -9.44 -45.19
C ILE E 130 78.69 -9.83 -43.71
N LYS E 131 78.97 -11.10 -43.49
CA LYS E 131 79.16 -11.66 -42.16
C LYS E 131 80.50 -11.28 -41.52
N GLU E 132 81.38 -12.29 -41.46
CA GLU E 132 82.77 -12.24 -40.99
C GLU E 132 83.43 -10.89 -40.62
N GLN E 133 84.23 -10.90 -39.54
CA GLN E 133 85.01 -9.73 -39.11
C GLN E 133 86.51 -9.98 -39.23
N LEU E 134 86.88 -11.25 -39.33
CA LEU E 134 88.28 -11.67 -39.33
C LEU E 134 88.88 -11.61 -40.74
N ILE E 135 88.54 -10.57 -41.48
CA ILE E 135 88.98 -10.38 -42.86
C ILE E 135 89.37 -8.92 -43.14
N PHE E 136 90.11 -8.34 -42.20
CA PHE E 136 90.21 -6.88 -42.09
C PHE E 136 91.65 -6.32 -42.06
N PRO E 137 91.79 -5.01 -42.36
CA PRO E 137 93.01 -4.21 -42.21
C PRO E 137 93.06 -3.45 -40.88
N GLU E 138 91.96 -3.44 -40.15
CA GLU E 138 91.87 -2.73 -38.88
C GLU E 138 91.35 -3.63 -37.77
N ILE E 139 90.30 -4.40 -38.07
CA ILE E 139 89.74 -5.34 -37.09
C ILE E 139 90.69 -6.48 -36.81
N THR E 140 91.34 -6.40 -35.65
CA THR E 140 92.29 -7.41 -35.23
C THR E 140 91.69 -8.24 -34.09
N TYR E 141 92.02 -9.54 -34.10
CA TYR E 141 91.67 -10.45 -33.01
C TYR E 141 92.56 -10.11 -31.80
N ASP E 142 93.71 -9.50 -32.10
CA ASP E 142 94.68 -9.06 -31.08
C ASP E 142 94.28 -7.71 -30.46
N MET E 143 93.14 -7.19 -30.89
CA MET E 143 92.59 -5.96 -30.33
C MET E 143 91.07 -6.08 -30.08
N VAL E 144 90.53 -7.30 -30.19
CA VAL E 144 89.13 -7.54 -29.85
C VAL E 144 88.92 -8.75 -28.94
N ASP E 145 87.67 -9.17 -28.81
CA ASP E 145 87.28 -10.31 -27.98
C ASP E 145 86.88 -11.50 -28.87
N LYS E 146 85.58 -11.68 -29.03
CA LYS E 146 85.04 -12.69 -29.94
C LYS E 146 84.76 -12.09 -31.32
N THR E 147 84.06 -12.86 -32.15
CA THR E 147 83.84 -12.50 -33.56
C THR E 147 82.48 -11.81 -33.79
N ARG E 148 82.48 -10.72 -34.55
CA ARG E 148 81.25 -10.06 -35.00
C ARG E 148 81.17 -9.96 -36.54
N GLY E 149 80.32 -9.05 -37.02
CA GLY E 149 80.09 -8.89 -38.44
C GLY E 149 79.41 -7.57 -38.78
N MET E 150 79.54 -7.14 -40.02
CA MET E 150 79.06 -5.82 -40.41
C MET E 150 77.84 -5.91 -41.31
N ASP E 151 77.21 -4.77 -41.60
CA ASP E 151 76.11 -4.73 -42.56
C ASP E 151 76.07 -3.36 -43.24
N ILE E 152 76.39 -3.36 -44.53
CA ILE E 152 76.68 -2.13 -45.27
C ILE E 152 75.69 -1.91 -46.40
N THR E 153 75.40 -0.65 -46.72
CA THR E 153 74.45 -0.33 -47.78
C THR E 153 74.89 0.91 -48.56
N ILE E 154 75.35 0.72 -49.79
CA ILE E 154 75.80 1.86 -50.58
C ILE E 154 74.71 2.40 -51.50
N VAL E 155 74.61 3.72 -51.56
CA VAL E 155 73.56 4.35 -52.34
C VAL E 155 74.11 4.93 -53.65
N THR E 156 73.47 4.59 -54.76
CA THR E 156 73.93 4.99 -56.08
C THR E 156 72.81 5.62 -56.86
N THR E 157 73.03 6.81 -57.37
CA THR E 157 71.97 7.53 -58.07
C THR E 157 71.62 6.92 -59.43
N ALA E 158 71.68 5.59 -59.54
CA ALA E 158 71.38 4.96 -60.80
C ALA E 158 69.88 4.98 -61.05
N LYS E 159 69.50 4.99 -62.32
CA LYS E 159 68.11 4.94 -62.72
C LYS E 159 67.60 3.50 -62.63
N THR E 160 68.34 2.57 -63.24
CA THR E 160 68.02 1.14 -63.14
C THR E 160 69.15 0.35 -62.49
N ASP E 161 68.99 -0.97 -62.45
CA ASP E 161 69.90 -1.85 -61.72
C ASP E 161 71.14 -2.25 -62.52
N GLU E 162 71.02 -2.28 -63.85
CA GLU E 162 72.16 -2.61 -64.71
C GLU E 162 73.21 -1.52 -64.67
N GLU E 163 72.74 -0.30 -64.42
CA GLU E 163 73.56 0.91 -64.43
C GLU E 163 74.33 1.07 -63.11
N ALA E 164 73.69 0.65 -62.02
CA ALA E 164 74.36 0.52 -60.75
C ALA E 164 75.37 -0.64 -60.80
N ARG E 165 74.93 -1.76 -61.36
CA ARG E 165 75.77 -2.94 -61.58
C ARG E 165 77.09 -2.51 -62.21
N ALA E 166 76.97 -2.01 -63.44
CA ALA E 166 78.10 -1.42 -64.16
C ALA E 166 78.92 -0.44 -63.31
N LEU E 167 78.24 0.51 -62.66
CA LEU E 167 78.92 1.51 -61.83
C LEU E 167 79.83 0.88 -60.77
N LEU E 168 79.20 0.18 -59.83
CA LEU E 168 79.91 -0.52 -58.79
C LEU E 168 81.07 -1.35 -59.32
N GLN E 169 80.84 -2.08 -60.42
CA GLN E 169 81.88 -2.99 -60.97
C GLN E 169 83.09 -2.30 -61.60
N SER E 170 82.86 -1.29 -62.43
CA SER E 170 83.97 -0.56 -63.04
C SER E 170 84.71 0.28 -62.00
N MET E 171 84.13 0.37 -60.80
CA MET E 171 84.72 1.16 -59.73
C MET E 171 85.74 0.37 -58.92
N GLY E 172 85.78 -0.94 -59.14
CA GLY E 172 86.70 -1.81 -58.43
C GLY E 172 86.03 -2.92 -57.64
N LEU E 173 85.02 -3.54 -58.23
CA LEU E 173 84.24 -4.54 -57.52
C LEU E 173 84.10 -5.87 -58.26
N PRO E 174 84.38 -6.97 -57.53
CA PRO E 174 84.23 -8.36 -57.97
C PRO E 174 82.81 -8.95 -57.85
N PHE E 175 82.24 -9.34 -58.98
CA PHE E 175 80.93 -9.99 -59.02
C PHE E 175 81.10 -11.47 -59.33
N ARG E 176 80.95 -12.33 -58.31
CA ARG E 176 81.32 -13.73 -58.42
C ARG E 176 80.79 -14.48 -59.65
N LYS E 177 81.72 -15.18 -60.30
CA LYS E 177 81.43 -16.07 -61.40
C LYS E 177 82.21 -17.34 -61.13
N GLY F 1 -21.61 -26.26 -72.78
CA GLY F 1 -22.92 -25.65 -72.78
C GLY F 1 -23.94 -26.48 -73.55
N LYS F 2 -25.23 -26.19 -73.36
CA LYS F 2 -26.31 -27.01 -73.94
C LYS F 2 -27.65 -26.31 -74.28
N GLN F 3 -28.21 -26.71 -75.42
CA GLN F 3 -29.45 -26.14 -75.98
C GLN F 3 -30.44 -27.11 -76.70
N PRO F 4 -29.95 -28.01 -77.59
CA PRO F 4 -30.86 -28.74 -78.49
C PRO F 4 -31.91 -29.61 -77.79
N ILE F 5 -33.18 -29.49 -78.19
CA ILE F 5 -34.25 -30.25 -77.54
C ILE F 5 -35.09 -31.09 -78.51
N ALA F 6 -34.96 -32.41 -78.40
CA ALA F 6 -35.57 -33.35 -79.35
C ALA F 6 -36.86 -33.98 -78.82
N VAL F 7 -37.98 -33.35 -79.14
CA VAL F 7 -39.28 -33.86 -78.72
C VAL F 7 -39.85 -34.86 -79.73
N PRO F 8 -40.38 -35.99 -79.24
CA PRO F 8 -41.14 -36.93 -80.09
C PRO F 8 -42.51 -36.35 -80.55
N SER F 9 -43.27 -37.13 -81.32
CA SER F 9 -44.49 -36.63 -81.97
C SER F 9 -45.78 -36.74 -81.15
N GLY F 10 -45.66 -37.28 -79.93
CA GLY F 10 -46.79 -37.45 -79.04
C GLY F 10 -46.57 -36.78 -77.69
N VAL F 11 -45.82 -35.68 -77.71
CA VAL F 11 -45.54 -34.87 -76.52
C VAL F 11 -46.54 -33.73 -76.35
N THR F 12 -46.49 -33.09 -75.20
CA THR F 12 -47.23 -31.86 -74.96
C THR F 12 -46.66 -31.20 -73.71
N VAL F 13 -45.56 -30.48 -73.86
CA VAL F 13 -44.96 -29.71 -72.76
C VAL F 13 -45.53 -28.29 -72.74
N ASN F 14 -46.77 -28.17 -72.27
CA ASN F 14 -47.46 -26.89 -72.19
C ASN F 14 -46.66 -25.84 -71.41
N ALA F 15 -45.82 -25.11 -72.14
CA ALA F 15 -44.82 -24.23 -71.55
C ALA F 15 -45.38 -22.96 -70.89
N GLN F 16 -46.53 -23.06 -70.24
CA GLN F 16 -47.13 -21.90 -69.61
C GLN F 16 -46.37 -21.49 -68.34
N ASP F 17 -46.36 -20.20 -68.06
CA ASP F 17 -45.80 -19.63 -66.82
C ASP F 17 -44.34 -19.99 -66.53
N GLY F 18 -44.12 -20.61 -65.38
CA GLY F 18 -42.83 -21.17 -65.04
C GLY F 18 -43.05 -22.65 -64.76
N VAL F 19 -44.32 -23.00 -64.57
CA VAL F 19 -44.68 -24.38 -64.24
C VAL F 19 -44.72 -25.28 -65.49
N PHE F 20 -43.73 -25.08 -66.38
CA PHE F 20 -43.69 -25.77 -67.67
C PHE F 20 -43.94 -27.29 -67.60
N LYS F 21 -45.23 -27.65 -67.70
CA LYS F 21 -45.75 -29.01 -67.47
C LYS F 21 -45.77 -29.93 -68.72
N VAL F 22 -45.70 -31.25 -68.52
CA VAL F 22 -45.75 -32.23 -69.63
C VAL F 22 -46.88 -33.26 -69.44
N LYS F 23 -47.32 -33.90 -70.54
CA LYS F 23 -48.31 -34.99 -70.47
C LYS F 23 -48.06 -36.09 -71.52
N GLY F 24 -46.91 -36.75 -71.44
CA GLY F 24 -46.57 -37.80 -72.39
C GLY F 24 -47.44 -39.05 -72.31
N PRO F 25 -47.35 -39.92 -73.32
CA PRO F 25 -48.15 -41.16 -73.40
C PRO F 25 -47.89 -42.14 -72.27
N LYS F 26 -46.64 -42.26 -71.81
CA LYS F 26 -46.29 -43.16 -70.71
C LYS F 26 -46.71 -42.59 -69.35
N GLY F 27 -47.89 -41.97 -69.30
CA GLY F 27 -48.35 -41.32 -68.09
C GLY F 27 -47.85 -39.89 -68.03
N GLU F 28 -48.76 -38.98 -67.69
CA GLU F 28 -48.45 -37.56 -67.59
C GLU F 28 -47.56 -37.25 -66.39
N LEU F 29 -47.03 -36.02 -66.36
CA LEU F 29 -46.18 -35.57 -65.27
C LEU F 29 -46.54 -34.14 -64.90
N THR F 30 -45.92 -33.64 -63.83
CA THR F 30 -46.00 -32.23 -63.47
C THR F 30 -44.62 -31.83 -62.98
N VAL F 31 -43.97 -30.92 -63.70
CA VAL F 31 -42.56 -30.63 -63.43
C VAL F 31 -42.23 -29.15 -63.18
N PRO F 32 -41.78 -28.86 -61.94
CA PRO F 32 -41.48 -27.52 -61.42
C PRO F 32 -40.24 -26.90 -62.07
N TYR F 33 -40.47 -25.85 -62.85
CA TYR F 33 -39.41 -25.32 -63.70
C TYR F 33 -39.13 -23.81 -63.56
N ASN F 34 -37.90 -23.42 -63.84
CA ASN F 34 -37.48 -22.05 -63.67
C ASN F 34 -38.23 -21.08 -64.58
N THR F 35 -38.80 -20.07 -63.96
CA THR F 35 -39.55 -19.04 -64.68
C THR F 35 -38.60 -18.08 -65.40
N GLU F 36 -37.73 -17.43 -64.62
CA GLU F 36 -36.88 -16.35 -65.12
C GLU F 36 -35.76 -16.80 -66.06
N LEU F 37 -36.15 -17.40 -67.18
CA LEU F 37 -35.23 -17.82 -68.23
C LEU F 37 -36.04 -18.22 -69.46
N THR F 38 -37.26 -18.70 -69.20
CA THR F 38 -38.27 -19.08 -70.20
C THR F 38 -37.88 -20.02 -71.39
N VAL F 39 -38.86 -20.83 -71.80
CA VAL F 39 -38.65 -21.92 -72.76
C VAL F 39 -39.96 -22.30 -73.45
N ARG F 40 -39.89 -22.56 -74.76
CA ARG F 40 -41.04 -23.09 -75.51
C ARG F 40 -40.62 -23.85 -76.79
N GLN F 41 -41.62 -24.43 -77.45
CA GLN F 41 -41.43 -25.17 -78.70
C GLN F 41 -41.34 -24.20 -79.87
N ASP F 42 -40.53 -24.54 -80.87
CA ASP F 42 -40.42 -23.74 -82.08
C ASP F 42 -40.68 -24.57 -83.33
N GLY F 43 -41.70 -25.41 -83.28
CA GLY F 43 -42.11 -26.21 -84.41
C GLY F 43 -42.09 -27.70 -84.10
N ASP F 44 -41.08 -28.39 -84.63
CA ASP F 44 -40.90 -29.82 -84.36
C ASP F 44 -39.92 -30.04 -83.21
N GLN F 45 -39.07 -29.04 -82.96
CA GLN F 45 -38.12 -29.09 -81.84
C GLN F 45 -38.64 -28.27 -80.65
N LEU F 46 -37.71 -27.63 -79.93
CA LEU F 46 -38.02 -26.87 -78.72
C LEU F 46 -36.72 -26.23 -78.20
N LEU F 47 -36.84 -25.19 -77.37
CA LEU F 47 -35.63 -24.49 -76.92
C LEU F 47 -35.73 -23.77 -75.56
N VAL F 48 -34.62 -23.78 -74.82
CA VAL F 48 -34.48 -23.03 -73.56
C VAL F 48 -33.32 -22.06 -73.62
N GLU F 49 -33.63 -20.78 -73.85
CA GLU F 49 -32.61 -19.75 -73.87
C GLU F 49 -32.45 -19.18 -72.47
N ARG F 50 -31.47 -18.30 -72.31
CA ARG F 50 -31.26 -17.59 -71.05
C ARG F 50 -30.97 -16.12 -71.29
N PRO F 51 -31.46 -15.25 -70.40
CA PRO F 51 -31.20 -13.81 -70.47
C PRO F 51 -29.72 -13.43 -70.31
N SER F 52 -29.38 -12.81 -69.18
CA SER F 52 -28.01 -12.35 -68.94
C SER F 52 -27.04 -13.51 -68.79
N ASP F 53 -25.75 -13.22 -68.87
CA ASP F 53 -24.74 -14.26 -68.96
C ASP F 53 -23.51 -13.97 -68.10
N ALA F 54 -23.76 -13.57 -66.85
CA ALA F 54 -22.68 -13.41 -65.87
C ALA F 54 -22.07 -14.79 -65.60
N GLN F 55 -22.53 -15.47 -64.56
CA GLN F 55 -22.18 -16.88 -64.36
C GLN F 55 -23.32 -17.64 -63.71
N LYS F 56 -23.95 -17.03 -62.71
CA LYS F 56 -25.02 -17.72 -62.00
C LYS F 56 -26.18 -18.03 -62.92
N HIS F 57 -26.31 -17.24 -63.97
CA HIS F 57 -27.29 -17.52 -65.00
C HIS F 57 -26.92 -18.79 -65.76
N ARG F 58 -25.61 -19.04 -65.85
CA ARG F 58 -25.09 -20.17 -66.65
C ARG F 58 -25.33 -21.53 -65.98
N ALA F 59 -25.89 -21.53 -64.77
CA ALA F 59 -26.19 -22.77 -64.04
C ALA F 59 -27.59 -23.28 -64.37
N LEU F 60 -28.58 -22.55 -63.86
CA LEU F 60 -30.00 -22.84 -64.11
C LEU F 60 -30.30 -22.98 -65.60
N HIS F 61 -29.35 -22.57 -66.44
CA HIS F 61 -29.30 -22.92 -67.86
C HIS F 61 -29.26 -24.45 -67.97
N GLY F 62 -28.04 -24.99 -67.95
CA GLY F 62 -27.84 -26.41 -68.19
C GLY F 62 -28.56 -27.27 -67.18
N LEU F 63 -28.83 -26.69 -66.02
CA LEU F 63 -29.70 -27.35 -65.07
C LEU F 63 -31.05 -27.57 -65.73
N THR F 64 -31.80 -26.49 -65.89
CA THR F 64 -33.21 -26.59 -66.27
C THR F 64 -33.42 -27.41 -67.53
N ARG F 65 -32.59 -27.17 -68.54
CA ARG F 65 -32.63 -27.99 -69.76
C ARG F 65 -32.58 -29.49 -69.41
N THR F 66 -31.48 -29.94 -68.79
CA THR F 66 -31.31 -31.37 -68.47
C THR F 66 -32.46 -31.89 -67.63
N LEU F 67 -33.21 -31.00 -67.01
CA LEU F 67 -34.36 -31.41 -66.22
C LEU F 67 -35.54 -31.70 -67.15
N VAL F 68 -35.90 -30.75 -68.00
CA VAL F 68 -37.02 -30.96 -68.93
C VAL F 68 -36.69 -32.13 -69.84
N ALA F 69 -35.41 -32.22 -70.21
CA ALA F 69 -34.89 -33.37 -70.91
C ALA F 69 -35.34 -34.63 -70.20
N ASN F 70 -34.96 -34.73 -68.92
CA ASN F 70 -35.32 -35.88 -68.10
C ASN F 70 -36.79 -36.19 -68.20
N ALA F 71 -37.63 -35.15 -68.31
CA ALA F 71 -39.07 -35.34 -68.45
C ALA F 71 -39.41 -36.05 -69.75
N VAL F 72 -38.93 -35.46 -70.85
CA VAL F 72 -39.14 -36.00 -72.19
C VAL F 72 -38.80 -37.50 -72.25
N LYS F 73 -37.51 -37.80 -72.15
CA LYS F 73 -36.99 -39.17 -72.18
C LYS F 73 -37.70 -40.09 -71.19
N GLY F 74 -38.45 -39.51 -70.26
CA GLY F 74 -39.19 -40.27 -69.27
C GLY F 74 -40.61 -40.62 -69.66
N VAL F 75 -41.31 -39.67 -70.29
CA VAL F 75 -42.70 -39.93 -70.70
C VAL F 75 -42.72 -40.71 -72.01
N SER F 76 -41.58 -40.78 -72.67
CA SER F 76 -41.43 -41.57 -73.89
C SER F 76 -40.83 -42.95 -73.59
N ASP F 77 -39.54 -42.96 -73.31
CA ASP F 77 -38.83 -44.22 -73.03
C ASP F 77 -39.19 -44.84 -71.66
N GLY F 78 -39.51 -44.00 -70.68
CA GLY F 78 -39.65 -44.45 -69.31
C GLY F 78 -38.28 -44.57 -68.67
N TYR F 79 -38.19 -45.20 -67.51
CA TYR F 79 -36.89 -45.42 -66.87
C TYR F 79 -36.80 -46.75 -66.15
N THR F 80 -35.57 -47.16 -65.85
CA THR F 80 -35.30 -48.46 -65.25
C THR F 80 -33.87 -48.54 -64.72
N ILE F 81 -33.70 -49.22 -63.59
CA ILE F 81 -32.37 -49.56 -63.10
C ILE F 81 -32.24 -51.03 -62.72
N ASN F 82 -31.21 -51.67 -63.26
CA ASN F 82 -30.90 -53.04 -62.92
C ASN F 82 -30.05 -53.08 -61.66
N LEU F 83 -30.48 -53.93 -60.73
CA LEU F 83 -29.78 -54.15 -59.49
C LEU F 83 -29.55 -55.64 -59.30
N GLU F 84 -28.44 -55.97 -58.66
CA GLU F 84 -28.13 -57.36 -58.41
C GLU F 84 -27.71 -57.54 -56.97
N LEU F 85 -28.05 -58.70 -56.44
CA LEU F 85 -27.64 -59.12 -55.11
C LEU F 85 -26.48 -60.09 -55.23
N ARG F 86 -25.35 -59.72 -54.62
CA ARG F 86 -24.22 -60.61 -54.53
C ARG F 86 -23.95 -60.92 -53.06
N GLY F 87 -23.66 -62.18 -52.75
CA GLY F 87 -23.37 -62.58 -51.39
C GLY F 87 -23.94 -63.94 -51.04
N VAL F 88 -23.55 -64.47 -49.89
CA VAL F 88 -24.00 -65.80 -49.45
C VAL F 88 -25.52 -65.81 -49.36
N GLY F 89 -26.17 -66.27 -50.44
CA GLY F 89 -27.61 -66.38 -50.49
C GLY F 89 -28.46 -65.16 -50.09
N PHE F 90 -28.56 -64.20 -50.98
CA PHE F 90 -29.40 -63.04 -50.75
C PHE F 90 -30.58 -63.08 -51.72
N ARG F 91 -31.78 -62.73 -51.24
CA ARG F 91 -33.00 -62.90 -52.06
C ARG F 91 -34.12 -61.85 -51.86
N ALA F 92 -34.88 -61.60 -52.93
CA ALA F 92 -35.98 -60.65 -52.88
C ALA F 92 -37.17 -61.02 -53.77
N LYS F 93 -38.35 -60.51 -53.43
CA LYS F 93 -39.57 -60.88 -54.13
C LYS F 93 -40.58 -59.74 -54.21
N LEU F 94 -41.85 -60.10 -54.11
CA LEU F 94 -42.95 -59.13 -54.24
C LEU F 94 -44.14 -59.45 -53.32
N THR F 95 -44.35 -58.58 -52.33
CA THR F 95 -45.60 -58.55 -51.55
C THR F 95 -46.54 -57.58 -52.25
N GLY F 96 -47.30 -58.08 -53.21
CA GLY F 96 -48.14 -57.24 -54.04
C GLY F 96 -47.30 -56.24 -54.81
N LYS F 97 -46.69 -55.31 -54.08
CA LYS F 97 -45.79 -54.32 -54.68
C LYS F 97 -44.50 -54.18 -53.87
N ALA F 98 -44.55 -54.51 -52.57
CA ALA F 98 -43.42 -54.26 -51.68
C ALA F 98 -42.23 -55.19 -51.95
N LEU F 99 -41.03 -54.63 -51.77
CA LEU F 99 -39.79 -55.34 -52.07
C LEU F 99 -39.28 -56.18 -50.91
N GLU F 100 -39.19 -57.49 -51.15
CA GLU F 100 -38.89 -58.44 -50.08
C GLU F 100 -37.40 -58.70 -49.93
N MET F 101 -36.64 -57.72 -49.47
CA MET F 101 -35.20 -57.93 -49.35
C MET F 101 -34.87 -58.85 -48.18
N ASN F 102 -34.07 -59.87 -48.44
CA ASN F 102 -33.67 -60.86 -47.42
C ASN F 102 -32.15 -60.98 -47.33
N ILE F 103 -31.50 -59.94 -46.81
CA ILE F 103 -30.07 -59.74 -47.04
C ILE F 103 -29.15 -60.06 -45.86
N GLY F 104 -29.17 -61.32 -45.41
CA GLY F 104 -28.24 -61.74 -44.37
C GLY F 104 -28.30 -60.89 -43.11
N TYR F 105 -29.52 -60.46 -42.77
CA TYR F 105 -29.79 -59.66 -41.59
C TYR F 105 -30.77 -60.43 -40.74
N SER F 106 -30.48 -60.52 -39.44
CA SER F 106 -31.28 -61.31 -38.52
C SER F 106 -32.79 -61.16 -38.71
N HIS F 107 -33.22 -59.95 -39.03
CA HIS F 107 -34.62 -59.72 -39.36
C HIS F 107 -34.78 -58.89 -40.64
N PRO F 108 -35.27 -59.55 -41.71
CA PRO F 108 -35.64 -59.08 -43.04
C PRO F 108 -35.94 -57.59 -43.14
N VAL F 109 -35.57 -57.02 -44.27
CA VAL F 109 -35.87 -55.64 -44.58
C VAL F 109 -36.74 -55.60 -45.84
N ILE F 110 -37.93 -55.04 -45.71
CA ILE F 110 -38.85 -54.95 -46.83
C ILE F 110 -39.02 -53.47 -47.11
N ILE F 111 -39.21 -53.11 -48.39
CA ILE F 111 -39.39 -51.70 -48.72
C ILE F 111 -40.71 -51.43 -49.43
N GLU F 112 -41.22 -50.21 -49.24
CA GLU F 112 -42.49 -49.80 -49.85
C GLU F 112 -42.29 -48.73 -50.91
N PRO F 113 -42.63 -49.07 -52.17
CA PRO F 113 -42.50 -48.17 -53.31
C PRO F 113 -43.50 -47.03 -53.27
N PRO F 114 -43.02 -45.79 -53.21
CA PRO F 114 -43.86 -44.59 -53.30
C PRO F 114 -44.64 -44.55 -54.62
N ALA F 115 -45.43 -43.49 -54.82
CA ALA F 115 -46.26 -43.40 -56.03
C ALA F 115 -45.45 -43.04 -57.27
N GLY F 116 -45.95 -43.42 -58.44
CA GLY F 116 -45.24 -43.20 -59.69
C GLY F 116 -44.25 -44.31 -60.04
N VAL F 117 -43.55 -44.80 -59.03
CA VAL F 117 -42.60 -45.89 -59.21
C VAL F 117 -43.25 -47.25 -59.02
N THR F 118 -42.63 -48.27 -59.60
CA THR F 118 -43.02 -49.67 -59.39
C THR F 118 -41.78 -50.57 -59.29
N PHE F 119 -41.95 -51.74 -58.67
CA PHE F 119 -40.86 -52.69 -58.50
C PHE F 119 -40.94 -53.85 -59.49
N ALA F 120 -39.84 -54.57 -59.62
CA ALA F 120 -39.76 -55.66 -60.58
C ALA F 120 -38.68 -56.70 -60.23
N VAL F 121 -39.04 -57.97 -60.41
CA VAL F 121 -38.10 -59.07 -60.21
C VAL F 121 -38.04 -59.96 -61.46
N PRO F 122 -36.86 -60.50 -61.78
CA PRO F 122 -36.62 -61.60 -62.74
C PRO F 122 -36.27 -62.89 -62.00
N GLU F 123 -35.01 -63.32 -62.08
CA GLU F 123 -34.49 -64.26 -61.11
C GLU F 123 -34.17 -63.47 -59.83
N PRO F 124 -34.71 -63.94 -58.69
CA PRO F 124 -34.75 -63.26 -57.39
C PRO F 124 -33.48 -62.54 -56.94
N THR F 125 -32.32 -62.96 -57.44
CA THR F 125 -31.08 -62.29 -57.05
C THR F 125 -30.84 -61.04 -57.88
N ARG F 126 -31.93 -60.45 -58.37
CA ARG F 126 -31.91 -59.22 -59.16
C ARG F 126 -33.20 -58.39 -58.90
N ILE F 127 -33.05 -57.05 -58.87
CA ILE F 127 -34.19 -56.13 -58.70
C ILE F 127 -34.21 -55.07 -59.80
N ASP F 128 -35.36 -54.87 -60.43
CA ASP F 128 -35.46 -53.83 -61.45
C ASP F 128 -36.37 -52.67 -61.04
N VAL F 129 -35.77 -51.53 -60.72
CA VAL F 129 -36.52 -50.36 -60.25
C VAL F 129 -36.93 -49.43 -61.41
N SER F 130 -38.23 -49.40 -61.71
CA SER F 130 -38.73 -48.68 -62.87
C SER F 130 -39.89 -47.76 -62.53
N GLY F 131 -39.96 -46.62 -63.21
CA GLY F 131 -41.01 -45.63 -62.99
C GLY F 131 -40.94 -44.52 -64.03
N ILE F 132 -41.83 -43.53 -63.89
CA ILE F 132 -41.94 -42.46 -64.89
C ILE F 132 -40.95 -41.32 -64.63
N ASP F 133 -40.73 -40.99 -63.36
CA ASP F 133 -39.75 -39.99 -62.98
C ASP F 133 -38.34 -40.55 -63.20
N LYS F 134 -37.35 -39.67 -63.27
CA LYS F 134 -35.96 -40.10 -63.32
C LYS F 134 -35.26 -39.70 -62.03
N GLN F 135 -35.72 -38.61 -61.43
CA GLN F 135 -35.26 -38.28 -60.09
C GLN F 135 -35.69 -39.39 -59.17
N LEU F 136 -37.02 -39.53 -59.00
CA LEU F 136 -37.60 -40.42 -58.00
C LEU F 136 -37.05 -41.84 -58.01
N VAL F 137 -36.83 -42.37 -59.20
CA VAL F 137 -36.32 -43.72 -59.31
C VAL F 137 -34.89 -43.77 -58.81
N GLY F 138 -34.14 -42.72 -59.10
CA GLY F 138 -32.81 -42.57 -58.52
C GLY F 138 -32.94 -42.53 -57.01
N GLN F 139 -33.86 -41.68 -56.54
CA GLN F 139 -34.13 -41.44 -55.12
C GLN F 139 -34.73 -42.65 -54.38
N VAL F 140 -34.97 -43.74 -55.12
CA VAL F 140 -35.49 -44.99 -54.54
C VAL F 140 -34.43 -46.07 -54.58
N ALA F 141 -33.86 -46.26 -55.76
CA ALA F 141 -32.80 -47.24 -55.94
C ALA F 141 -31.67 -46.89 -54.98
N ALA F 142 -31.50 -45.59 -54.76
CA ALA F 142 -30.55 -45.09 -53.78
C ALA F 142 -30.76 -45.85 -52.48
N ASN F 143 -31.97 -45.77 -51.94
CA ASN F 143 -32.31 -46.45 -50.69
C ASN F 143 -32.08 -47.96 -50.73
N VAL F 144 -32.66 -48.62 -51.74
CA VAL F 144 -32.56 -50.08 -51.86
C VAL F 144 -31.10 -50.53 -51.76
N ARG F 145 -30.26 -49.88 -52.55
CA ARG F 145 -28.82 -50.10 -52.52
C ARG F 145 -28.26 -49.78 -51.14
N LYS F 146 -28.85 -48.80 -50.49
CA LYS F 146 -28.35 -48.31 -49.22
C LYS F 146 -28.81 -49.19 -48.06
N VAL F 147 -29.52 -50.27 -48.38
CA VAL F 147 -29.87 -51.30 -47.39
C VAL F 147 -28.62 -52.07 -46.93
N ARG F 148 -27.67 -52.16 -47.83
CA ARG F 148 -26.36 -52.75 -47.57
C ARG F 148 -25.49 -52.31 -48.74
N LYS F 149 -24.61 -51.37 -48.48
CA LYS F 149 -23.67 -51.01 -49.51
C LYS F 149 -22.71 -52.17 -49.59
N PRO F 150 -22.37 -52.59 -50.82
CA PRO F 150 -21.35 -53.62 -51.09
C PRO F 150 -20.10 -53.33 -50.26
N ASP F 151 -19.79 -54.25 -49.35
CA ASP F 151 -18.66 -54.06 -48.45
C ASP F 151 -17.31 -54.12 -49.17
N ALA F 152 -16.30 -53.54 -48.53
CA ALA F 152 -14.96 -53.47 -49.13
C ALA F 152 -14.10 -54.70 -48.87
N TYR F 153 -14.72 -55.87 -48.78
CA TYR F 153 -13.92 -57.07 -48.63
C TYR F 153 -14.26 -58.19 -49.61
N HIS F 154 -15.49 -58.67 -49.60
CA HIS F 154 -15.88 -59.64 -50.61
C HIS F 154 -16.69 -58.94 -51.70
N GLY F 155 -17.04 -57.68 -51.47
CA GLY F 155 -17.90 -56.96 -52.38
C GLY F 155 -19.37 -57.37 -52.27
N LYS F 156 -19.70 -58.02 -51.15
CA LYS F 156 -21.06 -58.53 -50.93
C LYS F 156 -22.05 -57.42 -50.61
N GLY F 157 -23.06 -57.29 -51.45
CA GLY F 157 -24.10 -56.31 -51.21
C GLY F 157 -25.02 -56.12 -52.39
N VAL F 158 -25.34 -54.85 -52.66
CA VAL F 158 -26.29 -54.49 -53.71
C VAL F 158 -25.68 -53.54 -54.75
N ARG F 159 -25.80 -53.89 -56.03
CA ARG F 159 -25.16 -53.03 -57.04
C ARG F 159 -25.80 -52.92 -58.43
N PHE F 160 -25.40 -51.86 -59.14
CA PHE F 160 -25.89 -51.55 -60.48
C PHE F 160 -25.28 -52.43 -61.57
N VAL F 161 -25.84 -53.62 -61.75
CA VAL F 161 -25.33 -54.61 -62.73
C VAL F 161 -23.81 -54.54 -63.06
N GLY F 162 -23.47 -53.85 -64.15
CA GLY F 162 -22.11 -53.84 -64.65
C GLY F 162 -21.10 -53.41 -63.61
N GLU F 163 -21.55 -52.55 -62.70
CA GLU F 163 -20.71 -51.85 -61.71
C GLU F 163 -19.50 -52.62 -61.18
N GLN F 164 -18.33 -52.10 -61.49
CA GLN F 164 -17.09 -52.63 -60.97
C GLN F 164 -17.05 -52.26 -59.49
N ILE F 165 -16.55 -53.17 -58.66
CA ILE F 165 -16.23 -52.81 -57.29
C ILE F 165 -14.81 -53.26 -56.99
N ALA F 166 -14.02 -52.36 -56.42
CA ALA F 166 -12.63 -52.65 -56.08
C ALA F 166 -12.55 -53.32 -54.72
N LEU F 167 -11.59 -54.22 -54.54
CA LEU F 167 -11.60 -55.10 -53.37
C LEU F 167 -10.32 -55.14 -52.55
N LYS F 168 -10.20 -54.23 -51.59
CA LYS F 168 -9.10 -54.19 -50.62
C LYS F 168 -8.35 -55.51 -50.29
N ALA F 169 -9.12 -56.57 -50.02
CA ALA F 169 -8.59 -57.87 -49.57
C ALA F 169 -7.80 -57.86 -48.24
N GLY F 170 -8.10 -58.80 -47.35
CA GLY F 170 -7.60 -58.81 -45.98
C GLY F 170 -6.39 -59.67 -45.67
N LYS F 171 -6.48 -60.42 -44.57
CA LYS F 171 -5.41 -61.32 -44.13
C LYS F 171 -5.02 -62.34 -45.22
N MET G 1 -5.35 -79.34 -64.01
CA MET G 1 -6.60 -79.16 -63.28
C MET G 1 -7.65 -78.41 -64.10
N ARG G 2 -7.24 -77.33 -64.74
CA ARG G 2 -8.18 -76.45 -65.43
C ARG G 2 -7.75 -76.06 -66.84
N ARG G 3 -8.58 -75.27 -67.51
CA ARG G 3 -8.26 -74.72 -68.82
C ARG G 3 -8.49 -73.21 -68.87
N VAL G 4 -7.49 -72.45 -68.42
CA VAL G 4 -7.49 -70.98 -68.53
C VAL G 4 -6.11 -70.52 -69.02
N ALA G 5 -6.02 -70.22 -70.32
CA ALA G 5 -4.74 -69.98 -71.00
C ALA G 5 -3.91 -68.83 -70.44
N GLY G 6 -2.68 -68.68 -70.93
CA GLY G 6 -1.79 -67.64 -70.46
C GLY G 6 -0.63 -67.30 -71.39
N ILE G 7 -0.30 -66.01 -71.47
CA ILE G 7 0.81 -65.50 -72.28
C ILE G 7 1.94 -64.97 -71.40
N VAL G 8 2.94 -65.79 -71.13
CA VAL G 8 3.95 -65.43 -70.12
C VAL G 8 5.34 -65.12 -70.69
N LYS G 9 5.76 -63.86 -70.58
CA LYS G 9 7.14 -63.46 -70.88
C LYS G 9 8.00 -63.54 -69.63
N LEU G 10 9.13 -64.22 -69.75
CA LEU G 10 10.00 -64.49 -68.60
C LEU G 10 11.46 -64.23 -68.97
N GLN G 11 12.36 -64.84 -68.21
CA GLN G 11 13.78 -64.86 -68.51
C GLN G 11 14.47 -65.93 -67.67
N LEU G 12 15.31 -66.74 -68.30
CA LEU G 12 15.96 -67.86 -67.62
C LEU G 12 17.43 -68.06 -68.01
N PRO G 13 18.27 -68.46 -67.04
CA PRO G 13 19.66 -68.83 -67.30
C PRO G 13 19.77 -69.96 -68.31
N ALA G 14 20.91 -70.05 -69.00
CA ALA G 14 21.10 -71.01 -70.07
C ALA G 14 21.26 -72.44 -69.54
N GLY G 15 22.51 -72.91 -69.52
CA GLY G 15 22.80 -74.29 -69.16
C GLY G 15 22.91 -74.54 -67.66
N LYS G 16 21.77 -74.61 -66.99
CA LYS G 16 21.72 -74.95 -65.57
C LYS G 16 20.51 -75.85 -65.29
N ALA G 17 19.79 -75.51 -64.21
CA ALA G 17 18.55 -76.17 -63.81
C ALA G 17 17.92 -75.36 -62.68
N THR G 18 17.25 -74.27 -63.04
CA THR G 18 16.77 -73.22 -62.11
C THR G 18 16.34 -73.64 -60.70
N PRO G 19 16.75 -72.87 -59.68
CA PRO G 19 16.38 -73.08 -58.28
C PRO G 19 15.02 -72.47 -57.97
N ALA G 20 14.88 -71.94 -56.75
CA ALA G 20 13.59 -71.41 -56.30
C ALA G 20 13.27 -69.97 -56.73
N PRO G 21 14.25 -69.04 -56.65
CA PRO G 21 13.95 -67.67 -57.12
C PRO G 21 13.36 -67.53 -58.55
N PRO G 22 13.93 -68.19 -59.58
CA PRO G 22 13.32 -67.98 -60.91
C PRO G 22 11.95 -68.65 -61.09
N VAL G 23 11.91 -69.81 -61.74
CA VAL G 23 10.65 -70.49 -62.00
C VAL G 23 10.12 -71.21 -60.76
N GLY G 24 10.03 -72.54 -60.85
CA GLY G 24 9.37 -73.33 -59.83
C GLY G 24 7.88 -73.30 -60.09
N PRO G 25 7.14 -72.48 -59.33
CA PRO G 25 5.73 -72.17 -59.60
C PRO G 25 5.55 -70.76 -60.20
N ALA G 26 6.39 -70.37 -61.16
CA ALA G 26 6.30 -69.04 -61.78
C ALA G 26 5.55 -69.07 -63.11
N LEU G 27 5.37 -70.27 -63.67
CA LEU G 27 4.58 -70.47 -64.88
C LEU G 27 3.86 -71.83 -64.81
N GLY G 28 4.19 -72.61 -63.79
CA GLY G 28 3.58 -73.91 -63.60
C GLY G 28 2.33 -73.82 -62.76
N GLN G 29 1.99 -72.61 -62.33
CA GLN G 29 0.81 -72.39 -61.51
C GLN G 29 -0.46 -72.19 -62.34
N TYR G 30 -0.30 -72.08 -63.66
CA TYR G 30 -1.43 -72.07 -64.58
C TYR G 30 -1.71 -73.51 -65.03
N GLY G 31 -0.65 -74.22 -65.41
CA GLY G 31 -0.75 -75.61 -65.81
C GLY G 31 0.21 -76.00 -66.92
N ALA G 32 1.34 -76.61 -66.54
CA ALA G 32 2.35 -77.04 -67.52
C ALA G 32 3.23 -78.17 -66.97
N ASN G 33 4.18 -78.63 -67.78
CA ASN G 33 5.09 -79.72 -67.38
C ASN G 33 6.55 -79.26 -67.23
N ILE G 34 7.16 -79.62 -66.10
CA ILE G 34 8.52 -79.21 -65.77
C ILE G 34 9.57 -80.24 -66.22
N MET G 35 9.19 -81.52 -66.17
CA MET G 35 10.11 -82.63 -66.44
C MET G 35 10.78 -82.54 -67.83
N GLU G 36 10.03 -82.05 -68.81
CA GLU G 36 10.53 -81.87 -70.17
C GLU G 36 10.79 -80.40 -70.49
N PHE G 37 11.45 -79.71 -69.57
CA PHE G 37 11.98 -78.37 -69.78
C PHE G 37 13.33 -78.27 -69.05
N THR G 38 13.48 -79.09 -68.02
CA THR G 38 14.75 -79.27 -67.34
C THR G 38 15.68 -80.11 -68.23
N LYS G 39 15.08 -80.95 -69.08
CA LYS G 39 15.81 -81.80 -70.01
C LYS G 39 15.58 -81.41 -71.48
N ALA G 40 14.83 -80.32 -71.69
CA ALA G 40 14.51 -79.87 -73.03
C ALA G 40 14.93 -78.42 -73.29
N PHE G 41 15.30 -77.71 -72.24
CA PHE G 41 15.86 -76.37 -72.41
C PHE G 41 17.37 -76.39 -72.17
N ASN G 42 17.82 -77.26 -71.26
CA ASN G 42 19.23 -77.37 -70.94
C ASN G 42 20.02 -78.20 -71.95
N ALA G 43 19.37 -78.55 -73.05
CA ALA G 43 19.99 -79.33 -74.12
C ALA G 43 20.28 -78.47 -75.35
N GLN G 44 19.53 -77.38 -75.49
CA GLN G 44 19.75 -76.42 -76.56
C GLN G 44 20.68 -75.29 -76.09
N THR G 45 21.12 -75.41 -74.83
CA THR G 45 22.18 -74.55 -74.31
C THR G 45 23.50 -75.26 -74.57
N ALA G 46 23.41 -76.38 -75.28
CA ALA G 46 24.57 -77.03 -75.87
C ALA G 46 24.79 -76.44 -77.26
N ASP G 47 23.79 -75.71 -77.75
CA ASP G 47 23.94 -74.92 -78.98
C ASP G 47 24.75 -73.67 -78.66
N LYS G 48 24.05 -72.58 -78.34
CA LYS G 48 24.69 -71.35 -77.90
C LYS G 48 25.04 -71.49 -76.42
N GLY G 49 26.33 -71.41 -76.08
CA GLY G 49 26.76 -71.70 -74.73
C GLY G 49 27.37 -70.57 -73.92
N ASP G 50 26.68 -70.18 -72.85
CA ASP G 50 27.13 -69.25 -71.79
C ASP G 50 26.74 -67.75 -71.93
N ALA G 51 25.44 -67.47 -71.97
CA ALA G 51 24.91 -66.10 -71.99
C ALA G 51 23.40 -66.12 -71.75
N ILE G 52 22.86 -65.09 -71.10
CA ILE G 52 21.45 -65.09 -70.66
C ILE G 52 20.45 -65.06 -71.81
N ILE G 53 20.35 -66.16 -72.55
CA ILE G 53 19.37 -66.26 -73.63
C ILE G 53 17.97 -66.13 -73.07
N PRO G 54 17.18 -65.18 -73.59
CA PRO G 54 15.80 -64.96 -73.16
C PRO G 54 14.84 -66.09 -73.55
N VAL G 55 13.80 -66.28 -72.74
CA VAL G 55 12.82 -67.35 -72.96
C VAL G 55 11.40 -66.79 -72.91
N GLU G 56 10.55 -67.18 -73.85
CA GLU G 56 9.12 -66.85 -73.72
C GLU G 56 8.28 -68.12 -73.69
N ILE G 57 7.28 -68.16 -72.81
CA ILE G 57 6.46 -69.36 -72.70
C ILE G 57 4.96 -69.07 -72.74
N THR G 58 4.27 -69.80 -73.61
CA THR G 58 2.82 -69.72 -73.78
C THR G 58 2.18 -70.99 -73.23
N ILE G 59 1.17 -70.84 -72.37
CA ILE G 59 0.56 -71.99 -71.71
C ILE G 59 -0.91 -72.16 -72.09
N TYR G 60 -1.27 -73.39 -72.49
CA TYR G 60 -2.65 -73.72 -72.87
C TYR G 60 -3.45 -74.22 -71.66
N ALA G 61 -3.37 -75.52 -71.40
CA ALA G 61 -4.09 -76.15 -70.30
C ALA G 61 -3.52 -77.53 -69.99
N ASP G 62 -4.17 -78.25 -69.07
CA ASP G 62 -3.78 -79.60 -68.69
C ASP G 62 -2.31 -79.71 -68.27
N ARG G 63 -1.48 -80.17 -69.20
CA ARG G 63 -0.03 -80.27 -69.00
C ARG G 63 0.71 -79.81 -70.27
N SER G 64 0.25 -78.71 -70.86
CA SER G 64 0.76 -78.24 -72.16
C SER G 64 1.71 -77.03 -72.07
N PHE G 65 2.77 -77.07 -72.85
CA PHE G 65 3.73 -75.97 -72.94
C PHE G 65 4.27 -75.79 -74.35
N THR G 66 4.50 -74.54 -74.73
CA THR G 66 5.10 -74.22 -76.03
C THR G 66 6.04 -73.00 -75.90
N PHE G 67 7.34 -73.25 -75.81
CA PHE G 67 8.31 -72.20 -75.55
C PHE G 67 9.10 -71.73 -76.78
N ILE G 68 9.73 -70.57 -76.66
CA ILE G 68 10.65 -70.07 -77.68
C ILE G 68 11.92 -69.48 -77.03
N THR G 69 13.08 -69.96 -77.49
CA THR G 69 14.37 -69.56 -76.96
C THR G 69 15.09 -68.63 -77.94
N LYS G 70 15.18 -67.35 -77.58
CA LYS G 70 15.67 -66.31 -78.50
C LYS G 70 17.18 -66.18 -78.60
N THR G 71 17.65 -64.93 -78.54
CA THR G 71 19.06 -64.61 -78.77
C THR G 71 19.68 -63.93 -77.56
N PRO G 72 20.79 -64.49 -77.05
CA PRO G 72 21.49 -63.95 -75.87
C PRO G 72 21.99 -62.51 -76.06
N PRO G 73 21.49 -61.58 -75.23
CA PRO G 73 21.94 -60.19 -75.19
C PRO G 73 23.38 -60.15 -74.77
N MET G 74 24.31 -60.28 -75.71
CA MET G 74 25.75 -60.35 -75.40
C MET G 74 26.24 -59.23 -74.49
N SER G 75 25.64 -59.15 -73.30
CA SER G 75 26.13 -58.35 -72.19
C SER G 75 26.95 -59.32 -71.36
N TYR G 76 27.39 -60.41 -71.98
CA TYR G 76 28.25 -61.40 -71.36
C TYR G 76 29.57 -61.50 -72.14
N LEU G 77 29.47 -61.66 -73.46
CA LEU G 77 30.64 -61.74 -74.34
C LEU G 77 31.12 -60.35 -74.78
N ILE G 78 30.72 -59.31 -74.06
CA ILE G 78 31.17 -57.95 -74.30
C ILE G 78 31.74 -57.36 -73.01
N ARG G 79 31.12 -57.71 -71.89
CA ARG G 79 31.70 -57.42 -70.57
C ARG G 79 33.09 -58.01 -70.50
N LYS G 80 33.24 -59.21 -71.08
CA LYS G 80 34.55 -59.85 -71.22
C LYS G 80 35.44 -59.08 -72.21
N ALA G 81 34.83 -58.47 -73.22
CA ALA G 81 35.57 -57.70 -74.22
C ALA G 81 36.00 -56.35 -73.66
N ALA G 82 36.71 -56.38 -72.53
CA ALA G 82 37.14 -55.17 -71.84
C ALA G 82 38.07 -55.51 -70.70
N GLY G 83 37.50 -55.85 -69.54
CA GLY G 83 38.30 -56.16 -68.38
C GLY G 83 37.51 -56.35 -67.09
N ILE G 84 36.20 -56.07 -67.13
CA ILE G 84 35.37 -56.20 -65.94
C ILE G 84 34.29 -57.28 -66.10
N GLY G 85 34.11 -58.09 -65.06
CA GLY G 85 33.09 -59.12 -65.08
C GLY G 85 31.73 -58.60 -64.68
N LYS G 86 31.70 -57.74 -63.67
CA LYS G 86 30.48 -57.08 -63.22
C LYS G 86 30.50 -55.62 -63.70
N GLY G 87 29.47 -55.24 -64.46
CA GLY G 87 29.44 -53.97 -65.20
C GLY G 87 29.81 -52.69 -64.48
N SER G 88 30.01 -51.63 -65.26
CA SER G 88 30.40 -50.32 -64.71
C SER G 88 29.33 -49.76 -63.75
N SER G 89 29.80 -49.16 -62.66
CA SER G 89 28.93 -48.53 -61.66
C SER G 89 28.12 -47.40 -62.27
N THR G 90 28.82 -46.44 -62.87
CA THR G 90 28.22 -45.30 -63.54
C THR G 90 28.89 -45.08 -64.91
N PRO G 91 28.16 -45.30 -66.01
CA PRO G 91 28.72 -45.25 -67.36
C PRO G 91 29.37 -43.90 -67.74
N ASN G 92 29.15 -42.87 -66.92
CA ASN G 92 29.72 -41.54 -67.17
C ASN G 92 30.65 -41.01 -66.07
N LYS G 93 31.14 -41.91 -65.22
CA LYS G 93 32.19 -41.57 -64.25
C LYS G 93 33.21 -42.71 -64.14
N ALA G 94 32.86 -43.85 -64.71
CA ALA G 94 33.75 -45.02 -64.74
C ALA G 94 33.36 -45.95 -65.89
N LYS G 95 34.33 -46.26 -66.76
CA LYS G 95 34.02 -46.99 -67.99
C LYS G 95 34.40 -48.47 -67.99
N VAL G 96 34.06 -49.13 -69.09
CA VAL G 96 34.40 -50.53 -69.30
C VAL G 96 35.46 -50.63 -70.40
N GLY G 97 35.04 -50.88 -71.65
CA GLY G 97 35.99 -51.11 -72.72
C GLY G 97 35.77 -50.32 -74.01
N LYS G 98 35.93 -51.01 -75.13
CA LYS G 98 35.82 -50.38 -76.45
C LYS G 98 35.84 -51.43 -77.55
N LEU G 99 34.68 -51.97 -77.91
CA LEU G 99 34.63 -53.00 -78.95
C LEU G 99 34.82 -52.48 -80.37
N ASN G 100 35.30 -53.36 -81.25
CA ASN G 100 35.44 -53.03 -82.67
C ASN G 100 34.07 -53.12 -83.35
N TRP G 101 33.97 -52.57 -84.56
CA TRP G 101 32.71 -52.62 -85.29
C TRP G 101 32.39 -54.04 -85.81
N ASP G 102 33.42 -54.89 -85.85
CA ASP G 102 33.27 -56.28 -86.31
C ASP G 102 32.84 -57.23 -85.19
N GLN G 103 32.77 -56.70 -83.97
CA GLN G 103 32.15 -57.41 -82.86
C GLN G 103 30.76 -56.81 -82.64
N VAL G 104 30.29 -56.13 -83.68
CA VAL G 104 28.91 -55.66 -83.78
C VAL G 104 28.24 -56.41 -84.94
N LEU G 105 28.89 -57.48 -85.38
CA LEU G 105 28.34 -58.36 -86.42
C LEU G 105 28.01 -59.76 -85.88
N GLU G 106 27.88 -59.86 -84.56
CA GLU G 106 27.46 -61.10 -83.90
C GLU G 106 26.23 -60.83 -83.05
N ILE G 107 25.87 -59.55 -82.98
CA ILE G 107 24.63 -59.09 -82.36
C ILE G 107 23.70 -58.61 -83.47
N ALA G 108 24.29 -58.41 -84.65
CA ALA G 108 23.55 -58.02 -85.85
C ALA G 108 23.58 -59.13 -86.89
N LYS G 109 23.73 -60.37 -86.42
CA LYS G 109 23.60 -61.57 -87.27
C LYS G 109 23.07 -62.77 -86.47
N THR G 110 22.94 -62.58 -85.15
CA THR G 110 22.22 -63.55 -84.32
C THR G 110 20.79 -63.04 -84.12
N LYS G 111 20.63 -61.71 -84.13
CA LYS G 111 19.33 -61.06 -84.02
C LYS G 111 18.74 -60.70 -85.39
N MET G 112 18.44 -61.72 -86.19
CA MET G 112 17.77 -61.51 -87.48
C MET G 112 16.25 -61.25 -87.37
N PRO G 113 15.53 -62.03 -86.53
CA PRO G 113 14.12 -61.67 -86.29
C PRO G 113 13.90 -61.00 -84.94
N ASP G 114 14.79 -60.09 -84.55
CA ASP G 114 14.66 -59.34 -83.28
C ASP G 114 14.84 -57.83 -83.47
N LEU G 115 16.03 -57.40 -83.87
CA LEU G 115 16.29 -55.98 -84.17
C LEU G 115 15.51 -55.54 -85.39
N ASN G 116 14.20 -55.36 -85.24
CA ASN G 116 13.28 -55.16 -86.38
C ASN G 116 13.62 -53.99 -87.30
N ALA G 117 14.88 -53.94 -87.73
CA ALA G 117 15.35 -52.95 -88.68
C ALA G 117 15.66 -53.67 -89.99
N GLY G 118 15.80 -52.89 -91.06
CA GLY G 118 16.06 -53.45 -92.38
C GLY G 118 17.53 -53.42 -92.76
N SER G 119 18.16 -52.27 -92.58
CA SER G 119 19.55 -52.09 -93.01
C SER G 119 20.54 -52.69 -92.01
N VAL G 120 21.81 -52.75 -92.43
CA VAL G 120 22.89 -53.25 -91.57
C VAL G 120 23.40 -52.14 -90.64
N GLU G 121 23.45 -50.92 -91.18
CA GLU G 121 23.88 -49.75 -90.41
C GLU G 121 22.95 -49.51 -89.23
N ALA G 122 21.65 -49.69 -89.45
CA ALA G 122 20.65 -49.57 -88.40
C ALA G 122 20.79 -50.70 -87.37
N ALA G 123 20.90 -51.93 -87.86
CA ALA G 123 20.98 -53.12 -87.01
C ALA G 123 22.32 -53.21 -86.26
N ALA G 124 23.27 -52.36 -86.63
CA ALA G 124 24.53 -52.23 -85.89
C ALA G 124 24.40 -51.12 -84.87
N ASN G 125 23.89 -49.97 -85.33
CA ASN G 125 23.68 -48.79 -84.49
C ASN G 125 22.71 -49.02 -83.32
N THR G 126 21.84 -50.04 -83.43
CA THR G 126 20.92 -50.38 -82.33
C THR G 126 21.67 -50.81 -81.06
N VAL G 127 22.25 -52.00 -81.09
CA VAL G 127 22.96 -52.52 -79.91
C VAL G 127 24.30 -51.81 -79.71
N ALA G 128 24.74 -51.05 -80.72
CA ALA G 128 25.85 -50.12 -80.48
C ALA G 128 25.34 -48.96 -79.63
N GLY G 129 24.05 -48.67 -79.75
CA GLY G 129 23.39 -47.70 -78.89
C GLY G 129 23.22 -48.28 -77.49
N THR G 130 22.97 -49.58 -77.43
CA THR G 130 22.99 -50.30 -76.14
C THR G 130 24.40 -50.19 -75.56
N ALA G 131 25.40 -50.24 -76.44
CA ALA G 131 26.80 -50.14 -76.06
C ALA G 131 27.15 -48.73 -75.61
N ARG G 132 26.41 -48.23 -74.63
CA ARG G 132 26.60 -46.90 -74.07
C ARG G 132 26.18 -46.93 -72.61
N SER G 133 25.14 -47.70 -72.32
CA SER G 133 24.64 -47.90 -70.96
C SER G 133 25.46 -48.97 -70.25
N MET G 134 26.03 -49.88 -71.02
CA MET G 134 26.96 -50.88 -70.51
C MET G 134 28.18 -50.16 -69.95
N GLY G 135 28.40 -48.93 -70.40
CA GLY G 135 29.49 -48.10 -69.94
C GLY G 135 30.68 -48.17 -70.88
N VAL G 136 30.40 -48.33 -72.17
CA VAL G 136 31.46 -48.56 -73.15
C VAL G 136 31.48 -47.52 -74.29
N THR G 137 32.69 -47.15 -74.72
CA THR G 137 32.88 -46.19 -75.81
C THR G 137 33.20 -46.91 -77.13
N VAL G 138 32.66 -46.42 -78.23
CA VAL G 138 32.73 -47.12 -79.52
C VAL G 138 33.99 -46.81 -80.34
N GLU G 139 34.67 -47.87 -80.78
CA GLU G 139 35.72 -47.72 -81.78
C GLU G 139 35.05 -47.57 -83.15
N GLY G 140 34.36 -46.45 -83.33
CA GLY G 140 33.60 -46.20 -84.54
C GLY G 140 33.20 -44.74 -84.68
N GLY G 141 32.32 -44.48 -85.65
CA GLY G 141 31.93 -43.13 -86.00
C GLY G 141 32.15 -42.93 -87.48
N PRO G 142 31.97 -41.69 -87.97
CA PRO G 142 32.27 -41.42 -89.38
C PRO G 142 33.75 -41.57 -89.65
N ASN G 143 34.13 -41.58 -90.94
CA ASN G 143 35.54 -41.72 -91.35
C ASN G 143 36.23 -42.96 -90.75
N ALA G 144 37.27 -42.72 -89.94
CA ALA G 144 38.07 -43.78 -89.32
C ALA G 144 38.83 -44.66 -90.33
N LYS H 1 -47.87 27.42 -23.78
CA LYS H 1 -47.89 28.03 -25.12
C LYS H 1 -48.25 27.09 -26.28
N THR H 2 -47.37 26.12 -26.58
CA THR H 2 -47.61 25.17 -27.68
C THR H 2 -48.76 24.21 -27.39
N TYR H 3 -49.46 23.80 -28.45
CA TYR H 3 -50.81 23.21 -28.33
C TYR H 3 -50.91 21.73 -27.90
N ILE H 4 -51.20 21.50 -26.62
CA ILE H 4 -51.40 20.15 -26.07
C ILE H 4 -52.87 19.73 -26.26
N PRO H 5 -53.11 18.71 -27.10
CA PRO H 5 -54.46 18.28 -27.50
C PRO H 5 -55.19 17.33 -26.55
N LYS H 6 -56.24 16.68 -27.05
CA LYS H 6 -57.12 15.81 -26.24
C LYS H 6 -57.57 14.59 -27.07
N ASN H 7 -57.44 13.39 -26.48
CA ASN H 7 -57.38 12.13 -27.23
C ASN H 7 -58.69 11.47 -27.63
N ASP H 8 -59.37 12.06 -28.58
CA ASP H 8 -60.67 11.55 -29.01
C ASP H 8 -60.51 10.25 -29.81
N GLU H 9 -61.15 10.27 -30.97
CA GLU H 9 -60.84 9.40 -32.10
C GLU H 9 -60.71 7.88 -31.83
N GLN H 10 -59.53 7.43 -31.39
CA GLN H 10 -59.20 6.00 -31.36
C GLN H 10 -59.34 5.45 -32.79
N ASN H 11 -58.28 5.51 -33.58
CA ASN H 11 -58.35 5.18 -35.01
C ASN H 11 -57.71 3.83 -35.42
N TRP H 12 -58.40 3.06 -36.26
CA TRP H 12 -58.06 1.64 -36.51
C TRP H 12 -57.62 1.32 -37.94
N VAL H 13 -56.73 0.35 -38.10
CA VAL H 13 -56.28 -0.07 -39.43
C VAL H 13 -55.98 -1.53 -39.61
N VAL H 14 -55.77 -1.91 -40.87
CA VAL H 14 -55.42 -3.27 -41.24
C VAL H 14 -54.12 -3.36 -42.06
N VAL H 15 -53.01 -3.67 -41.39
CA VAL H 15 -51.78 -3.97 -42.10
C VAL H 15 -51.81 -5.43 -42.58
N ASP H 16 -51.72 -5.64 -43.88
CA ASP H 16 -51.60 -6.99 -44.41
C ASP H 16 -50.12 -7.32 -44.53
N ALA H 17 -49.63 -8.25 -43.70
CA ALA H 17 -48.19 -8.49 -43.66
C ALA H 17 -47.73 -9.51 -44.70
N SER H 18 -48.66 -9.97 -45.53
CA SER H 18 -48.36 -10.94 -46.58
C SER H 18 -47.22 -10.48 -47.51
N GLY H 19 -46.07 -11.11 -47.38
CA GLY H 19 -44.96 -10.92 -48.31
C GLY H 19 -44.15 -9.64 -48.14
N VAL H 20 -43.89 -9.28 -46.88
CA VAL H 20 -43.18 -8.04 -46.56
C VAL H 20 -42.06 -8.39 -45.60
N PRO H 21 -40.90 -7.74 -45.73
CA PRO H 21 -39.81 -8.12 -44.82
C PRO H 21 -40.23 -7.75 -43.43
N LEU H 22 -39.65 -8.43 -42.44
CA LEU H 22 -40.12 -8.25 -41.08
C LEU H 22 -39.79 -6.88 -40.58
N GLY H 23 -38.50 -6.56 -40.48
CA GLY H 23 -38.08 -5.24 -40.05
C GLY H 23 -38.84 -4.05 -40.63
N ARG H 24 -39.14 -4.09 -41.92
CA ARG H 24 -39.86 -2.99 -42.56
C ARG H 24 -41.29 -2.79 -42.03
N LEU H 25 -42.11 -3.83 -42.14
CA LEU H 25 -43.47 -3.78 -41.62
C LEU H 25 -43.38 -3.47 -40.15
N ALA H 26 -42.33 -3.99 -39.53
CA ALA H 26 -42.03 -3.74 -38.13
C ALA H 26 -41.95 -2.25 -37.80
N THR H 27 -41.20 -1.48 -38.58
CA THR H 27 -41.13 -0.05 -38.29
C THR H 27 -42.38 0.74 -38.77
N LEU H 28 -43.00 0.29 -39.85
CA LEU H 28 -44.26 0.90 -40.31
C LEU H 28 -45.29 0.87 -39.20
N ILE H 29 -45.53 -0.33 -38.70
CA ILE H 29 -46.47 -0.53 -37.60
C ILE H 29 -46.01 0.11 -36.30
N ALA H 30 -44.73 -0.04 -35.95
CA ALA H 30 -44.18 0.55 -34.73
C ALA H 30 -44.47 2.04 -34.68
N SER H 31 -44.27 2.68 -35.84
CA SER H 31 -44.53 4.13 -36.00
C SER H 31 -46.01 4.50 -35.91
N ARG H 32 -46.87 3.81 -36.67
CA ARG H 32 -48.31 4.06 -36.55
C ARG H 32 -48.76 3.94 -35.11
N ILE H 33 -48.16 3.01 -34.37
CA ILE H 33 -48.47 2.78 -32.95
C ILE H 33 -47.99 3.91 -32.02
N ARG H 34 -46.73 4.28 -32.18
CA ARG H 34 -46.11 5.35 -31.42
C ARG H 34 -46.85 6.66 -31.61
N GLY H 35 -47.42 6.84 -32.79
CA GLY H 35 -48.17 8.03 -33.13
C GLY H 35 -47.53 8.91 -34.19
N LYS H 36 -46.23 8.77 -34.40
CA LYS H 36 -45.50 9.72 -35.27
C LYS H 36 -45.97 9.76 -36.73
N HIS H 37 -47.02 10.57 -36.94
CA HIS H 37 -47.62 10.85 -38.24
C HIS H 37 -48.79 11.76 -37.88
N ARG H 38 -48.83 12.10 -36.60
CA ARG H 38 -49.83 12.96 -36.00
C ARG H 38 -49.19 14.30 -35.77
N PRO H 39 -49.59 15.33 -36.54
CA PRO H 39 -48.86 16.60 -36.40
C PRO H 39 -49.10 17.20 -35.01
N ASP H 40 -50.24 16.88 -34.40
CA ASP H 40 -50.51 17.25 -33.01
C ASP H 40 -49.85 16.29 -32.00
N PHE H 41 -48.83 15.59 -32.50
CA PHE H 41 -48.03 14.60 -31.78
C PHE H 41 -47.67 14.97 -30.34
N THR H 42 -47.86 14.04 -29.42
CA THR H 42 -47.56 14.36 -28.03
C THR H 42 -46.97 13.20 -27.26
N PRO H 43 -45.76 13.41 -26.71
CA PRO H 43 -44.80 12.51 -26.06
C PRO H 43 -45.15 11.92 -24.68
N ASN H 44 -46.13 12.47 -23.98
CA ASN H 44 -46.63 11.80 -22.78
C ASN H 44 -48.06 11.32 -22.91
N MET H 45 -48.50 11.21 -24.17
CA MET H 45 -49.81 10.67 -24.49
C MET H 45 -49.64 9.59 -25.55
N ILE H 46 -50.52 8.62 -25.53
CA ILE H 46 -50.37 7.52 -26.47
C ILE H 46 -51.38 7.71 -27.59
N GLN H 47 -51.14 8.75 -28.36
CA GLN H 47 -52.10 9.17 -29.35
C GLN H 47 -52.35 8.11 -30.41
N GLY H 48 -51.29 7.39 -30.76
CA GLY H 48 -51.26 6.41 -31.85
C GLY H 48 -52.51 5.58 -32.19
N ASP H 49 -52.48 5.00 -33.38
CA ASP H 49 -53.62 4.27 -33.92
C ASP H 49 -53.59 2.82 -33.48
N PHE H 50 -54.67 2.08 -33.71
CA PHE H 50 -54.74 0.64 -33.42
C PHE H 50 -54.42 -0.15 -34.68
N VAL H 51 -53.50 -1.10 -34.56
CA VAL H 51 -53.09 -1.86 -35.74
C VAL H 51 -53.52 -3.31 -35.72
N VAL H 52 -54.28 -3.69 -36.75
CA VAL H 52 -54.66 -5.08 -36.94
C VAL H 52 -53.84 -5.72 -38.04
N VAL H 53 -53.01 -6.69 -37.69
CA VAL H 53 -52.19 -7.35 -38.68
C VAL H 53 -52.84 -8.65 -39.11
N ILE H 54 -53.07 -8.81 -40.41
CA ILE H 54 -53.48 -10.12 -40.92
C ILE H 54 -52.35 -10.82 -41.66
N ASN H 55 -52.45 -12.14 -41.76
CA ASN H 55 -51.45 -12.99 -42.41
C ASN H 55 -50.06 -12.89 -41.82
N ALA H 56 -49.96 -12.76 -40.50
CA ALA H 56 -48.64 -12.78 -39.88
C ALA H 56 -48.01 -14.14 -40.15
N ALA H 57 -48.86 -15.09 -40.55
CA ALA H 57 -48.42 -16.37 -41.08
C ALA H 57 -47.57 -16.21 -42.34
N GLN H 58 -48.01 -15.33 -43.24
CA GLN H 58 -47.36 -15.19 -44.56
C GLN H 58 -46.45 -13.99 -44.70
N VAL H 59 -45.74 -13.64 -43.62
CA VAL H 59 -44.76 -12.56 -43.66
C VAL H 59 -43.58 -13.01 -44.52
N ALA H 60 -42.85 -12.06 -45.07
CA ALA H 60 -41.62 -12.39 -45.77
C ALA H 60 -40.38 -12.24 -44.87
N LEU H 61 -39.64 -13.33 -44.68
CA LEU H 61 -38.32 -13.22 -44.08
C LEU H 61 -37.24 -13.61 -45.11
N THR H 62 -36.27 -12.71 -45.30
CA THR H 62 -35.22 -12.92 -46.29
C THR H 62 -34.27 -14.04 -45.85
N GLY H 63 -34.06 -15.02 -46.71
CA GLY H 63 -33.13 -16.10 -46.43
C GLY H 63 -31.73 -15.62 -46.09
N LYS H 64 -30.93 -16.50 -45.52
CA LYS H 64 -31.38 -17.83 -45.14
C LYS H 64 -32.08 -17.71 -43.78
N LYS H 65 -32.08 -16.48 -43.25
CA LYS H 65 -32.49 -16.15 -41.89
C LYS H 65 -33.36 -17.15 -41.12
N LEU H 66 -34.50 -17.56 -41.68
CA LEU H 66 -35.37 -18.44 -40.91
C LEU H 66 -34.73 -19.80 -40.59
N ASP H 67 -33.48 -19.97 -40.98
CA ASP H 67 -32.69 -21.15 -40.62
C ASP H 67 -31.44 -20.68 -39.89
N ASP H 68 -31.42 -19.39 -39.57
CA ASP H 68 -30.28 -18.75 -38.95
C ASP H 68 -30.76 -17.91 -37.80
N LYS H 69 -31.99 -17.39 -37.96
CA LYS H 69 -32.60 -16.42 -37.05
C LYS H 69 -32.96 -17.06 -35.72
N VAL H 70 -32.11 -16.87 -34.73
CA VAL H 70 -32.38 -17.37 -33.39
C VAL H 70 -33.22 -16.39 -32.56
N TYR H 71 -33.92 -16.96 -31.59
CA TYR H 71 -34.79 -16.26 -30.66
C TYR H 71 -34.46 -16.82 -29.29
N THR H 72 -33.90 -16.02 -28.39
CA THR H 72 -33.45 -16.56 -27.10
C THR H 72 -34.23 -16.12 -25.85
N ARG H 73 -34.99 -17.06 -25.29
CA ARG H 73 -35.91 -16.78 -24.19
C ARG H 73 -35.45 -17.28 -22.82
N TYR H 74 -34.64 -16.51 -22.09
CA TYR H 74 -34.10 -17.02 -20.82
C TYR H 74 -35.10 -17.13 -19.69
N THR H 75 -35.00 -18.20 -18.89
CA THR H 75 -36.08 -18.67 -18.01
C THR H 75 -35.82 -18.62 -16.50
N GLY H 76 -34.63 -18.19 -16.10
CA GLY H 76 -34.32 -18.07 -14.67
C GLY H 76 -33.57 -19.30 -14.25
N TYR H 77 -33.82 -20.32 -15.04
CA TYR H 77 -33.34 -21.64 -14.71
C TYR H 77 -32.14 -22.05 -15.55
N GLN H 78 -31.18 -22.69 -14.91
CA GLN H 78 -29.94 -23.03 -15.55
C GLN H 78 -30.31 -24.00 -16.64
N GLY H 79 -29.81 -23.75 -17.84
CA GLY H 79 -30.16 -24.57 -18.99
C GLY H 79 -31.49 -24.08 -19.49
N GLY H 80 -31.75 -22.83 -19.17
CA GLY H 80 -32.98 -22.19 -19.60
C GLY H 80 -32.83 -21.65 -21.00
N LEU H 81 -31.83 -20.79 -21.21
CA LEU H 81 -31.64 -20.08 -22.44
C LEU H 81 -32.02 -20.92 -23.67
N LYS H 82 -33.33 -21.05 -23.89
CA LYS H 82 -33.86 -21.90 -24.95
C LYS H 82 -33.87 -21.17 -26.28
N THR H 83 -33.95 -21.93 -27.37
CA THR H 83 -33.82 -21.39 -28.72
C THR H 83 -35.05 -21.74 -29.54
N GLU H 84 -35.02 -21.44 -30.83
CA GLU H 84 -36.21 -21.42 -31.67
C GLU H 84 -35.78 -20.82 -33.01
N THR H 85 -35.99 -21.54 -34.11
CA THR H 85 -35.75 -20.90 -35.41
C THR H 85 -36.95 -20.03 -35.76
N ALA H 86 -36.76 -19.13 -36.71
CA ALA H 86 -37.82 -18.24 -37.14
C ALA H 86 -38.96 -19.01 -37.80
N ARG H 87 -38.61 -20.08 -38.51
CA ARG H 87 -39.62 -20.96 -39.11
C ARG H 87 -40.32 -21.77 -38.04
N GLU H 88 -39.58 -22.12 -36.99
CA GLU H 88 -40.15 -22.83 -35.86
C GLU H 88 -41.23 -21.98 -35.26
N ALA H 89 -40.83 -20.85 -34.72
CA ALA H 89 -41.79 -19.91 -34.15
C ALA H 89 -42.89 -19.53 -35.14
N LEU H 90 -42.58 -19.56 -36.45
CA LEU H 90 -43.55 -19.16 -37.47
C LEU H 90 -44.68 -20.19 -37.67
N SER H 91 -44.33 -21.46 -37.68
CA SER H 91 -45.30 -22.55 -37.84
C SER H 91 -46.02 -22.82 -36.51
N LYS H 92 -45.30 -22.56 -35.42
CA LYS H 92 -45.78 -22.71 -34.06
C LYS H 92 -46.87 -21.67 -33.77
N HIS H 93 -46.42 -20.42 -33.74
CA HIS H 93 -47.20 -19.29 -33.28
C HIS H 93 -46.60 -18.01 -33.86
N PRO H 94 -47.01 -17.65 -35.09
CA PRO H 94 -46.42 -16.55 -35.88
C PRO H 94 -46.67 -15.13 -35.34
N GLU H 95 -47.77 -14.92 -34.63
CA GLU H 95 -48.07 -13.59 -34.11
C GLU H 95 -47.06 -13.20 -33.04
N ARG H 96 -46.30 -14.18 -32.55
CA ARG H 96 -45.28 -13.93 -31.54
C ARG H 96 -43.93 -13.61 -32.16
N VAL H 97 -43.86 -13.63 -33.49
CA VAL H 97 -42.68 -13.13 -34.18
C VAL H 97 -42.91 -11.66 -34.39
N ILE H 98 -44.05 -11.36 -35.01
CA ILE H 98 -44.50 -9.99 -35.31
C ILE H 98 -44.61 -9.13 -34.06
N GLU H 99 -45.28 -9.69 -33.06
CA GLU H 99 -45.23 -9.13 -31.72
C GLU H 99 -43.79 -8.87 -31.30
N HIS H 100 -42.95 -9.90 -31.35
CA HIS H 100 -41.58 -9.72 -30.88
C HIS H 100 -40.88 -8.57 -31.57
N ALA H 101 -41.06 -8.46 -32.89
CA ALA H 101 -40.42 -7.42 -33.68
C ALA H 101 -40.90 -6.02 -33.30
N VAL H 102 -42.19 -5.79 -33.49
CA VAL H 102 -42.79 -4.52 -33.14
C VAL H 102 -42.41 -4.06 -31.72
N PHE H 103 -42.19 -5.02 -30.83
CA PHE H 103 -41.99 -4.67 -29.43
C PHE H 103 -40.56 -4.20 -29.09
N GLY H 104 -39.63 -4.40 -30.02
CA GLY H 104 -38.29 -3.89 -29.78
C GLY H 104 -38.25 -2.45 -30.24
N MET H 105 -39.25 -2.11 -31.05
CA MET H 105 -39.34 -0.81 -31.70
C MET H 105 -40.38 0.06 -31.02
N LEU H 106 -40.50 -0.08 -29.70
CA LEU H 106 -41.39 0.78 -28.90
C LEU H 106 -40.79 0.93 -27.49
N PRO H 107 -40.90 2.14 -26.89
CA PRO H 107 -40.14 2.53 -25.70
C PRO H 107 -40.34 1.55 -24.58
N LYS H 108 -39.33 1.39 -23.75
CA LYS H 108 -39.34 0.29 -22.80
C LYS H 108 -39.75 0.72 -21.39
N GLY H 109 -40.42 1.86 -21.28
CA GLY H 109 -40.90 2.35 -20.00
C GLY H 109 -42.37 2.05 -19.84
N ARG H 110 -42.98 2.58 -18.77
CA ARG H 110 -44.41 2.38 -18.48
C ARG H 110 -45.29 2.48 -19.76
N GLN H 111 -45.09 3.59 -20.48
CA GLN H 111 -45.78 3.87 -21.74
C GLN H 111 -45.72 2.71 -22.72
N GLY H 112 -44.56 2.54 -23.34
CA GLY H 112 -44.37 1.52 -24.35
C GLY H 112 -45.04 0.21 -24.03
N ARG H 113 -44.75 -0.32 -22.85
CA ARG H 113 -45.42 -1.50 -22.38
C ARG H 113 -46.89 -1.27 -22.66
N ALA H 114 -47.47 -0.23 -22.07
CA ALA H 114 -48.91 -0.06 -22.23
C ALA H 114 -49.36 0.02 -23.71
N MET H 115 -48.59 0.73 -24.51
CA MET H 115 -48.81 0.77 -25.95
C MET H 115 -48.94 -0.61 -26.59
N HIS H 116 -48.15 -1.61 -26.13
CA HIS H 116 -48.19 -2.96 -26.73
C HIS H 116 -49.59 -3.37 -27.11
N THR H 117 -50.51 -3.11 -26.17
CA THR H 117 -51.93 -3.46 -26.22
C THR H 117 -52.65 -2.96 -27.47
N ARG H 118 -52.13 -1.87 -28.03
CA ARG H 118 -52.66 -1.32 -29.27
C ARG H 118 -52.29 -2.15 -30.48
N LEU H 119 -51.69 -3.31 -30.24
CA LEU H 119 -51.39 -4.26 -31.29
C LEU H 119 -52.34 -5.45 -31.29
N LYS H 120 -52.96 -5.70 -32.43
CA LYS H 120 -53.84 -6.86 -32.61
C LYS H 120 -53.26 -7.69 -33.75
N VAL H 121 -52.87 -8.94 -33.42
CA VAL H 121 -52.04 -9.78 -34.29
C VAL H 121 -52.72 -11.09 -34.69
N TYR H 122 -52.75 -11.38 -35.99
CA TYR H 122 -53.47 -12.54 -36.46
C TYR H 122 -52.70 -13.35 -37.49
N ALA H 123 -53.44 -14.04 -38.34
CA ALA H 123 -52.87 -14.76 -39.47
C ALA H 123 -54.01 -15.05 -40.45
N GLY H 124 -53.65 -15.41 -41.68
CA GLY H 124 -54.63 -15.55 -42.74
C GLY H 124 -55.27 -14.20 -42.96
N GLU H 125 -56.46 -14.16 -43.53
CA GLU H 125 -57.16 -12.89 -43.68
C GLU H 125 -58.45 -12.88 -42.85
N THR H 126 -58.31 -12.82 -41.53
CA THR H 126 -59.46 -12.80 -40.64
C THR H 126 -59.18 -12.13 -39.30
N HIS H 127 -60.08 -11.23 -38.93
CA HIS H 127 -60.03 -10.58 -37.63
C HIS H 127 -61.45 -10.46 -37.10
N PRO H 128 -61.58 -10.40 -35.78
CA PRO H 128 -62.89 -10.30 -35.11
C PRO H 128 -63.25 -8.86 -34.72
N HIS H 129 -62.62 -7.88 -35.36
CA HIS H 129 -62.75 -6.49 -34.95
C HIS H 129 -63.44 -5.67 -36.01
N SER H 130 -64.26 -6.34 -36.80
CA SER H 130 -65.04 -5.71 -37.86
C SER H 130 -65.93 -4.61 -37.29
N ALA H 131 -66.11 -4.63 -35.98
CA ALA H 131 -66.87 -3.62 -35.26
C ALA H 131 -66.06 -2.34 -35.04
N GLN H 132 -64.75 -2.43 -35.28
CA GLN H 132 -63.86 -1.30 -35.01
C GLN H 132 -63.53 -0.58 -36.30
N LYS H 133 -64.11 -1.10 -37.39
CA LYS H 133 -64.04 -0.50 -38.72
C LYS H 133 -62.65 0.05 -39.09
N PRO H 134 -61.66 -0.85 -39.26
CA PRO H 134 -60.27 -0.49 -39.47
C PRO H 134 -59.99 -0.11 -40.92
N GLN H 135 -59.17 0.91 -41.12
CA GLN H 135 -59.15 1.66 -42.37
C GLN H 135 -58.24 1.11 -43.49
N VAL H 136 -57.79 -0.14 -43.38
CA VAL H 136 -56.89 -0.74 -44.38
C VAL H 136 -55.72 0.16 -44.65
N LEU H 137 -54.70 0.11 -43.79
CA LEU H 137 -53.50 0.88 -44.08
C LEU H 137 -52.66 0.11 -45.12
N LYS H 138 -51.66 0.77 -45.71
CA LYS H 138 -50.89 0.18 -46.81
C LYS H 138 -49.42 -0.10 -46.51
N THR H 139 -48.67 -0.39 -47.57
CA THR H 139 -47.23 -0.59 -47.48
C THR H 139 -46.51 0.28 -48.51
N GLN H 140 -45.90 1.35 -48.01
CA GLN H 140 -45.16 2.33 -48.81
C GLN H 140 -43.98 2.80 -47.95
N PRO H 141 -43.16 3.73 -48.48
CA PRO H 141 -42.33 4.60 -47.61
C PRO H 141 -42.87 6.04 -47.56
N LEU H 142 -43.97 6.29 -48.28
CA LEU H 142 -44.58 7.63 -48.39
C LEU H 142 -43.62 8.68 -48.97
N MET I 1 -27.44 -59.16 2.74
CA MET I 1 -26.65 -57.94 2.71
C MET I 1 -25.27 -58.11 3.32
N ILE I 2 -24.33 -58.53 2.47
CA ILE I 2 -22.93 -58.38 2.81
C ILE I 2 -22.24 -57.27 2.09
N MET I 3 -21.40 -56.56 2.85
CA MET I 3 -20.61 -55.50 2.27
C MET I 3 -19.14 -55.60 2.76
N PRO I 4 -18.26 -54.90 2.04
CA PRO I 4 -16.83 -54.80 2.30
C PRO I 4 -16.35 -54.52 3.73
N GLN I 5 -16.43 -55.49 4.62
CA GLN I 5 -15.51 -55.54 5.75
C GLN I 5 -16.03 -56.69 6.54
N SER I 6 -17.07 -57.29 5.96
CA SER I 6 -17.87 -58.36 6.55
C SER I 6 -17.10 -59.70 6.76
N ARG I 7 -16.86 -60.13 7.99
CA ARG I 7 -16.08 -61.36 8.16
C ARG I 7 -16.91 -62.62 8.16
N LEU I 8 -17.43 -63.05 7.01
CA LEU I 8 -18.19 -64.32 6.97
C LEU I 8 -17.33 -65.57 7.20
N ASP I 9 -17.93 -66.62 7.78
CA ASP I 9 -17.26 -67.94 7.85
C ASP I 9 -17.52 -68.79 6.61
N VAL I 10 -16.73 -69.85 6.49
CA VAL I 10 -16.60 -70.59 5.25
C VAL I 10 -17.12 -72.03 5.34
N ALA I 11 -17.86 -72.43 4.31
CA ALA I 11 -18.60 -73.70 4.34
C ALA I 11 -17.81 -74.91 3.81
N ASP I 12 -16.58 -74.66 3.34
CA ASP I 12 -15.80 -75.68 2.64
C ASP I 12 -14.62 -76.26 3.42
N ASN I 13 -14.13 -77.40 2.91
CA ASN I 13 -12.82 -77.96 3.25
C ASN I 13 -11.89 -77.53 2.15
N SER I 14 -11.52 -76.27 2.19
CA SER I 14 -10.60 -75.68 1.23
C SER I 14 -9.60 -74.94 2.10
N GLY I 15 -9.70 -75.18 3.41
CA GLY I 15 -8.74 -74.65 4.36
C GLY I 15 -8.96 -73.24 4.85
N ALA I 16 -9.94 -72.51 4.28
CA ALA I 16 -10.18 -71.15 4.77
C ALA I 16 -11.05 -71.24 5.99
N ARG I 17 -10.50 -70.84 7.13
CA ARG I 17 -11.27 -70.86 8.35
C ARG I 17 -12.25 -69.67 8.33
N GLU I 18 -11.70 -68.47 8.11
CA GLU I 18 -12.48 -67.24 8.14
C GLU I 18 -11.97 -66.20 7.13
N ILE I 19 -12.88 -65.74 6.27
CA ILE I 19 -12.58 -64.88 5.13
C ILE I 19 -13.30 -63.55 5.36
N MET I 20 -12.68 -62.41 5.02
CA MET I 20 -13.34 -61.07 5.10
C MET I 20 -13.62 -60.38 3.74
N CYS I 21 -14.82 -59.81 3.55
CA CYS I 21 -15.20 -59.40 2.22
C CYS I 21 -14.31 -58.29 1.74
N ILE I 22 -14.46 -57.87 0.47
CA ILE I 22 -13.60 -56.83 -0.06
C ILE I 22 -14.06 -56.14 -1.34
N ARG I 23 -14.98 -56.75 -2.05
CA ARG I 23 -15.70 -56.06 -3.12
C ARG I 23 -16.91 -56.88 -3.30
N VAL I 24 -17.76 -56.56 -4.26
CA VAL I 24 -19.01 -57.32 -4.38
C VAL I 24 -19.29 -57.89 -5.77
N LEU I 25 -19.21 -57.07 -6.79
CA LEU I 25 -19.46 -57.56 -8.15
C LEU I 25 -20.86 -58.16 -8.33
N ASN I 26 -21.19 -58.49 -9.56
CA ASN I 26 -22.57 -58.81 -9.83
C ASN I 26 -22.73 -59.69 -11.06
N SER I 27 -21.71 -60.50 -11.25
CA SER I 27 -21.66 -61.52 -12.29
C SER I 27 -22.63 -62.66 -11.99
N GLY I 28 -23.33 -63.13 -13.02
CA GLY I 28 -24.05 -64.39 -12.91
C GLY I 28 -23.05 -65.54 -12.80
N ILE I 29 -22.87 -66.27 -13.92
CA ILE I 29 -22.20 -67.58 -14.03
C ILE I 29 -22.77 -68.23 -15.29
N GLY I 30 -22.33 -67.70 -16.43
CA GLY I 30 -22.94 -68.02 -17.72
C GLY I 30 -22.01 -68.03 -18.93
N GLY I 31 -22.31 -68.95 -19.84
CA GLY I 31 -21.51 -69.16 -21.03
C GLY I 31 -20.26 -69.94 -20.74
N LYS I 32 -19.12 -69.24 -20.86
CA LYS I 32 -17.81 -69.85 -20.64
C LYS I 32 -17.52 -70.09 -19.15
N GLY I 33 -17.14 -69.04 -18.43
CA GLY I 33 -17.08 -69.16 -16.98
C GLY I 33 -18.01 -68.19 -16.28
N LEU I 34 -17.62 -67.77 -15.08
CA LEU I 34 -18.23 -66.63 -14.44
C LEU I 34 -18.25 -65.40 -15.37
N THR I 35 -19.09 -64.40 -15.08
CA THR I 35 -19.04 -63.15 -15.87
C THR I 35 -18.43 -61.93 -15.17
N THR I 36 -18.68 -60.79 -15.80
CA THR I 36 -18.22 -59.51 -15.30
C THR I 36 -19.38 -58.51 -15.19
N GLY I 37 -19.28 -57.67 -14.14
CA GLY I 37 -20.41 -57.14 -13.38
C GLY I 37 -21.56 -56.41 -14.03
N GLY I 38 -22.69 -56.34 -13.29
CA GLY I 38 -23.81 -55.43 -13.59
C GLY I 38 -23.10 -54.12 -13.78
N GLY I 39 -22.41 -53.68 -12.73
CA GLY I 39 -21.49 -52.59 -12.92
C GLY I 39 -20.60 -52.38 -11.73
N GLY I 40 -20.31 -51.10 -11.48
CA GLY I 40 -19.45 -50.67 -10.39
C GLY I 40 -20.03 -51.01 -9.05
N ASN I 41 -20.93 -50.14 -8.57
CA ASN I 41 -21.83 -50.33 -7.41
C ASN I 41 -22.22 -51.74 -6.91
N LYS I 42 -23.53 -51.96 -6.82
CA LYS I 42 -24.05 -53.00 -5.98
C LYS I 42 -23.30 -52.99 -4.65
N ARG I 43 -23.83 -52.27 -3.68
CA ARG I 43 -23.10 -52.06 -2.44
C ARG I 43 -23.31 -53.19 -1.44
N TYR I 44 -24.16 -54.16 -1.79
CA TYR I 44 -24.47 -55.30 -0.90
C TYR I 44 -24.44 -56.72 -1.53
N ALA I 45 -24.15 -57.73 -0.70
CA ALA I 45 -24.12 -59.10 -1.17
C ALA I 45 -25.06 -59.91 -0.37
N HIS I 46 -26.04 -60.51 -1.04
CA HIS I 46 -26.90 -61.48 -0.39
C HIS I 46 -27.12 -62.81 -1.15
N VAL I 47 -26.76 -63.91 -0.46
CA VAL I 47 -26.99 -65.31 -0.86
C VAL I 47 -27.00 -65.60 -2.37
N GLY I 48 -25.81 -65.91 -2.88
CA GLY I 48 -25.71 -66.38 -4.24
C GLY I 48 -25.31 -65.32 -5.23
N ASP I 49 -24.99 -64.15 -4.69
CA ASP I 49 -24.26 -63.14 -5.44
C ASP I 49 -22.85 -63.57 -5.12
N ILE I 50 -21.86 -63.11 -5.90
CA ILE I 50 -20.46 -63.40 -5.61
C ILE I 50 -19.87 -62.24 -4.84
N ILE I 51 -18.81 -62.47 -4.08
CA ILE I 51 -18.13 -61.38 -3.42
C ILE I 51 -16.68 -61.73 -3.67
N VAL I 52 -15.85 -60.74 -3.99
CA VAL I 52 -14.40 -60.89 -3.91
C VAL I 52 -13.97 -60.76 -2.45
N ALA I 53 -12.98 -61.51 -1.99
CA ALA I 53 -12.68 -61.42 -0.56
C ALA I 53 -11.28 -61.79 -0.22
N SER I 54 -10.78 -61.24 0.87
CA SER I 54 -9.43 -61.51 1.27
C SER I 54 -9.57 -62.53 2.34
N VAL I 55 -8.51 -63.29 2.57
CA VAL I 55 -8.58 -64.42 3.50
C VAL I 55 -8.07 -64.07 4.90
N LYS I 56 -8.87 -64.28 5.92
CA LYS I 56 -8.45 -63.76 7.21
C LYS I 56 -7.89 -64.83 8.12
N ASP I 57 -8.46 -66.03 8.01
CA ASP I 57 -7.99 -67.19 8.77
C ASP I 57 -7.96 -68.58 8.04
N ALA I 58 -6.97 -69.42 8.33
CA ALA I 58 -6.89 -70.70 7.63
C ALA I 58 -6.37 -71.85 8.46
N ALA I 59 -6.60 -73.06 7.93
CA ALA I 59 -6.13 -74.33 8.54
C ALA I 59 -4.61 -74.49 8.42
N PRO I 60 -3.93 -74.85 9.53
CA PRO I 60 -2.47 -74.98 9.56
C PRO I 60 -1.97 -76.13 8.70
N ARG I 61 -2.38 -76.14 7.43
CA ARG I 61 -2.41 -77.29 6.52
C ARG I 61 -3.71 -77.24 5.72
N GLY I 62 -3.66 -76.92 4.45
CA GLY I 62 -4.84 -77.04 3.63
C GLY I 62 -4.53 -76.35 2.34
N ALA I 63 -5.42 -76.49 1.34
CA ALA I 63 -5.20 -75.92 0.00
C ALA I 63 -4.77 -74.45 0.05
N VAL I 64 -5.69 -73.61 0.56
CA VAL I 64 -5.67 -72.14 0.52
C VAL I 64 -5.20 -71.50 1.84
N LYS I 65 -4.27 -70.53 1.77
CA LYS I 65 -3.65 -70.02 3.01
C LYS I 65 -4.08 -68.62 3.58
N ALA I 66 -3.51 -68.30 4.74
CA ALA I 66 -3.68 -67.03 5.45
C ALA I 66 -3.24 -65.77 4.69
N GLY I 67 -4.07 -65.28 3.76
CA GLY I 67 -3.79 -64.01 3.12
C GLY I 67 -4.18 -64.07 1.66
N ASP I 68 -4.75 -65.21 1.32
CA ASP I 68 -4.79 -65.65 -0.06
C ASP I 68 -5.78 -64.94 -1.01
N VAL I 69 -6.52 -63.95 -0.54
CA VAL I 69 -7.48 -63.29 -1.42
C VAL I 69 -8.61 -64.26 -1.89
N VAL I 70 -8.96 -64.10 -3.18
CA VAL I 70 -9.82 -65.04 -3.89
C VAL I 70 -11.31 -65.04 -3.57
N LYS I 71 -12.05 -64.63 -4.60
CA LYS I 71 -13.49 -64.80 -4.74
C LYS I 71 -14.14 -65.96 -3.98
N ALA I 72 -15.29 -65.66 -3.34
CA ALA I 72 -16.17 -66.62 -2.63
C ALA I 72 -17.63 -66.39 -3.09
N VAL I 73 -18.51 -67.38 -2.88
CA VAL I 73 -19.96 -67.20 -3.11
C VAL I 73 -20.74 -67.45 -1.83
N VAL I 74 -21.71 -66.57 -1.56
CA VAL I 74 -22.42 -66.56 -0.29
C VAL I 74 -23.38 -67.73 -0.13
N VAL I 75 -23.56 -68.18 1.11
CA VAL I 75 -24.53 -69.25 1.33
C VAL I 75 -25.45 -68.99 2.53
N ARG I 76 -24.99 -68.16 3.48
CA ARG I 76 -25.75 -67.90 4.70
C ARG I 76 -25.87 -66.43 5.18
N THR I 77 -26.69 -65.61 4.50
CA THR I 77 -27.04 -64.29 5.01
C THR I 77 -27.68 -64.40 6.40
N SER I 78 -27.05 -63.83 7.44
CA SER I 78 -27.78 -63.57 8.70
C SER I 78 -28.98 -62.67 8.47
N HIS I 79 -28.95 -61.94 7.36
CA HIS I 79 -30.09 -61.18 6.86
C HIS I 79 -31.25 -62.11 6.54
N ALA I 80 -32.23 -61.64 5.79
CA ALA I 80 -33.38 -62.48 5.52
C ALA I 80 -33.73 -62.54 4.06
N ILE I 81 -34.21 -63.70 3.65
CA ILE I 81 -34.44 -63.98 2.25
C ILE I 81 -35.89 -64.25 1.96
N LYS I 82 -36.46 -63.42 1.11
CA LYS I 82 -37.87 -63.56 0.85
C LYS I 82 -38.09 -64.30 -0.47
N ARG I 83 -38.71 -65.46 -0.39
CA ARG I 83 -38.98 -66.23 -1.58
C ARG I 83 -40.40 -65.95 -2.00
N ALA I 84 -40.63 -65.80 -3.29
CA ALA I 84 -41.94 -65.46 -3.85
C ALA I 84 -43.15 -66.38 -3.48
N ASP I 85 -43.31 -66.64 -2.20
CA ASP I 85 -44.56 -67.13 -1.72
C ASP I 85 -44.85 -66.30 -0.46
N GLY I 86 -43.80 -65.82 0.19
CA GLY I 86 -43.90 -65.15 1.46
C GLY I 86 -42.93 -65.79 2.45
N SER I 87 -42.55 -67.02 2.18
CA SER I 87 -41.60 -67.73 3.01
C SER I 87 -40.36 -66.85 3.21
N THR I 88 -39.82 -66.89 4.42
CA THR I 88 -38.61 -66.12 4.74
C THR I 88 -37.58 -67.03 5.40
N ILE I 89 -36.32 -66.87 5.07
CA ILE I 89 -35.32 -67.69 5.74
C ILE I 89 -34.39 -66.77 6.44
N ARG I 90 -33.47 -67.33 7.20
CA ARG I 90 -32.50 -66.56 7.94
C ARG I 90 -31.59 -67.54 8.64
N PHE I 91 -30.29 -67.34 8.59
CA PHE I 91 -29.45 -68.25 9.35
C PHE I 91 -28.76 -67.47 10.42
N ASP I 92 -28.54 -68.10 11.57
CA ASP I 92 -27.93 -67.44 12.71
C ASP I 92 -26.54 -66.92 12.44
N ARG I 93 -25.77 -67.65 11.62
CA ARG I 93 -24.42 -67.21 11.31
C ARG I 93 -24.26 -66.96 9.82
N ASN I 94 -23.44 -65.97 9.48
CA ASN I 94 -23.08 -65.59 8.10
C ASN I 94 -21.98 -66.47 7.43
N ALA I 95 -22.22 -67.06 6.25
CA ALA I 95 -21.18 -67.94 5.68
C ALA I 95 -21.09 -68.05 4.16
N ALA I 96 -19.89 -68.36 3.68
CA ALA I 96 -19.65 -68.59 2.24
C ALA I 96 -18.72 -69.77 1.85
N VAL I 97 -18.75 -70.11 0.56
CA VAL I 97 -17.93 -71.16 -0.04
C VAL I 97 -16.87 -70.47 -0.91
N ILE I 98 -15.59 -70.86 -0.89
CA ILE I 98 -14.56 -70.23 -1.76
C ILE I 98 -14.62 -70.82 -3.14
N ILE I 99 -14.30 -70.09 -4.20
CA ILE I 99 -14.44 -70.72 -5.50
C ILE I 99 -13.39 -70.36 -6.53
N ASN I 100 -13.47 -71.03 -7.68
CA ASN I 100 -12.66 -70.68 -8.85
C ASN I 100 -13.47 -69.97 -9.93
N ASN I 101 -12.81 -69.61 -11.01
CA ASN I 101 -13.37 -68.68 -11.97
C ASN I 101 -14.35 -69.28 -12.99
N GLN I 102 -14.71 -70.55 -12.78
CA GLN I 102 -15.68 -71.24 -13.64
C GLN I 102 -16.84 -71.58 -12.73
N GLY I 103 -16.62 -71.28 -11.45
CA GLY I 103 -17.70 -71.32 -10.51
C GLY I 103 -17.49 -72.24 -9.34
N GLU I 104 -17.29 -73.52 -9.61
CA GLU I 104 -17.38 -74.55 -8.57
C GLU I 104 -16.26 -74.49 -7.53
N PRO I 105 -16.42 -75.20 -6.41
CA PRO I 105 -15.58 -74.81 -5.28
C PRO I 105 -14.21 -75.45 -5.15
N ARG I 106 -13.29 -74.67 -4.57
CA ARG I 106 -12.01 -75.17 -4.05
C ARG I 106 -12.20 -76.17 -2.92
N GLY I 107 -13.43 -76.36 -2.51
CA GLY I 107 -13.71 -77.38 -1.53
C GLY I 107 -13.87 -78.76 -2.12
N THR I 108 -13.96 -79.73 -1.23
CA THR I 108 -14.30 -81.08 -1.59
C THR I 108 -15.77 -81.30 -1.18
N ARG I 109 -16.27 -80.38 -0.35
CA ARG I 109 -17.71 -80.31 -0.01
C ARG I 109 -18.21 -79.00 0.65
N VAL I 110 -19.27 -79.13 1.43
CA VAL I 110 -19.92 -77.97 2.03
C VAL I 110 -20.37 -78.37 3.43
N PHE I 111 -20.26 -77.43 4.38
CA PHE I 111 -20.76 -77.63 5.76
C PHE I 111 -21.98 -76.73 6.01
N GLY I 112 -23.06 -77.28 6.55
CA GLY I 112 -24.21 -76.46 6.90
C GLY I 112 -25.08 -76.27 5.67
N PRO I 113 -26.28 -75.73 5.84
CA PRO I 113 -27.14 -75.78 4.66
C PRO I 113 -26.80 -74.70 3.65
N VAL I 114 -27.53 -74.71 2.55
CA VAL I 114 -27.47 -73.60 1.62
C VAL I 114 -28.86 -73.18 1.17
N ALA I 115 -28.99 -71.95 0.72
CA ALA I 115 -30.31 -71.48 0.31
C ALA I 115 -30.60 -71.83 -1.12
N ARG I 116 -31.76 -72.46 -1.30
CA ARG I 116 -32.31 -72.81 -2.61
C ARG I 116 -32.10 -71.77 -3.72
N GLU I 117 -31.53 -70.63 -3.41
CA GLU I 117 -31.39 -69.65 -4.47
C GLU I 117 -30.09 -69.93 -5.20
N LEU I 118 -29.18 -70.64 -4.54
CA LEU I 118 -27.95 -71.04 -5.21
C LEU I 118 -28.33 -71.90 -6.39
N ARG I 119 -29.34 -72.74 -6.18
CA ARG I 119 -29.98 -73.50 -7.23
C ARG I 119 -30.62 -72.66 -8.30
N ASP I 120 -31.23 -71.55 -7.90
CA ASP I 120 -31.82 -70.61 -8.86
C ASP I 120 -30.76 -70.21 -9.87
N ARG I 121 -29.61 -69.78 -9.35
CA ARG I 121 -28.58 -69.12 -10.16
C ARG I 121 -27.49 -70.09 -10.58
N ARG I 122 -27.91 -71.33 -10.83
CA ARG I 122 -27.08 -72.36 -11.45
C ARG I 122 -25.70 -72.55 -10.83
N PHE I 123 -25.63 -72.77 -9.52
CA PHE I 123 -24.38 -73.17 -8.90
C PHE I 123 -24.50 -74.64 -8.53
N MET I 124 -24.85 -75.44 -9.56
CA MET I 124 -24.99 -76.92 -9.49
C MET I 124 -24.16 -77.57 -8.43
N LYS I 125 -22.85 -77.54 -8.67
CA LYS I 125 -21.90 -78.22 -7.82
C LYS I 125 -21.97 -77.89 -6.31
N ILE I 126 -22.00 -76.60 -5.97
CA ILE I 126 -22.09 -76.22 -4.57
C ILE I 126 -23.38 -76.72 -3.95
N VAL I 127 -24.46 -76.63 -4.75
CA VAL I 127 -25.76 -77.16 -4.34
C VAL I 127 -25.66 -78.67 -4.05
N SER I 128 -24.80 -79.36 -4.79
CA SER I 128 -24.59 -80.78 -4.62
C SER I 128 -23.80 -81.15 -3.35
N LEU I 129 -22.65 -80.51 -3.16
CA LEU I 129 -21.91 -80.64 -1.90
C LEU I 129 -22.70 -80.30 -0.61
N ALA I 130 -23.77 -79.52 -0.78
CA ALA I 130 -24.61 -79.03 0.32
C ALA I 130 -25.37 -80.11 1.09
N PRO I 131 -25.09 -80.22 2.39
CA PRO I 131 -25.65 -81.26 3.26
C PRO I 131 -27.17 -81.16 3.30
N GLU I 132 -27.69 -79.92 3.27
CA GLU I 132 -29.13 -79.57 3.15
C GLU I 132 -29.35 -78.33 2.28
N VAL I 133 -30.26 -78.45 1.31
CA VAL I 133 -30.67 -77.32 0.48
C VAL I 133 -32.05 -76.90 0.93
N LEU I 134 -32.12 -76.09 1.98
CA LEU I 134 -33.41 -75.61 2.50
C LEU I 134 -34.24 -74.81 1.47
N HIS J 1 -21.30 60.23 17.96
CA HIS J 1 -21.77 59.27 16.96
C HIS J 1 -21.73 59.83 15.55
N ASP J 2 -21.68 61.15 15.48
CA ASP J 2 -21.64 61.89 14.22
C ASP J 2 -20.74 61.18 13.21
N LEU J 3 -19.54 60.87 13.67
CA LEU J 3 -18.34 60.66 12.85
C LEU J 3 -18.29 59.37 12.03
N LYS J 4 -17.12 59.14 11.45
CA LYS J 4 -16.87 58.09 10.48
C LYS J 4 -15.36 57.92 10.36
N PRO J 5 -14.88 56.75 9.87
CA PRO J 5 -13.46 56.44 9.85
C PRO J 5 -12.85 56.66 8.47
N THR J 6 -11.57 56.97 8.44
CA THR J 6 -10.90 57.33 7.20
C THR J 6 -10.95 56.16 6.23
N PRO J 7 -11.54 56.35 5.04
CA PRO J 7 -11.64 55.31 3.99
C PRO J 7 -10.33 54.56 3.74
N GLY J 8 -10.26 53.32 4.21
CA GLY J 8 -9.08 52.48 4.06
C GLY J 8 -8.15 52.51 5.26
N SER J 9 -8.60 53.07 6.38
CA SER J 9 -7.72 53.25 7.53
C SER J 9 -7.88 52.13 8.54
N ARG J 10 -8.90 51.31 8.29
CA ARG J 10 -9.13 50.08 9.06
C ARG J 10 -9.61 48.95 8.14
N LYS J 11 -8.76 47.94 7.94
CA LYS J 11 -9.09 46.77 7.14
C LYS J 11 -9.64 45.68 8.06
N ASP J 12 -10.78 45.08 7.69
CA ASP J 12 -11.37 43.98 8.47
C ASP J 12 -10.52 42.72 8.27
N ARG J 13 -10.18 42.05 9.37
CA ARG J 13 -9.22 40.94 9.32
C ARG J 13 -9.61 39.74 8.46
N LYS J 14 -8.80 38.70 8.51
CA LYS J 14 -9.17 37.46 7.88
C LYS J 14 -9.51 36.37 8.92
N ARG J 15 -10.70 35.79 8.75
CA ARG J 15 -11.18 34.68 9.56
C ARG J 15 -11.29 33.56 8.55
N VAL J 16 -10.29 32.69 8.58
CA VAL J 16 -10.08 31.69 7.56
C VAL J 16 -10.89 30.46 7.95
N GLY J 17 -11.28 29.66 6.96
CA GLY J 17 -12.26 28.59 7.17
C GLY J 17 -13.59 29.09 6.62
N ARG J 18 -14.69 28.78 7.29
CA ARG J 18 -15.99 29.41 7.01
C ARG J 18 -16.50 29.50 5.56
N GLY J 19 -16.96 28.37 5.01
CA GLY J 19 -17.68 28.34 3.74
C GLY J 19 -16.80 28.01 2.57
N PRO J 20 -17.38 27.85 1.36
CA PRO J 20 -16.62 27.81 0.11
C PRO J 20 -16.47 29.21 -0.49
N GLY J 21 -17.13 30.21 0.13
CA GLY J 21 -17.17 31.59 -0.34
C GLY J 21 -15.95 32.07 -1.13
N GLY J 22 -14.83 32.26 -0.42
CA GLY J 22 -14.69 31.94 0.98
C GLY J 22 -13.43 31.14 1.01
N THR J 23 -12.79 31.02 2.16
CA THR J 23 -11.63 30.13 2.22
C THR J 23 -11.94 28.72 2.78
N ASP J 24 -12.51 27.87 1.92
CA ASP J 24 -12.93 26.50 2.22
C ASP J 24 -11.78 25.76 2.86
N LYS J 25 -12.10 24.90 3.82
CA LYS J 25 -11.18 23.85 4.29
C LYS J 25 -9.81 24.35 4.70
N THR J 26 -8.84 23.45 4.60
CA THR J 26 -7.42 23.76 4.44
C THR J 26 -6.88 25.05 5.12
N ALA J 27 -7.57 26.18 4.92
CA ALA J 27 -7.24 27.47 5.52
C ALA J 27 -5.97 28.12 4.93
N GLY J 28 -5.85 28.06 3.61
CA GLY J 28 -4.68 28.62 2.94
C GLY J 28 -3.61 27.57 2.78
N ARG J 29 -3.74 26.49 3.53
CA ARG J 29 -2.61 25.60 3.78
C ARG J 29 -2.39 24.51 2.72
N GLY J 30 -3.41 24.26 1.90
CA GLY J 30 -3.34 23.22 0.90
C GLY J 30 -3.61 21.80 1.45
N HIS J 31 -2.93 20.81 0.88
CA HIS J 31 -3.24 19.47 1.28
C HIS J 31 -1.99 18.83 1.82
N LYS J 32 -1.95 18.72 3.14
CA LYS J 32 -0.91 18.00 3.89
C LYS J 32 0.34 18.85 3.90
N GLY J 33 1.37 18.33 4.51
CA GLY J 33 2.63 19.05 4.52
C GLY J 33 3.02 19.18 5.96
N GLN J 34 4.27 19.55 6.20
CA GLN J 34 4.71 19.77 7.57
C GLN J 34 4.18 21.13 7.96
N LYS J 35 3.96 21.94 6.94
CA LYS J 35 3.42 23.27 7.10
C LYS J 35 1.98 23.18 7.63
N SER J 36 1.30 22.07 7.27
CA SER J 36 -0.11 21.86 7.60
C SER J 36 -0.40 21.80 9.09
N ARG J 37 0.66 21.74 9.89
CA ARG J 37 0.51 21.24 11.24
C ARG J 37 0.44 22.28 12.33
N SER J 38 -0.63 22.26 13.11
CA SER J 38 -0.63 23.00 14.35
C SER J 38 0.56 22.60 15.25
N GLY J 39 1.64 23.33 15.07
CA GLY J 39 2.87 23.15 15.82
C GLY J 39 3.82 24.31 15.57
N ALA J 40 4.49 24.77 16.61
CA ALA J 40 5.43 25.89 16.45
C ALA J 40 6.65 25.39 15.73
N GLY J 41 7.67 26.24 15.66
CA GLY J 41 9.01 25.81 15.28
C GLY J 41 9.17 25.19 13.91
N LYS J 42 9.95 25.83 13.06
CA LYS J 42 10.20 25.29 11.73
C LYS J 42 11.64 25.43 11.23
N GLY J 43 12.27 26.62 11.26
CA GLY J 43 11.70 27.90 11.62
C GLY J 43 11.80 28.84 10.42
N ALA J 44 12.89 29.60 10.33
CA ALA J 44 13.09 30.55 9.23
C ALA J 44 14.45 30.41 8.52
N PHE J 45 15.41 29.81 9.21
CA PHE J 45 16.75 29.64 8.66
C PHE J 45 16.98 28.16 8.40
N PHE J 46 15.95 27.35 8.68
CA PHE J 46 16.00 25.91 8.42
C PHE J 46 15.76 25.59 6.96
N GLU J 47 16.81 25.69 6.16
CA GLU J 47 16.76 25.19 4.79
C GLU J 47 17.07 23.69 4.71
N GLY J 48 16.21 22.97 3.99
CA GLY J 48 16.31 21.52 3.77
C GLY J 48 16.15 20.65 5.02
N GLY J 49 16.88 19.54 5.03
CA GLY J 49 17.33 18.95 6.28
C GLY J 49 18.64 19.66 6.51
N ARG J 50 19.69 19.09 5.92
CA ARG J 50 20.85 19.83 5.40
C ARG J 50 21.85 20.52 6.34
N SER J 51 22.71 21.30 5.70
CA SER J 51 23.69 22.19 6.30
C SER J 51 23.54 23.53 5.58
N ARG J 52 23.50 24.63 6.34
CA ARG J 52 23.16 25.94 5.78
C ARG J 52 24.34 26.78 5.20
N LEU J 53 24.05 27.57 4.17
CA LEU J 53 24.94 28.66 3.73
C LEU J 53 25.50 29.26 4.98
N ILE J 54 24.58 29.78 5.78
CA ILE J 54 24.81 30.28 7.14
C ILE J 54 25.99 29.70 7.88
N ALA J 55 26.16 28.38 7.82
CA ALA J 55 27.26 27.74 8.51
C ALA J 55 28.23 27.13 7.52
N ARG J 56 27.96 27.32 6.24
CA ARG J 56 28.88 26.87 5.19
C ARG J 56 30.03 27.86 4.92
N LEU J 57 29.94 29.04 5.56
CA LEU J 57 30.76 30.21 5.20
C LEU J 57 31.86 30.60 6.20
N PRO J 58 32.91 31.25 5.68
CA PRO J 58 34.04 31.75 6.48
C PRO J 58 33.65 32.80 7.52
N LYS J 59 33.98 32.52 8.77
CA LYS J 59 33.86 33.48 9.85
C LYS J 59 35.07 34.42 9.82
N ARG J 60 34.92 35.62 9.25
CA ARG J 60 36.04 36.55 9.18
C ARG J 60 36.07 37.56 10.32
N GLY J 61 37.25 37.75 10.87
CA GLY J 61 37.46 38.80 11.86
C GLY J 61 36.93 38.42 13.21
N PHE J 62 36.30 39.39 13.85
CA PHE J 62 35.77 39.19 15.19
C PHE J 62 34.65 40.19 15.51
N ASN J 63 34.90 41.03 16.50
CA ASN J 63 33.95 42.03 16.96
C ASN J 63 34.62 42.95 17.98
N ASN J 64 35.06 44.12 17.54
CA ASN J 64 35.48 45.17 18.46
C ASN J 64 34.38 46.21 18.50
N VAL J 65 34.13 46.75 19.68
CA VAL J 65 33.21 47.87 19.80
C VAL J 65 33.91 49.13 19.27
N GLY J 66 34.65 49.84 20.13
CA GLY J 66 35.39 51.03 19.74
C GLY J 66 34.64 52.33 20.00
N THR J 67 35.33 53.44 19.78
CA THR J 67 34.69 54.74 19.87
C THR J 67 34.11 55.04 18.50
N THR J 68 32.80 55.23 18.42
CA THR J 68 32.18 55.57 17.15
C THR J 68 31.84 57.05 17.16
N TYR J 69 32.09 57.73 16.05
CA TYR J 69 32.02 59.19 16.01
C TYR J 69 30.71 59.79 15.48
N GLU J 70 30.20 60.74 16.24
CA GLU J 70 28.95 61.41 15.92
C GLU J 70 29.10 62.45 14.80
N VAL J 71 28.34 62.24 13.72
CA VAL J 71 28.41 63.10 12.54
C VAL J 71 27.98 64.56 12.78
N VAL J 72 28.82 65.50 12.37
CA VAL J 72 28.35 66.86 12.11
C VAL J 72 28.68 67.24 10.66
N LYS J 73 27.72 67.89 9.99
CA LYS J 73 27.90 68.15 8.57
C LYS J 73 28.21 69.60 8.29
N LEU J 74 28.92 69.83 7.18
CA LEU J 74 29.22 71.17 6.74
C LEU J 74 27.92 71.92 6.50
N SER J 75 27.17 71.50 5.49
CA SER J 75 25.93 72.16 5.09
C SER J 75 24.88 72.27 6.20
N GLN J 76 25.32 72.09 7.45
CA GLN J 76 24.46 72.23 8.61
C GLN J 76 25.00 73.28 9.60
N LEU J 77 26.32 73.43 9.67
CA LEU J 77 26.87 74.59 10.35
C LEU J 77 26.71 75.73 9.36
N GLN J 78 26.81 75.38 8.08
CA GLN J 78 26.62 76.32 6.99
C GLN J 78 25.18 76.74 6.82
N ASP J 79 24.84 77.00 5.56
CA ASP J 79 23.62 77.67 5.13
C ASP J 79 22.98 78.54 6.22
N LEU J 80 21.65 78.52 6.26
CA LEU J 80 20.94 79.44 7.14
C LEU J 80 20.90 78.96 8.60
N GLU J 81 22.08 78.77 9.18
CA GLU J 81 22.20 78.65 10.63
C GLU J 81 22.61 80.01 11.23
N ASP J 82 23.17 80.87 10.38
CA ASP J 82 23.50 82.25 10.75
C ASP J 82 24.35 82.32 12.03
N THR J 83 25.32 81.40 12.11
CA THR J 83 26.25 81.25 13.23
C THR J 83 25.77 81.73 14.61
N THR J 84 25.12 80.84 15.34
CA THR J 84 24.87 81.05 16.77
C THR J 84 26.03 80.38 17.53
N PHE J 85 27.04 79.98 16.77
CA PHE J 85 28.21 79.23 17.23
C PHE J 85 27.88 77.88 17.88
N ASP J 86 28.90 77.06 18.08
CA ASP J 86 28.71 75.67 18.48
C ASP J 86 28.71 75.47 20.00
N ARG J 87 29.55 76.23 20.68
CA ARG J 87 29.54 76.32 22.13
C ARG J 87 29.79 74.97 22.75
N ASP J 88 28.72 74.42 23.31
CA ASP J 88 28.75 73.09 23.90
C ASP J 88 27.33 72.56 23.73
N THR J 89 26.49 72.87 24.71
CA THR J 89 25.08 72.48 24.74
C THR J 89 24.29 73.10 23.59
N LEU J 90 24.89 74.08 22.92
CA LEU J 90 24.16 74.82 21.90
C LEU J 90 23.80 73.96 20.70
N GLU J 91 24.80 73.25 20.16
CA GLU J 91 24.56 72.38 19.02
C GLU J 91 23.62 71.25 19.42
N ALA J 92 23.67 70.87 20.70
CA ALA J 92 22.77 69.86 21.26
C ALA J 92 21.35 70.36 21.16
N TYR J 93 21.11 71.57 21.66
CA TYR J 93 19.81 72.20 21.52
C TYR J 93 19.63 72.74 20.11
N ARG J 94 19.97 71.91 19.13
CA ARG J 94 19.74 72.24 17.73
C ARG J 94 19.48 70.98 16.90
N LEU J 95 20.55 70.28 16.52
CA LEU J 95 20.41 69.08 15.68
C LEU J 95 21.69 68.22 15.62
N VAL J 96 22.15 67.74 16.79
CA VAL J 96 23.20 66.71 16.90
C VAL J 96 23.26 66.06 18.30
N ARG J 97 22.38 65.10 18.55
CA ARG J 97 22.14 64.59 19.91
C ARG J 97 22.37 63.09 20.11
N ARG J 98 23.26 62.78 21.06
CA ARG J 98 23.49 61.40 21.51
C ARG J 98 23.77 61.30 23.03
N LYS J 99 24.91 61.86 23.45
CA LYS J 99 25.58 61.62 24.74
C LYS J 99 26.49 60.40 24.65
N ASN J 100 27.34 60.27 25.67
CA ASN J 100 28.30 59.19 25.77
C ASN J 100 28.96 58.80 24.45
N ARG J 101 29.24 59.80 23.61
CA ARG J 101 30.07 59.63 22.41
C ARG J 101 30.82 60.95 22.11
N PRO J 102 31.88 60.89 21.30
CA PRO J 102 32.52 62.14 20.88
C PRO J 102 32.11 62.59 19.46
N VAL J 103 31.93 63.92 19.29
CA VAL J 103 31.44 64.53 18.06
C VAL J 103 32.53 64.71 17.03
N LYS J 104 32.20 64.46 15.78
CA LYS J 104 33.17 64.64 14.70
C LYS J 104 32.56 65.56 13.68
N LEU J 105 33.38 66.43 13.10
CA LEU J 105 32.95 67.29 12.00
C LEU J 105 33.70 66.95 10.73
N LEU J 106 32.95 66.69 9.67
CA LEU J 106 33.54 66.36 8.39
C LEU J 106 32.79 67.06 7.28
N ALA J 107 33.32 66.95 6.06
CA ALA J 107 32.89 67.77 4.94
C ALA J 107 31.45 67.58 4.46
N SER J 108 31.32 67.32 3.15
CA SER J 108 30.07 67.16 2.39
C SER J 108 29.70 68.36 1.50
N GLY J 109 29.48 69.52 2.12
CA GLY J 109 29.04 70.72 1.40
C GLY J 109 30.13 71.73 1.08
N GLU J 110 29.74 72.99 0.83
CA GLU J 110 30.72 74.03 0.52
C GLU J 110 30.87 75.03 1.69
N ILE J 111 31.78 75.99 1.56
CA ILE J 111 32.08 76.88 2.69
C ILE J 111 32.24 78.38 2.33
N SER J 112 31.69 79.22 3.21
CA SER J 112 31.67 80.66 3.07
C SER J 112 31.95 81.30 4.44
N ARG J 113 30.95 82.05 4.92
CA ARG J 113 30.98 82.79 6.18
C ARG J 113 31.82 82.16 7.30
N ALA J 114 32.51 83.01 8.05
CA ALA J 114 33.50 82.56 9.04
C ALA J 114 32.89 81.97 10.31
N VAL J 115 33.26 80.73 10.64
CA VAL J 115 32.82 80.11 11.89
C VAL J 115 33.93 79.37 12.62
N THR J 116 33.92 79.49 13.95
CA THR J 116 34.80 78.72 14.82
C THR J 116 34.03 77.53 15.37
N VAL J 117 34.66 76.35 15.35
CA VAL J 117 34.02 75.08 15.76
C VAL J 117 34.43 74.61 17.15
N HIS J 118 33.63 73.69 17.71
CA HIS J 118 33.83 73.24 19.08
C HIS J 118 33.71 71.71 19.23
N VAL J 119 34.28 70.97 18.28
CA VAL J 119 34.09 69.52 18.18
C VAL J 119 35.20 68.70 18.84
N ASP J 120 34.91 67.41 19.10
CA ASP J 120 35.84 66.51 19.78
C ASP J 120 36.89 65.99 18.85
N ALA J 121 36.55 65.94 17.55
CA ALA J 121 37.51 65.66 16.49
C ALA J 121 36.96 66.11 15.14
N ALA J 122 37.81 66.10 14.12
CA ALA J 122 37.38 66.47 12.79
C ALA J 122 38.32 65.99 11.68
N SER J 123 37.79 65.99 10.46
CA SER J 123 38.56 65.52 9.31
C SER J 123 39.51 66.61 8.84
N ALA J 124 40.59 66.18 8.20
CA ALA J 124 41.61 67.11 7.70
C ALA J 124 40.99 68.17 6.78
N ALA J 125 40.24 67.71 5.77
CA ALA J 125 39.60 68.60 4.81
C ALA J 125 38.61 69.55 5.47
N ALA J 126 38.14 69.19 6.66
CA ALA J 126 37.20 70.02 7.42
C ALA J 126 37.87 71.22 8.10
N ILE J 127 38.87 70.97 8.95
CA ILE J 127 39.64 72.06 9.53
C ILE J 127 40.21 72.91 8.41
N LYS J 128 40.70 72.24 7.38
CA LYS J 128 41.20 72.92 6.19
C LYS J 128 40.18 73.91 5.61
N ALA J 129 39.03 73.41 5.17
CA ALA J 129 38.08 74.28 4.49
C ALA J 129 37.33 75.26 5.41
N VAL J 130 37.36 75.04 6.71
CA VAL J 130 36.73 76.00 7.64
C VAL J 130 37.69 77.12 8.13
N GLU J 131 38.98 76.83 8.20
CA GLU J 131 39.98 77.87 8.46
C GLU J 131 40.14 78.76 7.23
N ALA J 132 40.19 78.12 6.06
CA ALA J 132 40.30 78.80 4.78
C ALA J 132 39.03 79.59 4.41
N ALA J 133 38.06 79.62 5.31
CA ALA J 133 36.85 80.42 5.13
C ALA J 133 36.60 81.29 6.35
N GLY J 134 37.59 81.36 7.24
CA GLY J 134 37.63 82.36 8.29
C GLY J 134 37.46 81.94 9.75
N GLY J 135 37.63 80.66 10.07
CA GLY J 135 37.36 80.20 11.42
C GLY J 135 38.10 78.96 11.92
N ARG J 136 38.28 78.87 13.23
CA ARG J 136 39.09 77.81 13.83
C ARG J 136 38.37 76.47 14.03
N VAL J 137 38.97 75.61 14.88
CA VAL J 137 38.43 74.32 15.32
C VAL J 137 39.02 73.96 16.70
N VAL J 138 38.18 73.95 17.74
CA VAL J 138 38.64 73.66 19.10
C VAL J 138 38.68 72.15 19.44
N LEU J 139 39.88 71.58 19.40
CA LEU J 139 40.10 70.20 19.79
C LEU J 139 40.56 70.15 21.23
N PRO J 140 39.99 69.24 22.02
CA PRO J 140 40.31 69.19 23.45
C PRO J 140 41.79 68.93 23.72
N GLU J 141 42.17 69.04 24.99
CA GLU J 141 43.56 68.94 25.41
C GLU J 141 44.03 67.50 25.54
N LYS K 1 25.01 -18.43 -39.67
CA LYS K 1 24.76 -18.62 -38.23
C LYS K 1 25.36 -17.49 -37.38
N ARG K 2 25.83 -17.82 -36.18
CA ARG K 2 26.41 -16.84 -35.26
C ARG K 2 27.65 -16.14 -35.82
N THR K 3 28.11 -15.08 -35.16
CA THR K 3 29.32 -14.41 -35.58
C THR K 3 30.53 -14.73 -34.68
N LYS K 4 31.57 -13.89 -34.68
CA LYS K 4 32.86 -14.25 -34.06
C LYS K 4 33.26 -13.47 -32.80
N PHE K 5 33.32 -12.13 -32.89
CA PHE K 5 33.35 -11.24 -31.71
C PHE K 5 32.66 -9.92 -32.08
N ARG K 6 32.43 -9.00 -31.13
CA ARG K 6 31.55 -7.84 -31.41
C ARG K 6 31.44 -6.61 -30.45
N LYS K 7 30.19 -6.19 -30.25
CA LYS K 7 29.80 -5.18 -29.26
C LYS K 7 29.08 -5.78 -28.02
N GLN K 8 27.97 -6.51 -28.26
CA GLN K 8 27.23 -7.42 -27.31
C GLN K 8 25.70 -7.34 -27.32
N PHE K 9 25.19 -6.10 -27.46
CA PHE K 9 23.82 -5.69 -27.13
C PHE K 9 23.12 -4.84 -28.22
N ARG K 10 21.90 -4.33 -27.97
CA ARG K 10 21.12 -3.73 -29.09
C ARG K 10 19.95 -2.77 -28.82
N GLY K 11 18.94 -2.89 -29.69
CA GLY K 11 17.70 -2.14 -29.66
C GLY K 11 16.97 -2.45 -30.97
N ARG K 12 15.98 -1.65 -31.34
CA ARG K 12 15.24 -1.92 -32.59
C ARG K 12 14.43 -0.70 -33.18
N MET K 13 14.12 -0.78 -34.48
CA MET K 13 13.48 0.31 -35.28
C MET K 13 13.17 -0.32 -36.67
N THR K 14 12.34 0.36 -37.49
CA THR K 14 12.07 -0.09 -38.90
C THR K 14 11.66 1.08 -39.92
N GLY K 15 11.11 0.73 -41.08
CA GLY K 15 11.15 1.56 -42.27
C GLY K 15 12.01 0.85 -43.32
N ASP K 16 11.50 0.78 -44.56
CA ASP K 16 11.98 -0.05 -45.71
C ASP K 16 13.47 -0.49 -45.83
N ALA K 17 13.72 -1.45 -46.74
CA ALA K 17 15.00 -2.18 -46.85
C ALA K 17 16.02 -1.65 -47.86
N LYS K 18 17.22 -1.34 -47.39
CA LYS K 18 18.26 -0.68 -48.19
C LYS K 18 18.63 -1.42 -49.48
N GLY K 19 19.61 -2.33 -49.38
CA GLY K 19 19.97 -3.20 -50.48
C GLY K 19 20.40 -4.48 -49.84
N GLY K 20 20.50 -5.56 -50.60
CA GLY K 20 20.42 -5.48 -52.04
C GLY K 20 19.34 -6.28 -52.72
N ASP K 21 18.28 -5.57 -53.06
CA ASP K 21 17.11 -6.06 -53.78
C ASP K 21 17.35 -6.58 -55.22
N TYR K 22 18.54 -7.12 -55.52
CA TYR K 22 18.82 -7.60 -56.88
C TYR K 22 19.40 -9.02 -57.01
N VAL K 23 19.10 -9.63 -58.14
CA VAL K 23 19.42 -11.03 -58.34
C VAL K 23 20.84 -11.28 -58.87
N ALA K 24 21.83 -11.19 -57.97
CA ALA K 24 23.22 -11.58 -58.27
C ALA K 24 23.48 -13.03 -57.88
N PHE K 25 24.65 -13.54 -58.22
CA PHE K 25 25.05 -14.90 -57.85
C PHE K 25 24.19 -16.04 -58.42
N GLY K 26 22.94 -15.75 -58.75
CA GLY K 26 22.03 -16.79 -59.19
C GLY K 26 21.14 -16.37 -60.33
N ASP K 27 20.41 -17.34 -60.86
CA ASP K 27 19.38 -17.08 -61.84
C ASP K 27 18.04 -16.83 -61.14
N TYR K 28 17.76 -17.57 -60.05
CA TYR K 28 16.47 -17.47 -59.33
C TYR K 28 16.59 -16.97 -57.89
N GLY K 29 15.62 -16.16 -57.45
CA GLY K 29 15.77 -15.50 -56.17
C GLY K 29 14.52 -15.15 -55.37
N LEU K 30 14.53 -15.58 -54.10
CA LEU K 30 13.43 -15.39 -53.14
C LEU K 30 13.58 -14.18 -52.21
N ILE K 31 12.46 -13.44 -52.15
CA ILE K 31 12.39 -12.09 -51.61
C ILE K 31 11.27 -11.90 -50.57
N ALA K 32 11.68 -11.50 -49.36
CA ALA K 32 10.82 -11.13 -48.22
C ALA K 32 9.71 -10.10 -48.53
N MET K 33 8.68 -10.02 -47.67
CA MET K 33 7.54 -9.12 -47.85
C MET K 33 7.16 -8.38 -46.56
N GLU K 34 7.81 -8.75 -45.47
CA GLU K 34 7.45 -8.26 -44.14
C GLU K 34 8.72 -7.87 -43.40
N PRO K 35 8.63 -6.86 -42.53
CA PRO K 35 9.75 -6.28 -41.77
C PRO K 35 10.17 -7.12 -40.59
N ALA K 36 10.56 -8.35 -40.87
CA ALA K 36 10.78 -9.33 -39.83
C ALA K 36 12.03 -9.09 -38.96
N TRP K 37 12.36 -10.11 -38.18
CA TRP K 37 13.66 -10.32 -37.59
C TRP K 37 13.90 -11.68 -38.15
N ILE K 38 15.14 -12.18 -38.14
CA ILE K 38 15.36 -13.58 -38.53
C ILE K 38 16.49 -14.17 -37.69
N LYS K 39 16.35 -15.43 -37.28
CA LYS K 39 17.33 -16.07 -36.40
C LYS K 39 18.25 -17.16 -37.00
N SER K 40 19.43 -17.27 -36.41
CA SER K 40 20.45 -18.27 -36.75
C SER K 40 19.86 -19.60 -37.23
N ASN K 41 19.03 -20.16 -36.38
CA ASN K 41 18.33 -21.39 -36.70
C ASN K 41 17.24 -21.18 -37.73
N GLN K 42 16.66 -19.99 -37.77
CA GLN K 42 15.57 -19.76 -38.71
C GLN K 42 16.10 -19.83 -40.13
N ILE K 43 17.38 -19.51 -40.29
CA ILE K 43 17.97 -19.55 -41.62
C ILE K 43 18.69 -20.87 -41.88
N GLU K 44 19.44 -21.37 -40.90
CA GLU K 44 20.04 -22.70 -40.98
C GLU K 44 18.97 -23.73 -41.33
N ALA K 45 17.75 -23.46 -40.88
CA ALA K 45 16.57 -24.18 -41.31
C ALA K 45 16.54 -24.28 -42.82
N CYS K 46 16.36 -23.14 -43.49
CA CYS K 46 16.24 -23.11 -44.95
C CYS K 46 17.48 -23.61 -45.69
N ARG K 47 18.64 -23.45 -45.04
CA ARG K 47 19.88 -24.02 -45.53
C ARG K 47 19.66 -25.50 -45.71
N ILE K 48 19.33 -26.16 -44.61
CA ILE K 48 19.16 -27.62 -44.59
C ILE K 48 17.95 -28.07 -45.40
N VAL K 49 16.95 -27.20 -45.53
CA VAL K 49 15.75 -27.53 -46.30
C VAL K 49 16.06 -27.60 -47.79
N MET K 50 16.48 -26.46 -48.33
CA MET K 50 16.76 -26.38 -49.74
C MET K 50 17.85 -27.38 -50.06
N SER K 51 18.87 -27.45 -49.21
CA SER K 51 19.99 -28.42 -49.36
C SER K 51 19.55 -29.88 -49.29
N ARG K 52 18.39 -30.15 -48.68
CA ARG K 52 17.73 -31.43 -48.91
C ARG K 52 17.34 -31.42 -50.38
N HIS K 53 16.48 -30.48 -50.78
CA HIS K 53 15.83 -30.58 -52.08
C HIS K 53 16.75 -30.68 -53.32
N PHE K 54 17.83 -29.90 -53.35
CA PHE K 54 18.67 -29.80 -54.56
C PHE K 54 19.55 -31.04 -54.84
N ARG K 55 19.69 -31.88 -53.82
CA ARG K 55 20.55 -33.07 -53.84
C ARG K 55 22.07 -32.75 -53.82
N ARG K 56 22.81 -33.09 -54.88
CA ARG K 56 24.25 -32.79 -54.89
C ARG K 56 24.65 -31.83 -56.02
N GLY K 57 24.54 -30.54 -55.76
CA GLY K 57 24.05 -30.02 -54.49
C GLY K 57 23.39 -28.67 -54.69
N GLY K 58 23.53 -28.18 -55.93
CA GLY K 58 23.01 -26.88 -56.36
C GLY K 58 24.05 -25.78 -56.21
N LYS K 59 23.59 -24.54 -56.18
CA LYS K 59 24.44 -23.48 -55.67
C LYS K 59 23.64 -22.43 -54.91
N ILE K 60 23.83 -22.41 -53.59
CA ILE K 60 22.91 -21.77 -52.64
C ILE K 60 23.52 -20.57 -51.92
N TYR K 61 22.86 -19.43 -52.09
CA TYR K 61 23.34 -18.12 -51.63
C TYR K 61 22.41 -17.52 -50.59
N ILE K 62 22.86 -17.61 -49.33
CA ILE K 62 22.16 -17.05 -48.19
C ILE K 62 22.51 -15.58 -48.11
N ARG K 63 21.67 -14.75 -48.73
CA ARG K 63 21.97 -13.32 -48.81
C ARG K 63 21.72 -12.56 -47.51
N ILE K 64 21.22 -13.26 -46.49
CA ILE K 64 21.00 -12.63 -45.21
C ILE K 64 22.00 -13.09 -44.17
N PHE K 65 22.03 -12.38 -43.05
CA PHE K 65 22.94 -12.75 -41.98
C PHE K 65 22.66 -12.08 -40.64
N PRO K 66 22.38 -12.92 -39.61
CA PRO K 66 22.27 -12.57 -38.19
C PRO K 66 23.46 -11.80 -37.65
N ASP K 67 23.23 -10.59 -37.18
CA ASP K 67 24.29 -9.87 -36.51
C ASP K 67 23.78 -9.25 -35.22
N LYS K 68 22.47 -9.35 -35.00
CA LYS K 68 21.78 -8.66 -33.90
C LYS K 68 21.66 -9.47 -32.63
N PRO K 69 22.23 -8.98 -31.53
CA PRO K 69 22.00 -9.69 -30.26
C PRO K 69 20.62 -9.34 -29.65
N VAL K 70 19.76 -10.37 -29.52
CA VAL K 70 18.47 -10.25 -28.83
C VAL K 70 18.55 -10.97 -27.50
N THR K 71 17.98 -10.35 -26.48
CA THR K 71 18.06 -10.89 -25.15
C THR K 71 16.70 -11.34 -24.62
N LYS K 72 16.74 -11.99 -23.47
CA LYS K 72 15.56 -12.29 -22.69
C LYS K 72 16.13 -12.29 -21.28
N LYS K 73 15.44 -11.68 -20.35
CA LYS K 73 15.90 -11.75 -18.98
C LYS K 73 15.83 -13.19 -18.52
N PRO K 74 16.57 -13.54 -17.45
CA PRO K 74 16.27 -14.80 -16.77
C PRO K 74 14.76 -14.89 -16.52
N ALA K 75 14.18 -16.04 -16.82
CA ALA K 75 12.75 -16.24 -16.60
C ALA K 75 12.49 -16.12 -15.11
N GLU K 76 11.45 -15.35 -14.77
CA GLU K 76 10.84 -15.29 -13.43
C GLU K 76 11.30 -14.18 -12.50
N THR K 77 12.21 -13.32 -12.96
CA THR K 77 12.59 -12.13 -12.16
C THR K 77 11.76 -10.90 -12.52
N ARG K 78 11.56 -10.04 -11.52
CA ARG K 78 10.99 -8.72 -11.72
C ARG K 78 12.09 -7.89 -12.38
N MET K 79 11.71 -7.00 -13.31
CA MET K 79 12.69 -6.20 -14.06
C MET K 79 13.66 -5.43 -13.16
N GLY K 80 14.75 -4.97 -13.75
CA GLY K 80 15.79 -4.32 -12.99
C GLY K 80 16.88 -5.30 -12.62
N LYS K 81 18.04 -4.77 -12.23
CA LYS K 81 19.30 -5.51 -12.03
C LYS K 81 20.11 -5.73 -13.36
N GLY K 82 19.44 -5.55 -14.49
CA GLY K 82 20.18 -5.67 -15.74
C GLY K 82 19.42 -5.63 -17.04
N LYS K 83 20.17 -5.94 -18.09
CA LYS K 83 19.60 -6.23 -19.37
C LYS K 83 19.81 -7.71 -19.51
N GLY K 84 18.98 -8.32 -20.34
CA GLY K 84 19.00 -9.77 -20.48
C GLY K 84 20.27 -10.24 -21.12
N ALA K 85 20.74 -11.42 -20.73
CA ALA K 85 21.91 -12.01 -21.39
C ALA K 85 21.55 -12.28 -22.85
N VAL K 86 22.54 -12.53 -23.68
CA VAL K 86 22.19 -12.68 -25.07
C VAL K 86 21.55 -14.02 -25.34
N GLU K 87 20.24 -13.97 -25.56
CA GLU K 87 19.45 -15.15 -25.91
C GLU K 87 19.86 -15.66 -27.27
N TYR K 88 19.57 -14.89 -28.31
CA TYR K 88 19.86 -15.37 -29.66
C TYR K 88 20.26 -14.26 -30.65
N TRP K 89 20.46 -14.63 -31.93
CA TRP K 89 20.95 -13.71 -32.96
C TRP K 89 19.98 -13.50 -34.14
N VAL K 90 20.01 -12.29 -34.69
CA VAL K 90 18.94 -11.91 -35.59
C VAL K 90 19.42 -11.12 -36.81
N SER K 91 18.89 -11.50 -37.97
CA SER K 91 19.07 -10.71 -39.17
C SER K 91 17.82 -9.89 -39.39
N VAL K 92 17.97 -8.59 -39.51
CA VAL K 92 16.85 -7.66 -39.44
C VAL K 92 16.18 -7.42 -40.79
N VAL K 93 16.18 -8.43 -41.66
CA VAL K 93 15.46 -8.46 -42.95
C VAL K 93 14.24 -7.54 -43.11
N LYS K 94 14.34 -6.50 -43.96
CA LYS K 94 13.22 -5.57 -44.27
C LYS K 94 12.65 -5.89 -45.68
N PRO K 95 11.52 -5.25 -46.10
CA PRO K 95 10.85 -5.84 -47.28
C PRO K 95 11.47 -5.46 -48.60
N GLY K 96 11.17 -6.21 -49.66
CA GLY K 96 11.81 -5.99 -50.94
C GLY K 96 13.24 -6.51 -50.95
N ARG K 97 13.87 -6.53 -49.77
CA ARG K 97 15.20 -7.08 -49.57
C ARG K 97 15.18 -8.57 -49.85
N VAL K 98 16.20 -9.05 -50.55
CA VAL K 98 16.19 -10.42 -51.03
C VAL K 98 17.07 -11.31 -50.17
N MET K 99 16.53 -12.45 -49.79
CA MET K 99 17.14 -13.29 -48.78
C MET K 99 17.86 -14.45 -49.39
N PHE K 100 17.29 -15.00 -50.45
CA PHE K 100 17.89 -16.21 -51.02
C PHE K 100 18.08 -16.16 -52.51
N GLU K 101 19.27 -16.53 -52.95
CA GLU K 101 19.51 -16.63 -54.38
C GLU K 101 20.04 -18.02 -54.61
N VAL K 102 19.45 -18.72 -55.57
CA VAL K 102 20.02 -19.98 -56.01
C VAL K 102 19.92 -20.09 -57.50
N ALA K 103 20.80 -20.94 -58.02
CA ALA K 103 20.83 -21.36 -59.40
C ALA K 103 21.56 -22.67 -59.39
N GLY K 104 21.79 -23.21 -60.58
CA GLY K 104 22.49 -24.47 -60.68
C GLY K 104 21.46 -25.56 -60.48
N VAL K 105 20.21 -25.12 -60.59
CA VAL K 105 19.04 -25.98 -60.59
C VAL K 105 18.07 -25.32 -61.56
N THR K 106 16.93 -25.97 -61.83
CA THR K 106 15.98 -25.39 -62.79
C THR K 106 14.90 -24.47 -62.16
N GLU K 107 13.85 -24.19 -62.93
CA GLU K 107 12.75 -23.35 -62.44
C GLU K 107 11.92 -24.10 -61.40
N GLU K 108 11.69 -25.38 -61.63
CA GLU K 108 10.88 -26.16 -60.72
C GLU K 108 11.59 -26.25 -59.40
N GLN K 109 12.90 -26.45 -59.43
CA GLN K 109 13.66 -26.60 -58.21
C GLN K 109 13.66 -25.30 -57.41
N ALA K 110 13.67 -24.19 -58.12
CA ALA K 110 13.60 -22.92 -57.42
C ALA K 110 12.23 -22.75 -56.75
N LYS K 111 11.15 -22.88 -57.54
CA LYS K 111 9.80 -22.84 -57.01
C LYS K 111 9.68 -23.67 -55.74
N GLU K 112 9.88 -24.98 -55.87
CA GLU K 112 9.71 -25.89 -54.73
C GLU K 112 10.69 -25.67 -53.57
N ALA K 113 12.00 -25.64 -53.82
CA ALA K 113 12.98 -25.49 -52.73
C ALA K 113 12.75 -24.18 -51.98
N PHE K 114 12.24 -23.18 -52.71
CA PHE K 114 11.87 -21.91 -52.11
C PHE K 114 10.52 -21.96 -51.37
N ARG K 115 9.63 -22.86 -51.81
CA ARG K 115 8.34 -23.06 -51.16
C ARG K 115 8.55 -23.66 -49.80
N LEU K 116 9.25 -24.78 -49.80
CA LEU K 116 9.66 -25.43 -48.58
C LEU K 116 10.49 -24.49 -47.70
N ALA K 117 11.29 -23.63 -48.32
CA ALA K 117 12.07 -22.66 -47.53
C ALA K 117 11.14 -21.69 -46.81
N GLY K 118 10.19 -21.15 -47.56
CA GLY K 118 9.31 -20.08 -47.06
C GLY K 118 8.20 -20.56 -46.14
N HIS K 119 7.98 -21.87 -46.12
CA HIS K 119 7.10 -22.44 -45.12
C HIS K 119 7.79 -22.58 -43.76
N LYS K 120 9.01 -22.02 -43.64
CA LYS K 120 9.76 -22.05 -42.39
C LYS K 120 9.97 -20.66 -41.77
N LEU K 121 9.22 -19.67 -42.26
CA LEU K 121 9.54 -18.27 -41.96
C LEU K 121 8.32 -17.39 -41.59
N PRO K 122 8.54 -16.32 -40.81
CA PRO K 122 7.48 -15.44 -40.31
C PRO K 122 6.96 -14.48 -41.36
N ILE K 123 7.13 -14.79 -42.63
CA ILE K 123 6.89 -13.79 -43.67
C ILE K 123 6.20 -14.40 -44.88
N GLN K 124 5.30 -13.64 -45.49
CA GLN K 124 4.88 -13.98 -46.85
C GLN K 124 6.08 -13.67 -47.74
N THR K 125 6.18 -14.33 -48.90
CA THR K 125 7.36 -14.19 -49.75
C THR K 125 7.06 -14.33 -51.22
N LYS K 126 7.84 -13.64 -52.05
CA LYS K 126 7.76 -13.84 -53.50
C LYS K 126 9.11 -14.27 -54.12
N MET K 127 9.10 -15.36 -54.89
CA MET K 127 10.28 -15.77 -55.66
C MET K 127 10.24 -15.16 -57.08
N VAL K 128 11.40 -14.86 -57.66
CA VAL K 128 11.48 -14.34 -59.03
C VAL K 128 12.79 -14.66 -59.79
N LYS K 129 13.04 -13.89 -60.87
CA LYS K 129 14.22 -14.05 -61.76
C LYS K 129 14.83 -12.72 -62.27
N ARG K 130 16.13 -12.58 -62.05
CA ARG K 130 16.98 -11.43 -62.48
C ARG K 130 16.34 -10.09 -62.92
N GLU K 131 16.93 -9.50 -63.97
CA GLU K 131 16.57 -8.17 -64.55
C GLU K 131 16.86 -6.91 -63.70
N VAL K 132 16.96 -7.07 -62.38
CA VAL K 132 17.37 -5.96 -61.53
C VAL K 132 18.80 -5.61 -61.87
N TYR K 133 18.93 -4.69 -62.80
CA TYR K 133 20.22 -4.37 -63.40
C TYR K 133 20.64 -2.92 -63.23
N ASP K 134 21.05 -2.61 -62.00
CA ASP K 134 21.70 -1.36 -61.65
C ASP K 134 23.20 -1.68 -61.55
N GLU K 135 23.49 -2.85 -60.98
CA GLU K 135 24.83 -3.42 -61.00
C GLU K 135 24.87 -4.94 -60.66
N ALA K 136 25.28 -5.73 -61.66
CA ALA K 136 25.43 -7.17 -61.47
C ALA K 136 26.65 -7.48 -60.60
N HIS L 1 -51.09 -39.07 9.67
CA HIS L 1 -50.51 -39.13 11.01
C HIS L 1 -51.36 -39.77 12.19
N GLY L 2 -52.16 -40.81 11.95
CA GLY L 2 -52.98 -41.38 13.02
C GLY L 2 -52.51 -41.53 14.50
N LYS L 3 -51.75 -40.60 15.09
CA LYS L 3 -51.45 -40.66 16.54
C LYS L 3 -52.55 -39.97 17.37
N ALA L 4 -52.41 -39.99 18.69
CA ALA L 4 -53.56 -39.68 19.54
C ALA L 4 -53.23 -39.48 21.02
N GLY L 5 -53.50 -38.26 21.49
CA GLY L 5 -53.28 -37.85 22.88
C GLY L 5 -52.75 -36.43 22.97
N ARG L 6 -52.34 -36.02 24.18
CA ARG L 6 -51.73 -34.70 24.33
C ARG L 6 -50.44 -34.79 25.10
N LYS L 7 -49.47 -34.00 24.73
CA LYS L 7 -48.22 -34.07 25.44
C LYS L 7 -48.23 -33.07 26.58
N LEU L 8 -49.13 -32.10 26.48
CA LEU L 8 -49.31 -31.02 27.46
C LEU L 8 -48.03 -30.62 28.12
N ASN L 9 -47.12 -30.08 27.32
CA ASN L 9 -45.78 -29.68 27.75
C ASN L 9 -45.40 -30.03 29.19
N ARG L 10 -45.69 -31.27 29.53
CA ARG L 10 -45.12 -31.98 30.66
C ARG L 10 -44.46 -33.29 30.12
N ASN L 11 -43.68 -33.98 30.95
CA ASN L 11 -43.06 -35.25 30.52
C ASN L 11 -44.08 -36.36 30.23
N SER L 12 -44.17 -37.38 31.07
CA SER L 12 -44.94 -38.54 30.69
C SER L 12 -45.36 -39.16 31.97
N SER L 13 -44.58 -38.85 33.01
CA SER L 13 -44.82 -39.34 34.34
C SER L 13 -45.75 -38.33 34.94
N ALA L 14 -45.42 -37.06 34.66
CA ALA L 14 -46.25 -35.90 34.98
C ALA L 14 -47.62 -36.12 34.41
N ARG L 15 -47.70 -36.20 33.07
CA ARG L 15 -48.97 -36.38 32.33
C ARG L 15 -50.00 -37.22 33.11
N VAL L 16 -49.54 -38.42 33.45
CA VAL L 16 -50.27 -39.24 34.41
C VAL L 16 -50.57 -38.55 35.77
N ALA L 17 -49.56 -38.14 36.54
CA ALA L 17 -49.82 -37.60 37.90
C ALA L 17 -50.90 -36.51 37.89
N LEU L 18 -50.86 -35.69 36.84
CA LEU L 18 -51.97 -34.81 36.50
C LEU L 18 -53.27 -35.61 36.40
N ALA L 19 -53.57 -36.14 35.21
CA ALA L 19 -54.95 -36.61 34.98
C ALA L 19 -55.44 -37.55 36.08
N ARG L 20 -54.52 -37.97 36.93
CA ARG L 20 -54.94 -38.73 38.09
C ARG L 20 -55.40 -37.81 39.19
N ALA L 21 -54.66 -36.72 39.47
CA ALA L 21 -55.25 -35.77 40.45
C ALA L 21 -56.51 -35.08 39.90
N GLN L 22 -56.52 -34.78 38.60
CA GLN L 22 -57.72 -34.18 38.02
C GLN L 22 -58.94 -35.11 38.02
N ALA L 23 -58.78 -36.34 37.58
CA ALA L 23 -59.89 -37.25 37.80
C ALA L 23 -60.24 -37.28 39.27
N THR L 24 -59.24 -37.17 40.16
CA THR L 24 -59.48 -37.32 41.60
C THR L 24 -60.44 -36.27 42.12
N ALA L 25 -60.36 -35.05 41.59
CA ALA L 25 -61.30 -34.06 42.08
C ALA L 25 -62.61 -34.04 41.29
N LEU L 26 -62.56 -34.17 39.96
CA LEU L 26 -63.81 -34.22 39.19
C LEU L 26 -64.73 -35.23 39.84
N LEU L 27 -64.21 -36.38 40.16
CA LEU L 27 -64.96 -37.31 40.99
C LEU L 27 -65.15 -36.76 42.39
N ARG L 28 -64.17 -36.05 42.95
CA ARG L 28 -64.37 -35.47 44.29
C ARG L 28 -65.43 -34.33 44.39
N GLU L 29 -65.68 -33.59 43.32
CA GLU L 29 -66.71 -32.55 43.38
C GLU L 29 -67.40 -32.19 42.08
N GLY L 30 -68.24 -33.12 41.59
CA GLY L 30 -69.16 -32.93 40.48
C GLY L 30 -68.78 -32.10 39.25
N ARG L 31 -68.05 -30.98 39.45
CA ARG L 31 -67.50 -30.13 38.39
C ARG L 31 -66.19 -29.38 38.78
N ILE L 32 -65.38 -29.02 37.77
CA ILE L 32 -64.16 -28.25 38.02
C ILE L 32 -63.87 -27.22 36.97
N GLN L 33 -63.13 -26.25 37.44
CA GLN L 33 -62.81 -25.12 36.63
C GLN L 33 -61.38 -25.45 36.34
N THR L 34 -61.01 -25.35 35.07
CA THR L 34 -59.67 -25.70 34.61
C THR L 34 -59.56 -25.49 33.10
N THR L 35 -58.33 -25.42 32.60
CA THR L 35 -58.08 -25.07 31.20
C THR L 35 -58.89 -25.91 30.22
N LEU L 36 -59.30 -25.33 29.09
CA LEU L 36 -60.23 -26.02 28.20
C LEU L 36 -59.58 -27.27 27.72
N THR L 37 -58.31 -27.14 27.39
CA THR L 37 -57.53 -28.27 26.91
C THR L 37 -57.47 -29.35 27.99
N LYS L 38 -56.71 -29.10 29.06
CA LYS L 38 -56.59 -30.03 30.20
C LYS L 38 -57.90 -30.66 30.61
N ALA L 39 -58.99 -30.01 30.23
CA ALA L 39 -60.31 -30.58 30.34
C ALA L 39 -60.54 -31.62 29.26
N LYS L 40 -60.44 -31.23 28.00
CA LYS L 40 -60.65 -32.23 26.95
C LYS L 40 -59.58 -33.35 27.05
N GLU L 41 -58.58 -33.14 27.92
CA GLU L 41 -57.70 -34.23 28.36
C GLU L 41 -58.29 -35.08 29.47
N LEU L 42 -59.17 -34.49 30.29
CA LEU L 42 -59.63 -35.17 31.49
C LEU L 42 -60.96 -35.86 31.22
N ARG L 43 -61.57 -35.54 30.08
CA ARG L 43 -62.86 -36.13 29.76
C ARG L 43 -62.86 -37.67 29.67
N PRO L 44 -62.09 -38.26 28.69
CA PRO L 44 -62.32 -39.67 28.40
C PRO L 44 -61.57 -40.53 29.37
N PHE L 45 -60.62 -39.96 30.10
CA PHE L 45 -59.92 -40.74 31.11
C PHE L 45 -60.76 -40.89 32.40
N VAL L 46 -61.33 -39.80 32.88
CA VAL L 46 -62.35 -39.93 33.92
C VAL L 46 -63.41 -40.89 33.38
N GLU L 47 -64.01 -40.59 32.22
CA GLU L 47 -65.02 -41.48 31.64
C GLU L 47 -64.74 -43.01 31.66
N GLN L 48 -63.66 -43.44 31.00
CA GLN L 48 -63.16 -44.81 31.17
C GLN L 48 -63.09 -45.28 32.66
N LEU L 49 -62.54 -44.45 33.55
CA LEU L 49 -62.54 -44.75 35.00
C LEU L 49 -63.94 -45.00 35.61
N ILE L 50 -64.92 -44.24 35.13
CA ILE L 50 -66.30 -44.54 35.40
C ILE L 50 -66.55 -45.97 34.94
N THR L 51 -66.21 -46.32 33.70
CA THR L 51 -66.56 -47.70 33.31
C THR L 51 -65.83 -48.84 34.02
N THR L 52 -64.58 -48.67 34.46
CA THR L 52 -64.00 -49.56 35.49
C THR L 52 -64.85 -49.70 36.77
N ALA L 53 -65.17 -48.55 37.39
CA ALA L 53 -65.86 -48.51 38.70
C ALA L 53 -67.26 -49.13 38.66
N LYS L 54 -67.94 -48.85 37.55
CA LYS L 54 -69.20 -49.50 37.14
C LYS L 54 -69.02 -51.04 36.91
N GLY L 55 -69.07 -51.82 37.99
CA GLY L 55 -68.77 -53.23 37.88
C GLY L 55 -68.93 -54.07 39.15
N GLY L 56 -68.67 -53.46 40.31
CA GLY L 56 -68.96 -54.09 41.59
C GLY L 56 -67.81 -54.85 42.20
N ASP L 57 -67.23 -55.74 41.39
CA ASP L 57 -66.29 -56.77 41.84
C ASP L 57 -65.11 -56.12 42.53
N LEU L 58 -64.47 -56.84 43.44
CA LEU L 58 -63.35 -56.27 44.16
C LEU L 58 -62.31 -55.77 43.17
N HIS L 59 -62.18 -56.49 42.06
CA HIS L 59 -61.15 -56.18 41.07
C HIS L 59 -61.29 -54.72 40.71
N SER L 60 -62.50 -54.38 40.29
CA SER L 60 -62.74 -53.08 39.72
C SER L 60 -62.37 -52.04 40.73
N ARG L 61 -62.57 -52.35 42.00
CA ARG L 61 -62.15 -51.42 43.04
C ARG L 61 -60.61 -51.38 43.25
N ARG L 62 -59.84 -52.42 42.90
CA ARG L 62 -58.38 -52.22 42.92
C ARG L 62 -57.82 -51.57 41.65
N LEU L 63 -58.45 -51.93 40.54
CA LEU L 63 -58.35 -51.27 39.26
C LEU L 63 -58.50 -49.75 39.37
N VAL L 64 -59.54 -49.32 40.09
CA VAL L 64 -59.69 -47.90 40.38
C VAL L 64 -58.63 -47.49 41.40
N ALA L 65 -58.49 -48.26 42.47
CA ALA L 65 -57.48 -47.96 43.49
C ALA L 65 -56.08 -47.58 42.96
N GLN L 66 -55.79 -47.97 41.73
CA GLN L 66 -54.50 -47.66 41.15
C GLN L 66 -54.44 -46.21 40.69
N ASP L 67 -55.50 -45.75 40.06
CA ASP L 67 -55.45 -44.42 39.45
C ASP L 67 -55.87 -43.31 40.41
N ILE L 68 -56.90 -43.59 41.20
CA ILE L 68 -57.47 -42.69 42.16
C ILE L 68 -57.07 -43.10 43.55
N HIS L 69 -56.06 -42.41 44.07
CA HIS L 69 -55.37 -42.93 45.24
C HIS L 69 -56.06 -42.79 46.59
N ASP L 70 -56.99 -41.84 46.71
CA ASP L 70 -57.67 -41.61 47.99
C ASP L 70 -59.02 -42.30 48.27
N LYS L 71 -59.02 -42.99 49.41
CA LYS L 71 -59.95 -44.07 49.69
C LYS L 71 -61.33 -43.50 49.54
N ASP L 72 -61.57 -42.44 50.30
CA ASP L 72 -62.84 -41.72 50.32
C ASP L 72 -63.40 -41.49 48.92
N VAL L 73 -62.60 -40.86 48.07
CA VAL L 73 -62.97 -40.71 46.67
C VAL L 73 -63.26 -42.03 45.90
N VAL L 74 -62.37 -43.01 46.04
CA VAL L 74 -62.58 -44.32 45.42
C VAL L 74 -63.97 -44.76 45.80
N ARG L 75 -64.18 -44.78 47.11
CA ARG L 75 -65.31 -45.38 47.73
C ARG L 75 -66.49 -44.64 47.15
N LYS L 76 -66.35 -43.33 47.02
CA LYS L 76 -67.39 -42.48 46.47
C LYS L 76 -67.80 -42.92 45.08
N VAL L 77 -66.84 -43.11 44.18
CA VAL L 77 -67.23 -43.46 42.83
C VAL L 77 -67.74 -44.86 42.72
N MET L 78 -67.25 -45.69 43.62
CA MET L 78 -67.49 -47.13 43.60
C MET L 78 -68.92 -47.42 44.06
N ASP L 79 -69.10 -47.21 45.37
CA ASP L 79 -70.37 -47.25 46.07
C ASP L 79 -71.38 -46.22 45.57
N GLU L 80 -71.06 -44.93 45.67
CA GLU L 80 -72.04 -43.87 45.36
C GLU L 80 -72.28 -43.59 43.85
N VAL L 81 -71.30 -43.06 43.13
CA VAL L 81 -71.59 -42.50 41.80
C VAL L 81 -71.80 -43.47 40.60
N ALA L 82 -70.79 -44.27 40.28
CA ALA L 82 -70.91 -45.36 39.30
C ALA L 82 -72.26 -46.17 39.31
N PRO L 83 -72.69 -46.66 40.48
CA PRO L 83 -73.99 -47.32 40.44
C PRO L 83 -75.03 -46.40 39.87
N LYS L 84 -75.03 -45.15 40.36
CA LYS L 84 -76.02 -44.13 39.99
C LYS L 84 -76.04 -44.06 38.49
N TYR L 85 -74.86 -44.31 37.92
CA TYR L 85 -74.71 -44.23 36.49
C TYR L 85 -75.15 -45.43 35.66
N ALA L 86 -75.67 -46.46 36.32
CA ALA L 86 -76.12 -47.65 35.64
C ALA L 86 -76.72 -47.44 34.24
N GLU L 87 -78.00 -47.15 34.11
CA GLU L 87 -78.62 -47.24 32.78
C GLU L 87 -78.02 -46.35 31.69
N ARG L 88 -76.94 -45.61 31.98
CA ARG L 88 -76.41 -44.72 30.96
C ARG L 88 -75.09 -45.13 30.32
N PRO L 89 -75.13 -45.37 28.99
CA PRO L 89 -74.03 -45.85 28.16
C PRO L 89 -73.14 -44.73 27.72
N GLY L 90 -72.30 -44.20 28.60
CA GLY L 90 -71.41 -43.16 28.17
C GLY L 90 -71.85 -41.77 28.57
N GLY L 91 -71.04 -40.79 28.23
CA GLY L 91 -71.39 -39.41 28.46
C GLY L 91 -71.51 -39.01 29.92
N TYR L 92 -70.79 -39.69 30.79
CA TYR L 92 -70.73 -39.35 32.22
C TYR L 92 -70.08 -37.97 32.49
N THR L 93 -69.65 -37.28 31.43
CA THR L 93 -69.16 -35.90 31.54
C THR L 93 -69.50 -34.98 30.38
N ARG L 94 -69.44 -33.69 30.70
CA ARG L 94 -69.73 -32.60 29.78
C ARG L 94 -68.85 -31.39 30.06
N ILE L 95 -68.73 -30.58 29.03
CA ILE L 95 -67.77 -29.49 28.99
C ILE L 95 -68.32 -28.11 28.56
N LEU L 96 -67.90 -27.12 29.33
CA LEU L 96 -68.36 -25.77 29.17
C LEU L 96 -67.19 -24.80 29.04
N ARG L 97 -67.25 -23.98 28.00
CA ARG L 97 -66.25 -22.96 27.74
C ARG L 97 -66.79 -21.65 28.30
N VAL L 98 -66.19 -21.20 29.41
CA VAL L 98 -66.38 -19.86 29.93
C VAL L 98 -65.58 -18.88 29.04
N GLY L 99 -64.56 -18.22 29.59
CA GLY L 99 -63.85 -17.19 28.86
C GLY L 99 -62.37 -17.08 29.19
N THR L 100 -61.88 -15.85 29.24
CA THR L 100 -60.46 -15.52 29.25
C THR L 100 -59.84 -15.59 30.65
N ARG L 101 -59.07 -14.58 31.06
CA ARG L 101 -58.30 -14.52 32.32
C ARG L 101 -57.21 -13.45 32.12
N ARG L 102 -56.53 -13.02 33.20
CA ARG L 102 -55.56 -11.91 33.09
C ARG L 102 -54.13 -12.32 32.69
N GLY L 103 -53.47 -13.12 33.55
CA GLY L 103 -52.07 -13.46 33.32
C GLY L 103 -51.86 -14.17 32.01
N ASP L 104 -52.17 -15.45 31.97
CA ASP L 104 -51.99 -16.21 30.76
C ASP L 104 -52.89 -15.82 29.59
N GLY L 105 -54.00 -15.15 29.82
CA GLY L 105 -54.88 -14.86 28.70
C GLY L 105 -55.48 -16.05 27.95
N VAL L 106 -55.68 -17.17 28.66
CA VAL L 106 -56.17 -18.43 28.08
C VAL L 106 -57.64 -18.65 28.28
N THR L 107 -58.35 -19.14 27.24
CA THR L 107 -59.73 -19.68 27.38
C THR L 107 -59.89 -20.66 28.59
N MET L 108 -61.10 -20.87 29.14
CA MET L 108 -61.22 -21.59 30.42
C MET L 108 -62.50 -22.42 30.57
N ALA L 109 -62.55 -23.36 31.51
CA ALA L 109 -63.63 -24.32 31.42
C ALA L 109 -64.08 -25.12 32.63
N LEU L 110 -65.33 -25.53 32.53
CA LEU L 110 -65.96 -26.19 33.61
C LEU L 110 -66.21 -27.48 32.95
N ILE L 111 -65.99 -28.55 33.69
CA ILE L 111 -66.16 -29.87 33.14
C ILE L 111 -66.92 -30.50 34.27
N GLU L 112 -68.02 -31.21 33.96
CA GLU L 112 -68.99 -31.66 34.98
C GLU L 112 -69.76 -32.92 34.56
N LEU L 113 -70.46 -33.54 35.54
CA LEU L 113 -70.98 -34.94 35.51
C LEU L 113 -72.36 -35.33 34.85
N ARG M 1 61.87 19.96 -44.09
CA ARG M 1 61.63 20.22 -45.53
C ARG M 1 61.19 21.67 -45.88
N ARG M 2 59.91 21.87 -46.21
CA ARG M 2 59.32 23.23 -46.31
C ARG M 2 59.13 23.73 -44.90
N LYS M 3 58.30 23.01 -44.16
CA LYS M 3 58.20 23.04 -42.68
C LYS M 3 58.76 24.29 -42.01
N LEU M 4 60.09 24.45 -42.05
CA LEU M 4 60.76 25.58 -41.39
C LEU M 4 60.26 26.96 -41.87
N ARG M 5 60.18 27.10 -43.19
CA ARG M 5 59.76 28.34 -43.83
C ARG M 5 58.31 28.67 -43.47
N THR M 6 57.42 27.70 -43.60
CA THR M 6 56.01 27.91 -43.29
C THR M 6 55.77 28.09 -41.78
N ARG M 7 56.69 27.53 -40.99
CA ARG M 7 56.73 27.65 -39.53
C ARG M 7 56.99 29.07 -39.08
N ARG M 8 58.07 29.65 -39.60
CA ARG M 8 58.36 31.06 -39.33
C ARG M 8 57.31 31.95 -39.97
N LYS M 9 56.86 31.55 -41.16
CA LYS M 9 55.84 32.29 -41.91
C LYS M 9 54.56 32.47 -41.09
N VAL M 10 54.17 31.43 -40.34
CA VAL M 10 53.03 31.59 -39.42
C VAL M 10 53.38 32.20 -38.06
N ARG M 11 54.61 32.00 -37.57
CA ARG M 11 55.00 32.73 -36.36
C ARG M 11 55.21 34.23 -36.62
N THR M 12 55.13 34.62 -37.89
CA THR M 12 54.81 35.99 -38.22
C THR M 12 53.28 36.01 -38.31
N THR M 13 52.63 36.18 -37.17
CA THR M 13 51.18 36.22 -37.15
C THR M 13 50.75 37.25 -38.17
N THR M 14 50.58 36.77 -39.40
CA THR M 14 50.33 37.55 -40.64
C THR M 14 50.18 39.10 -40.48
N ALA M 15 48.97 39.60 -40.22
CA ALA M 15 48.79 41.04 -40.10
C ALA M 15 48.57 41.46 -38.64
N ALA M 16 48.00 40.55 -37.86
CA ALA M 16 47.46 40.81 -36.52
C ALA M 16 48.38 41.53 -35.53
N SER M 17 49.69 41.42 -35.75
CA SER M 17 50.69 42.14 -34.96
C SER M 17 50.73 43.66 -35.28
N GLY M 18 50.11 44.05 -36.39
CA GLY M 18 50.09 45.44 -36.82
C GLY M 18 51.21 45.83 -37.77
N LYS M 19 52.43 45.39 -37.46
CA LYS M 19 53.64 45.85 -38.16
C LYS M 19 53.83 45.35 -39.60
N LEU M 20 55.10 45.29 -40.00
CA LEU M 20 55.49 45.09 -41.41
C LEU M 20 56.44 43.94 -41.59
N ARG M 21 56.07 43.03 -42.49
CA ARG M 21 56.84 41.83 -42.71
C ARG M 21 58.10 42.19 -43.48
N LEU M 22 59.17 41.46 -43.18
CA LEU M 22 60.48 41.72 -43.77
C LEU M 22 61.03 40.38 -44.28
N SER M 23 60.86 40.14 -45.59
CA SER M 23 61.30 38.89 -46.23
C SER M 23 62.84 38.77 -46.35
N VAL M 24 63.31 37.63 -46.91
CA VAL M 24 64.72 37.42 -47.35
C VAL M 24 64.78 36.20 -48.35
N TYR M 25 65.91 35.99 -49.02
CA TYR M 25 66.08 34.76 -49.83
C TYR M 25 67.55 34.25 -49.91
N ARG M 26 68.32 34.49 -48.84
CA ARG M 26 69.72 34.04 -48.78
C ARG M 26 69.87 32.53 -48.91
N SER M 27 69.52 32.01 -50.08
CA SER M 27 69.72 30.59 -50.36
C SER M 27 70.44 30.48 -51.69
N SER M 28 70.43 31.60 -52.41
CA SER M 28 71.21 31.71 -53.62
C SER M 28 72.28 32.76 -53.38
N LYS M 29 72.97 33.14 -54.47
CA LYS M 29 73.93 34.23 -54.42
C LYS M 29 73.31 35.45 -55.14
N HIS M 30 72.00 35.35 -55.33
CA HIS M 30 71.15 36.48 -55.61
C HIS M 30 70.04 36.45 -54.56
N ILE M 31 69.95 37.49 -53.74
CA ILE M 31 68.96 37.54 -52.65
C ILE M 31 67.75 38.43 -53.03
N TYR M 32 66.92 38.83 -52.07
CA TYR M 32 65.68 39.52 -52.44
C TYR M 32 64.93 40.33 -51.37
N ALA M 33 65.56 40.61 -50.22
CA ALA M 33 64.86 41.18 -49.05
C ALA M 33 63.69 42.15 -49.36
N GLN M 34 62.50 41.85 -48.84
CA GLN M 34 61.28 42.59 -49.18
C GLN M 34 60.55 43.18 -47.98
N ILE M 35 59.57 44.04 -48.27
CA ILE M 35 58.74 44.65 -47.24
C ILE M 35 57.26 44.54 -47.60
N ILE M 36 56.49 43.99 -46.67
CA ILE M 36 55.08 43.66 -46.92
C ILE M 36 54.15 44.10 -45.78
N ASP M 37 52.96 44.56 -46.15
CA ASP M 37 51.89 44.84 -45.20
C ASP M 37 51.05 43.57 -45.09
N ASP M 38 51.54 42.50 -45.72
CA ASP M 38 50.90 41.16 -45.86
C ASP M 38 49.36 41.09 -45.94
N SER M 39 48.67 41.86 -45.09
CA SER M 39 47.22 42.02 -45.16
C SER M 39 46.82 42.51 -46.55
N ARG M 40 47.22 43.73 -46.85
CA ARG M 40 47.19 44.21 -48.21
C ARG M 40 48.24 43.41 -48.99
N GLY M 41 47.81 42.69 -50.02
CA GLY M 41 48.70 41.83 -50.77
C GLY M 41 49.77 42.53 -51.61
N GLN M 42 50.41 43.55 -51.02
CA GLN M 42 51.35 44.41 -51.73
C GLN M 42 52.74 44.43 -51.09
N THR M 43 53.73 44.82 -51.89
CA THR M 43 55.12 45.05 -51.45
C THR M 43 55.49 46.55 -51.52
N LEU M 44 56.23 47.00 -50.52
CA LEU M 44 56.44 48.43 -50.30
C LEU M 44 57.89 48.89 -50.34
N ALA M 45 58.81 47.99 -49.99
CA ALA M 45 60.24 48.21 -50.28
C ALA M 45 60.71 47.16 -51.28
N ALA M 46 62.01 47.14 -51.53
CA ALA M 46 62.60 46.26 -52.54
C ALA M 46 64.07 46.57 -52.70
N ALA M 47 64.92 45.87 -51.94
CA ALA M 47 66.37 45.95 -52.18
C ALA M 47 66.89 44.67 -52.85
N SER M 48 66.88 44.64 -54.18
CA SER M 48 67.39 43.50 -54.96
C SER M 48 68.90 43.31 -54.78
N SER M 49 69.55 42.80 -55.82
CA SER M 49 71.02 42.76 -55.91
C SER M 49 71.45 42.31 -57.31
N ALA M 50 70.47 41.91 -58.13
CA ALA M 50 70.74 41.34 -59.46
C ALA M 50 71.07 42.40 -60.51
N ALA M 51 70.66 43.64 -60.24
CA ALA M 51 71.09 44.78 -61.03
C ALA M 51 72.41 45.28 -60.45
N LEU M 52 73.44 44.46 -60.63
CA LEU M 52 74.79 44.70 -60.09
C LEU M 52 74.80 44.84 -58.56
N LYS M 53 75.47 43.89 -57.91
CA LYS M 53 75.49 43.85 -56.45
C LYS M 53 76.47 44.86 -55.85
N SER M 54 77.75 44.62 -56.11
CA SER M 54 78.86 45.40 -55.59
C SER M 54 80.14 44.68 -56.06
N GLY M 55 80.19 43.39 -55.71
CA GLY M 55 81.33 42.54 -56.01
C GLY M 55 81.43 41.47 -54.93
N ASN M 56 81.01 41.85 -53.72
CA ASN M 56 81.03 40.96 -52.55
C ASN M 56 80.04 39.79 -52.75
N LYS M 57 79.99 38.86 -51.78
CA LYS M 57 79.02 37.75 -51.87
C LYS M 57 78.07 37.62 -50.67
N THR M 58 78.64 37.57 -49.47
CA THR M 58 77.89 37.50 -48.22
C THR M 58 78.29 38.68 -47.34
N ASP M 59 79.21 39.47 -47.90
CA ASP M 59 79.58 40.78 -47.38
C ASP M 59 78.53 41.75 -47.93
N THR M 60 77.92 41.37 -49.06
CA THR M 60 76.84 42.11 -49.72
C THR M 60 75.66 42.35 -48.80
N ALA M 61 75.54 41.46 -47.81
CA ALA M 61 74.47 41.48 -46.82
C ALA M 61 74.18 42.87 -46.26
N ALA M 62 75.07 43.34 -45.38
CA ALA M 62 74.92 44.64 -44.74
C ALA M 62 74.55 45.73 -45.75
N ALA M 63 74.97 45.53 -46.99
CA ALA M 63 74.84 46.51 -48.08
C ALA M 63 73.44 46.58 -48.68
N VAL M 64 72.86 45.45 -49.05
CA VAL M 64 71.49 45.47 -49.54
C VAL M 64 70.52 45.61 -48.35
N GLY M 65 71.06 45.37 -47.16
CA GLY M 65 70.35 45.59 -45.91
C GLY M 65 70.38 47.05 -45.49
N LYS M 66 71.29 47.79 -46.09
CA LYS M 66 71.42 49.24 -45.91
C LYS M 66 70.64 49.97 -47.01
N ALA M 67 70.61 49.35 -48.20
CA ALA M 67 69.86 49.83 -49.36
C ALA M 67 68.36 49.71 -49.13
N LEU M 68 67.96 48.54 -48.63
CA LEU M 68 66.58 48.32 -48.23
C LEU M 68 66.12 49.32 -47.16
N ALA M 69 66.78 49.32 -46.02
CA ALA M 69 66.45 50.21 -44.91
C ALA M 69 66.47 51.70 -45.31
N ALA M 70 67.33 52.03 -46.27
CA ALA M 70 67.31 53.34 -46.91
C ALA M 70 66.00 53.61 -47.68
N ALA M 71 65.63 52.70 -48.59
CA ALA M 71 64.36 52.83 -49.36
C ALA M 71 63.12 52.85 -48.44
N ALA M 72 63.29 52.22 -47.28
CA ALA M 72 62.29 52.20 -46.23
C ALA M 72 62.14 53.57 -45.60
N ALA M 73 63.20 54.02 -44.93
CA ALA M 73 63.22 55.35 -44.32
C ALA M 73 62.72 56.44 -45.27
N GLU M 74 62.99 56.25 -46.57
CA GLU M 74 62.47 57.13 -47.61
C GLU M 74 60.95 57.02 -47.79
N LYS M 75 60.46 55.78 -47.92
CA LYS M 75 59.02 55.54 -48.01
C LYS M 75 58.24 56.08 -46.79
N GLY M 76 58.84 55.98 -45.61
CA GLY M 76 58.21 56.36 -44.37
C GLY M 76 58.09 55.19 -43.40
N ILE M 77 58.16 53.99 -43.96
CA ILE M 77 58.02 52.73 -43.21
C ILE M 77 59.08 52.59 -42.09
N LYS M 78 58.69 52.95 -40.88
CA LYS M 78 59.64 53.10 -39.78
C LYS M 78 59.69 51.92 -38.80
N GLN M 79 58.89 50.87 -39.03
CA GLN M 79 58.91 49.70 -38.14
C GLN M 79 59.01 48.30 -38.77
N VAL M 80 59.74 47.46 -38.04
CA VAL M 80 60.22 46.18 -38.50
C VAL M 80 59.40 45.02 -37.90
N VAL M 81 59.22 43.94 -38.69
CA VAL M 81 59.16 42.55 -38.19
C VAL M 81 59.83 41.60 -39.20
N PHE M 82 60.77 40.76 -38.73
CA PHE M 82 61.74 40.06 -39.58
C PHE M 82 61.35 38.63 -39.97
N ASP M 83 60.69 38.49 -41.12
CA ASP M 83 60.39 37.18 -41.72
C ASP M 83 61.70 36.50 -42.05
N ARG M 84 61.68 35.20 -42.29
CA ARG M 84 62.70 34.61 -43.14
C ARG M 84 62.15 33.55 -44.06
N GLY M 85 62.27 32.32 -43.61
CA GLY M 85 62.12 31.14 -44.40
C GLY M 85 63.22 30.28 -43.84
N SER M 86 63.75 29.41 -44.68
CA SER M 86 64.66 28.37 -44.24
C SER M 86 65.98 28.82 -43.53
N TYR M 87 65.98 29.97 -42.87
CA TYR M 87 67.24 30.62 -42.49
C TYR M 87 67.50 30.74 -41.00
N LYS M 88 68.74 30.47 -40.61
CA LYS M 88 69.12 30.29 -39.21
C LYS M 88 69.16 31.59 -38.42
N TYR M 89 69.26 32.72 -39.11
CA TYR M 89 69.67 33.98 -38.48
C TYR M 89 70.95 33.80 -37.66
N HIS M 90 72.10 34.11 -38.27
CA HIS M 90 73.42 33.96 -37.63
C HIS M 90 74.53 34.68 -38.37
N GLY M 91 74.58 34.49 -39.68
CA GLY M 91 75.68 35.01 -40.45
C GLY M 91 75.24 36.06 -41.42
N ARG M 92 75.10 35.65 -42.68
CA ARG M 92 74.77 36.55 -43.79
C ARG M 92 73.47 37.35 -43.56
N VAL M 93 72.37 36.65 -43.39
CA VAL M 93 71.10 37.32 -43.17
C VAL M 93 71.14 38.09 -41.83
N LYS M 94 72.01 37.64 -40.92
CA LYS M 94 72.24 38.36 -39.67
C LYS M 94 72.96 39.67 -39.89
N ALA M 95 73.88 39.69 -40.86
CA ALA M 95 74.48 40.95 -41.24
C ALA M 95 73.37 41.86 -41.79
N LEU M 96 72.63 41.34 -42.78
CA LEU M 96 71.54 42.11 -43.40
C LEU M 96 70.74 42.76 -42.29
N ALA M 97 70.55 41.99 -41.23
CA ALA M 97 69.86 42.47 -40.04
C ALA M 97 70.56 43.63 -39.36
N ASP M 98 71.72 43.36 -38.75
CA ASP M 98 72.46 44.38 -38.01
C ASP M 98 72.49 45.71 -38.76
N ALA M 99 72.79 45.67 -40.06
CA ALA M 99 72.85 46.88 -40.86
C ALA M 99 71.50 47.33 -41.39
N ALA M 100 70.45 46.57 -41.09
CA ALA M 100 69.10 47.10 -41.23
C ALA M 100 68.59 47.48 -39.85
N ARG M 101 69.16 46.80 -38.83
CA ARG M 101 68.81 46.99 -37.41
C ARG M 101 69.28 48.38 -36.92
N GLU M 102 69.95 49.11 -37.80
CA GLU M 102 70.38 50.49 -37.53
C GLU M 102 70.54 51.27 -38.84
N GLY M 103 70.04 50.71 -39.93
CA GLY M 103 70.38 51.21 -41.26
C GLY M 103 69.33 51.95 -42.06
N GLY M 104 68.22 52.30 -41.41
CA GLY M 104 67.16 53.04 -42.08
C GLY M 104 66.47 54.11 -41.26
N GLN N 1 -60.99 -39.05 2.79
CA GLN N 1 -61.03 -37.86 1.95
C GLN N 1 -61.78 -38.05 0.60
N THR N 2 -62.30 -39.22 0.37
CA THR N 2 -63.57 -39.28 -0.32
C THR N 2 -64.24 -39.57 0.96
N HIS N 3 -65.33 -38.89 1.25
CA HIS N 3 -66.05 -39.36 2.41
C HIS N 3 -67.19 -40.24 1.95
N ILE N 4 -67.13 -41.49 2.41
CA ILE N 4 -68.04 -42.47 1.89
C ILE N 4 -68.13 -43.55 2.96
N LYS N 5 -69.36 -43.84 3.38
CA LYS N 5 -69.53 -44.78 4.47
C LYS N 5 -69.46 -46.16 3.86
N ILE N 6 -68.70 -47.00 4.57
CA ILE N 6 -68.07 -48.16 4.00
C ILE N 6 -67.30 -48.84 5.13
N ASN N 7 -67.40 -50.16 5.24
CA ASN N 7 -66.62 -50.84 6.25
C ASN N 7 -65.26 -51.28 5.65
N ARG N 8 -64.23 -50.43 5.82
CA ARG N 8 -62.89 -50.69 5.29
C ARG N 8 -62.60 -52.13 5.59
N GLY N 9 -62.52 -52.41 6.88
CA GLY N 9 -62.27 -53.76 7.36
C GLY N 9 -63.02 -54.90 6.67
N GLU N 10 -64.26 -54.67 6.26
CA GLU N 10 -65.05 -55.78 5.71
C GLU N 10 -64.88 -55.98 4.21
N LEU N 11 -64.61 -54.92 3.46
CA LEU N 11 -64.18 -55.15 2.08
C LEU N 11 -62.83 -55.86 2.12
N LEU N 12 -61.97 -55.38 3.03
CA LEU N 12 -60.71 -56.03 3.33
C LEU N 12 -60.89 -57.49 3.48
N ARG N 13 -61.74 -57.90 4.41
CA ARG N 13 -61.97 -59.35 4.61
C ARG N 13 -62.52 -60.04 3.35
N GLY N 14 -63.53 -59.41 2.74
CA GLY N 14 -64.09 -59.81 1.46
C GLY N 14 -63.06 -60.31 0.46
N ILE N 15 -62.04 -59.50 0.20
CA ILE N 15 -60.89 -60.05 -0.48
C ILE N 15 -60.17 -61.04 0.40
N GLU N 16 -59.34 -60.50 1.29
CA GLU N 16 -58.37 -61.28 2.02
C GLU N 16 -58.90 -62.43 2.90
N GLN N 17 -60.00 -63.04 2.48
CA GLN N 17 -60.47 -64.26 3.14
C GLN N 17 -60.54 -65.49 2.22
N ASP N 18 -60.70 -65.26 0.92
CA ASP N 18 -60.58 -66.36 -0.04
C ASP N 18 -59.15 -66.85 0.03
N HIS N 19 -58.27 -65.96 0.46
CA HIS N 19 -56.86 -66.20 0.46
C HIS N 19 -56.44 -66.32 1.92
N THR N 20 -57.07 -67.24 2.62
CA THR N 20 -56.93 -67.35 4.05
C THR N 20 -57.14 -68.81 4.45
N ARG N 21 -56.39 -69.28 5.43
CA ARG N 21 -56.50 -70.68 5.85
C ARG N 21 -56.11 -70.84 7.34
N GLN N 22 -56.76 -71.79 8.03
CA GLN N 22 -56.45 -72.07 9.44
C GLN N 22 -55.83 -73.41 9.72
N LEU N 23 -55.03 -73.41 10.78
CA LEU N 23 -54.14 -74.51 11.11
C LEU N 23 -54.32 -74.89 12.54
N PRO N 24 -53.97 -76.14 12.87
CA PRO N 24 -53.64 -76.62 14.21
C PRO N 24 -53.40 -75.55 15.25
N ASP N 25 -54.04 -75.75 16.39
CA ASP N 25 -53.83 -74.92 17.56
C ASP N 25 -52.38 -74.95 18.05
N PHE N 26 -51.46 -74.36 17.30
CA PHE N 26 -50.17 -74.19 17.95
C PHE N 26 -50.13 -72.87 18.73
N ARG N 27 -49.81 -72.99 19.99
CA ARG N 27 -49.28 -71.90 20.78
C ARG N 27 -47.76 -71.97 20.56
N PRO N 28 -47.06 -70.86 20.77
CA PRO N 28 -45.61 -70.79 20.82
C PRO N 28 -44.94 -71.64 21.89
N GLY N 29 -43.76 -72.12 21.50
CA GLY N 29 -42.97 -73.08 22.27
C GLY N 29 -43.23 -74.55 21.96
N ASP N 30 -44.46 -74.80 21.49
CA ASP N 30 -44.82 -76.03 20.82
C ASP N 30 -43.77 -76.29 19.76
N THR N 31 -43.26 -77.53 19.70
CA THR N 31 -42.48 -77.92 18.54
C THR N 31 -43.46 -78.32 17.45
N VAL N 32 -43.09 -78.09 16.20
CA VAL N 32 -43.95 -78.45 15.08
C VAL N 32 -43.22 -79.05 13.85
N ARG N 33 -43.96 -79.88 13.11
CA ARG N 33 -43.53 -80.24 11.79
C ARG N 33 -44.43 -79.70 10.72
N VAL N 34 -43.89 -78.74 9.97
CA VAL N 34 -44.40 -78.33 8.65
C VAL N 34 -43.90 -79.24 7.55
N ASP N 35 -44.84 -79.77 6.80
CA ASP N 35 -44.50 -80.56 5.63
C ASP N 35 -44.56 -79.71 4.35
N THR N 36 -43.48 -78.97 4.12
CA THR N 36 -43.35 -78.07 2.97
C THR N 36 -43.11 -78.76 1.63
N LYS N 37 -43.64 -78.17 0.57
CA LYS N 37 -43.34 -78.69 -0.74
C LYS N 37 -42.52 -77.71 -1.59
N VAL N 38 -41.60 -78.26 -2.39
CA VAL N 38 -40.68 -77.49 -3.23
C VAL N 38 -40.88 -77.88 -4.69
N ARG N 39 -40.70 -76.93 -5.61
CA ARG N 39 -40.67 -77.24 -7.03
C ARG N 39 -39.30 -76.98 -7.67
N GLU N 40 -38.76 -78.01 -8.34
CA GLU N 40 -37.33 -78.09 -8.66
C GLU N 40 -36.95 -77.74 -10.10
N GLY N 41 -37.93 -77.25 -10.83
CA GLY N 41 -37.98 -77.39 -12.27
C GLY N 41 -39.13 -78.37 -12.33
N ASN N 42 -39.84 -78.42 -13.45
CA ASN N 42 -41.13 -79.14 -13.60
C ASN N 42 -41.59 -80.08 -12.46
N ARG N 43 -40.63 -80.64 -11.74
CA ARG N 43 -40.87 -81.62 -10.70
C ARG N 43 -41.03 -80.97 -9.32
N THR N 44 -41.87 -81.59 -8.47
CA THR N 44 -42.25 -81.09 -7.13
C THR N 44 -41.74 -81.98 -5.97
N ARG N 45 -40.67 -81.57 -5.29
CA ARG N 45 -40.01 -82.35 -4.23
C ARG N 45 -40.86 -82.32 -2.95
N SER N 46 -40.23 -82.36 -1.77
CA SER N 46 -40.98 -82.31 -0.50
C SER N 46 -40.13 -82.28 0.78
N GLN N 47 -39.58 -81.12 1.12
CA GLN N 47 -38.87 -80.98 2.40
C GLN N 47 -39.80 -80.69 3.61
N ALA N 48 -39.21 -80.59 4.79
CA ALA N 48 -39.97 -80.59 6.03
C ALA N 48 -39.14 -80.02 7.15
N PHE N 49 -39.46 -78.76 7.48
CA PHE N 49 -38.88 -78.07 8.62
C PHE N 49 -39.58 -78.51 9.89
N GLU N 50 -38.83 -78.62 10.97
CA GLU N 50 -39.33 -79.19 12.21
C GLU N 50 -38.60 -78.57 13.38
N GLY N 51 -39.30 -77.62 14.01
CA GLY N 51 -38.63 -76.73 14.93
C GLY N 51 -39.48 -76.29 16.07
N VAL N 52 -38.85 -75.57 17.00
CA VAL N 52 -39.57 -74.88 18.07
C VAL N 52 -40.25 -73.70 17.41
N VAL N 53 -41.54 -73.50 17.67
CA VAL N 53 -42.24 -72.31 17.13
C VAL N 53 -42.07 -71.09 18.05
N ILE N 54 -41.56 -69.99 17.49
CA ILE N 54 -41.18 -68.81 18.29
C ILE N 54 -42.10 -67.60 18.11
N ALA N 55 -42.82 -67.49 17.01
CA ALA N 55 -43.67 -66.34 16.85
C ALA N 55 -44.81 -66.52 15.86
N ILE N 56 -46.05 -66.32 16.33
CA ILE N 56 -47.21 -66.13 15.42
C ILE N 56 -47.47 -64.65 15.32
N ASN N 57 -47.81 -64.15 14.13
CA ASN N 57 -47.90 -62.71 13.89
C ASN N 57 -48.96 -62.32 12.86
N GLY N 58 -49.71 -61.28 13.21
CA GLY N 58 -50.70 -60.67 12.34
C GLY N 58 -51.95 -61.52 12.35
N SER N 59 -52.70 -61.45 11.25
CA SER N 59 -53.89 -62.27 11.06
C SER N 59 -54.65 -61.91 9.83
N GLY N 60 -55.60 -62.77 9.49
CA GLY N 60 -56.19 -62.80 8.17
C GLY N 60 -55.16 -63.44 7.24
N SER N 61 -55.26 -63.07 5.97
CA SER N 61 -54.39 -63.63 4.96
C SER N 61 -52.94 -63.51 5.41
N ARG N 62 -52.62 -62.37 6.01
CA ARG N 62 -51.25 -62.05 6.40
C ARG N 62 -50.77 -62.80 7.65
N LYS N 63 -51.64 -63.60 8.25
CA LYS N 63 -51.19 -64.36 9.39
C LYS N 63 -50.03 -65.33 9.03
N SER N 64 -49.05 -65.36 9.94
CA SER N 64 -47.80 -66.08 9.74
C SER N 64 -47.32 -66.74 11.03
N PHE N 65 -46.16 -67.40 10.94
CA PHE N 65 -45.58 -68.13 12.06
C PHE N 65 -44.14 -68.60 11.78
N THR N 66 -43.32 -68.46 12.79
CA THR N 66 -41.91 -68.62 12.59
C THR N 66 -41.53 -69.81 13.38
N VAL N 67 -40.88 -70.76 12.69
CA VAL N 67 -40.18 -71.91 13.30
C VAL N 67 -38.71 -71.61 13.47
N ARG N 68 -38.06 -72.42 14.28
CA ARG N 68 -36.63 -72.32 14.42
C ARG N 68 -36.00 -73.70 14.74
N LYS N 69 -35.07 -74.14 13.87
CA LYS N 69 -34.34 -75.42 14.04
C LYS N 69 -32.84 -75.29 13.94
N ILE N 70 -32.13 -76.25 14.51
CA ILE N 70 -30.69 -76.31 14.26
C ILE N 70 -30.46 -77.38 13.19
N SER N 71 -30.09 -76.96 11.99
CA SER N 71 -29.83 -77.89 10.88
C SER N 71 -28.37 -77.91 10.45
N PHE N 72 -27.67 -78.93 10.95
CA PHE N 72 -26.27 -79.21 10.69
C PHE N 72 -25.42 -78.19 11.39
N GLY N 73 -25.32 -78.27 12.71
CA GLY N 73 -24.46 -77.33 13.41
C GLY N 73 -24.76 -75.83 13.28
N GLU N 74 -25.32 -75.40 12.14
CA GLU N 74 -25.70 -73.99 11.94
C GLU N 74 -27.18 -73.75 12.22
N GLY N 75 -27.50 -72.73 13.04
CA GLY N 75 -28.86 -72.41 13.49
C GLY N 75 -29.69 -71.64 12.46
N VAL N 76 -30.92 -72.08 12.19
CA VAL N 76 -31.75 -71.43 11.18
C VAL N 76 -33.24 -71.41 11.48
N GLU N 77 -33.87 -70.22 11.40
CA GLU N 77 -35.32 -70.04 11.53
C GLU N 77 -35.98 -69.71 10.19
N ARG N 78 -37.29 -69.86 10.12
CA ARG N 78 -37.96 -69.70 8.83
C ARG N 78 -39.44 -69.45 9.06
N VAL N 79 -40.06 -68.64 8.20
CA VAL N 79 -41.35 -68.02 8.53
C VAL N 79 -42.44 -68.23 7.50
N PHE N 80 -43.49 -68.94 7.87
CA PHE N 80 -44.47 -69.28 6.88
C PHE N 80 -45.71 -68.46 7.04
N PRO N 81 -46.33 -68.13 5.91
CA PRO N 81 -47.65 -67.53 5.80
C PRO N 81 -48.70 -68.62 5.80
N PHE N 82 -49.21 -69.01 6.96
CA PHE N 82 -50.42 -69.84 7.10
C PHE N 82 -51.10 -70.36 5.82
N ALA N 83 -50.94 -69.67 4.70
CA ALA N 83 -51.78 -69.91 3.55
C ALA N 83 -51.03 -69.85 2.25
N SER N 84 -49.70 -69.93 2.34
CA SER N 84 -48.84 -70.17 1.18
C SER N 84 -49.09 -71.56 0.59
N PRO N 85 -49.29 -71.67 -0.73
CA PRO N 85 -49.56 -72.99 -1.31
C PRO N 85 -48.32 -73.89 -1.36
N LEU N 86 -47.15 -73.34 -1.05
CA LEU N 86 -45.95 -74.12 -0.87
C LEU N 86 -45.76 -74.42 0.62
N VAL N 87 -46.86 -74.76 1.27
CA VAL N 87 -46.88 -75.23 2.65
C VAL N 87 -48.09 -76.14 2.75
N ASN N 88 -47.84 -77.44 2.97
CA ASN N 88 -48.91 -78.41 2.85
C ASN N 88 -49.60 -78.78 4.15
N GLN N 89 -48.82 -79.20 5.14
CA GLN N 89 -49.45 -79.64 6.38
C GLN N 89 -48.61 -79.57 7.66
N VAL N 90 -49.17 -78.82 8.62
CA VAL N 90 -48.53 -78.61 9.91
C VAL N 90 -49.10 -79.56 10.93
N THR N 91 -48.32 -79.85 11.95
CA THR N 91 -48.61 -80.98 12.78
C THR N 91 -47.95 -80.75 14.09
N ILE N 92 -48.72 -80.74 15.15
CA ILE N 92 -48.10 -80.40 16.40
C ILE N 92 -47.40 -81.65 16.79
N VAL N 93 -46.42 -81.53 17.67
CA VAL N 93 -45.52 -82.62 17.96
C VAL N 93 -45.28 -82.63 19.43
N GLU N 94 -44.96 -81.46 19.95
CA GLU N 94 -44.86 -81.26 21.37
C GLU N 94 -45.70 -80.04 21.68
N ARG N 95 -46.01 -79.89 22.97
CA ARG N 95 -46.70 -78.72 23.47
C ARG N 95 -45.73 -78.06 24.44
N GLY N 96 -45.22 -76.89 24.11
CA GLY N 96 -44.26 -76.25 24.98
C GLY N 96 -44.93 -75.63 26.20
N LYS N 97 -44.21 -75.58 27.32
CA LYS N 97 -44.68 -74.82 28.49
C LYS N 97 -43.99 -73.47 28.46
N VAL N 98 -44.63 -72.55 27.75
CA VAL N 98 -44.00 -71.28 27.40
C VAL N 98 -44.59 -70.07 28.21
N ARG N 99 -43.72 -69.23 28.76
CA ARG N 99 -44.18 -68.17 29.67
C ARG N 99 -44.35 -66.83 28.97
N ARG N 100 -43.76 -66.69 27.79
CA ARG N 100 -43.87 -65.49 26.97
C ARG N 100 -44.74 -65.82 25.76
N ALA N 101 -44.52 -65.06 24.69
CA ALA N 101 -45.33 -65.18 23.50
C ALA N 101 -44.51 -65.06 22.25
N LYS N 102 -43.26 -64.61 22.34
CA LYS N 102 -42.45 -64.41 21.14
C LYS N 102 -41.10 -65.20 21.02
N LEU N 103 -40.57 -65.66 22.15
CA LEU N 103 -39.50 -66.68 22.13
C LEU N 103 -38.20 -66.30 21.42
N TYR N 104 -37.78 -65.05 21.57
CA TYR N 104 -36.64 -64.53 20.86
C TYR N 104 -35.42 -64.94 21.65
N TYR N 105 -35.60 -64.89 22.96
CA TYR N 105 -34.55 -65.13 23.94
C TYR N 105 -33.83 -66.44 23.82
N GLY N 106 -34.43 -67.37 23.07
CA GLY N 106 -33.89 -68.71 22.83
C GLY N 106 -32.98 -68.76 21.61
N LYS N 107 -32.54 -67.59 21.15
CA LYS N 107 -31.46 -67.53 20.17
C LYS N 107 -30.09 -67.50 20.87
N ALA N 108 -30.07 -67.61 22.20
CA ALA N 108 -28.94 -68.31 22.82
C ALA N 108 -29.40 -69.70 23.38
N ALA N 109 -28.87 -70.73 22.71
CA ALA N 109 -29.32 -72.12 22.82
C ALA N 109 -28.15 -73.09 22.57
N PRO O 1 -16.64 38.88 24.73
CA PRO O 1 -18.05 38.46 24.72
C PRO O 1 -18.28 37.21 23.86
N ARG O 2 -19.06 36.26 24.36
CA ARG O 2 -19.35 35.08 23.56
C ARG O 2 -20.64 35.22 22.78
N ALA O 3 -20.69 34.60 21.60
CA ALA O 3 -21.89 34.66 20.78
C ALA O 3 -22.36 33.31 20.23
N LYS O 4 -23.11 32.54 21.05
CA LYS O 4 -23.81 31.31 20.63
C LYS O 4 -24.35 31.40 19.21
N THR O 5 -24.63 30.25 18.60
CA THR O 5 -25.35 30.31 17.34
C THR O 5 -26.67 31.00 17.59
N GLY O 6 -27.18 30.74 18.78
CA GLY O 6 -28.50 31.19 19.15
C GLY O 6 -29.57 30.84 18.13
N ILE O 7 -29.53 31.48 16.97
CA ILE O 7 -30.71 31.57 16.13
C ILE O 7 -30.39 31.22 14.70
N VAL O 8 -29.30 31.79 14.23
CA VAL O 8 -28.88 31.72 12.83
C VAL O 8 -29.03 30.33 12.19
N ARG O 9 -28.57 29.29 12.89
CA ARG O 9 -28.56 27.97 12.31
C ARG O 9 -29.98 27.51 12.00
N ARG O 10 -30.87 27.63 12.99
CA ARG O 10 -32.26 27.26 12.76
C ARG O 10 -32.78 27.98 11.54
N ARG O 11 -32.37 29.22 11.38
CA ARG O 11 -32.77 30.03 10.23
C ARG O 11 -32.33 29.41 8.90
N ARG O 12 -31.01 29.34 8.68
CA ARG O 12 -30.42 28.69 7.49
C ARG O 12 -31.21 27.43 7.18
N HIS O 13 -31.31 26.59 8.22
CA HIS O 13 -31.87 25.25 8.10
C HIS O 13 -33.29 25.26 7.61
N LYS O 14 -34.10 26.07 8.25
CA LYS O 14 -35.48 26.12 7.84
C LYS O 14 -35.53 26.53 6.38
N LYS O 15 -34.64 27.45 5.99
CA LYS O 15 -34.64 27.96 4.60
C LYS O 15 -34.60 26.76 3.69
N VAL O 16 -33.65 25.88 3.99
CA VAL O 16 -33.52 24.68 3.18
C VAL O 16 -34.75 23.79 3.22
N LEU O 17 -35.27 23.59 4.43
CA LEU O 17 -36.39 22.70 4.60
C LEU O 17 -37.68 23.25 3.96
N LYS O 18 -37.68 24.53 3.62
CA LYS O 18 -38.86 25.10 2.98
C LYS O 18 -38.70 25.02 1.47
N ARG O 19 -37.45 25.12 1.00
CA ARG O 19 -37.13 24.69 -0.37
C ARG O 19 -37.52 23.22 -0.47
N ALA O 20 -37.13 22.50 0.58
CA ALA O 20 -37.24 21.06 0.66
C ALA O 20 -38.63 20.49 0.97
N LYS O 21 -39.56 20.55 0.03
CA LYS O 21 -40.84 19.88 0.29
C LYS O 21 -41.37 19.18 -0.94
N GLY O 22 -42.23 18.20 -0.71
CA GLY O 22 -42.72 17.36 -1.78
C GLY O 22 -41.78 16.19 -1.93
N PHE O 23 -40.63 16.31 -1.25
CA PHE O 23 -39.50 15.37 -1.36
C PHE O 23 -39.88 14.12 -0.60
N TRP O 24 -39.46 12.95 -1.10
CA TRP O 24 -39.91 11.66 -0.55
C TRP O 24 -39.01 11.18 0.59
N GLY O 25 -39.57 11.01 1.77
CA GLY O 25 -38.81 10.55 2.92
C GLY O 25 -37.72 11.50 3.32
N SER O 26 -37.12 11.31 4.51
CA SER O 26 -35.96 12.08 5.03
C SER O 26 -35.48 13.34 4.25
N ARG O 27 -35.37 13.19 2.93
CA ARG O 27 -35.11 14.26 1.99
C ARG O 27 -35.90 15.49 2.38
N SER O 28 -37.21 15.36 2.50
CA SER O 28 -38.04 16.52 2.89
C SER O 28 -38.03 16.84 4.38
N LYS O 29 -37.28 16.10 5.19
CA LYS O 29 -37.43 16.27 6.63
C LYS O 29 -36.15 16.44 7.45
N GLN O 30 -35.06 15.85 7.02
CA GLN O 30 -33.81 16.03 7.76
C GLN O 30 -33.00 17.04 6.98
N TYR O 31 -32.25 17.91 7.68
CA TYR O 31 -31.51 18.95 6.98
C TYR O 31 -30.51 18.38 5.99
N ARG O 32 -29.54 17.65 6.49
CA ARG O 32 -28.45 17.18 5.67
C ARG O 32 -28.97 16.55 4.39
N ASN O 33 -29.82 15.54 4.49
CA ASN O 33 -30.30 14.93 3.25
C ASN O 33 -31.01 15.96 2.38
N ALA O 34 -31.66 16.94 3.02
CA ALA O 34 -32.39 17.95 2.27
C ALA O 34 -31.48 18.83 1.42
N PHE O 35 -30.68 19.66 2.09
CA PHE O 35 -29.62 20.49 1.45
C PHE O 35 -28.90 19.69 0.35
N GLN O 36 -28.52 18.47 0.68
CA GLN O 36 -27.86 17.55 -0.24
C GLN O 36 -28.65 17.35 -1.52
N THR O 37 -29.87 16.87 -1.33
CA THR O 37 -30.76 16.51 -2.40
C THR O 37 -30.79 17.66 -3.35
N LEU O 38 -30.80 18.84 -2.73
CA LEU O 38 -30.79 20.13 -3.42
C LEU O 38 -29.49 20.46 -4.17
N LEU O 39 -28.34 19.98 -3.70
CA LEU O 39 -27.12 20.13 -4.50
C LEU O 39 -27.35 19.49 -5.84
N ASN O 40 -27.79 18.24 -5.78
CA ASN O 40 -27.98 17.55 -7.06
C ASN O 40 -29.05 18.26 -7.87
N ALA O 41 -30.14 18.61 -7.19
CA ALA O 41 -31.26 19.32 -7.80
C ALA O 41 -30.79 20.56 -8.55
N ALA O 42 -29.78 21.22 -8.00
CA ALA O 42 -29.15 22.35 -8.64
C ALA O 42 -28.65 21.93 -9.99
N THR O 43 -27.75 20.94 -9.98
CA THR O 43 -27.25 20.42 -11.25
C THR O 43 -28.41 20.27 -12.28
N TYR O 44 -29.48 19.62 -11.83
CA TYR O 44 -30.58 19.32 -12.73
C TYR O 44 -31.34 20.55 -13.22
N GLU O 45 -31.51 21.51 -12.35
CA GLU O 45 -32.12 22.74 -12.77
C GLU O 45 -31.33 23.42 -13.93
N TYR O 46 -30.10 23.85 -13.64
CA TYR O 46 -29.24 24.49 -14.66
C TYR O 46 -29.28 23.77 -16.04
N ARG O 47 -28.79 22.52 -16.02
CA ARG O 47 -28.72 21.78 -17.28
C ARG O 47 -30.10 21.78 -17.92
N ASP O 48 -31.14 21.49 -17.14
CA ASP O 48 -32.42 21.26 -17.76
C ASP O 48 -33.09 22.55 -18.27
N ARG O 49 -32.61 23.70 -17.82
CA ARG O 49 -33.02 24.94 -18.46
C ARG O 49 -32.57 24.86 -19.92
N ARG O 50 -31.25 24.78 -20.13
CA ARG O 50 -30.87 24.77 -21.58
C ARG O 50 -31.46 23.57 -22.30
N ASN O 51 -31.64 22.51 -21.52
CA ASN O 51 -32.05 21.27 -22.08
C ASN O 51 -33.42 21.42 -22.67
N LYS O 52 -34.33 21.99 -21.89
CA LYS O 52 -35.70 22.13 -22.36
C LYS O 52 -35.71 22.96 -23.61
N LYS O 53 -34.75 23.87 -23.67
CA LYS O 53 -34.60 24.58 -24.94
C LYS O 53 -34.33 23.58 -26.08
N ARG O 54 -33.55 22.55 -25.81
CA ARG O 54 -33.41 21.53 -26.85
C ARG O 54 -34.74 20.81 -27.12
N ASP O 55 -35.30 20.26 -26.05
CA ASP O 55 -36.40 19.30 -26.12
C ASP O 55 -37.58 19.85 -26.88
N PHE O 56 -37.92 21.09 -26.59
CA PHE O 56 -39.04 21.69 -27.27
C PHE O 56 -38.78 21.73 -28.76
N ARG O 57 -37.58 22.19 -29.13
CA ARG O 57 -37.15 22.23 -30.51
C ARG O 57 -37.40 20.88 -31.20
N ARG O 58 -36.96 19.81 -30.54
CA ARG O 58 -37.26 18.45 -31.01
C ARG O 58 -38.76 18.29 -31.29
N LEU O 59 -39.59 18.59 -30.28
CA LEU O 59 -41.05 18.43 -30.39
C LEU O 59 -41.65 19.11 -31.62
N TRP O 60 -41.34 20.41 -31.75
CA TRP O 60 -41.76 21.19 -32.92
C TRP O 60 -41.34 20.45 -34.18
N ILE O 61 -40.09 20.01 -34.19
CA ILE O 61 -39.59 19.33 -35.35
C ILE O 61 -40.46 18.14 -35.75
N GLN O 62 -40.72 17.24 -34.82
CA GLN O 62 -41.43 16.01 -35.19
C GLN O 62 -42.82 16.32 -35.66
N ARG O 63 -43.41 17.36 -35.08
CA ARG O 63 -44.72 17.75 -35.55
C ARG O 63 -44.65 18.24 -37.01
N ILE O 64 -43.66 19.05 -37.32
CA ILE O 64 -43.57 19.49 -38.71
C ILE O 64 -43.34 18.31 -39.66
N ASN O 65 -42.36 17.45 -39.34
CA ASN O 65 -42.05 16.28 -40.16
C ASN O 65 -43.35 15.61 -40.50
N ALA O 66 -44.13 15.37 -39.45
CA ALA O 66 -45.46 14.82 -39.62
C ALA O 66 -46.15 15.59 -40.74
N GLY O 67 -46.48 16.84 -40.44
CA GLY O 67 -47.16 17.69 -41.39
C GLY O 67 -46.76 17.47 -42.84
N ALA O 68 -45.46 17.60 -43.10
CA ALA O 68 -44.94 17.47 -44.44
C ALA O 68 -45.46 16.18 -44.99
N ARG O 69 -45.12 15.12 -44.28
CA ARG O 69 -45.38 13.75 -44.72
C ARG O 69 -46.88 13.52 -44.94
N LEU O 70 -47.70 14.35 -44.33
CA LEU O 70 -49.14 14.17 -44.37
C LEU O 70 -49.68 14.39 -45.77
N HIS O 71 -48.84 15.01 -46.60
CA HIS O 71 -49.20 15.22 -47.99
C HIS O 71 -48.30 14.38 -48.92
N GLY O 72 -47.00 14.58 -48.81
CA GLY O 72 -46.06 13.81 -49.58
C GLY O 72 -44.66 14.36 -49.39
N MET O 73 -44.55 15.30 -48.47
CA MET O 73 -43.27 15.95 -48.28
C MET O 73 -42.48 15.37 -47.12
N ASN O 74 -41.18 15.47 -47.21
CA ASN O 74 -40.31 15.14 -46.12
C ASN O 74 -40.26 16.39 -45.22
N TYR O 75 -39.85 16.26 -43.97
CA TYR O 75 -39.60 17.45 -43.16
C TYR O 75 -38.53 18.23 -43.84
N SER O 76 -37.42 17.55 -44.14
CA SER O 76 -36.21 18.20 -44.61
C SER O 76 -36.52 18.96 -45.88
N THR O 77 -37.28 18.33 -46.78
CA THR O 77 -37.65 18.94 -48.06
C THR O 77 -38.62 20.12 -47.90
N PHE O 78 -39.63 19.96 -47.05
CA PHE O 78 -40.53 21.05 -46.74
C PHE O 78 -39.74 22.23 -46.21
N ILE O 79 -39.10 22.05 -45.06
CA ILE O 79 -38.28 23.10 -44.45
C ILE O 79 -37.22 23.72 -45.40
N ASN O 80 -36.67 22.92 -46.30
CA ASN O 80 -35.68 23.40 -47.27
C ASN O 80 -36.31 24.29 -48.34
N GLY O 81 -37.46 23.88 -48.89
CA GLY O 81 -38.23 24.72 -49.80
C GLY O 81 -38.89 25.91 -49.10
N LEU O 82 -38.85 25.89 -47.77
CA LEU O 82 -39.25 27.03 -46.94
C LEU O 82 -38.04 27.81 -46.46
N LYS O 83 -36.87 27.40 -46.93
CA LYS O 83 -35.69 28.24 -46.83
C LYS O 83 -35.47 28.86 -48.21
N ARG O 84 -35.87 28.13 -49.24
CA ARG O 84 -35.63 28.49 -50.64
C ARG O 84 -36.52 29.64 -51.08
N ALA O 85 -37.82 29.52 -50.87
CA ALA O 85 -38.69 30.65 -51.09
C ALA O 85 -38.51 31.67 -49.96
N ASN O 86 -37.47 31.48 -49.16
CA ASN O 86 -37.07 32.45 -48.14
C ASN O 86 -38.10 32.73 -47.05
N ILE O 87 -39.13 31.88 -46.99
CA ILE O 87 -40.22 32.05 -46.04
C ILE O 87 -39.73 31.84 -44.61
N ASP O 88 -39.07 32.87 -44.07
CA ASP O 88 -38.26 32.73 -42.86
C ASP O 88 -39.08 32.59 -41.58
N LEU O 89 -39.86 31.52 -41.51
CA LEU O 89 -40.66 31.21 -40.32
C LEU O 89 -39.88 30.43 -39.24
N ASN O 90 -40.10 30.83 -38.00
CA ASN O 90 -39.67 30.06 -36.84
C ASN O 90 -40.26 28.68 -36.99
N ARG O 91 -39.64 27.66 -36.44
CA ARG O 91 -40.28 26.35 -36.59
C ARG O 91 -41.33 26.04 -35.51
N LYS O 92 -41.23 26.70 -34.36
CA LYS O 92 -42.25 26.62 -33.33
C LYS O 92 -43.60 27.05 -33.92
N VAL O 93 -43.55 28.16 -34.63
CA VAL O 93 -44.73 28.64 -35.32
C VAL O 93 -45.16 27.59 -36.33
N LEU O 94 -44.21 27.05 -37.09
CA LEU O 94 -44.54 26.07 -38.11
C LEU O 94 -45.30 24.85 -37.55
N ALA O 95 -44.92 24.44 -36.36
CA ALA O 95 -45.63 23.38 -35.67
C ALA O 95 -47.05 23.86 -35.47
N ASP O 96 -47.17 25.01 -34.82
CA ASP O 96 -48.48 25.60 -34.56
C ASP O 96 -49.40 25.60 -35.80
N ILE O 97 -48.93 26.19 -36.90
CA ILE O 97 -49.62 26.18 -38.19
C ILE O 97 -50.03 24.75 -38.49
N ALA O 98 -49.02 23.88 -38.49
CA ALA O 98 -49.14 22.49 -38.89
C ALA O 98 -50.24 21.68 -38.21
N ALA O 99 -50.38 21.86 -36.90
CA ALA O 99 -51.29 21.05 -36.11
C ALA O 99 -52.62 21.73 -35.74
N ARG O 100 -52.64 23.07 -35.71
CA ARG O 100 -53.86 23.81 -35.35
C ARG O 100 -54.48 24.49 -36.56
N GLU O 101 -53.69 24.65 -37.63
CA GLU O 101 -54.13 25.37 -38.83
C GLU O 101 -53.85 24.61 -40.14
N PRO O 102 -54.78 23.73 -40.52
CA PRO O 102 -54.73 22.85 -41.71
C PRO O 102 -54.38 23.50 -43.06
N GLU O 103 -55.34 24.19 -43.67
CA GLU O 103 -55.21 24.62 -45.06
C GLU O 103 -54.03 25.57 -45.21
N ALA O 104 -53.67 26.23 -44.12
CA ALA O 104 -52.49 27.08 -44.09
C ALA O 104 -51.24 26.24 -44.27
N PHE O 105 -51.14 25.16 -43.51
CA PHE O 105 -50.02 24.27 -43.69
C PHE O 105 -50.02 23.77 -45.13
N LYS O 106 -51.20 23.43 -45.64
CA LYS O 106 -51.35 23.07 -47.05
C LYS O 106 -50.64 24.04 -48.00
N ALA O 107 -51.01 25.30 -47.91
CA ALA O 107 -50.38 26.30 -48.78
C ALA O 107 -48.87 26.37 -48.61
N LEU O 108 -48.41 26.47 -47.37
CA LEU O 108 -46.97 26.57 -47.09
C LEU O 108 -46.22 25.40 -47.74
N VAL O 109 -46.87 24.24 -47.74
CA VAL O 109 -46.37 23.07 -48.44
C VAL O 109 -46.23 23.32 -49.93
N ASP O 110 -47.34 23.67 -50.57
CA ASP O 110 -47.34 23.86 -52.03
C ASP O 110 -46.24 24.84 -52.45
N ALA O 111 -46.09 25.88 -51.64
CA ALA O 111 -45.01 26.84 -51.77
C ALA O 111 -43.62 26.20 -51.74
N SER O 112 -43.29 25.56 -50.62
CA SER O 112 -41.98 24.94 -50.48
C SER O 112 -41.63 24.05 -51.66
N ARG O 113 -42.60 23.24 -52.07
CA ARG O 113 -42.38 22.33 -53.19
C ARG O 113 -42.13 23.09 -54.49
N ASN O 114 -42.99 24.07 -54.79
CA ASN O 114 -42.78 24.94 -55.94
C ASN O 114 -41.35 25.46 -55.99
N ALA O 115 -40.94 26.16 -54.93
CA ALA O 115 -39.60 26.74 -54.83
C ALA O 115 -38.47 25.70 -54.90
N ARG O 116 -38.82 24.44 -54.61
CA ARG O 116 -37.84 23.36 -54.68
C ARG O 116 -37.42 22.90 -56.09
N GLN O 117 -38.35 22.96 -57.05
CA GLN O 117 -38.15 22.36 -58.37
C GLN O 117 -37.81 23.36 -59.52
N ILE P 1 -43.96 37.77 -37.70
CA ILE P 1 -44.45 38.57 -36.58
C ILE P 1 -43.36 38.73 -35.49
N GLN P 2 -42.12 38.43 -35.89
CA GLN P 2 -40.92 38.33 -35.02
C GLN P 2 -40.47 39.62 -34.37
N THR P 3 -39.70 39.51 -33.29
CA THR P 3 -39.49 40.64 -32.39
C THR P 3 -38.37 40.45 -31.36
N GLY P 4 -37.12 40.49 -31.81
CA GLY P 4 -36.02 40.29 -30.90
C GLY P 4 -35.83 38.81 -30.65
N GLY P 5 -35.52 38.09 -31.72
CA GLY P 5 -35.53 36.66 -31.69
C GLY P 5 -36.90 36.10 -31.96
N LYS P 6 -37.63 35.85 -30.88
CA LYS P 6 -38.83 35.03 -30.97
C LYS P 6 -39.83 35.53 -32.02
N GLN P 7 -40.30 34.62 -32.86
CA GLN P 7 -41.46 34.88 -33.70
C GLN P 7 -42.66 34.90 -32.78
N TYR P 8 -43.80 35.38 -33.25
CA TYR P 8 -45.06 35.23 -32.51
C TYR P 8 -46.23 34.99 -33.47
N ARG P 9 -47.41 34.74 -32.92
CA ARG P 9 -48.61 34.52 -33.73
C ARG P 9 -49.80 35.12 -33.04
N VAL P 10 -50.27 36.25 -33.58
CA VAL P 10 -51.44 36.95 -33.04
C VAL P 10 -52.63 36.98 -34.01
N SER P 11 -53.81 37.16 -33.41
CA SER P 11 -55.07 37.10 -34.13
C SER P 11 -55.60 38.49 -34.37
N GLU P 12 -55.72 39.21 -33.26
CA GLU P 12 -56.12 40.60 -33.20
C GLU P 12 -56.39 40.81 -31.73
N GLY P 13 -55.88 41.90 -31.17
CA GLY P 13 -56.25 42.31 -29.82
C GLY P 13 -55.88 41.38 -28.68
N ASP P 14 -54.64 41.49 -28.21
CA ASP P 14 -54.19 40.72 -27.06
C ASP P 14 -52.86 41.22 -26.50
N VAL P 15 -52.49 40.64 -25.36
CA VAL P 15 -51.17 40.86 -24.77
C VAL P 15 -50.14 39.82 -25.25
N ILE P 16 -48.87 40.14 -25.03
CA ILE P 16 -47.71 39.41 -25.53
C ILE P 16 -46.56 40.11 -24.82
N ARG P 17 -45.83 39.45 -23.94
CA ARG P 17 -44.65 40.12 -23.40
C ARG P 17 -43.41 39.80 -24.26
N VAL P 18 -42.61 40.82 -24.55
CA VAL P 18 -41.38 40.65 -25.30
C VAL P 18 -40.36 41.30 -24.40
N GLU P 19 -39.26 41.81 -24.94
CA GLU P 19 -38.24 42.44 -24.09
C GLU P 19 -38.14 43.98 -24.21
N SER P 20 -37.08 44.52 -23.62
CA SER P 20 -36.95 45.96 -23.39
C SER P 20 -37.09 46.85 -24.64
N LEU P 21 -38.30 46.89 -25.18
CA LEU P 21 -38.66 47.92 -26.16
C LEU P 21 -38.64 49.32 -25.52
N GLN P 22 -38.41 50.35 -26.34
CA GLN P 22 -38.24 51.72 -25.83
C GLN P 22 -39.56 52.49 -25.67
N GLY P 23 -39.54 53.46 -24.77
CA GLY P 23 -40.71 54.27 -24.53
C GLY P 23 -41.32 53.92 -23.20
N GLU P 24 -42.44 54.56 -22.87
CA GLU P 24 -43.15 54.27 -21.63
C GLU P 24 -44.65 54.14 -21.84
N ALA P 25 -45.39 54.31 -20.77
CA ALA P 25 -46.83 53.95 -20.72
C ALA P 25 -47.68 54.36 -21.93
N GLY P 26 -47.48 53.67 -23.05
CA GLY P 26 -48.33 53.83 -24.20
C GLY P 26 -47.67 54.54 -25.36
N ASP P 27 -46.60 53.95 -25.89
CA ASP P 27 -46.08 54.41 -27.18
C ASP P 27 -46.92 53.79 -28.27
N LYS P 28 -46.30 53.45 -29.39
CA LYS P 28 -47.07 52.93 -30.51
C LYS P 28 -46.15 52.27 -31.50
N VAL P 29 -45.86 50.99 -31.25
CA VAL P 29 -44.89 50.21 -32.01
C VAL P 29 -45.54 49.31 -33.06
N GLU P 30 -44.81 49.08 -34.15
CA GLU P 30 -45.37 48.48 -35.35
C GLU P 30 -44.38 47.46 -35.89
N LEU P 31 -44.87 46.31 -36.34
CA LEU P 31 -43.95 45.36 -37.00
C LEU P 31 -44.44 44.72 -38.29
N LYS P 32 -43.48 44.34 -39.11
CA LYS P 32 -43.72 43.79 -40.42
C LYS P 32 -43.83 42.29 -40.34
N ALA P 33 -44.89 41.78 -40.97
CA ALA P 33 -45.29 40.40 -40.85
C ALA P 33 -44.40 39.39 -41.60
N LEU P 34 -44.47 38.14 -41.15
CA LEU P 34 -43.99 37.01 -41.91
C LEU P 34 -45.21 36.16 -42.23
N PHE P 35 -46.25 36.35 -41.42
CA PHE P 35 -47.48 35.62 -41.63
C PHE P 35 -48.77 36.22 -41.09
N VAL P 36 -49.73 36.25 -42.00
CA VAL P 36 -51.14 36.46 -41.72
C VAL P 36 -51.63 35.84 -40.40
N GLY P 37 -52.00 36.68 -39.44
CA GLY P 37 -52.60 36.21 -38.19
C GLY P 37 -54.02 35.66 -38.33
N GLY P 38 -54.34 35.11 -39.50
CA GLY P 38 -55.65 34.51 -39.75
C GLY P 38 -56.00 34.14 -41.19
N GLU P 39 -56.97 34.89 -41.75
CA GLU P 39 -57.64 34.59 -43.03
C GLU P 39 -56.83 34.61 -44.33
N GLN P 40 -57.29 33.83 -45.30
CA GLN P 40 -56.72 33.79 -46.66
C GLN P 40 -55.23 33.40 -46.77
N THR P 41 -54.44 33.74 -45.74
CA THR P 41 -53.04 33.33 -45.64
C THR P 41 -52.12 33.93 -46.70
N VAL P 42 -51.09 34.62 -46.23
CA VAL P 42 -49.99 35.00 -47.10
C VAL P 42 -48.73 35.18 -46.24
N PHE P 43 -47.59 34.92 -46.87
CA PHE P 43 -46.35 34.65 -46.17
C PHE P 43 -45.16 35.29 -46.85
N GLY P 44 -44.26 35.85 -46.04
CA GLY P 44 -43.00 36.39 -46.54
C GLY P 44 -43.01 37.84 -47.00
N GLU P 45 -42.30 38.09 -48.10
CA GLU P 45 -42.26 39.42 -48.70
C GLU P 45 -43.61 39.75 -49.33
N ASP P 46 -44.38 38.70 -49.61
CA ASP P 46 -45.75 38.84 -50.08
C ASP P 46 -46.68 39.25 -48.93
N ALA P 47 -46.11 39.38 -47.74
CA ALA P 47 -46.88 39.72 -46.53
C ALA P 47 -46.15 40.68 -45.59
N GLY P 48 -45.05 41.27 -46.06
CA GLY P 48 -44.37 42.31 -45.30
C GLY P 48 -45.16 43.60 -45.45
N LYS P 49 -45.71 43.77 -46.65
CA LYS P 49 -46.59 44.90 -46.95
C LYS P 49 -47.78 44.90 -46.00
N TYR P 50 -48.33 43.72 -45.78
CA TYR P 50 -49.37 43.55 -44.76
C TYR P 50 -48.66 43.57 -43.42
N THR P 51 -48.90 44.60 -42.62
CA THR P 51 -48.20 44.69 -41.35
C THR P 51 -49.14 44.82 -40.16
N VAL P 52 -48.55 44.90 -38.98
CA VAL P 52 -49.37 45.04 -37.80
C VAL P 52 -48.84 46.20 -37.01
N GLN P 53 -49.74 46.79 -36.26
CA GLN P 53 -49.39 47.83 -35.32
C GLN P 53 -49.67 47.25 -33.95
N ALA P 54 -49.05 47.81 -32.91
CA ALA P 54 -49.29 47.33 -31.56
C ALA P 54 -48.86 48.35 -30.51
N GLU P 55 -49.83 48.85 -29.75
CA GLU P 55 -49.49 49.85 -28.73
C GLU P 55 -48.89 49.18 -27.49
N VAL P 56 -47.85 49.80 -26.95
CA VAL P 56 -47.24 49.43 -25.67
C VAL P 56 -48.30 49.20 -24.58
N VAL P 57 -47.92 48.52 -23.50
CA VAL P 57 -48.82 48.31 -22.38
C VAL P 57 -48.08 48.51 -21.06
N GLU P 58 -46.88 47.94 -20.92
CA GLU P 58 -46.18 48.09 -19.62
C GLU P 58 -44.68 47.73 -19.59
N HIS P 59 -43.97 48.22 -18.58
CA HIS P 59 -42.60 47.79 -18.34
C HIS P 59 -42.55 46.80 -17.20
N GLY P 60 -41.66 45.81 -17.30
CA GLY P 60 -41.73 44.67 -16.41
C GLY P 60 -40.46 43.98 -15.93
N ARG P 61 -40.38 43.83 -14.61
CA ARG P 61 -39.41 42.96 -13.98
C ARG P 61 -40.17 41.65 -13.75
N GLY P 62 -39.85 40.63 -14.53
CA GLY P 62 -40.60 39.39 -14.52
C GLY P 62 -40.51 38.57 -13.24
N LYS P 63 -41.03 37.34 -13.29
CA LYS P 63 -41.04 36.42 -12.13
C LYS P 63 -39.63 35.95 -11.78
N LYS P 64 -39.37 35.80 -10.47
CA LYS P 64 -38.02 35.55 -9.98
C LYS P 64 -37.61 34.18 -10.45
N ILE P 65 -36.30 34.01 -10.65
CA ILE P 65 -35.74 32.70 -10.91
C ILE P 65 -34.39 32.76 -10.24
N TYR P 66 -33.85 31.62 -9.84
CA TYR P 66 -32.49 31.63 -9.33
C TYR P 66 -31.54 30.89 -10.27
N ILE P 67 -30.26 31.27 -10.23
CA ILE P 67 -29.28 30.57 -11.02
C ILE P 67 -28.32 29.92 -10.05
N ARG P 68 -28.45 28.59 -9.96
CA ARG P 68 -27.63 27.81 -9.05
C ARG P 68 -26.75 26.80 -9.84
N LYS P 69 -25.46 26.72 -9.50
CA LYS P 69 -24.62 25.71 -10.15
C LYS P 69 -23.90 24.84 -9.12
N TYR P 70 -23.49 23.64 -9.55
CA TYR P 70 -22.85 22.65 -8.68
C TYR P 70 -21.94 21.66 -9.42
N LYS P 71 -20.79 21.40 -8.82
CA LYS P 71 -19.87 20.39 -9.32
C LYS P 71 -19.37 19.61 -8.11
N SER P 72 -19.45 18.29 -8.14
CA SER P 72 -19.16 17.54 -6.93
C SER P 72 -17.68 17.41 -6.65
N GLY P 73 -17.32 17.44 -5.37
CA GLY P 73 -15.95 17.18 -4.95
C GLY P 73 -15.03 18.38 -4.88
N VAL P 74 -15.47 19.52 -5.40
CA VAL P 74 -14.67 20.75 -5.39
C VAL P 74 -15.09 21.75 -4.31
N GLN P 75 -16.34 21.65 -3.87
CA GLN P 75 -17.02 22.70 -3.10
C GLN P 75 -17.49 23.84 -4.01
N TYR P 76 -17.73 23.52 -5.28
CA TYR P 76 -18.23 24.52 -6.23
C TYR P 76 -19.75 24.51 -6.23
N ARG P 77 -20.30 25.49 -5.49
CA ARG P 77 -21.74 25.74 -5.37
C ARG P 77 -21.95 27.24 -5.58
N ARG P 78 -22.74 27.62 -6.57
CA ARG P 78 -22.93 29.04 -6.89
C ARG P 78 -24.40 29.43 -6.82
N ARG P 79 -24.65 30.58 -6.22
CA ARG P 79 -26.01 31.06 -5.96
C ARG P 79 -26.21 32.55 -6.38
N THR P 80 -27.02 32.72 -7.42
CA THR P 80 -27.29 34.05 -7.96
C THR P 80 -28.79 34.23 -8.14
N GLY P 81 -29.26 35.48 -8.21
CA GLY P 81 -30.66 35.78 -8.49
C GLY P 81 -30.88 36.37 -9.87
N HIS P 82 -32.05 36.15 -10.47
CA HIS P 82 -32.33 36.71 -11.81
C HIS P 82 -33.80 36.92 -12.22
N ARG P 83 -34.04 38.08 -12.86
CA ARG P 83 -35.33 38.51 -13.40
C ARG P 83 -35.12 39.10 -14.80
N GLN P 84 -35.89 38.64 -15.77
CA GLN P 84 -35.70 39.07 -17.15
C GLN P 84 -36.67 40.16 -17.53
N ASN P 85 -36.15 41.31 -17.92
CA ASN P 85 -36.97 42.48 -18.16
C ASN P 85 -37.73 42.44 -19.46
N PHE P 86 -39.05 42.54 -19.35
CA PHE P 86 -39.95 42.41 -20.49
C PHE P 86 -40.81 43.67 -20.66
N THR P 87 -41.39 43.82 -21.85
CA THR P 87 -42.38 44.88 -22.11
C THR P 87 -43.70 44.26 -22.57
N ALA P 88 -44.80 44.82 -22.10
CA ALA P 88 -46.12 44.32 -22.44
C ALA P 88 -46.67 45.13 -23.58
N ILE P 89 -47.29 44.44 -24.55
CA ILE P 89 -47.69 45.00 -25.83
C ILE P 89 -49.11 44.63 -26.27
N LYS P 90 -49.90 45.63 -26.63
CA LYS P 90 -51.28 45.42 -27.07
C LYS P 90 -51.35 45.30 -28.59
N ILE P 91 -51.91 44.20 -29.07
CA ILE P 91 -52.00 43.97 -30.51
C ILE P 91 -53.14 44.70 -31.23
N LEU P 92 -52.75 45.51 -32.22
CA LEU P 92 -53.68 46.24 -33.08
C LEU P 92 -53.31 46.00 -34.54
N GLY P 93 -53.60 44.80 -35.04
CA GLY P 93 -53.14 44.41 -36.36
C GLY P 93 -53.93 45.05 -37.48
N ILE P 94 -53.21 45.45 -38.53
CA ILE P 94 -53.88 45.86 -39.76
C ILE P 94 -54.36 44.59 -40.46
N PHE Q 1 -64.62 40.61 18.34
CA PHE Q 1 -63.82 41.00 19.52
C PHE Q 1 -62.69 41.95 19.12
N ARG Q 2 -61.85 42.35 20.08
CA ARG Q 2 -60.62 43.07 19.70
C ARG Q 2 -59.32 42.38 20.13
N ASN Q 3 -59.04 42.43 21.42
CA ASN Q 3 -57.80 41.88 21.94
C ASN Q 3 -57.87 40.39 22.11
N LYS Q 4 -56.73 39.74 21.97
CA LYS Q 4 -56.64 38.35 22.34
C LYS Q 4 -56.99 38.30 23.81
N LYS Q 5 -56.43 39.21 24.58
CA LYS Q 5 -56.75 39.29 26.02
C LYS Q 5 -58.27 39.34 26.31
N GLN Q 6 -59.02 40.04 25.45
CA GLN Q 6 -60.47 40.17 25.61
C GLN Q 6 -61.19 38.84 25.38
N ARG Q 7 -60.78 38.14 24.33
CA ARG Q 7 -61.27 36.81 24.06
C ARG Q 7 -60.98 35.91 25.24
N LYS Q 8 -59.81 36.07 25.84
CA LYS Q 8 -59.43 35.22 26.98
C LYS Q 8 -60.39 35.40 28.13
N GLN Q 9 -60.66 36.67 28.43
CA GLN Q 9 -61.68 37.15 29.38
C GLN Q 9 -63.08 36.56 29.18
N GLN Q 10 -63.58 36.68 27.94
CA GLN Q 10 -64.96 36.30 27.57
C GLN Q 10 -65.35 34.82 27.53
N VAL Q 11 -64.54 33.98 26.87
CA VAL Q 11 -64.98 32.63 26.42
C VAL Q 11 -64.74 31.37 27.31
N LYS Q 12 -63.49 31.09 27.66
CA LYS Q 12 -63.13 29.82 28.33
C LYS Q 12 -63.20 28.61 27.37
N LEU Q 13 -62.39 27.59 27.63
CA LEU Q 13 -62.42 26.40 26.79
C LEU Q 13 -63.32 25.34 27.38
N ARG Q 14 -64.36 24.94 26.66
CA ARG Q 14 -65.04 23.73 27.10
C ARG Q 14 -64.67 22.51 26.21
N LYS Q 15 -64.38 21.39 26.88
CA LYS Q 15 -64.04 20.16 26.21
C LYS Q 15 -65.22 19.20 26.26
N PRO Q 16 -65.87 19.06 25.09
CA PRO Q 16 -67.07 18.28 24.78
C PRO Q 16 -66.75 16.84 24.36
N GLY Q 17 -66.89 15.92 25.30
CA GLY Q 17 -66.81 14.49 25.00
C GLY Q 17 -65.43 13.89 25.19
N PHE Q 18 -64.59 14.62 25.91
CA PHE Q 18 -63.17 14.35 25.90
C PHE Q 18 -62.67 13.91 27.24
N ALA Q 19 -61.90 12.83 27.24
CA ALA Q 19 -61.14 12.52 28.45
C ALA Q 19 -59.83 11.85 28.16
N VAL Q 20 -58.99 11.97 29.19
CA VAL Q 20 -57.60 11.69 29.09
C VAL Q 20 -57.01 10.91 30.22
N ALA Q 21 -56.65 9.69 29.82
CA ALA Q 21 -55.70 8.79 30.45
C ALA Q 21 -54.31 9.33 30.27
N LYS Q 22 -53.79 9.93 31.33
CA LYS Q 22 -52.47 10.51 31.32
C LYS Q 22 -51.53 9.58 32.06
N TYR Q 23 -50.33 9.41 31.49
CA TYR Q 23 -49.25 8.76 32.20
C TYR Q 23 -49.50 7.29 32.54
N VAL Q 24 -50.22 6.62 31.64
CA VAL Q 24 -50.61 5.23 31.85
C VAL Q 24 -49.50 4.25 31.40
N ARG Q 25 -49.13 3.32 32.28
CA ARG Q 25 -47.95 2.46 32.09
C ARG Q 25 -48.10 1.31 31.07
N MET Q 26 -48.13 1.66 29.79
CA MET Q 26 -48.38 0.69 28.75
C MET Q 26 -47.82 1.23 27.44
N SER Q 27 -47.22 0.39 26.59
CA SER Q 27 -46.67 0.97 25.35
C SER Q 27 -47.68 1.33 24.29
N PRO Q 28 -47.59 2.59 23.84
CA PRO Q 28 -48.42 3.26 22.83
C PRO Q 28 -48.96 2.27 21.83
N ARG Q 29 -48.08 1.64 21.08
CA ARG Q 29 -48.52 0.81 19.99
C ARG Q 29 -49.42 -0.33 20.46
N LYS Q 30 -49.14 -0.85 21.65
CA LYS Q 30 -49.93 -1.95 22.18
C LYS Q 30 -51.35 -1.44 22.33
N VAL Q 31 -51.44 -0.26 22.93
CA VAL Q 31 -52.69 0.18 23.49
C VAL Q 31 -53.50 0.67 22.32
N ARG Q 32 -52.79 1.18 21.33
CA ARG Q 32 -53.43 1.56 20.12
C ARG Q 32 -54.12 0.32 19.64
N LEU Q 33 -53.45 -0.83 19.74
CA LEU Q 33 -54.03 -2.04 19.15
C LEU Q 33 -55.45 -2.35 19.56
N VAL Q 34 -55.73 -2.27 20.87
CA VAL Q 34 -57.11 -2.28 21.41
C VAL Q 34 -57.91 -1.17 20.74
N VAL Q 35 -57.41 0.04 20.92
CA VAL Q 35 -58.20 1.20 20.59
C VAL Q 35 -58.62 1.30 19.13
N ASP Q 36 -57.99 0.54 18.24
CA ASP Q 36 -58.29 0.70 16.82
C ASP Q 36 -59.66 0.13 16.52
N VAL Q 37 -60.13 -0.71 17.42
CA VAL Q 37 -61.46 -1.28 17.26
C VAL Q 37 -62.57 -0.43 17.87
N ILE Q 38 -62.25 0.36 18.89
CA ILE Q 38 -63.26 1.20 19.50
C ILE Q 38 -63.75 2.14 18.42
N ARG Q 39 -62.81 2.93 17.90
CA ARG Q 39 -63.07 4.11 17.08
C ARG Q 39 -64.26 4.08 16.10
N GLY Q 40 -65.12 5.10 16.26
CA GLY Q 40 -66.23 5.44 15.37
C GLY Q 40 -67.45 4.56 15.48
N LYS Q 41 -67.59 3.89 16.63
CA LYS Q 41 -68.56 2.82 16.77
C LYS Q 41 -69.47 3.14 17.94
N SER Q 42 -70.71 2.65 17.86
CA SER Q 42 -71.75 2.93 18.86
C SER Q 42 -71.40 2.80 20.36
N VAL Q 43 -70.42 3.59 20.82
CA VAL Q 43 -70.03 3.85 22.23
C VAL Q 43 -70.40 2.81 23.31
N GLN Q 44 -71.47 2.07 23.08
CA GLN Q 44 -71.88 1.03 23.98
C GLN Q 44 -71.19 -0.17 23.42
N ASP Q 45 -71.21 -0.22 22.08
CA ASP Q 45 -70.45 -1.21 21.35
C ASP Q 45 -69.09 -1.23 21.93
N ALA Q 46 -68.44 -0.08 21.94
CA ALA Q 46 -67.14 0.03 22.56
C ALA Q 46 -67.08 -0.55 23.98
N GLU Q 47 -68.13 -0.38 24.77
CA GLU Q 47 -68.13 -0.98 26.10
C GLU Q 47 -68.17 -2.53 26.02
N ASP Q 48 -68.69 -3.08 24.91
CA ASP Q 48 -68.88 -4.53 24.78
C ASP Q 48 -67.66 -5.24 24.16
N LEU Q 49 -67.33 -4.81 22.95
CA LEU Q 49 -66.05 -5.08 22.36
C LEU Q 49 -64.96 -4.97 23.41
N LEU Q 50 -64.94 -3.94 24.25
CA LEU Q 50 -63.89 -3.91 25.27
C LEU Q 50 -64.13 -4.87 26.44
N ARG Q 51 -64.96 -5.89 26.26
CA ARG Q 51 -65.10 -6.86 27.34
C ARG Q 51 -64.61 -8.24 26.89
N PHE Q 52 -64.06 -8.26 25.69
CA PHE Q 52 -63.93 -9.51 24.98
C PHE Q 52 -62.77 -9.37 24.01
N ILE Q 53 -62.23 -8.16 23.94
CA ILE Q 53 -60.87 -8.01 23.49
C ILE Q 53 -60.03 -8.53 24.66
N PRO Q 54 -59.02 -9.37 24.38
CA PRO Q 54 -58.40 -10.09 25.48
C PRO Q 54 -57.02 -9.53 25.83
N ARG Q 55 -56.67 -8.42 25.16
CA ARG Q 55 -55.43 -7.70 25.40
C ARG Q 55 -55.44 -7.00 26.75
N SER Q 56 -54.25 -6.62 27.24
CA SER Q 56 -54.15 -6.04 28.60
C SER Q 56 -54.72 -4.60 28.69
N ALA Q 57 -54.53 -3.87 27.59
CA ALA Q 57 -54.89 -2.50 27.44
C ALA Q 57 -56.36 -2.33 27.08
N SER Q 58 -57.12 -3.41 27.15
CA SER Q 58 -58.58 -3.29 27.16
C SER Q 58 -59.07 -2.35 28.29
N GLU Q 59 -58.66 -2.69 29.51
CA GLU Q 59 -59.17 -2.06 30.71
C GLU Q 59 -58.84 -0.58 30.93
N PRO Q 60 -57.61 -0.15 30.63
CA PRO Q 60 -57.48 1.27 30.90
C PRO Q 60 -58.28 2.01 29.86
N VAL Q 61 -58.33 1.43 28.65
CA VAL Q 61 -59.10 2.02 27.56
C VAL Q 61 -60.59 2.14 27.87
N ALA Q 62 -61.19 1.07 28.39
CA ALA Q 62 -62.59 1.11 28.78
C ALA Q 62 -62.83 2.14 29.87
N LYS Q 63 -62.00 2.09 30.92
CA LYS Q 63 -62.04 3.10 31.99
C LYS Q 63 -62.20 4.52 31.44
N VAL Q 64 -61.39 4.86 30.43
CA VAL Q 64 -61.52 6.15 29.76
C VAL Q 64 -62.76 6.27 28.88
N LEU Q 65 -63.33 5.18 28.36
CA LEU Q 65 -64.60 5.38 27.69
C LEU Q 65 -65.76 5.70 28.65
N ASN Q 66 -65.78 5.11 29.85
CA ASN Q 66 -66.83 5.52 30.82
C ASN Q 66 -66.64 6.98 31.23
N SER Q 67 -65.40 7.40 31.45
CA SER Q 67 -65.10 8.79 31.76
C SER Q 67 -65.68 9.73 30.71
N ALA Q 68 -65.43 9.43 29.44
CA ALA Q 68 -65.96 10.26 28.36
C ALA Q 68 -67.47 10.32 28.36
N LYS Q 69 -68.10 9.16 28.22
CA LYS Q 69 -69.54 9.04 28.33
C LYS Q 69 -70.03 9.83 29.53
N ALA Q 70 -69.35 9.67 30.66
CA ALA Q 70 -69.67 10.38 31.89
C ALA Q 70 -69.63 11.88 31.63
N ASN Q 71 -68.44 12.36 31.30
CA ASN Q 71 -68.27 13.75 31.03
C ASN Q 71 -69.22 14.23 29.94
N ALA Q 72 -69.62 13.35 29.03
CA ALA Q 72 -70.45 13.79 27.91
C ALA Q 72 -71.90 13.97 28.33
N LEU Q 73 -72.39 13.04 29.14
CA LEU Q 73 -73.78 13.08 29.59
C LEU Q 73 -74.05 14.20 30.62
N HIS Q 74 -73.38 14.11 31.78
CA HIS Q 74 -73.26 15.13 32.84
C HIS Q 74 -72.67 16.42 32.22
N ASN Q 75 -71.41 16.73 32.56
CA ASN Q 75 -70.76 17.99 32.19
C ASN Q 75 -71.10 18.63 30.86
N ASP Q 76 -71.90 17.99 30.02
CA ASP Q 76 -72.07 18.47 28.67
C ASP Q 76 -73.42 18.11 28.12
N GLU Q 77 -74.24 17.51 28.97
CA GLU Q 77 -75.68 17.42 28.72
C GLU Q 77 -76.01 16.76 27.37
N MET Q 78 -75.47 15.57 27.14
CA MET Q 78 -75.61 14.93 25.83
C MET Q 78 -76.61 13.78 25.91
N LEU Q 79 -76.60 12.93 24.88
CA LEU Q 79 -77.71 12.02 24.62
C LEU Q 79 -77.40 10.52 24.54
N GLU Q 80 -76.91 9.96 25.65
CA GLU Q 80 -76.59 8.53 25.80
C GLU Q 80 -76.94 7.56 24.65
N ASP Q 81 -78.24 7.45 24.34
CA ASP Q 81 -78.73 6.56 23.30
C ASP Q 81 -78.46 7.09 21.87
N ARG Q 82 -77.41 7.91 21.71
CA ARG Q 82 -76.96 8.39 20.39
C ARG Q 82 -75.51 8.92 20.40
N LEU Q 83 -74.89 8.72 21.55
CA LEU Q 83 -73.52 9.05 21.83
C LEU Q 83 -72.58 8.02 21.14
N PHE Q 84 -71.41 8.47 20.67
CA PHE Q 84 -70.49 7.57 19.93
C PHE Q 84 -69.01 8.02 19.99
N VAL Q 85 -68.11 7.24 19.39
CA VAL Q 85 -66.69 7.53 19.45
C VAL Q 85 -66.24 8.39 18.27
N LYS Q 86 -66.34 9.70 18.45
CA LYS Q 86 -65.99 10.62 17.38
C LYS Q 86 -64.49 10.51 17.18
N GLU Q 87 -63.76 10.56 18.27
CA GLU Q 87 -62.31 10.43 18.19
C GLU Q 87 -61.76 9.47 19.23
N ALA Q 88 -60.58 8.96 18.92
CA ALA Q 88 -59.85 8.03 19.75
C ALA Q 88 -58.42 8.10 19.28
N TYR Q 89 -57.50 8.21 20.22
CA TYR Q 89 -56.09 8.05 19.90
C TYR Q 89 -55.23 7.89 21.13
N VAL Q 90 -53.94 7.68 20.90
CA VAL Q 90 -52.99 7.58 21.98
C VAL Q 90 -51.68 8.11 21.51
N ASP Q 91 -50.98 8.85 22.37
CA ASP Q 91 -49.58 9.14 22.06
C ASP Q 91 -48.70 8.83 23.26
N ALA Q 92 -47.43 9.19 23.14
CA ALA Q 92 -46.39 8.70 24.03
C ALA Q 92 -46.37 9.42 25.33
N GLY Q 93 -46.00 8.75 26.40
CA GLY Q 93 -45.84 9.48 27.63
C GLY Q 93 -44.36 9.68 27.79
N PRO Q 94 -43.93 10.11 29.00
CA PRO Q 94 -42.51 10.13 29.31
C PRO Q 94 -42.11 8.71 29.57
N THR Q 95 -41.33 8.15 28.66
CA THR Q 95 -40.94 6.75 28.72
C THR Q 95 -39.87 6.45 29.81
N LEU Q 96 -40.08 5.35 30.54
CA LEU Q 96 -39.48 5.06 31.84
C LEU Q 96 -38.27 4.13 31.76
N LYS Q 97 -37.06 4.71 31.72
CA LYS Q 97 -35.82 3.99 31.40
C LYS Q 97 -35.08 3.36 32.57
N ARG Q 98 -34.85 2.04 32.53
CA ARG Q 98 -33.98 1.38 33.51
C ARG Q 98 -32.95 0.35 32.93
N LEU Q 99 -31.87 0.06 33.69
CA LEU Q 99 -30.76 -0.78 33.19
C LEU Q 99 -31.01 -2.25 33.37
N ILE Q 100 -30.66 -3.06 32.36
CA ILE Q 100 -30.54 -4.53 32.55
C ILE Q 100 -29.13 -4.99 32.27
N PRO Q 101 -28.59 -5.83 33.16
CA PRO Q 101 -27.28 -6.40 32.91
C PRO Q 101 -27.37 -7.42 31.78
N ARG Q 102 -26.24 -7.68 31.13
CA ARG Q 102 -26.21 -8.66 30.05
C ARG Q 102 -24.91 -9.46 30.08
N ALA Q 103 -24.71 -10.26 29.03
CA ALA Q 103 -23.56 -11.13 28.99
C ALA Q 103 -22.28 -10.35 29.15
N ARG Q 104 -21.42 -10.90 30.01
CA ARG Q 104 -20.13 -10.30 30.31
C ARG Q 104 -20.42 -8.98 30.99
N GLY Q 105 -19.74 -7.91 30.59
CA GLY Q 105 -19.81 -6.66 31.33
C GLY Q 105 -20.90 -5.68 30.90
N SER Q 106 -21.34 -5.83 29.65
CA SER Q 106 -22.27 -4.92 28.98
C SER Q 106 -23.54 -4.61 29.78
N ALA Q 107 -24.17 -3.49 29.45
CA ALA Q 107 -25.44 -3.14 30.10
C ALA Q 107 -26.48 -2.72 29.09
N ASN Q 108 -27.65 -2.36 29.57
CA ASN Q 108 -28.72 -2.01 28.65
C ASN Q 108 -29.84 -1.04 29.13
N ILE Q 109 -30.16 -0.08 28.28
CA ILE Q 109 -31.24 0.86 28.53
C ILE Q 109 -32.56 0.26 28.04
N ILE Q 110 -33.38 -0.17 28.98
CA ILE Q 110 -34.68 -0.71 28.62
C ILE Q 110 -35.86 0.20 29.06
N LYS Q 111 -36.67 0.52 28.06
CA LYS Q 111 -37.59 1.64 28.12
C LYS Q 111 -39.00 1.16 28.36
N LYS Q 112 -39.58 1.66 29.45
CA LYS Q 112 -40.95 1.32 29.74
C LYS Q 112 -41.84 2.49 29.35
N ARG Q 113 -42.24 2.42 28.10
CA ARG Q 113 -43.15 3.35 27.48
C ARG Q 113 -44.41 3.60 28.31
N THR Q 114 -44.88 4.86 28.32
CA THR Q 114 -46.18 5.23 28.93
C THR Q 114 -47.15 5.65 27.84
N SER Q 115 -48.43 5.75 28.20
CA SER Q 115 -49.43 6.16 27.21
C SER Q 115 -50.50 7.18 27.65
N HIS Q 116 -50.71 8.16 26.75
CA HIS Q 116 -51.74 9.17 26.86
C HIS Q 116 -52.84 8.72 25.94
N ILE Q 117 -53.75 7.97 26.55
CA ILE Q 117 -54.94 7.41 25.91
C ILE Q 117 -56.07 8.41 26.04
N THR Q 118 -56.88 8.50 25.00
CA THR Q 118 -57.73 9.64 24.88
C THR Q 118 -58.87 9.45 23.94
N ILE Q 119 -60.05 9.62 24.49
CA ILE Q 119 -61.22 9.43 23.66
C ILE Q 119 -62.19 10.60 23.75
N ILE Q 120 -62.78 10.84 22.58
CA ILE Q 120 -63.72 11.91 22.38
C ILE Q 120 -65.03 11.33 21.88
N VAL Q 121 -66.05 11.47 22.74
CA VAL Q 121 -67.38 10.96 22.48
C VAL Q 121 -68.30 12.04 21.89
N ALA Q 122 -69.33 11.61 21.18
CA ALA Q 122 -70.10 12.57 20.42
C ALA Q 122 -71.46 12.07 19.98
N GLU Q 123 -72.19 12.95 19.32
CA GLU Q 123 -73.56 12.66 18.95
C GLU Q 123 -73.62 12.30 17.48
N LYS Q 124 -74.12 11.11 17.19
CA LYS Q 124 -74.17 10.68 15.81
C LYS Q 124 -75.58 10.56 15.27
N GLY Q 125 -75.88 11.45 14.32
CA GLY Q 125 -77.13 11.43 13.59
C GLY Q 125 -76.86 11.70 12.13
N ASN Q 126 -77.68 11.12 11.25
CA ASN Q 126 -77.48 11.19 9.80
C ASN Q 126 -78.01 12.47 9.09
N LYS Q 127 -79.21 12.90 9.48
CA LYS Q 127 -79.83 14.11 8.90
C LYS Q 127 -79.79 15.31 9.86
N SER R 1 -27.25 15.17 86.38
CA SER R 1 -27.05 14.47 87.64
C SER R 1 -28.09 13.37 87.82
N HIS R 2 -28.42 13.12 89.08
CA HIS R 2 -29.32 12.04 89.50
C HIS R 2 -30.71 12.09 88.88
N TYR R 3 -30.79 12.64 87.66
CA TYR R 3 -32.04 12.79 86.93
C TYR R 3 -31.72 12.80 85.44
N ASP R 4 -30.90 13.77 85.05
CA ASP R 4 -30.46 14.00 83.67
C ASP R 4 -30.43 12.71 82.87
N ILE R 5 -29.77 11.72 83.47
CA ILE R 5 -29.53 10.39 82.90
C ILE R 5 -30.75 9.69 82.29
N LEU R 6 -31.87 9.66 83.02
CA LEU R 6 -33.02 8.84 82.63
C LEU R 6 -33.86 9.47 81.53
N GLN R 7 -33.26 9.60 80.36
CA GLN R 7 -33.81 10.36 79.24
C GLN R 7 -35.28 10.11 78.84
N ALA R 8 -35.92 9.10 79.43
CA ALA R 8 -37.34 8.75 79.14
C ALA R 8 -37.78 7.39 79.71
N PRO R 9 -39.08 7.06 79.59
CA PRO R 9 -39.49 5.69 79.88
C PRO R 9 -39.79 4.94 78.59
N VAL R 10 -39.96 3.63 78.69
CA VAL R 10 -40.14 2.79 77.51
C VAL R 10 -41.60 2.38 77.36
N ILE R 11 -42.10 2.42 76.12
CA ILE R 11 -43.53 2.28 75.89
C ILE R 11 -43.91 1.19 74.88
N SER R 12 -44.53 0.10 75.33
CA SER R 12 -44.86 -1.03 74.46
C SER R 12 -45.65 -2.10 75.21
N GLU R 13 -46.13 -3.12 74.51
CA GLU R 13 -46.84 -4.21 75.17
C GLU R 13 -45.93 -4.83 76.24
N LYS R 14 -44.69 -5.06 75.83
CA LYS R 14 -43.68 -5.67 76.67
C LYS R 14 -43.53 -4.88 77.96
N ALA R 15 -42.98 -3.67 77.82
CA ALA R 15 -42.76 -2.75 78.94
C ALA R 15 -43.90 -2.76 79.94
N TYR R 16 -45.13 -2.62 79.43
CA TYR R 16 -46.33 -2.62 80.26
C TYR R 16 -46.41 -3.89 81.07
N SER R 17 -46.40 -5.05 80.43
CA SER R 17 -46.56 -6.26 81.24
C SER R 17 -45.40 -6.46 82.21
N ALA R 18 -44.22 -5.97 81.86
CA ALA R 18 -43.08 -6.11 82.76
C ALA R 18 -43.34 -5.29 84.00
N MET R 19 -43.78 -4.06 83.76
CA MET R 19 -44.24 -3.18 84.81
C MET R 19 -45.20 -3.95 85.71
N GLU R 20 -46.23 -4.55 85.10
CA GLU R 20 -47.20 -5.37 85.83
C GLU R 20 -46.50 -6.42 86.68
N ARG R 21 -45.37 -6.92 86.19
CA ARG R 21 -44.60 -7.89 86.95
C ARG R 21 -43.83 -7.22 88.09
N GLY R 22 -43.44 -5.97 87.90
CA GLY R 22 -42.67 -5.29 88.92
C GLY R 22 -41.27 -5.11 88.39
N VAL R 23 -41.21 -4.98 87.08
CA VAL R 23 -39.96 -4.80 86.36
C VAL R 23 -40.16 -3.56 85.50
N TYR R 24 -39.32 -2.55 85.71
CA TYR R 24 -39.51 -1.27 85.00
C TYR R 24 -38.39 -0.96 83.99
N SER R 25 -38.76 -0.28 82.91
CA SER R 25 -37.90 -0.18 81.73
C SER R 25 -37.86 1.22 81.09
N PHE R 26 -36.66 1.77 80.96
CA PHE R 26 -36.48 3.14 80.48
C PHE R 26 -35.47 3.25 79.32
N TRP R 27 -35.58 4.29 78.49
CA TRP R 27 -34.42 4.70 77.68
C TRP R 27 -33.50 5.45 78.62
N VAL R 28 -32.20 5.42 78.36
CA VAL R 28 -31.23 6.05 79.24
C VAL R 28 -30.22 6.86 78.38
N SER R 29 -28.96 6.93 78.80
CA SER R 29 -27.98 7.80 78.18
C SER R 29 -26.75 7.00 77.79
N PRO R 30 -26.59 6.73 76.47
CA PRO R 30 -25.59 5.83 75.89
C PRO R 30 -24.31 5.72 76.70
N LYS R 31 -23.64 6.84 76.95
CA LYS R 31 -22.39 6.85 77.71
C LYS R 31 -22.50 6.21 79.10
N ALA R 32 -23.71 6.04 79.62
CA ALA R 32 -23.84 5.67 81.02
C ALA R 32 -23.32 4.27 81.32
N THR R 33 -23.29 3.96 82.62
CA THR R 33 -22.84 2.68 83.18
C THR R 33 -24.04 2.01 83.88
N LYS R 34 -23.89 0.76 84.31
CA LYS R 34 -24.97 0.13 85.05
C LYS R 34 -24.93 0.54 86.52
N THR R 35 -23.73 0.77 87.06
CA THR R 35 -23.61 1.27 88.42
C THR R 35 -24.28 2.62 88.46
N GLU R 36 -23.97 3.44 87.46
CA GLU R 36 -24.56 4.79 87.33
C GLU R 36 -26.08 4.75 87.27
N ILE R 37 -26.65 3.83 86.50
CA ILE R 37 -28.10 3.74 86.40
C ILE R 37 -28.70 3.27 87.71
N LYS R 38 -28.04 2.32 88.36
CA LYS R 38 -28.50 1.83 89.66
C LYS R 38 -28.56 2.98 90.65
N ASP R 39 -27.43 3.67 90.81
CA ASP R 39 -27.40 4.86 91.65
C ASP R 39 -28.52 5.84 91.27
N ALA R 40 -28.76 5.98 89.97
CA ALA R 40 -29.79 6.91 89.46
C ALA R 40 -31.16 6.58 90.00
N ILE R 41 -31.68 5.42 89.61
CA ILE R 41 -33.06 5.09 89.97
C ILE R 41 -33.23 4.84 91.47
N GLN R 42 -32.22 4.24 92.09
CA GLN R 42 -32.21 4.08 93.53
C GLN R 42 -32.35 5.44 94.23
N GLN R 43 -31.70 6.46 93.67
CA GLN R 43 -31.80 7.81 94.23
C GLN R 43 -33.17 8.47 94.01
N ALA R 44 -33.58 8.57 92.76
CA ALA R 44 -34.79 9.32 92.45
C ALA R 44 -36.06 8.48 92.50
N PHE R 45 -35.99 7.30 93.09
CA PHE R 45 -37.20 6.50 93.27
C PHE R 45 -37.28 5.75 94.58
N GLY R 46 -36.30 5.99 95.45
CA GLY R 46 -36.24 5.36 96.77
C GLY R 46 -36.57 3.87 96.79
N VAL R 47 -35.90 3.11 95.93
CA VAL R 47 -36.22 1.70 95.78
C VAL R 47 -34.99 0.79 96.00
N ARG R 48 -35.26 -0.47 96.34
CA ARG R 48 -34.21 -1.49 96.43
C ARG R 48 -34.08 -2.13 95.04
N VAL R 49 -32.98 -1.85 94.35
CA VAL R 49 -32.73 -2.50 93.07
C VAL R 49 -31.76 -3.68 93.23
N ILE R 50 -32.23 -4.86 92.83
CA ILE R 50 -31.46 -6.09 92.97
C ILE R 50 -31.21 -6.72 91.61
N GLY R 51 -31.93 -6.25 90.60
CA GLY R 51 -31.76 -6.78 89.27
C GLY R 51 -31.57 -5.70 88.23
N ILE R 52 -30.66 -5.93 87.28
CA ILE R 52 -30.46 -4.97 86.19
C ILE R 52 -30.01 -5.60 84.86
N SER R 53 -30.33 -4.88 83.77
CA SER R 53 -29.81 -5.17 82.44
C SER R 53 -29.82 -3.91 81.58
N THR R 54 -28.91 -3.85 80.60
CA THR R 54 -28.91 -2.77 79.61
C THR R 54 -28.68 -3.34 78.19
N MET R 55 -28.86 -2.49 77.18
CA MET R 55 -28.64 -2.88 75.78
C MET R 55 -28.66 -1.68 74.86
N ASN R 56 -27.53 -1.39 74.19
CA ASN R 56 -27.50 -0.28 73.24
C ASN R 56 -28.18 -0.66 71.94
N VAL R 57 -29.01 0.24 71.43
CA VAL R 57 -29.75 -0.01 70.21
C VAL R 57 -29.41 1.08 69.23
N PRO R 58 -29.27 0.71 67.96
CA PRO R 58 -29.03 1.67 66.88
C PRO R 58 -30.15 2.66 66.73
N GLY R 59 -30.46 2.97 65.49
CA GLY R 59 -31.45 3.98 65.25
C GLY R 59 -31.84 3.93 63.81
N LYS R 60 -33.08 3.49 63.59
CA LYS R 60 -33.64 3.28 62.27
C LYS R 60 -33.28 4.39 61.30
N ARG R 61 -32.24 4.19 60.49
CA ARG R 61 -31.91 5.21 59.51
C ARG R 61 -33.14 5.36 58.64
N LYS R 62 -33.67 6.58 58.59
CA LYS R 62 -34.85 6.88 57.77
C LYS R 62 -34.64 8.07 56.86
N ARG R 63 -35.47 8.16 55.83
CA ARG R 63 -35.32 9.19 54.85
C ARG R 63 -36.56 10.02 54.96
N VAL R 64 -36.43 11.33 54.79
CA VAL R 64 -37.58 12.18 54.57
C VAL R 64 -37.28 13.00 53.33
N GLY R 65 -37.59 12.44 52.16
CA GLY R 65 -37.10 13.03 50.90
C GLY R 65 -35.64 12.64 50.67
N ARG R 66 -35.00 13.23 49.66
CA ARG R 66 -33.63 12.83 49.33
C ARG R 66 -32.63 13.08 50.47
N PHE R 67 -32.96 12.62 51.67
CA PHE R 67 -32.14 12.90 52.84
C PHE R 67 -32.04 11.69 53.75
N ILE R 68 -31.27 10.69 53.32
CA ILE R 68 -31.09 9.48 54.11
C ILE R 68 -30.39 9.79 55.44
N GLY R 69 -31.12 9.63 56.54
CA GLY R 69 -30.54 9.97 57.83
C GLY R 69 -30.69 8.93 58.92
N GLN R 70 -29.69 8.87 59.78
CA GLN R 70 -29.73 7.97 60.93
C GLN R 70 -30.38 8.70 62.11
N ARG R 71 -31.15 7.97 62.92
CA ARG R 71 -31.70 8.50 64.18
C ARG R 71 -30.67 8.32 65.27
N ASN R 72 -30.86 9.01 66.38
CA ASN R 72 -29.95 8.92 67.49
C ASN R 72 -30.10 7.55 68.15
N ASP R 73 -28.97 6.98 68.59
CA ASP R 73 -28.95 5.59 69.07
C ASP R 73 -29.09 5.56 70.60
N ARG R 74 -29.98 4.72 71.11
CA ARG R 74 -30.29 4.77 72.54
C ARG R 74 -29.73 3.60 73.36
N LYS R 75 -30.08 3.56 74.63
CA LYS R 75 -29.55 2.50 75.52
C LYS R 75 -30.63 1.93 76.47
N LYS R 76 -31.52 1.08 75.96
CA LYS R 76 -32.62 0.57 76.77
C LYS R 76 -32.13 -0.12 78.03
N ALA R 77 -32.75 0.20 79.16
CA ALA R 77 -32.36 -0.38 80.43
C ALA R 77 -33.57 -0.95 81.16
N ILE R 78 -33.34 -2.07 81.81
CA ILE R 78 -34.38 -2.76 82.54
C ILE R 78 -33.88 -2.91 83.97
N VAL R 79 -34.79 -2.71 84.93
CA VAL R 79 -34.48 -2.90 86.34
C VAL R 79 -35.57 -3.68 87.05
N ARG R 80 -35.15 -4.56 87.95
CA ARG R 80 -36.07 -5.31 88.79
C ARG R 80 -35.78 -5.01 90.25
N LEU R 81 -36.83 -4.67 90.98
CA LEU R 81 -36.69 -4.24 92.36
C LEU R 81 -36.77 -5.46 93.26
N ALA R 82 -37.04 -5.24 94.54
CA ALA R 82 -37.34 -6.35 95.43
C ALA R 82 -38.75 -6.14 96.00
N GLU R 83 -39.24 -7.13 96.76
CA GLU R 83 -40.52 -7.10 97.46
C GLU R 83 -41.60 -6.13 96.92
N GLY R 84 -42.12 -6.44 95.73
CA GLY R 84 -43.22 -5.70 95.10
C GLY R 84 -43.20 -4.20 95.32
N GLN R 85 -42.02 -3.60 95.17
CA GLN R 85 -41.83 -2.18 95.43
C GLN R 85 -42.14 -1.32 94.20
N SER R 86 -43.34 -1.48 93.65
CA SER R 86 -43.76 -0.76 92.44
C SER R 86 -43.51 0.76 92.52
N ILE R 87 -43.15 1.36 91.38
CA ILE R 87 -42.97 2.82 91.31
C ILE R 87 -44.29 3.55 90.97
N GLU R 88 -44.52 4.68 91.64
CA GLU R 88 -45.83 5.34 91.64
C GLU R 88 -46.19 6.04 90.32
N ALA R 89 -45.28 6.89 89.87
CA ALA R 89 -45.57 7.84 88.79
C ALA R 89 -45.96 7.18 87.46
N LEU R 90 -45.64 5.90 87.31
CA LEU R 90 -45.94 5.21 86.06
C LEU R 90 -47.05 4.17 86.25
N ALA R 91 -47.43 3.97 87.51
CA ALA R 91 -48.35 2.89 87.89
C ALA R 91 -49.77 3.03 87.32
N GLY R 92 -50.06 4.19 86.74
CA GLY R 92 -51.37 4.43 86.14
C GLY R 92 -51.45 4.05 84.66
N GLN R 93 -50.31 4.04 83.99
CA GLN R 93 -50.25 3.83 82.54
C GLN R 93 -50.74 2.43 82.11
N PRO S 1 -34.49 35.15 46.88
CA PRO S 1 -34.00 36.49 47.24
C PRO S 1 -35.09 37.34 47.96
N SER S 2 -34.90 37.64 49.25
CA SER S 2 -35.96 38.24 50.10
C SER S 2 -36.67 39.49 49.54
N ALA S 3 -37.84 39.83 50.09
CA ALA S 3 -38.57 41.01 49.61
C ALA S 3 -38.20 42.29 50.35
N GLY S 4 -37.93 42.15 51.64
CA GLY S 4 -37.43 43.25 52.45
C GLY S 4 -35.96 43.53 52.19
N SER S 5 -35.30 42.58 51.55
CA SER S 5 -33.95 42.75 51.01
C SER S 5 -33.57 44.18 50.61
N HIS S 6 -34.24 44.67 49.57
CA HIS S 6 -33.99 46.01 49.04
C HIS S 6 -34.71 47.10 49.84
N HIS S 7 -35.36 46.69 50.94
CA HIS S 7 -36.08 47.61 51.80
C HIS S 7 -35.58 47.51 53.22
N ASN S 8 -34.26 47.41 53.36
CA ASN S 8 -33.59 47.22 54.66
C ASN S 8 -34.42 46.52 55.74
N ASP S 9 -35.20 45.53 55.30
CA ASP S 9 -36.17 44.81 56.11
C ASP S 9 -36.85 45.82 57.04
N LYS S 10 -37.30 46.92 56.46
CA LYS S 10 -37.80 48.05 57.25
C LYS S 10 -39.31 48.28 57.06
N LEU S 11 -40.06 48.17 58.15
CA LEU S 11 -41.50 48.45 58.12
C LEU S 11 -41.78 49.91 58.48
N HIS S 12 -42.04 50.74 57.47
CA HIS S 12 -42.27 52.16 57.68
C HIS S 12 -43.47 52.43 58.61
N PHE S 13 -44.44 51.52 58.64
CA PHE S 13 -45.57 51.62 59.55
C PHE S 13 -45.60 50.56 60.69
N LYS S 14 -46.78 50.12 61.11
CA LYS S 14 -46.94 49.46 62.42
C LYS S 14 -48.29 48.73 62.64
N LYS S 15 -48.32 47.74 63.52
CA LYS S 15 -49.55 47.01 63.86
C LYS S 15 -50.51 47.88 64.65
N GLY S 16 -51.64 48.17 64.03
CA GLY S 16 -52.56 49.16 64.57
C GLY S 16 -52.93 50.16 63.49
N ASP S 17 -51.96 51.00 63.13
CA ASP S 17 -52.11 52.13 62.16
C ASP S 17 -53.16 51.99 61.06
N THR S 18 -53.87 53.06 60.78
CA THR S 18 -54.79 53.01 59.66
C THR S 18 -53.95 53.11 58.38
N VAL S 19 -54.48 52.53 57.31
CA VAL S 19 -53.78 52.55 56.03
C VAL S 19 -54.73 52.79 54.87
N ILE S 20 -54.16 53.28 53.78
CA ILE S 20 -54.88 53.45 52.53
C ILE S 20 -54.12 52.85 51.35
N VAL S 21 -54.80 52.05 50.53
CA VAL S 21 -54.16 51.41 49.38
C VAL S 21 -53.83 52.41 48.29
N LEU S 22 -52.55 52.60 48.02
CA LEU S 22 -52.19 53.44 46.88
C LEU S 22 -52.65 52.82 45.56
N SER S 23 -51.77 51.99 45.01
CA SER S 23 -51.89 51.36 43.67
C SER S 23 -52.46 49.96 43.72
N GLY S 24 -53.28 49.61 42.72
CA GLY S 24 -53.95 48.34 42.70
C GLY S 24 -55.41 48.43 42.29
N LYS S 25 -56.25 47.54 42.82
CA LYS S 25 -57.68 47.52 42.47
C LYS S 25 -58.38 48.19 43.60
N HIS S 26 -57.74 48.09 44.76
CA HIS S 26 -58.32 48.58 46.00
C HIS S 26 -57.87 50.00 46.26
N LYS S 27 -57.63 50.73 45.16
CA LYS S 27 -57.19 52.14 45.18
C LYS S 27 -57.96 52.88 46.23
N GLY S 28 -57.25 53.22 47.29
CA GLY S 28 -57.83 54.00 48.36
C GLY S 28 -58.84 53.20 49.13
N GLN S 29 -58.39 52.64 50.23
CA GLN S 29 -59.33 52.16 51.17
C GLN S 29 -58.70 52.12 52.52
N THR S 30 -59.56 52.13 53.52
CA THR S 30 -59.14 52.36 54.87
C THR S 30 -58.95 51.00 55.47
N GLY S 31 -57.95 50.87 56.34
CA GLY S 31 -57.82 49.66 57.11
C GLY S 31 -56.86 49.78 58.27
N LYS S 32 -57.30 49.28 59.41
CA LYS S 32 -56.45 49.11 60.58
C LYS S 32 -55.37 48.06 60.22
N VAL S 33 -54.19 48.15 60.84
CA VAL S 33 -53.14 47.18 60.56
C VAL S 33 -53.28 45.97 61.45
N LEU S 34 -53.62 44.83 60.86
CA LEU S 34 -53.89 43.65 61.66
C LEU S 34 -52.68 42.74 61.72
N LEU S 35 -51.80 42.89 60.73
CA LEU S 35 -50.66 42.00 60.58
C LEU S 35 -49.57 42.62 59.70
N ALA S 36 -48.39 42.82 60.26
CA ALA S 36 -47.39 43.55 59.54
C ALA S 36 -46.11 42.77 59.56
N LEU S 37 -45.82 42.10 58.43
CA LEU S 37 -44.67 41.17 58.29
C LEU S 37 -43.54 41.83 57.54
N PRO S 38 -42.50 42.17 58.29
CA PRO S 38 -41.50 43.15 57.88
C PRO S 38 -40.52 42.56 56.89
N ARG S 39 -39.97 41.38 57.19
CA ARG S 39 -38.93 40.71 56.37
C ARG S 39 -39.44 40.40 54.96
N ASP S 40 -40.50 39.61 54.89
CA ASP S 40 -41.20 39.36 53.63
C ASP S 40 -41.80 40.65 53.08
N GLN S 41 -41.90 41.68 53.95
CA GLN S 41 -42.50 43.00 53.65
C GLN S 41 -43.96 42.88 53.21
N LYS S 42 -44.69 42.04 53.94
CA LYS S 42 -46.08 41.71 53.61
C LYS S 42 -46.88 42.24 54.77
N VAL S 43 -48.18 42.47 54.58
CA VAL S 43 -49.02 43.06 55.64
C VAL S 43 -50.55 43.07 55.43
N VAL S 44 -51.34 42.80 56.48
CA VAL S 44 -52.81 42.74 56.38
C VAL S 44 -53.68 43.97 56.81
N VAL S 45 -54.46 44.44 55.84
CA VAL S 45 -55.39 45.55 55.99
C VAL S 45 -56.80 44.97 55.89
N GLU S 46 -57.74 45.48 56.68
CA GLU S 46 -59.09 44.90 56.76
C GLU S 46 -59.91 44.99 55.45
N GLY S 47 -59.29 45.54 54.41
CA GLY S 47 -59.92 45.73 53.12
C GLY S 47 -59.92 44.50 52.23
N VAL S 48 -58.81 44.32 51.50
CA VAL S 48 -58.53 43.21 50.54
C VAL S 48 -59.63 42.23 50.08
N ASN S 49 -60.19 41.46 51.01
CA ASN S 49 -61.17 40.39 50.72
C ASN S 49 -60.62 39.24 49.87
N VAL S 50 -61.16 38.05 50.12
CA VAL S 50 -60.78 36.80 49.40
C VAL S 50 -61.67 35.61 49.79
N ILE S 51 -61.94 34.77 48.79
CA ILE S 51 -62.69 33.54 49.04
C ILE S 51 -61.80 32.27 48.92
N THR S 52 -61.46 31.70 50.08
CA THR S 52 -60.59 30.52 50.10
C THR S 52 -61.33 29.24 50.46
N LYS S 53 -60.92 28.18 49.78
CA LYS S 53 -61.46 26.86 49.96
C LYS S 53 -60.40 26.08 50.73
N ASN S 54 -60.76 25.50 51.87
CA ASN S 54 -59.78 24.89 52.77
C ASN S 54 -59.76 23.37 52.65
N VAL S 55 -60.19 22.92 51.47
CA VAL S 55 -60.10 21.53 51.02
C VAL S 55 -60.82 20.54 51.98
N LYS S 56 -60.89 19.26 51.61
CA LYS S 56 -61.54 18.22 52.44
C LYS S 56 -61.34 18.33 53.97
N PRO S 57 -60.06 18.28 54.48
CA PRO S 57 -59.73 18.18 55.90
C PRO S 57 -60.81 17.79 56.92
N SER S 58 -61.12 16.50 56.92
CA SER S 58 -62.18 15.89 57.71
C SER S 58 -62.26 16.37 59.17
N MET S 59 -61.09 16.58 59.77
CA MET S 59 -60.99 17.19 61.09
C MET S 59 -60.15 18.44 60.95
N THR S 60 -60.73 19.59 61.29
CA THR S 60 -62.14 19.69 61.68
C THR S 60 -63.01 19.88 60.44
N ASN S 61 -64.28 19.52 60.56
CA ASN S 61 -65.24 19.55 59.46
C ASN S 61 -64.99 18.46 58.42
N PRO S 62 -65.89 17.45 58.35
CA PRO S 62 -65.82 16.33 57.42
C PRO S 62 -65.63 16.85 56.01
N GLN S 63 -66.69 17.40 55.43
CA GLN S 63 -66.59 18.10 54.16
C GLN S 63 -65.64 19.27 54.30
N GLY S 64 -65.31 19.91 53.19
CA GLY S 64 -64.48 21.09 53.25
C GLY S 64 -65.19 22.33 53.81
N GLY S 65 -65.90 23.02 52.92
CA GLY S 65 -66.41 24.35 53.22
C GLY S 65 -65.48 25.39 52.61
N GLN S 66 -65.93 26.64 52.64
CA GLN S 66 -65.11 27.75 52.19
C GLN S 66 -64.96 28.78 53.29
N GLU S 67 -64.55 29.99 52.90
CA GLU S 67 -64.21 31.01 53.87
C GLU S 67 -63.96 32.38 53.22
N GLN S 68 -64.74 33.37 53.61
CA GLN S 68 -64.41 34.73 53.19
C GLN S 68 -63.48 35.39 54.19
N ARG S 69 -62.18 35.34 53.90
CA ARG S 69 -61.18 36.07 54.69
C ARG S 69 -60.24 36.74 53.71
N GLU S 70 -59.16 37.36 54.17
CA GLU S 70 -58.49 38.29 53.27
C GLU S 70 -57.00 38.10 53.14
N LEU S 71 -56.55 38.25 51.90
CA LEU S 71 -55.17 38.01 51.45
C LEU S 71 -54.26 39.16 51.84
N ALA S 72 -53.12 38.85 52.45
CA ALA S 72 -52.18 39.88 52.89
C ALA S 72 -51.66 40.74 51.72
N LEU S 73 -50.74 41.65 52.01
CA LEU S 73 -50.30 42.61 50.98
C LEU S 73 -48.89 43.15 51.16
N HIS S 74 -48.41 43.83 50.12
CA HIS S 74 -47.05 44.33 50.11
C HIS S 74 -46.94 45.81 50.50
N ALA S 75 -46.31 46.06 51.65
CA ALA S 75 -46.02 47.40 52.15
C ALA S 75 -45.33 48.26 51.09
N SER S 76 -46.09 48.63 50.07
CA SER S 76 -45.63 49.47 48.98
C SER S 76 -46.86 49.80 48.15
N LYS S 77 -48.00 49.48 48.72
CA LYS S 77 -49.29 49.91 48.20
C LYS S 77 -50.07 50.27 49.47
N VAL S 78 -49.41 49.96 50.59
CA VAL S 78 -49.79 50.46 51.90
C VAL S 78 -49.38 51.92 51.94
N ALA S 79 -50.29 52.77 52.44
CA ALA S 79 -50.01 54.17 52.76
C ALA S 79 -50.61 54.60 54.10
N LEU S 80 -49.76 55.21 54.93
CA LEU S 80 -50.19 55.88 56.15
C LEU S 80 -51.11 57.06 55.79
N VAL S 81 -51.96 57.49 56.73
CA VAL S 81 -52.91 58.58 56.48
C VAL S 81 -52.53 59.93 57.11
N ASP S 82 -53.05 61.01 56.54
CA ASP S 82 -52.97 62.34 57.15
C ASP S 82 -54.35 62.70 57.69
N PRO S 83 -54.48 62.87 59.02
CA PRO S 83 -55.80 63.09 59.63
C PRO S 83 -56.60 64.15 58.87
N GLU S 84 -55.95 65.23 58.44
CA GLU S 84 -56.63 66.23 57.63
C GLU S 84 -57.04 65.62 56.30
N THR S 85 -56.11 65.60 55.36
CA THR S 85 -56.39 65.17 54.00
C THR S 85 -56.87 63.72 53.96
N GLY S 86 -56.01 62.81 54.40
CA GLY S 86 -56.35 61.39 54.47
C GLY S 86 -55.96 60.55 53.26
N LYS S 87 -54.93 60.98 52.51
CA LYS S 87 -54.67 60.38 51.20
C LYS S 87 -53.23 59.90 50.98
N ALA S 88 -52.67 60.32 49.85
CA ALA S 88 -51.29 60.06 49.47
C ALA S 88 -50.36 60.96 50.30
N THR S 89 -49.83 60.38 51.38
CA THR S 89 -49.42 61.17 52.53
C THR S 89 -48.09 60.76 53.16
N ARG S 90 -46.97 61.21 52.60
CA ARG S 90 -45.61 60.91 53.10
C ARG S 90 -45.43 61.09 54.60
N VAL S 91 -44.20 60.94 55.08
CA VAL S 91 -44.00 61.13 56.51
C VAL S 91 -42.68 61.80 56.88
N ARG S 92 -42.77 62.71 57.85
CA ARG S 92 -41.58 63.29 58.46
C ARG S 92 -41.48 62.78 59.89
N LYS S 93 -40.29 62.83 60.43
CA LYS S 93 -40.11 62.29 61.77
C LYS S 93 -39.63 63.41 62.67
N GLN S 94 -40.42 63.68 63.72
CA GLN S 94 -40.09 64.75 64.66
C GLN S 94 -40.05 64.21 66.10
N ILE S 95 -39.97 65.11 67.07
CA ILE S 95 -39.77 64.69 68.46
C ILE S 95 -40.71 65.40 69.43
N VAL S 96 -41.73 64.69 69.88
CA VAL S 96 -42.60 65.20 70.93
C VAL S 96 -42.23 64.53 72.25
N ASP S 97 -42.07 65.35 73.29
CA ASP S 97 -41.32 65.02 74.51
C ASP S 97 -39.81 65.19 74.12
N GLY S 98 -38.79 64.78 74.90
CA GLY S 98 -38.84 63.93 76.07
C GLY S 98 -38.60 62.54 75.55
N LYS S 99 -37.55 62.41 74.72
CA LYS S 99 -37.13 61.16 74.07
C LYS S 99 -38.25 60.17 73.68
N LYS S 100 -39.35 60.73 73.19
CA LYS S 100 -40.35 59.96 72.46
C LYS S 100 -40.38 60.51 71.03
N VAL S 101 -40.20 59.62 70.07
CA VAL S 101 -40.07 60.02 68.68
C VAL S 101 -41.38 59.83 67.94
N ARG S 102 -41.64 60.68 66.96
CA ARG S 102 -42.92 60.62 66.28
C ARG S 102 -42.86 61.05 64.83
N VAL S 103 -44.05 61.35 64.33
CA VAL S 103 -44.38 61.15 62.95
C VAL S 103 -45.42 62.15 62.45
N ALA S 104 -45.02 63.07 61.58
CA ALA S 104 -45.90 64.09 61.04
C ALA S 104 -46.02 63.90 59.54
N VAL S 105 -46.62 64.88 58.83
CA VAL S 105 -46.85 64.78 57.38
C VAL S 105 -46.31 65.96 56.57
N ALA S 106 -47.13 67.00 56.54
CA ALA S 106 -46.75 68.36 56.16
C ALA S 106 -47.64 69.21 57.09
N SER S 107 -48.03 68.60 58.21
CA SER S 107 -49.04 69.10 59.13
C SER S 107 -49.33 68.07 60.22
N GLY S 108 -48.45 67.90 61.20
CA GLY S 108 -48.51 66.75 62.10
C GLY S 108 -49.62 66.69 63.14
N LYS S 109 -49.98 65.50 63.66
CA LYS S 109 -49.28 64.23 63.40
C LYS S 109 -50.20 62.98 63.32
N THR S 110 -49.62 61.77 63.43
CA THR S 110 -50.37 60.49 63.42
C THR S 110 -49.91 59.47 64.48
N MET T 1 8.80 3.32 -79.05
CA MET T 1 8.49 3.99 -77.80
C MET T 1 7.93 5.37 -78.11
N GLU T 2 7.19 5.96 -77.16
CA GLU T 2 6.62 7.30 -77.34
C GLU T 2 6.00 7.87 -76.07
N LEU T 3 6.41 9.09 -75.69
CA LEU T 3 5.83 9.72 -74.50
C LEU T 3 4.78 10.78 -74.85
N THR T 4 4.31 11.52 -73.84
CA THR T 4 3.42 12.65 -74.09
C THR T 4 3.76 13.86 -73.22
N ALA T 5 4.12 13.62 -71.97
CA ALA T 5 4.26 14.71 -71.02
C ALA T 5 5.70 14.92 -70.59
N LYS T 6 5.93 16.01 -69.87
CA LYS T 6 7.22 16.28 -69.25
C LYS T 6 7.24 17.33 -68.11
N PRO T 7 6.24 17.31 -67.19
CA PRO T 7 6.23 18.40 -66.19
C PRO T 7 7.07 18.12 -64.95
N ARG T 8 6.52 18.37 -63.77
CA ARG T 8 7.15 17.96 -62.52
C ARG T 8 6.09 17.21 -61.67
N THR T 9 4.83 17.47 -62.00
CA THR T 9 3.65 16.88 -61.36
C THR T 9 3.18 15.64 -62.12
N PRO T 10 3.10 14.51 -61.42
CA PRO T 10 2.86 13.20 -62.07
C PRO T 10 1.40 12.66 -62.02
N LYS T 11 0.40 13.50 -61.79
CA LYS T 11 -0.99 13.00 -61.75
C LYS T 11 -1.56 12.75 -63.15
N GLN T 12 -0.80 13.17 -64.17
CA GLN T 12 -1.14 12.97 -65.59
C GLN T 12 -0.94 11.51 -66.01
N LYS T 13 -0.47 10.69 -65.06
CA LYS T 13 0.01 9.36 -65.35
C LYS T 13 -0.19 8.45 -64.13
N LEU T 14 0.87 7.71 -63.77
CA LEU T 14 0.90 6.89 -62.56
C LEU T 14 -0.19 5.80 -62.54
N ASP T 15 -1.38 6.21 -62.11
CA ASP T 15 -2.54 5.32 -62.09
C ASP T 15 -2.81 4.92 -63.53
N GLU T 16 -2.80 5.91 -64.41
CA GLU T 16 -3.01 5.71 -65.84
C GLU T 16 -1.80 4.99 -66.46
N SER T 17 -0.87 4.57 -65.60
CA SER T 17 0.20 3.64 -65.94
C SER T 17 1.28 4.15 -66.91
N MET T 18 2.07 5.12 -66.46
CA MET T 18 3.23 5.59 -67.19
C MET T 18 4.42 5.74 -66.23
N ILE T 19 5.63 5.72 -66.78
CA ILE T 19 6.86 5.75 -65.98
C ILE T 19 7.54 7.12 -66.01
N ALA T 20 7.98 7.57 -64.83
CA ALA T 20 8.77 8.80 -64.68
C ALA T 20 10.01 8.79 -65.57
N ALA T 21 10.42 9.94 -66.10
CA ALA T 21 11.44 9.89 -67.13
C ALA T 21 12.49 11.01 -67.26
N VAL T 22 13.67 10.59 -67.73
CA VAL T 22 14.73 11.46 -68.24
C VAL T 22 15.39 10.81 -69.46
N ALA T 23 15.99 11.64 -70.29
CA ALA T 23 16.76 11.21 -71.46
C ALA T 23 17.66 12.36 -71.92
N TYR T 24 18.97 12.16 -71.83
CA TYR T 24 19.88 13.23 -72.21
C TYR T 24 20.68 12.90 -73.48
N ASN T 25 20.78 13.90 -74.36
CA ASN T 25 21.56 13.84 -75.60
C ASN T 25 23.01 14.23 -75.29
N LYS T 26 23.16 15.03 -74.23
CA LYS T 26 24.43 15.49 -73.60
C LYS T 26 24.64 17.01 -73.82
N GLU T 27 23.85 17.57 -74.74
CA GLU T 27 23.77 19.00 -74.95
C GLU T 27 22.28 19.30 -74.85
N ASN T 28 21.50 18.27 -75.16
CA ASN T 28 20.05 18.26 -75.00
C ASN T 28 19.72 17.26 -73.87
N ASN T 29 19.10 17.73 -72.79
CA ASN T 29 18.54 16.84 -71.74
C ASN T 29 17.06 17.12 -71.47
N VAL T 30 16.25 16.07 -71.44
CA VAL T 30 14.83 16.29 -71.23
C VAL T 30 14.17 15.30 -70.24
N SER T 31 13.37 15.85 -69.32
CA SER T 31 12.54 15.04 -68.42
C SER T 31 11.25 14.72 -69.19
N PHE T 32 10.57 13.65 -68.82
CA PHE T 32 9.29 13.29 -69.44
C PHE T 32 8.56 12.15 -68.73
N ALA T 33 7.74 11.41 -69.49
CA ALA T 33 7.00 10.27 -68.94
C ALA T 33 6.49 9.31 -70.01
N LEU T 34 6.77 8.01 -69.85
CA LEU T 34 6.45 7.02 -70.88
C LEU T 34 5.65 5.81 -70.36
N ASP T 35 4.44 5.62 -70.88
CA ASP T 35 3.56 4.47 -70.59
C ASP T 35 4.30 3.19 -70.20
N ARG T 36 3.89 2.55 -69.10
CA ARG T 36 4.59 1.37 -68.58
C ARG T 36 4.65 0.22 -69.60
N LYS T 37 3.47 -0.25 -70.00
CA LYS T 37 3.29 -1.35 -70.97
C LYS T 37 4.41 -1.48 -72.00
N ALA T 38 4.44 -0.56 -72.94
CA ALA T 38 5.45 -0.56 -73.99
C ALA T 38 6.87 -0.65 -73.42
N PHE T 39 7.19 0.18 -72.42
CA PHE T 39 8.55 0.18 -71.87
C PHE T 39 8.98 -1.17 -71.36
N ASP T 40 8.09 -1.87 -70.66
CA ASP T 40 8.42 -3.19 -70.14
C ASP T 40 8.64 -4.14 -71.30
N ARG T 41 7.68 -4.14 -72.22
CA ARG T 41 7.76 -4.99 -73.41
C ARG T 41 9.14 -4.86 -74.05
N ALA T 42 9.41 -3.68 -74.61
CA ALA T 42 10.67 -3.45 -75.30
C ALA T 42 11.89 -3.65 -74.40
N PHE T 43 11.81 -3.24 -73.14
CA PHE T 43 13.00 -3.33 -72.29
C PHE T 43 13.37 -4.76 -71.96
N ARG T 44 12.42 -5.67 -71.93
CA ARG T 44 12.86 -7.05 -71.84
C ARG T 44 13.23 -7.60 -73.22
N GLN T 45 12.56 -7.10 -74.25
CA GLN T 45 12.95 -7.41 -75.62
C GLN T 45 14.40 -6.97 -75.85
N GLN T 46 14.70 -5.71 -75.52
CA GLN T 46 15.94 -5.08 -75.95
C GLN T 46 16.95 -4.71 -74.85
N SER T 47 16.49 -4.44 -73.64
CA SER T 47 17.36 -4.28 -72.45
C SER T 47 18.40 -3.15 -72.49
N THR T 48 19.55 -3.39 -71.85
CA THR T 48 20.56 -2.36 -71.60
C THR T 48 21.56 -2.11 -72.76
N THR T 49 21.26 -2.67 -73.91
CA THR T 49 22.04 -2.44 -75.12
C THR T 49 21.05 -2.38 -76.27
N GLY T 50 19.81 -2.04 -75.93
CA GLY T 50 18.69 -2.17 -76.85
C GLY T 50 18.64 -1.21 -78.01
N LEU T 51 18.77 0.08 -77.70
CA LEU T 51 18.58 1.17 -78.66
C LEU T 51 17.13 1.23 -79.18
N PHE T 52 16.43 2.31 -78.87
CA PHE T 52 15.12 2.50 -79.50
C PHE T 52 14.63 3.95 -79.57
N ASP T 53 13.60 4.18 -80.38
CA ASP T 53 13.27 5.51 -80.86
C ASP T 53 12.21 6.26 -80.04
N ILE T 54 12.40 7.59 -79.92
CA ILE T 54 11.56 8.46 -79.09
C ILE T 54 10.75 9.47 -79.90
N THR T 55 9.54 9.11 -80.31
CA THR T 55 8.71 10.01 -81.10
C THR T 55 7.73 10.80 -80.21
N VAL T 56 8.29 11.71 -79.40
CA VAL T 56 7.54 12.57 -78.47
C VAL T 56 6.24 13.09 -79.08
N GLU T 57 5.19 13.20 -78.28
CA GLU T 57 3.91 13.69 -78.78
C GLU T 57 4.02 15.15 -79.23
N GLY T 58 4.85 15.35 -80.26
CA GLY T 58 5.15 16.66 -80.83
C GLY T 58 5.67 16.47 -82.25
N GLY T 59 6.46 15.42 -82.46
CA GLY T 59 6.93 15.03 -83.78
C GLY T 59 8.42 15.18 -84.02
N GLU T 60 9.22 14.45 -83.24
CA GLU T 60 10.67 14.66 -83.23
C GLU T 60 11.45 13.41 -82.83
N THR T 61 11.36 12.36 -83.65
CA THR T 61 11.95 11.05 -83.36
C THR T 61 13.41 11.14 -82.91
N PHE T 62 13.78 10.31 -81.93
CA PHE T 62 15.09 10.37 -81.30
C PHE T 62 15.71 8.96 -81.18
N PRO T 63 17.04 8.87 -80.92
CA PRO T 63 17.73 7.57 -80.83
C PRO T 63 18.18 7.21 -79.41
N ALA T 64 17.54 6.20 -78.80
CA ALA T 64 17.70 5.94 -77.36
C ALA T 64 18.10 4.52 -76.94
N LEU T 65 19.27 4.44 -76.32
CA LEU T 65 19.70 3.25 -75.63
C LEU T 65 19.26 3.46 -74.19
N VAL T 66 18.97 2.37 -73.49
CA VAL T 66 18.51 2.43 -72.09
C VAL T 66 19.68 2.40 -71.10
N LYS T 67 19.69 3.34 -70.15
CA LYS T 67 20.87 3.58 -69.33
C LYS T 67 20.76 3.12 -67.88
N ALA T 68 19.73 3.57 -67.18
CA ALA T 68 19.54 3.17 -65.78
C ALA T 68 18.05 2.99 -65.44
N VAL T 69 17.70 1.87 -64.81
CA VAL T 69 16.32 1.69 -64.38
C VAL T 69 16.25 1.68 -62.87
N GLN T 70 15.22 2.34 -62.35
CA GLN T 70 15.02 2.50 -60.91
C GLN T 70 13.56 2.19 -60.50
N MET T 71 13.40 1.17 -59.66
CA MET T 71 12.12 0.50 -59.47
C MET T 71 11.63 0.46 -58.03
N ASP T 72 10.33 0.19 -57.88
CA ASP T 72 9.69 0.08 -56.57
C ASP T 72 10.14 -1.22 -55.91
N LYS T 73 11.12 -1.10 -55.02
CA LYS T 73 11.76 -2.22 -54.36
C LYS T 73 10.78 -3.20 -53.72
N ARG T 74 9.65 -2.68 -53.25
CA ARG T 74 8.63 -3.49 -52.60
C ARG T 74 7.71 -4.14 -53.63
N LYS T 75 6.89 -3.33 -54.28
CA LYS T 75 5.97 -3.81 -55.33
C LYS T 75 6.74 -4.47 -56.49
N ARG T 76 8.03 -4.19 -56.58
CA ARG T 76 8.96 -4.82 -57.54
C ARG T 76 8.67 -4.54 -59.01
N ALA T 77 8.16 -3.33 -59.26
CA ALA T 77 7.95 -2.83 -60.60
C ALA T 77 8.75 -1.54 -60.76
N PRO T 78 9.04 -1.16 -62.01
CA PRO T 78 9.80 0.09 -62.24
C PRO T 78 8.99 1.37 -62.14
N ILE T 79 9.62 2.41 -61.59
CA ILE T 79 9.01 3.73 -61.45
C ILE T 79 9.80 4.87 -62.13
N HIS T 80 10.99 4.58 -62.67
CA HIS T 80 11.82 5.63 -63.25
C HIS T 80 12.90 5.11 -64.21
N VAL T 81 13.15 5.85 -65.28
CA VAL T 81 14.22 5.49 -66.22
C VAL T 81 15.12 6.64 -66.68
N ASP T 82 16.43 6.45 -66.48
CA ASP T 82 17.49 7.26 -67.07
C ASP T 82 17.85 6.73 -68.45
N PHE T 83 17.86 7.63 -69.44
CA PHE T 83 18.26 7.27 -70.79
C PHE T 83 19.63 7.86 -71.15
N TYR T 84 20.13 7.44 -72.31
CA TYR T 84 21.29 8.04 -72.98
C TYR T 84 20.95 8.14 -74.46
N MET T 85 20.69 9.35 -74.95
CA MET T 85 20.46 9.56 -76.37
C MET T 85 21.79 9.37 -77.08
N VAL T 86 21.84 8.39 -77.97
CA VAL T 86 23.08 8.02 -78.64
C VAL T 86 23.51 9.13 -79.60
N THR T 87 24.81 9.16 -79.96
CA THR T 87 25.31 10.16 -80.91
C THR T 87 25.42 9.65 -82.35
N TYR T 88 26.53 8.97 -82.64
CA TYR T 88 26.92 8.80 -84.02
C TYR T 88 27.93 7.66 -84.15
N GLY T 89 29.19 8.00 -83.93
CA GLY T 89 30.28 7.06 -84.17
C GLY T 89 30.83 6.48 -82.89
N GLU T 90 31.24 7.35 -81.97
CA GLU T 90 31.70 6.86 -80.68
C GLU T 90 30.53 6.81 -79.72
N PRO T 91 30.42 5.70 -78.96
CA PRO T 91 29.39 5.52 -77.94
C PRO T 91 29.98 5.52 -76.52
N VAL T 92 29.46 4.59 -75.70
CA VAL T 92 29.88 4.45 -74.31
C VAL T 92 30.32 3.03 -73.97
N GLU T 93 30.30 2.74 -72.66
CA GLU T 93 30.80 1.49 -72.14
C GLU T 93 29.65 0.54 -71.80
N VAL T 94 28.97 0.11 -72.87
CA VAL T 94 27.92 -0.93 -72.88
C VAL T 94 28.06 -2.00 -71.79
N SER T 95 26.94 -2.34 -71.15
CA SER T 95 26.89 -3.48 -70.24
C SER T 95 26.17 -4.68 -70.88
N VAL T 96 26.86 -5.82 -70.97
CA VAL T 96 26.37 -6.94 -71.77
C VAL T 96 26.44 -8.30 -71.07
N PRO T 97 25.33 -9.04 -71.07
CA PRO T 97 25.27 -10.28 -70.31
C PRO T 97 26.07 -11.42 -70.94
N VAL T 98 26.99 -11.99 -70.18
CA VAL T 98 27.68 -13.21 -70.58
C VAL T 98 26.66 -14.36 -70.59
N HIS T 99 26.70 -15.16 -71.64
CA HIS T 99 25.88 -16.36 -71.70
C HIS T 99 26.74 -17.61 -71.57
N THR T 100 26.21 -18.74 -72.02
CA THR T 100 26.98 -19.98 -72.09
C THR T 100 26.44 -20.81 -73.25
N THR T 101 27.34 -21.44 -73.99
CA THR T 101 26.96 -22.19 -75.18
C THR T 101 27.41 -23.64 -75.17
N GLY T 102 26.56 -24.51 -75.71
CA GLY T 102 26.86 -25.91 -75.87
C GLY T 102 26.75 -26.75 -74.61
N ARG T 103 26.45 -28.03 -74.80
CA ARG T 103 26.52 -29.00 -73.71
C ARG T 103 27.99 -29.19 -73.31
N SER T 104 28.37 -28.48 -72.24
CA SER T 104 29.75 -28.46 -71.75
C SER T 104 30.17 -29.82 -71.23
N GLN T 105 31.46 -30.12 -71.36
CA GLN T 105 31.99 -31.36 -70.81
C GLN T 105 32.24 -31.18 -69.30
N GLY T 106 32.09 -29.95 -68.81
CA GLY T 106 32.25 -29.65 -67.39
C GLY T 106 31.10 -30.14 -66.51
N GLU T 107 29.95 -30.43 -67.10
CA GLU T 107 28.78 -30.83 -66.33
C GLU T 107 28.55 -32.34 -66.40
N VAL T 108 29.49 -33.06 -66.99
CA VAL T 108 29.36 -34.51 -67.16
C VAL T 108 30.09 -35.30 -66.06
N GLN T 109 30.95 -34.61 -65.31
CA GLN T 109 31.69 -35.24 -64.22
C GLN T 109 31.35 -34.65 -62.85
N GLY T 110 30.13 -34.11 -62.74
CA GLY T 110 29.61 -33.61 -61.48
C GLY T 110 29.71 -32.11 -61.26
N GLY T 111 30.19 -31.38 -62.27
CA GLY T 111 30.43 -29.96 -62.11
C GLY T 111 29.27 -29.07 -62.51
N LEU T 112 29.43 -27.77 -62.36
CA LEU T 112 28.34 -26.83 -62.67
C LEU T 112 28.77 -25.54 -63.38
N VAL T 113 27.99 -25.16 -64.39
CA VAL T 113 28.17 -23.96 -65.22
C VAL T 113 27.79 -22.65 -64.49
N ASP T 114 28.75 -22.11 -63.77
CA ASP T 114 28.54 -20.96 -62.90
C ASP T 114 29.12 -19.69 -63.52
N ILE T 115 28.28 -18.68 -63.75
CA ILE T 115 28.71 -17.39 -64.31
C ILE T 115 29.14 -16.37 -63.24
N VAL T 116 30.38 -16.49 -62.76
CA VAL T 116 30.93 -15.62 -61.71
C VAL T 116 30.85 -14.10 -62.05
N VAL T 117 30.47 -13.77 -63.28
CA VAL T 117 30.01 -12.41 -63.59
C VAL T 117 28.85 -12.45 -64.58
N HIS T 118 27.64 -12.27 -64.08
CA HIS T 118 26.45 -12.29 -64.93
C HIS T 118 26.48 -11.23 -66.05
N ASN T 119 27.19 -10.12 -65.83
CA ASN T 119 27.22 -9.03 -66.81
C ASN T 119 28.58 -8.33 -66.96
N LEU T 120 28.86 -7.90 -68.19
CA LEU T 120 30.18 -7.45 -68.63
C LEU T 120 30.25 -6.00 -69.09
N GLN T 121 31.10 -5.22 -68.42
CA GLN T 121 31.28 -3.81 -68.78
C GLN T 121 32.42 -3.64 -69.80
N ILE T 122 32.06 -3.63 -71.09
CA ILE T 122 33.03 -3.47 -72.17
C ILE T 122 33.34 -2.01 -72.46
N VAL T 123 33.69 -1.76 -73.71
CA VAL T 123 33.87 -0.41 -74.25
C VAL T 123 33.51 -0.39 -75.74
N ALA T 124 32.67 0.58 -76.11
CA ALA T 124 32.50 1.08 -77.48
C ALA T 124 32.67 0.14 -78.69
N PRO T 125 31.54 -0.21 -79.33
CA PRO T 125 31.61 -0.70 -80.70
C PRO T 125 31.31 0.43 -81.71
N GLY T 126 30.51 1.40 -81.26
CA GLY T 126 29.82 2.34 -82.12
C GLY T 126 28.33 2.19 -81.83
N PRO T 127 27.64 3.30 -81.55
CA PRO T 127 26.25 3.21 -81.06
C PRO T 127 25.21 2.92 -82.16
N ARG T 128 25.35 1.79 -82.85
CA ARG T 128 24.34 1.31 -83.80
C ARG T 128 24.58 -0.17 -84.13
N ARG T 129 25.80 -0.61 -83.88
CA ARG T 129 26.20 -2.02 -84.03
C ARG T 129 26.74 -2.51 -82.68
N ILE T 130 25.84 -2.81 -81.76
CA ILE T 130 26.19 -3.23 -80.39
C ILE T 130 25.92 -4.72 -80.14
N PRO T 131 26.84 -5.40 -79.43
CA PRO T 131 26.54 -6.77 -79.02
C PRO T 131 25.41 -6.75 -77.99
N GLN T 132 24.40 -7.59 -78.16
CA GLN T 132 23.31 -7.67 -77.19
C GLN T 132 23.74 -8.61 -76.06
N GLU T 133 24.38 -9.71 -76.45
CA GLU T 133 24.85 -10.75 -75.55
C GLU T 133 26.31 -11.08 -75.84
N LEU T 134 26.75 -12.25 -75.38
CA LEU T 134 28.06 -12.77 -75.69
C LEU T 134 27.99 -14.29 -75.70
N VAL T 135 28.99 -14.95 -76.28
CA VAL T 135 28.96 -16.40 -76.44
C VAL T 135 30.31 -17.01 -76.09
N VAL T 136 30.38 -17.55 -74.88
CA VAL T 136 31.60 -18.15 -74.35
C VAL T 136 31.46 -19.67 -74.30
N ASP T 137 31.97 -20.35 -75.33
CA ASP T 137 32.01 -21.82 -75.34
C ASP T 137 32.67 -22.29 -74.06
N VAL T 138 32.09 -23.33 -73.49
CA VAL T 138 32.47 -23.77 -72.18
C VAL T 138 32.94 -25.22 -72.23
N THR T 139 32.71 -25.85 -73.38
CA THR T 139 32.94 -27.29 -73.58
C THR T 139 34.32 -27.74 -73.13
N LYS T 140 35.34 -26.96 -73.52
CA LYS T 140 36.73 -27.32 -73.23
C LYS T 140 37.04 -27.38 -71.72
N MET T 141 36.20 -26.71 -70.93
CA MET T 141 36.39 -26.66 -69.49
C MET T 141 35.94 -27.94 -68.83
N ASN T 142 36.77 -28.41 -67.91
CA ASN T 142 36.48 -29.61 -67.13
C ASN T 142 35.91 -29.25 -65.76
N ILE T 143 36.63 -29.63 -64.71
CA ILE T 143 36.30 -29.17 -63.35
C ILE T 143 37.52 -28.57 -62.65
N GLY T 144 37.51 -27.25 -62.48
CA GLY T 144 38.61 -26.54 -61.88
C GLY T 144 39.23 -25.50 -62.79
N ASP T 145 38.74 -25.43 -64.03
CA ASP T 145 39.16 -24.42 -65.01
C ASP T 145 38.22 -23.20 -64.96
N HIS T 146 38.77 -22.00 -64.86
CA HIS T 146 37.98 -20.78 -64.94
C HIS T 146 38.20 -20.15 -66.31
N ILE T 147 37.46 -19.08 -66.61
CA ILE T 147 37.69 -18.33 -67.85
C ILE T 147 37.95 -16.84 -67.54
N THR T 148 39.19 -16.40 -67.74
CA THR T 148 39.55 -15.01 -67.48
C THR T 148 39.02 -14.10 -68.60
N ALA T 149 39.08 -12.79 -68.39
CA ALA T 149 38.55 -11.82 -69.35
C ALA T 149 39.42 -11.67 -70.62
N GLY T 150 40.56 -12.36 -70.63
CA GLY T 150 41.35 -12.52 -71.84
C GLY T 150 40.65 -13.47 -72.78
N ASP T 151 40.39 -14.68 -72.30
CA ASP T 151 39.74 -15.74 -73.09
C ASP T 151 38.39 -15.33 -73.70
N ILE T 152 37.75 -14.34 -73.07
CA ILE T 152 36.53 -13.77 -73.60
C ILE T 152 36.75 -13.30 -75.04
N LYS T 153 35.78 -13.55 -75.89
CA LYS T 153 35.87 -13.18 -77.30
C LYS T 153 35.59 -11.69 -77.58
N LEU T 154 35.50 -11.37 -78.88
CA LEU T 154 35.17 -10.03 -79.35
C LEU T 154 34.51 -10.12 -80.73
N PRO T 155 33.71 -9.09 -81.10
CA PRO T 155 33.12 -9.05 -82.44
C PRO T 155 33.86 -8.14 -83.46
N GLU T 156 34.89 -7.41 -83.02
CA GLU T 156 35.76 -6.49 -83.84
C GLU T 156 35.40 -4.99 -83.81
N GLY T 157 36.33 -4.18 -83.30
CA GLY T 157 36.08 -2.75 -83.12
C GLY T 157 35.65 -2.41 -81.71
N CYS T 158 35.85 -3.37 -80.79
CA CYS T 158 35.43 -3.25 -79.40
C CYS T 158 36.61 -3.50 -78.44
N THR T 159 36.56 -2.90 -77.26
CA THR T 159 37.59 -3.13 -76.24
C THR T 159 36.98 -3.50 -74.88
N LEU T 160 37.74 -4.24 -74.06
CA LEU T 160 37.23 -4.77 -72.79
C LEU T 160 37.71 -3.96 -71.59
N ALA T 161 36.79 -3.17 -71.01
CA ALA T 161 37.09 -2.31 -69.88
C ALA T 161 37.49 -3.11 -68.64
N ALA T 162 37.24 -4.41 -68.71
CA ALA T 162 37.49 -5.31 -67.60
C ALA T 162 38.88 -5.94 -67.62
N ASP T 163 39.47 -6.06 -66.43
CA ASP T 163 40.76 -6.72 -66.23
C ASP T 163 40.75 -8.12 -66.86
N PRO T 164 41.67 -8.35 -67.80
CA PRO T 164 41.77 -9.56 -68.63
C PRO T 164 42.12 -10.85 -67.89
N GLU T 165 42.10 -10.83 -66.55
CA GLU T 165 42.43 -12.03 -65.79
C GLU T 165 41.43 -12.42 -64.68
N LEU T 166 40.49 -11.52 -64.38
CA LEU T 166 39.46 -11.81 -63.37
C LEU T 166 38.41 -12.79 -63.92
N THR T 167 37.79 -13.53 -63.01
CA THR T 167 37.01 -14.70 -63.36
C THR T 167 35.60 -14.44 -63.87
N VAL T 168 35.33 -14.82 -65.12
CA VAL T 168 33.96 -14.94 -65.60
C VAL T 168 33.69 -16.43 -65.72
N VAL T 169 32.44 -16.81 -65.93
CA VAL T 169 31.92 -18.19 -65.87
C VAL T 169 32.90 -19.35 -65.63
N SER T 170 32.92 -19.86 -64.39
CA SER T 170 33.81 -20.96 -64.04
C SER T 170 33.01 -22.13 -63.47
N VAL T 171 33.44 -23.34 -63.84
CA VAL T 171 32.82 -24.58 -63.39
C VAL T 171 33.09 -24.82 -61.90
N LEU T 172 32.05 -25.20 -61.16
CA LEU T 172 32.25 -25.52 -59.75
C LEU T 172 32.12 -27.02 -59.49
N PRO T 173 32.81 -27.51 -58.45
CA PRO T 173 32.72 -28.91 -58.05
C PRO T 173 31.29 -29.31 -57.65
N PRO T 174 31.03 -30.63 -57.58
CA PRO T 174 29.75 -31.13 -57.03
C PRO T 174 29.55 -30.82 -55.53
N ARG T 175 28.40 -31.20 -54.97
CA ARG T 175 28.06 -30.91 -53.56
C ARG T 175 28.29 -29.43 -53.22
N ALA U 1 10.31 -22.41 -6.84
CA ALA U 1 9.92 -21.26 -6.05
C ALA U 1 9.91 -19.93 -6.87
N HIS U 2 10.28 -18.83 -6.22
CA HIS U 2 10.23 -17.48 -6.82
C HIS U 2 11.62 -17.08 -7.34
N LYS U 3 11.93 -15.79 -7.29
CA LYS U 3 13.26 -15.34 -7.74
C LYS U 3 14.19 -14.77 -6.68
N LYS U 4 15.45 -15.21 -6.74
CA LYS U 4 16.51 -14.72 -5.88
C LYS U 4 17.58 -13.87 -6.60
N GLY U 5 17.48 -13.76 -7.93
CA GLY U 5 18.36 -12.89 -8.70
C GLY U 5 19.51 -13.57 -9.45
N VAL U 6 20.74 -13.34 -8.98
CA VAL U 6 21.02 -12.39 -7.90
C VAL U 6 21.75 -11.17 -8.45
N GLY U 7 22.01 -11.21 -9.77
CA GLY U 7 22.79 -10.23 -10.49
C GLY U 7 22.70 -8.76 -10.09
N SER U 8 23.81 -8.06 -10.29
CA SER U 8 23.92 -6.64 -9.97
C SER U 8 24.07 -5.87 -11.27
N SER U 9 24.61 -4.65 -11.19
CA SER U 9 25.18 -4.02 -12.38
C SER U 9 26.59 -3.44 -12.10
N LYS U 10 27.34 -3.29 -13.18
CA LYS U 10 28.72 -2.80 -13.12
C LYS U 10 28.88 -1.43 -13.84
N ASN U 11 27.87 -1.05 -14.64
CA ASN U 11 27.83 0.30 -15.21
C ASN U 11 26.93 1.26 -14.43
N GLY U 12 26.05 1.96 -15.14
CA GLY U 12 25.23 3.00 -14.54
C GLY U 12 26.07 4.20 -14.12
N ARG U 13 27.01 4.57 -14.99
CA ARG U 13 27.90 5.68 -14.72
C ARG U 13 27.86 6.68 -15.88
N ASP U 14 28.04 7.95 -15.53
CA ASP U 14 28.10 9.05 -16.50
C ASP U 14 28.64 10.25 -15.76
N SER U 15 28.95 11.30 -16.52
CA SER U 15 29.47 12.53 -15.94
C SER U 15 28.55 13.70 -16.23
N ASN U 16 28.46 14.59 -15.25
CA ASN U 16 27.57 15.73 -15.33
C ASN U 16 27.90 16.57 -16.55
N PRO U 17 26.90 17.25 -17.15
CA PRO U 17 27.04 17.74 -18.53
C PRO U 17 28.09 18.81 -18.71
N LYS U 18 28.82 18.72 -19.82
CA LYS U 18 29.76 19.77 -20.16
C LYS U 18 29.13 20.56 -21.28
N TYR U 19 28.71 21.78 -20.95
CA TYR U 19 27.91 22.62 -21.83
C TYR U 19 28.75 23.14 -22.98
N LEU U 20 28.96 22.28 -23.97
CA LEU U 20 29.79 22.67 -25.09
C LEU U 20 28.90 23.10 -26.25
N GLY U 21 29.51 23.35 -27.40
CA GLY U 21 28.82 23.99 -28.51
C GLY U 21 29.28 25.42 -28.67
N VAL U 22 28.91 26.02 -29.79
CA VAL U 22 29.22 27.42 -30.03
C VAL U 22 28.27 28.33 -29.21
N LYS U 23 28.83 29.13 -28.31
CA LYS U 23 27.97 30.01 -27.51
C LYS U 23 27.47 31.26 -28.28
N LYS U 24 28.37 32.09 -28.82
CA LYS U 24 27.99 33.25 -29.65
C LYS U 24 28.08 32.95 -31.16
N PHE U 25 26.96 33.09 -31.86
CA PHE U 25 26.84 32.54 -33.22
C PHE U 25 27.38 33.51 -34.25
N GLY U 26 26.87 33.44 -35.48
CA GLY U 26 27.46 34.24 -36.56
C GLY U 26 26.66 35.38 -37.17
N GLY U 27 27.06 36.61 -36.83
CA GLY U 27 26.35 37.77 -37.31
C GLY U 27 25.79 38.58 -36.15
N GLU U 28 25.91 38.06 -34.94
CA GLU U 28 25.55 38.81 -33.74
C GLU U 28 26.77 39.57 -33.24
N VAL U 29 26.51 40.56 -32.39
CA VAL U 29 27.54 41.48 -31.89
C VAL U 29 28.53 40.80 -30.99
N VAL U 30 29.07 41.56 -30.05
CA VAL U 30 29.91 41.05 -28.98
C VAL U 30 30.34 42.21 -28.09
N LYS U 31 30.86 41.88 -26.93
CA LYS U 31 31.56 42.85 -26.08
C LYS U 31 32.96 42.26 -25.90
N ALA U 32 33.90 43.00 -25.33
CA ALA U 32 35.24 42.49 -25.13
C ALA U 32 35.26 41.69 -23.83
N GLY U 33 35.83 40.48 -23.86
CA GLY U 33 35.72 39.56 -22.75
C GLY U 33 34.72 38.45 -23.00
N ASN U 34 33.62 38.82 -23.66
CA ASN U 34 32.62 37.88 -24.14
C ASN U 34 33.19 36.64 -24.82
N ILE U 35 32.76 35.49 -24.32
CA ILE U 35 33.07 34.21 -24.93
C ILE U 35 32.13 33.90 -26.10
N LEU U 36 32.73 33.52 -27.22
CA LEU U 36 31.98 33.22 -28.43
C LEU U 36 31.80 31.72 -28.68
N VAL U 37 32.77 30.91 -28.25
CA VAL U 37 32.69 29.45 -28.43
C VAL U 37 33.40 28.64 -27.33
N ARG U 38 32.73 27.59 -26.85
CA ARG U 38 33.33 26.53 -26.04
C ARG U 38 33.46 25.25 -26.87
N GLN U 39 34.53 24.48 -26.63
CA GLN U 39 34.81 23.32 -27.47
C GLN U 39 35.81 22.41 -26.77
N ARG U 40 35.95 21.18 -27.25
CA ARG U 40 36.93 20.27 -26.65
C ARG U 40 38.31 20.55 -27.21
N GLY U 41 38.40 20.63 -28.54
CA GLY U 41 39.67 20.93 -29.20
C GLY U 41 39.80 22.21 -30.02
N THR U 42 40.24 22.06 -31.27
CA THR U 42 40.23 23.18 -32.22
C THR U 42 39.12 22.96 -33.24
N LYS U 43 37.89 22.85 -32.74
CA LYS U 43 36.72 22.61 -33.57
C LYS U 43 36.49 23.91 -34.28
N PHE U 44 36.90 24.97 -33.62
CA PHE U 44 36.82 26.29 -34.17
C PHE U 44 38.11 27.06 -33.93
N LYS U 45 38.77 27.45 -35.02
CA LYS U 45 40.11 28.03 -34.95
C LYS U 45 40.11 29.53 -34.68
N ALA U 46 41.03 29.93 -33.81
CA ALA U 46 41.22 31.32 -33.46
C ALA U 46 41.40 32.12 -34.75
N GLY U 47 40.52 33.08 -34.97
CA GLY U 47 40.60 33.96 -36.11
C GLY U 47 41.11 35.35 -35.73
N GLN U 48 41.00 36.30 -36.66
CA GLN U 48 41.53 37.64 -36.46
C GLN U 48 40.64 38.52 -35.57
N GLY U 49 40.99 38.59 -34.28
CA GLY U 49 40.26 39.38 -33.32
C GLY U 49 39.97 38.58 -32.06
N VAL U 50 40.12 37.27 -32.17
CA VAL U 50 39.72 36.34 -31.14
C VAL U 50 40.91 35.62 -30.49
N GLY U 51 40.75 35.30 -29.21
CA GLY U 51 41.78 34.62 -28.45
C GLY U 51 41.33 33.25 -27.95
N MET U 52 42.29 32.42 -27.53
CA MET U 52 42.01 31.04 -27.16
C MET U 52 42.59 30.62 -25.82
N GLY U 53 41.74 30.61 -24.79
CA GLY U 53 42.16 30.22 -23.46
C GLY U 53 42.63 28.79 -23.49
N ARG U 54 43.17 28.34 -22.35
CA ARG U 54 43.56 26.94 -22.16
C ARG U 54 42.53 25.88 -22.63
N ASP U 55 41.24 26.10 -22.35
CA ASP U 55 40.14 25.18 -22.76
C ASP U 55 40.00 25.05 -24.27
N HIS U 56 40.63 25.99 -25.00
CA HIS U 56 40.40 26.26 -26.42
C HIS U 56 39.07 26.98 -26.55
N THR U 57 38.66 27.62 -25.46
CA THR U 57 37.56 28.56 -25.46
C THR U 57 37.93 29.66 -26.45
N LEU U 58 36.93 30.28 -27.08
CA LEU U 58 37.20 31.46 -27.92
C LEU U 58 36.61 32.72 -27.30
N PHE U 59 37.47 33.67 -26.95
CA PHE U 59 37.01 34.89 -26.30
C PHE U 59 37.30 36.07 -27.21
N ALA U 60 36.62 37.19 -26.97
CA ALA U 60 36.75 38.41 -27.78
C ALA U 60 37.73 39.42 -27.19
N LEU U 61 38.70 39.83 -28.03
CA LEU U 61 39.77 40.78 -27.66
C LEU U 61 39.35 42.25 -27.69
N SER U 62 38.44 42.59 -28.59
CA SER U 62 37.72 43.87 -28.52
C SER U 62 36.33 43.75 -29.17
N ASP U 63 35.45 44.72 -28.90
CA ASP U 63 34.03 44.69 -29.31
C ASP U 63 33.75 44.46 -30.81
N GLY U 64 32.55 44.84 -31.24
CA GLY U 64 32.20 44.72 -32.65
C GLY U 64 31.27 43.57 -33.02
N LYS U 65 31.52 42.99 -34.21
CA LYS U 65 30.65 41.95 -34.76
C LYS U 65 31.42 40.68 -35.13
N VAL U 66 30.69 39.57 -35.11
CA VAL U 66 31.22 38.20 -35.18
C VAL U 66 31.10 37.56 -36.56
N VAL U 67 32.22 37.03 -37.05
CA VAL U 67 32.34 36.55 -38.41
C VAL U 67 32.82 35.10 -38.52
N PHE U 68 31.93 34.24 -38.98
CA PHE U 68 32.25 32.81 -39.08
C PHE U 68 32.75 32.49 -40.46
N ILE U 69 33.73 31.59 -40.56
CA ILE U 69 34.06 30.98 -41.84
C ILE U 69 34.53 29.54 -41.70
N ASN U 70 33.92 28.65 -42.48
CA ASN U 70 34.45 27.31 -42.68
C ASN U 70 35.24 27.27 -43.99
N LYS U 71 36.45 26.70 -43.96
CA LYS U 71 37.31 26.77 -45.14
C LYS U 71 37.11 25.59 -46.10
N GLY U 72 35.92 25.49 -46.68
CA GLY U 72 35.62 24.46 -47.63
C GLY U 72 35.49 23.04 -47.05
N LYS U 73 35.20 22.96 -45.74
CA LYS U 73 34.89 21.70 -44.97
C LYS U 73 36.03 21.06 -44.13
N GLY U 74 36.26 21.55 -42.92
CA GLY U 74 37.20 20.89 -42.01
C GLY U 74 38.22 21.79 -41.33
N ALA U 75 38.26 23.06 -41.77
CA ALA U 75 39.16 24.09 -41.24
C ALA U 75 38.39 25.39 -41.18
N ARG U 76 38.39 26.04 -40.03
CA ARG U 76 37.37 27.05 -39.77
C ARG U 76 37.70 27.99 -38.62
N PHE U 77 37.36 29.26 -38.80
CA PHE U 77 37.77 30.29 -37.85
C PHE U 77 36.61 31.24 -37.60
N ILE U 78 36.63 31.87 -36.44
CA ILE U 78 35.80 33.06 -36.23
C ILE U 78 36.66 34.31 -35.96
N SER U 79 36.29 35.43 -36.61
CA SER U 79 36.98 36.70 -36.42
C SER U 79 36.03 37.78 -35.92
N ILE U 80 36.60 38.94 -35.58
CA ILE U 80 35.82 40.11 -35.16
C ILE U 80 36.09 41.30 -36.08
N GLU U 81 35.08 42.14 -36.30
CA GLU U 81 35.28 43.39 -37.03
C GLU U 81 34.28 44.43 -36.52
N ALA U 82 34.74 45.65 -36.25
CA ALA U 82 33.91 46.64 -35.56
C ALA U 82 32.66 47.10 -36.33
N ALA U 83 32.06 48.19 -35.87
CA ALA U 83 30.85 48.75 -36.48
C ALA U 83 31.16 49.98 -37.33
N GLN U 84 32.07 49.82 -38.30
CA GLN U 84 32.51 50.90 -39.19
C GLN U 84 33.12 50.32 -40.46
N THR V 1 27.77 16.72 59.28
CA THR V 1 27.50 17.17 60.65
C THR V 1 28.78 17.32 61.47
N GLY V 2 29.69 18.19 61.02
CA GLY V 2 30.98 18.39 61.67
C GLY V 2 30.89 18.99 63.05
N LYS V 3 32.01 19.50 63.56
CA LYS V 3 32.03 20.16 64.88
C LYS V 3 31.32 21.48 64.78
N LYS V 4 32.10 22.53 64.54
CA LYS V 4 31.57 23.75 64.02
C LYS V 4 31.03 23.31 62.68
N ASN V 5 29.92 23.92 62.29
CA ASN V 5 29.29 23.64 61.01
C ASN V 5 28.71 22.24 60.91
N LEU V 6 27.61 22.14 60.17
CA LEU V 6 27.15 20.90 59.60
C LEU V 6 28.16 20.61 58.46
N VAL V 7 27.88 19.62 57.63
CA VAL V 7 28.62 19.48 56.37
C VAL V 7 27.83 18.62 55.39
N VAL V 8 28.48 17.57 54.90
CA VAL V 8 27.95 16.58 53.97
C VAL V 8 27.66 17.07 52.54
N ASN V 9 27.74 18.37 52.31
CA ASN V 9 27.26 18.95 51.04
C ASN V 9 28.29 19.10 49.88
N SER V 10 27.77 19.05 48.66
CA SER V 10 28.51 18.68 47.46
C SER V 10 27.43 18.34 46.42
N VAL V 11 27.64 18.25 45.10
CA VAL V 11 28.80 18.47 44.20
C VAL V 11 28.44 17.58 43.00
N ILE V 12 28.75 18.00 41.79
CA ILE V 12 28.58 17.11 40.64
C ILE V 12 29.96 16.67 40.14
N ARG V 13 30.04 15.81 39.12
CA ARG V 13 31.34 15.52 38.51
C ARG V 13 31.37 15.17 37.01
N ARG V 14 32.29 15.86 36.32
CA ARG V 14 32.49 15.81 34.87
C ARG V 14 33.66 14.86 34.55
N GLY V 15 34.35 15.09 33.46
CA GLY V 15 35.41 14.21 33.03
C GLY V 15 35.37 14.14 31.53
N LYS V 16 36.55 14.11 30.92
CA LYS V 16 36.67 14.41 29.49
C LYS V 16 37.79 13.65 28.78
N ALA V 17 37.51 13.19 27.56
CA ALA V 17 38.47 12.43 26.76
C ALA V 17 39.08 13.31 25.66
N ARG V 18 39.92 12.68 24.83
CA ARG V 18 40.88 13.39 23.94
C ARG V 18 41.41 14.71 24.52
N ALA V 19 41.42 14.76 25.85
CA ALA V 19 41.98 15.82 26.67
C ALA V 19 43.46 16.01 26.32
N ASP V 20 44.06 17.05 26.89
CA ASP V 20 45.48 17.35 26.69
C ASP V 20 45.81 17.68 25.23
N GLY V 21 46.64 18.70 25.03
CA GLY V 21 47.05 19.08 23.69
C GLY V 21 47.94 20.31 23.62
N GLY V 22 48.22 20.73 22.39
CA GLY V 22 49.05 21.89 22.17
C GLY V 22 48.38 23.09 22.80
N VAL V 23 48.31 23.09 24.15
CA VAL V 23 47.55 24.06 24.94
C VAL V 23 46.03 23.87 24.70
N GLY V 24 45.69 23.82 23.42
CA GLY V 24 44.44 23.29 22.91
C GLY V 24 44.86 22.20 21.94
N ARG V 25 44.29 21.02 22.07
CA ARG V 25 44.60 19.95 21.14
C ARG V 25 43.99 20.37 19.82
N LYS V 26 42.77 19.93 19.59
CA LYS V 26 41.85 20.62 18.71
C LYS V 26 41.03 21.32 19.76
N THR V 27 40.47 20.50 20.64
CA THR V 27 39.83 20.95 21.88
C THR V 27 39.43 19.75 22.72
N THR V 28 38.87 20.01 23.89
CA THR V 28 38.34 18.98 24.76
C THR V 28 36.84 18.74 24.54
N GLY V 29 36.47 17.50 24.22
CA GLY V 29 35.07 17.12 24.20
C GLY V 29 34.77 16.33 25.47
N ILE V 30 33.63 16.55 26.09
CA ILE V 30 33.35 15.90 27.38
C ILE V 30 32.15 14.93 27.37
N THR V 31 32.19 13.96 28.29
CA THR V 31 31.34 12.77 28.20
C THR V 31 30.36 12.63 29.36
N LYS V 32 30.74 13.20 30.51
CA LYS V 32 30.12 12.90 31.80
C LYS V 32 29.02 13.83 32.31
N ARG V 33 29.26 14.37 33.51
CA ARG V 33 28.24 15.00 34.38
C ARG V 33 27.31 13.96 35.03
N VAL V 34 27.59 13.67 36.30
CA VAL V 34 26.68 12.93 37.20
C VAL V 34 26.81 13.58 38.57
N GLN V 35 26.66 12.84 39.65
CA GLN V 35 26.73 13.48 40.96
C GLN V 35 27.36 12.65 42.07
N ARG V 36 27.93 13.33 43.06
CA ARG V 36 28.63 12.68 44.18
C ARG V 36 28.18 13.28 45.51
N ALA V 37 28.93 12.95 46.57
CA ALA V 37 28.77 13.60 47.87
C ALA V 37 30.05 13.43 48.71
N ASN V 38 30.13 14.13 49.85
CA ASN V 38 31.38 14.21 50.64
C ASN V 38 31.20 14.10 52.17
N LEU V 39 32.26 13.74 52.92
CA LEU V 39 32.17 13.63 54.39
C LEU V 39 33.48 13.91 55.19
N HIS V 40 33.74 13.11 56.24
CA HIS V 40 34.67 13.46 57.32
C HIS V 40 35.15 12.27 58.16
N LYS V 41 34.80 12.24 59.46
CA LYS V 41 35.07 11.09 60.35
C LYS V 41 34.39 11.13 61.76
N LYS V 42 34.87 10.29 62.68
CA LYS V 42 34.33 10.11 64.04
C LYS V 42 35.36 10.37 65.16
N ALA V 43 34.94 11.12 66.18
CA ALA V 43 35.78 11.37 67.37
C ALA V 43 34.96 11.71 68.61
N ILE V 44 35.42 11.25 69.77
CA ILE V 44 34.66 11.31 71.02
C ILE V 44 35.25 12.30 72.05
N ARG V 45 34.62 13.46 72.22
CA ARG V 45 35.15 14.46 73.16
C ARG V 45 34.07 15.10 74.04
N GLU V 46 34.45 16.18 74.74
CA GLU V 46 33.66 16.70 75.87
C GLU V 46 33.09 18.11 75.72
N ASN V 47 32.06 18.41 76.52
CA ASN V 47 31.41 19.72 76.59
C ASN V 47 30.48 19.81 77.81
N GLY V 48 30.46 20.96 78.48
CA GLY V 48 29.64 21.20 79.67
C GLY V 48 29.67 20.05 80.67
N GLN V 49 28.93 19.00 80.33
CA GLN V 49 28.95 17.73 81.05
C GLN V 49 29.73 16.69 80.24
N VAL V 50 29.10 15.54 79.96
CA VAL V 50 29.73 14.43 79.25
C VAL V 50 29.09 14.15 77.89
N LYS V 51 29.90 14.15 76.82
CA LYS V 51 29.42 13.83 75.47
C LYS V 51 30.44 12.95 74.72
N THR V 52 30.09 12.52 73.50
CA THR V 52 30.93 11.60 72.72
C THR V 52 31.03 12.04 71.24
N VAL V 53 30.05 11.63 70.44
CA VAL V 53 29.68 12.24 69.14
C VAL V 53 30.59 12.11 67.89
N TRP V 54 30.15 12.74 66.80
CA TRP V 54 30.90 12.83 65.54
C TRP V 54 31.81 14.03 65.57
N LEU V 55 32.98 13.90 64.96
CA LEU V 55 33.89 15.04 64.76
C LEU V 55 34.63 14.93 63.42
N SER V 56 34.83 16.08 62.78
CA SER V 56 35.42 16.10 61.44
C SER V 56 36.91 15.70 61.45
N ALA V 57 37.65 16.29 60.52
CA ALA V 57 39.11 16.18 60.52
C ALA V 57 39.66 17.58 60.73
N ASN V 58 39.10 18.53 59.98
CA ASN V 58 39.45 19.94 60.16
C ASN V 58 39.18 20.29 61.60
N ALA V 59 38.09 19.77 62.12
CA ALA V 59 37.74 19.97 63.51
C ALA V 59 38.81 19.36 64.41
N ILE V 60 39.36 18.24 63.96
CA ILE V 60 40.34 17.52 64.77
C ILE V 60 41.55 18.41 65.02
N ARG V 61 42.01 19.09 63.97
CA ARG V 61 43.10 20.04 64.10
C ARG V 61 42.65 21.24 64.94
N THR V 62 41.54 21.85 64.54
CA THR V 62 41.06 23.10 65.14
C THR V 62 40.84 22.94 66.65
N LEU V 63 40.66 21.70 67.08
CA LEU V 63 40.43 21.41 68.48
C LEU V 63 41.70 20.96 69.18
N SER V 64 42.60 20.31 68.45
CA SER V 64 43.88 19.89 69.04
C SER V 64 44.87 21.06 69.11
N LYS V 65 44.48 22.18 68.52
CA LYS V 65 45.20 23.43 68.71
C LYS V 65 44.71 24.09 70.00
N GLY V 66 43.39 24.08 70.19
CA GLY V 66 42.78 24.63 71.37
C GLY V 66 41.27 24.63 71.31
N PRO V 67 40.60 24.65 72.48
CA PRO V 67 39.14 24.58 72.61
C PRO V 67 38.38 25.82 72.09
N TYR V 68 37.85 25.71 70.86
CA TYR V 68 36.94 26.71 70.28
C TYR V 68 35.52 26.45 70.81
N LYS V 69 35.38 26.44 72.14
CA LYS V 69 34.17 26.09 72.93
C LYS V 69 34.16 24.67 73.54
N GLY V 70 34.32 23.64 72.70
CA GLY V 70 34.35 22.27 73.20
C GLY V 70 35.76 21.82 73.57
N ILE V 71 35.86 20.78 74.40
CA ILE V 71 37.17 20.29 74.86
C ILE V 71 37.33 18.76 74.62
N GLU V 72 38.40 18.14 75.15
CA GLU V 72 38.80 16.77 74.74
C GLU V 72 38.40 15.59 75.65
N MET W 1 -37.48 36.79 89.06
CA MET W 1 -37.02 37.59 87.92
C MET W 1 -35.72 37.02 87.31
N LYS W 2 -35.14 37.76 86.37
CA LYS W 2 -33.88 37.35 85.74
C LYS W 2 -32.62 37.87 86.47
N PRO W 3 -32.55 39.19 86.78
CA PRO W 3 -31.41 39.63 87.59
C PRO W 3 -31.64 39.50 89.11
N SER W 4 -32.75 40.04 89.60
CA SER W 4 -32.95 40.29 91.04
C SER W 4 -33.24 39.09 91.94
N GLU W 5 -33.52 37.91 91.36
CA GLU W 5 -33.90 36.74 92.17
C GLU W 5 -32.81 35.65 92.29
N MET W 6 -31.71 35.80 91.55
CA MET W 6 -30.64 34.80 91.56
C MET W 6 -29.44 35.22 92.43
N ARG W 7 -28.98 36.45 92.23
CA ARG W 7 -27.80 36.97 92.92
C ARG W 7 -28.05 37.31 94.41
N ASN W 8 -29.32 37.22 94.82
CA ASN W 8 -29.73 37.44 96.21
C ASN W 8 -29.65 36.14 97.01
N LEU W 9 -29.52 35.03 96.29
CA LEU W 9 -29.53 33.68 96.88
C LEU W 9 -28.13 33.02 96.84
N GLN W 10 -27.86 32.19 97.84
CA GLN W 10 -26.53 31.60 98.04
C GLN W 10 -26.42 30.18 97.43
N ALA W 11 -25.20 29.82 97.00
CA ALA W 11 -24.97 28.69 96.09
C ALA W 11 -25.28 27.28 96.62
N THR W 12 -25.27 27.11 97.94
CA THR W 12 -25.58 25.82 98.55
C THR W 12 -27.06 25.49 98.30
N ASP W 13 -27.82 26.54 98.05
CA ASP W 13 -29.19 26.43 97.55
C ASP W 13 -29.13 26.16 96.04
N PHE W 14 -28.26 26.86 95.32
CA PHE W 14 -28.10 26.69 93.86
C PHE W 14 -27.91 25.25 93.43
N ALA W 15 -27.12 24.49 94.19
CA ALA W 15 -26.87 23.09 93.88
C ALA W 15 -28.18 22.31 93.80
N LYS W 16 -28.99 22.40 94.85
CA LYS W 16 -30.26 21.68 94.91
C LYS W 16 -31.39 22.40 94.14
N GLU W 17 -31.11 23.64 93.72
CA GLU W 17 -32.02 24.45 92.91
C GLU W 17 -31.97 23.96 91.49
N ILE W 18 -30.74 23.93 90.99
CA ILE W 18 -30.38 23.16 89.83
C ILE W 18 -31.04 21.78 89.92
N ASP W 19 -30.76 21.06 91.01
CA ASP W 19 -31.32 19.72 91.19
C ASP W 19 -32.84 19.64 90.96
N ALA W 20 -33.60 20.52 91.61
CA ALA W 20 -35.05 20.44 91.48
C ALA W 20 -35.52 20.87 90.10
N ARG W 21 -34.86 21.87 89.53
CA ARG W 21 -35.18 22.34 88.20
C ARG W 21 -35.04 21.17 87.22
N LYS W 22 -33.93 20.46 87.36
CA LYS W 22 -33.69 19.22 86.64
C LYS W 22 -34.90 18.33 86.83
N LYS W 23 -35.13 17.90 88.07
CA LYS W 23 -36.21 16.94 88.39
C LYS W 23 -37.53 17.22 87.68
N GLU W 24 -37.95 18.47 87.73
CA GLU W 24 -39.19 18.84 87.05
C GLU W 24 -38.99 18.73 85.54
N LEU W 25 -37.82 19.13 85.07
CA LEU W 25 -37.54 19.03 83.65
C LEU W 25 -37.69 17.56 83.20
N MET W 26 -37.23 16.64 84.05
CA MET W 26 -37.25 15.22 83.76
C MET W 26 -38.66 14.68 83.72
N GLU W 27 -39.44 14.98 84.77
CA GLU W 27 -40.83 14.53 84.84
C GLU W 27 -41.60 15.06 83.64
N LEU W 28 -41.27 16.29 83.27
CA LEU W 28 -41.80 16.91 82.06
C LEU W 28 -41.50 16.03 80.86
N ARG W 29 -40.26 15.57 80.75
CA ARG W 29 -39.87 14.71 79.62
C ARG W 29 -40.73 13.45 79.59
N PHE W 30 -40.75 12.75 80.72
CA PHE W 30 -41.52 11.53 80.85
C PHE W 30 -42.96 11.76 80.39
N GLN W 31 -43.56 12.85 80.87
CA GLN W 31 -44.85 13.28 80.38
C GLN W 31 -44.85 13.35 78.85
N ALA W 32 -43.93 14.15 78.31
CA ALA W 32 -43.88 14.46 76.89
C ALA W 32 -43.94 13.22 76.03
N ALA W 33 -43.04 12.27 76.32
CA ALA W 33 -42.99 11.02 75.57
C ALA W 33 -44.01 9.99 76.05
N ALA W 34 -44.79 10.37 77.06
CA ALA W 34 -45.99 9.62 77.42
C ALA W 34 -47.19 10.32 76.79
N GLY W 35 -47.05 11.61 76.52
CA GLY W 35 -48.16 12.43 76.09
C GLY W 35 -48.90 13.07 77.25
N GLN W 36 -49.43 14.28 77.04
CA GLN W 36 -49.32 14.94 75.76
C GLN W 36 -48.24 16.02 75.77
N LEU W 37 -47.91 16.50 76.97
CA LEU W 37 -47.10 17.72 77.15
C LEU W 37 -47.77 18.93 76.48
N ALA W 38 -48.86 19.39 77.08
CA ALA W 38 -49.69 20.46 76.51
C ALA W 38 -49.04 21.84 76.64
N GLN W 39 -48.04 21.93 77.50
CA GLN W 39 -47.24 23.17 77.62
C GLN W 39 -45.73 22.96 77.33
N PRO W 40 -45.38 22.80 76.04
CA PRO W 40 -43.99 22.67 75.56
C PRO W 40 -43.09 23.81 76.04
N HIS W 41 -43.62 25.02 76.09
CA HIS W 41 -42.82 26.17 76.51
C HIS W 41 -42.08 25.87 77.82
N ARG W 42 -42.82 25.38 78.80
CA ARG W 42 -42.35 25.22 80.17
C ARG W 42 -40.98 24.54 80.18
N VAL W 43 -40.80 23.61 79.25
CA VAL W 43 -39.53 22.92 79.07
C VAL W 43 -38.44 23.96 78.83
N ARG W 44 -38.50 24.60 77.67
CA ARG W 44 -37.46 25.53 77.23
C ARG W 44 -37.26 26.63 78.26
N GLN W 45 -38.33 26.99 78.94
CA GLN W 45 -38.27 28.03 79.97
C GLN W 45 -37.41 27.53 81.12
N LEU W 46 -37.60 26.27 81.47
CA LEU W 46 -36.84 25.69 82.57
C LEU W 46 -35.36 25.60 82.18
N ARG W 47 -35.14 25.30 80.91
CA ARG W 47 -33.80 25.38 80.35
C ARG W 47 -33.22 26.77 80.64
N ARG W 48 -33.90 27.79 80.13
CA ARG W 48 -33.52 29.20 80.32
C ARG W 48 -33.16 29.52 81.76
N GLU W 49 -34.05 29.17 82.68
CA GLU W 49 -33.80 29.35 84.11
C GLU W 49 -32.50 28.67 84.55
N VAL W 50 -32.26 27.48 84.02
CA VAL W 50 -31.08 26.72 84.43
C VAL W 50 -29.83 27.45 84.00
N ALA W 51 -29.81 27.82 82.73
CA ALA W 51 -28.70 28.56 82.15
C ALA W 51 -28.44 29.82 82.95
N GLN W 52 -29.51 30.51 83.33
CA GLN W 52 -29.44 31.65 84.24
C GLN W 52 -28.67 31.25 85.50
N LEU W 53 -29.22 30.31 86.27
CA LEU W 53 -28.62 29.80 87.49
C LEU W 53 -27.11 29.60 87.38
N ASN W 54 -26.69 28.84 86.37
CA ASN W 54 -25.27 28.55 86.21
C ASN W 54 -24.41 29.77 85.84
N THR W 55 -24.96 30.60 84.95
CA THR W 55 -24.29 31.85 84.57
C THR W 55 -24.03 32.62 85.84
N VAL W 56 -25.04 32.62 86.68
CA VAL W 56 -25.03 33.32 87.95
C VAL W 56 -23.94 32.81 88.88
N LYS W 57 -24.06 31.56 89.33
CA LYS W 57 -23.08 31.01 90.26
C LYS W 57 -21.66 31.18 89.71
N ALA W 58 -21.53 31.10 88.39
CA ALA W 58 -20.24 31.28 87.73
C ALA W 58 -19.66 32.70 87.83
N GLU W 59 -20.23 33.63 87.07
CA GLU W 59 -19.81 35.02 87.13
C GLU W 59 -19.62 35.46 88.57
N LEU W 60 -20.61 35.15 89.41
CA LEU W 60 -20.57 35.48 90.84
C LEU W 60 -19.36 34.91 91.57
N ALA W 61 -19.29 33.58 91.66
CA ALA W 61 -18.15 32.94 92.33
C ALA W 61 -16.82 33.50 91.86
N ARG W 62 -16.75 33.94 90.60
CA ARG W 62 -15.52 34.51 90.05
C ARG W 62 -15.37 36.02 90.24
N LYS W 63 -16.42 36.68 90.70
CA LYS W 63 -16.40 38.12 90.95
C LYS W 63 -16.30 38.41 92.45
N GLY W 64 -16.61 37.40 93.26
CA GLY W 64 -16.40 37.47 94.70
C GLY W 64 -14.93 37.22 94.95
N GLU W 65 -14.32 36.49 94.04
CA GLU W 65 -12.88 36.29 94.05
C GLU W 65 -12.20 37.51 93.42
N GLN W 66 -12.34 38.64 94.11
CA GLN W 66 -11.69 39.90 93.75
C GLN W 66 -11.02 40.50 94.98
N MET X 1 -5.54 39.19 -48.44
CA MET X 1 -6.50 38.09 -48.55
C MET X 1 -7.60 38.18 -47.48
N LYS X 2 -8.63 37.34 -47.61
CA LYS X 2 -9.80 37.37 -46.70
C LYS X 2 -9.99 36.08 -45.88
N ILE X 3 -9.98 36.27 -44.55
CA ILE X 3 -9.89 35.20 -43.56
C ILE X 3 -11.22 34.96 -42.82
N LYS X 4 -11.54 33.70 -42.52
CA LYS X 4 -12.62 33.36 -41.55
C LYS X 4 -12.21 32.18 -40.66
N LEU X 5 -12.50 32.26 -39.35
CA LEU X 5 -12.19 31.15 -38.42
C LEU X 5 -13.32 30.13 -38.32
N VAL X 6 -13.03 28.87 -38.62
CA VAL X 6 -14.10 27.87 -38.55
C VAL X 6 -13.82 26.67 -37.63
N ARG X 7 -12.54 26.33 -37.48
CA ARG X 7 -12.16 25.28 -36.55
C ARG X 7 -11.55 25.90 -35.33
N SER X 8 -11.85 25.35 -34.17
CA SER X 8 -11.43 25.97 -32.93
C SER X 8 -9.93 25.89 -32.68
N VAL X 9 -9.59 26.26 -31.46
CA VAL X 9 -8.22 26.39 -31.00
C VAL X 9 -7.82 25.21 -30.09
N ILE X 10 -8.83 24.53 -29.54
CA ILE X 10 -8.59 23.55 -28.45
C ILE X 10 -8.04 22.23 -28.96
N GLY X 11 -7.05 21.69 -28.23
CA GLY X 11 -6.42 20.45 -28.66
C GLY X 11 -5.28 20.65 -29.66
N ARG X 12 -5.01 21.93 -29.97
CA ARG X 12 -4.02 22.37 -30.95
C ARG X 12 -2.76 23.01 -30.30
N PRO X 13 -1.60 22.81 -30.94
CA PRO X 13 -0.23 23.27 -30.58
C PRO X 13 -0.13 24.71 -30.08
N GLY X 14 0.87 25.01 -29.23
CA GLY X 14 1.08 26.36 -28.71
C GLY X 14 1.20 27.45 -29.75
N ASN X 15 2.09 27.26 -30.72
CA ASN X 15 2.24 28.14 -31.85
C ASN X 15 0.95 28.42 -32.67
N GLN X 16 0.19 27.38 -33.04
CA GLN X 16 -1.02 27.61 -33.85
C GLN X 16 -2.06 28.48 -33.15
N VAL X 17 -2.24 28.23 -31.85
CA VAL X 17 -2.92 29.15 -30.97
C VAL X 17 -2.33 30.53 -31.21
N LYS X 18 -1.13 30.75 -30.67
CA LYS X 18 -0.54 32.09 -30.62
C LYS X 18 -0.62 32.86 -31.94
N THR X 19 -0.67 32.12 -33.06
CA THR X 19 -0.96 32.70 -34.37
C THR X 19 -2.42 33.10 -34.52
N VAL X 20 -3.34 32.23 -34.11
CA VAL X 20 -4.76 32.63 -34.13
C VAL X 20 -4.98 33.88 -33.27
N GLN X 21 -4.24 33.98 -32.16
CA GLN X 21 -4.31 35.17 -31.32
C GLN X 21 -3.78 36.33 -32.13
N ALA X 22 -2.46 36.35 -32.26
CA ALA X 22 -1.75 37.36 -33.03
C ALA X 22 -2.06 37.33 -34.53
N LEU X 23 -3.32 37.07 -34.87
CA LEU X 23 -3.83 37.34 -36.20
C LEU X 23 -4.98 38.27 -35.90
N GLY X 24 -5.59 38.05 -34.75
CA GLY X 24 -6.66 38.92 -34.30
C GLY X 24 -7.97 38.18 -34.11
N LEU X 25 -8.00 36.92 -34.52
CA LEU X 25 -9.20 36.10 -34.34
C LEU X 25 -9.29 35.60 -32.91
N ARG X 26 -10.40 35.89 -32.24
CA ARG X 26 -10.56 35.57 -30.82
C ARG X 26 -11.67 34.53 -30.53
N LYS X 27 -12.49 34.22 -31.54
CA LYS X 27 -13.51 33.18 -31.47
C LYS X 27 -13.91 32.75 -32.87
N ILE X 28 -14.43 31.55 -33.02
CA ILE X 28 -14.90 31.04 -34.31
C ILE X 28 -15.97 31.98 -34.84
N GLY X 29 -16.21 31.94 -36.15
CA GLY X 29 -17.15 32.85 -36.80
C GLY X 29 -16.50 34.15 -37.24
N ASP X 30 -15.48 34.57 -36.48
CA ASP X 30 -14.67 35.76 -36.78
C ASP X 30 -14.21 35.85 -38.24
N SER X 31 -14.20 37.08 -38.75
CA SER X 31 -13.86 37.34 -40.13
C SER X 31 -12.74 38.39 -40.13
N ARG X 32 -12.05 38.55 -41.26
CA ARG X 32 -10.99 39.56 -41.36
C ARG X 32 -10.38 39.76 -42.74
N GLU X 33 -9.65 40.86 -42.89
CA GLU X 33 -8.86 41.15 -44.09
C GLU X 33 -7.38 41.21 -43.74
N VAL X 34 -6.53 40.95 -44.73
CA VAL X 34 -5.09 40.86 -44.48
C VAL X 34 -4.18 41.41 -45.59
N SER X 35 -3.17 42.18 -45.17
CA SER X 35 -2.21 42.74 -46.11
C SER X 35 -1.45 41.66 -46.86
N ASP X 36 -1.94 41.34 -48.07
CA ASP X 36 -1.33 40.38 -49.01
C ASP X 36 0.21 40.42 -49.14
N THR X 37 0.89 40.48 -48.00
CA THR X 37 2.34 40.60 -47.91
C THR X 37 2.86 39.28 -47.34
N PRO X 38 4.19 39.03 -47.41
CA PRO X 38 4.73 37.77 -46.86
C PRO X 38 4.37 37.48 -45.39
N ALA X 39 5.20 37.89 -44.43
CA ALA X 39 5.03 37.60 -43.01
C ALA X 39 3.59 37.34 -42.58
N VAL X 40 2.71 38.32 -42.77
CA VAL X 40 1.31 38.19 -42.34
C VAL X 40 0.48 37.22 -43.21
N ARG X 41 0.93 36.91 -44.43
CA ARG X 41 0.26 35.85 -45.18
C ARG X 41 0.86 34.46 -44.84
N GLY X 42 2.10 34.49 -44.34
CA GLY X 42 2.77 33.30 -43.83
C GLY X 42 2.42 33.11 -42.36
N MET X 43 1.47 33.92 -41.91
CA MET X 43 0.80 33.73 -40.65
C MET X 43 -0.58 33.18 -40.94
N VAL X 44 -0.80 32.82 -42.20
CA VAL X 44 -2.05 32.22 -42.66
C VAL X 44 -1.77 30.94 -43.45
N LYS X 45 -0.52 30.78 -43.88
CA LYS X 45 -0.05 29.46 -44.27
C LYS X 45 -0.10 28.60 -43.01
N THR X 46 0.68 29.01 -42.00
CA THR X 46 0.88 28.25 -40.74
C THR X 46 -0.39 27.65 -40.13
N VAL X 47 -1.45 28.45 -40.06
CA VAL X 47 -2.72 28.04 -39.44
C VAL X 47 -3.86 27.91 -40.45
N LYS X 48 -3.51 27.48 -41.66
CA LYS X 48 -4.46 27.49 -42.78
C LYS X 48 -5.73 26.72 -42.46
N HIS X 49 -5.56 25.44 -42.15
CA HIS X 49 -6.63 24.49 -41.85
C HIS X 49 -7.66 24.94 -40.78
N LEU X 50 -7.31 25.95 -40.00
CA LEU X 50 -8.25 26.51 -39.05
C LEU X 50 -9.12 27.61 -39.71
N LEU X 51 -8.63 28.16 -40.82
CA LEU X 51 -9.31 29.24 -41.53
C LEU X 51 -9.85 28.79 -42.87
N GLU X 52 -11.11 29.07 -43.11
CA GLU X 52 -11.58 29.00 -44.46
C GLU X 52 -11.16 30.35 -44.95
N VAL X 53 -10.58 30.39 -46.14
CA VAL X 53 -10.03 31.63 -46.69
C VAL X 53 -10.59 31.88 -48.10
N GLN X 54 -10.73 33.15 -48.47
CA GLN X 54 -11.43 33.53 -49.71
C GLN X 54 -10.60 33.50 -51.02
N GLU X 55 -9.69 34.44 -51.21
CA GLU X 55 -8.85 34.47 -52.41
C GLU X 55 -7.41 34.92 -52.17
N LYS Y 1 -20.03 -14.91 11.47
CA LYS Y 1 -21.29 -14.78 12.19
C LYS Y 1 -21.69 -13.35 12.58
N HIS Y 2 -22.88 -13.25 13.18
CA HIS Y 2 -23.50 -12.07 13.84
C HIS Y 2 -24.28 -11.10 12.92
N PRO Y 3 -25.16 -11.63 12.07
CA PRO Y 3 -25.86 -10.79 11.10
C PRO Y 3 -26.68 -9.70 11.79
N VAL Y 4 -26.45 -8.46 11.33
CA VAL Y 4 -27.18 -7.25 11.75
C VAL Y 4 -27.92 -6.71 10.52
N PRO Y 5 -28.73 -5.65 10.68
CA PRO Y 5 -29.28 -4.98 9.51
C PRO Y 5 -28.32 -3.99 8.90
N LYS Y 6 -28.37 -3.96 7.58
CA LYS Y 6 -27.45 -3.20 6.79
C LYS Y 6 -27.69 -1.70 6.97
N LYS Y 7 -28.92 -1.27 6.66
CA LYS Y 7 -29.39 0.13 6.67
C LYS Y 7 -30.57 0.27 7.63
N LYS Y 8 -30.69 1.37 8.36
CA LYS Y 8 -31.96 1.62 9.05
C LYS Y 8 -33.19 1.50 8.12
N THR Y 9 -34.27 0.90 8.63
CA THR Y 9 -35.47 0.75 7.79
C THR Y 9 -36.34 1.99 7.87
N SER Y 10 -37.14 2.19 6.83
CA SER Y 10 -37.94 3.41 6.70
C SER Y 10 -39.25 3.38 7.48
N LYS Y 11 -39.81 4.55 7.72
CA LYS Y 11 -41.17 4.62 8.24
C LYS Y 11 -42.07 3.85 7.27
N SER Y 12 -41.79 3.95 5.98
CA SER Y 12 -42.69 3.41 4.96
C SER Y 12 -42.82 1.90 4.98
N LYS Y 13 -41.71 1.20 4.77
CA LYS Y 13 -41.73 -0.26 4.84
C LYS Y 13 -42.27 -0.62 6.20
N ARG Y 14 -41.55 -0.25 7.26
CA ARG Y 14 -41.91 -0.62 8.63
C ARG Y 14 -43.42 -0.62 8.87
N ASP Y 15 -44.08 0.42 8.38
CA ASP Y 15 -45.51 0.42 8.51
C ASP Y 15 -46.23 -0.39 7.43
N MET Y 16 -45.50 -0.87 6.42
CA MET Y 16 -46.07 -1.90 5.55
C MET Y 16 -45.94 -3.23 6.25
N ARG Y 17 -44.93 -3.36 7.12
CA ARG Y 17 -44.77 -4.61 7.85
C ARG Y 17 -45.96 -4.71 8.76
N ARG Y 18 -46.15 -3.71 9.62
CA ARG Y 18 -47.31 -3.70 10.52
C ARG Y 18 -48.71 -3.92 9.87
N SER Y 19 -48.75 -3.92 8.53
CA SER Y 19 -49.96 -4.02 7.73
C SER Y 19 -50.97 -5.07 8.11
N HIS Y 20 -50.58 -5.97 9.00
CA HIS Y 20 -51.47 -7.06 9.35
C HIS Y 20 -51.73 -7.15 10.81
N HIS Y 21 -50.83 -6.60 11.62
CA HIS Y 21 -50.88 -6.78 13.09
C HIS Y 21 -52.26 -6.43 13.73
N ALA Y 22 -53.00 -5.62 12.99
CA ALA Y 22 -54.43 -5.36 13.12
C ALA Y 22 -55.27 -6.44 13.77
N LEU Y 23 -55.69 -6.16 15.00
CA LEU Y 23 -56.64 -6.99 15.76
C LEU Y 23 -58.02 -7.24 15.15
N THR Y 24 -58.50 -8.47 15.30
CA THR Y 24 -59.80 -8.94 14.78
C THR Y 24 -60.79 -8.81 15.90
N ALA Y 25 -61.99 -8.36 15.59
CA ALA Y 25 -62.87 -7.89 16.65
C ALA Y 25 -63.72 -9.02 17.07
N PRO Y 26 -63.87 -9.17 18.40
CA PRO Y 26 -64.66 -10.30 18.89
C PRO Y 26 -66.02 -10.15 18.24
N ASN Y 27 -66.45 -11.18 17.51
CA ASN Y 27 -67.78 -11.19 16.92
C ASN Y 27 -68.83 -11.62 17.95
N LEU Y 28 -69.58 -10.64 18.50
CA LEU Y 28 -70.42 -10.83 19.70
C LEU Y 28 -71.92 -10.89 19.48
N THR Y 29 -72.60 -11.43 20.48
CA THR Y 29 -74.04 -11.50 20.42
C THR Y 29 -74.64 -11.29 21.81
N GLU Y 30 -75.93 -10.96 21.83
CA GLU Y 30 -76.67 -10.63 23.04
C GLU Y 30 -77.30 -11.89 23.63
N CYS Y 31 -77.23 -12.05 24.96
CA CYS Y 31 -77.42 -13.37 25.58
C CYS Y 31 -78.77 -13.77 26.19
N PRO Y 32 -79.75 -14.17 25.35
CA PRO Y 32 -81.17 -14.43 25.62
C PRO Y 32 -81.74 -14.23 27.05
N GLN Y 33 -80.94 -14.39 28.09
CA GLN Y 33 -81.43 -14.19 29.45
C GLN Y 33 -80.88 -12.89 30.02
N CYS Y 34 -80.05 -12.96 31.07
CA CYS Y 34 -79.57 -11.77 31.83
C CYS Y 34 -79.36 -10.42 31.09
N HIS Y 35 -79.05 -10.54 29.80
CA HIS Y 35 -78.84 -9.41 28.88
C HIS Y 35 -77.67 -8.48 29.14
N GLY Y 36 -76.47 -9.06 29.00
CA GLY Y 36 -75.23 -8.37 28.77
C GLY Y 36 -74.85 -8.65 27.32
N LYS Y 37 -73.91 -9.59 27.09
CA LYS Y 37 -73.47 -10.02 25.74
C LYS Y 37 -72.57 -11.28 25.82
N LYS Y 38 -72.90 -12.35 25.09
CA LYS Y 38 -72.10 -13.58 25.17
C LYS Y 38 -71.27 -13.89 23.93
N LEU Y 39 -70.15 -14.58 24.15
CA LEU Y 39 -69.30 -15.15 23.09
C LEU Y 39 -69.88 -16.48 22.61
N SER Y 40 -70.01 -16.64 21.29
CA SER Y 40 -70.68 -17.84 20.75
C SER Y 40 -70.02 -19.13 21.23
N HIS Y 41 -70.85 -20.02 21.74
CA HIS Y 41 -70.42 -21.28 22.34
C HIS Y 41 -69.86 -21.15 23.78
N HIS Y 42 -69.87 -19.96 24.34
CA HIS Y 42 -69.51 -19.82 25.75
C HIS Y 42 -70.68 -19.35 26.63
N ILE Y 43 -70.42 -19.26 27.94
CA ILE Y 43 -71.42 -18.85 28.91
C ILE Y 43 -71.58 -17.34 28.99
N CYS Y 44 -72.81 -16.87 28.83
CA CYS Y 44 -73.18 -15.46 29.03
C CYS Y 44 -72.88 -14.99 30.46
N PRO Y 45 -71.80 -14.20 30.64
CA PRO Y 45 -71.04 -14.11 31.89
C PRO Y 45 -71.79 -13.52 33.09
N ASN Y 46 -72.78 -12.67 32.81
CA ASN Y 46 -73.57 -11.97 33.84
C ASN Y 46 -74.43 -12.91 34.67
N CYS Y 47 -75.49 -13.45 34.06
CA CYS Y 47 -76.32 -14.45 34.75
C CYS Y 47 -75.60 -15.76 35.01
N GLY Y 48 -75.20 -16.45 33.94
CA GLY Y 48 -74.54 -17.76 34.02
C GLY Y 48 -75.26 -18.78 33.17
N TYR Y 49 -75.83 -18.26 32.08
CA TYR Y 49 -76.87 -18.94 31.30
C TYR Y 49 -76.32 -19.57 30.02
N TYR Y 50 -76.29 -20.89 30.00
CA TYR Y 50 -75.97 -21.57 28.75
C TYR Y 50 -77.23 -22.12 28.06
N ASP Y 51 -78.16 -22.62 28.87
CA ASP Y 51 -79.59 -22.77 28.49
C ASP Y 51 -80.55 -22.68 29.73
N GLY Y 52 -80.08 -23.23 30.85
CA GLY Y 52 -80.55 -22.90 32.18
C GLY Y 52 -79.35 -22.20 32.76
N ARG Y 53 -79.06 -22.39 34.03
CA ARG Y 53 -78.00 -21.62 34.66
C ARG Y 53 -76.84 -22.48 35.08
N GLN Y 54 -75.62 -21.95 35.03
CA GLN Y 54 -74.46 -22.78 35.46
C GLN Y 54 -73.61 -22.08 36.49
N VAL Y 55 -72.56 -21.42 36.01
CA VAL Y 55 -71.79 -20.57 36.90
C VAL Y 55 -72.82 -19.60 37.34
N LEU Y 56 -72.63 -19.06 38.53
CA LEU Y 56 -73.65 -18.23 39.12
C LEU Y 56 -73.37 -16.75 39.07
N ALA Y 57 -74.44 -16.03 38.69
CA ALA Y 57 -74.59 -14.57 38.80
C ALA Y 57 -73.48 -13.90 39.62
N ALA Z 1 46.91 16.50 1.82
CA ALA Z 1 46.59 15.47 0.84
C ALA Z 1 46.44 14.06 1.45
N ALA Z 2 46.80 13.03 0.68
CA ALA Z 2 46.67 11.64 1.12
C ALA Z 2 47.90 11.15 1.92
N ALA Z 3 47.74 11.13 3.26
CA ALA Z 3 48.83 11.00 4.25
C ALA Z 3 50.01 10.06 3.94
N GLY Z 4 49.72 8.76 3.96
CA GLY Z 4 50.76 7.74 3.84
C GLY Z 4 51.27 7.56 2.42
N ALA Z 5 51.38 8.67 1.69
CA ALA Z 5 51.99 8.69 0.37
C ALA Z 5 53.44 9.20 0.46
N ALA Z 6 54.39 8.34 0.09
CA ALA Z 6 55.83 8.67 0.15
C ALA Z 6 56.44 9.38 -1.08
N PRO Z 7 55.99 9.03 -2.33
CA PRO Z 7 56.39 9.86 -3.46
C PRO Z 7 55.50 11.10 -3.70
N ARG Z 8 56.10 12.15 -4.27
CA ARG Z 8 55.44 13.45 -4.50
C ARG Z 8 55.01 14.15 -3.19
N ILE Z 9 55.83 14.01 -2.15
CA ILE Z 9 55.61 14.66 -0.87
C ILE Z 9 55.48 16.17 -1.02
N ILE Z 10 54.49 16.75 -0.35
CA ILE Z 10 54.23 18.19 -0.36
C ILE Z 10 55.13 18.94 0.62
N VAL Z 11 56.10 19.68 0.10
CA VAL Z 11 56.93 20.53 0.94
C VAL Z 11 57.08 21.95 0.38
N LYS Z 12 57.32 22.88 1.30
CA LYS Z 12 57.30 24.31 1.02
C LYS Z 12 58.68 24.85 0.66
N MET Z 13 58.71 26.05 0.09
CA MET Z 13 59.94 26.70 -0.33
C MET Z 13 60.16 27.98 0.47
N GLU Z 14 61.12 27.96 1.39
CA GLU Z 14 61.38 29.13 2.23
C GLU Z 14 62.46 30.01 1.62
N SER Z 15 62.23 31.32 1.65
CA SER Z 15 63.14 32.26 1.01
C SER Z 15 64.51 32.37 1.69
N SER Z 16 65.53 32.63 0.87
CA SER Z 16 66.87 32.86 1.36
C SER Z 16 66.93 34.26 1.94
N ALA Z 17 65.95 35.08 1.56
CA ALA Z 17 65.76 36.42 2.09
C ALA Z 17 65.59 36.49 3.62
N GLY Z 18 64.62 35.73 4.15
CA GLY Z 18 64.30 35.80 5.56
C GLY Z 18 63.13 36.75 5.78
N THR Z 19 62.56 37.19 4.66
CA THR Z 19 61.41 38.08 4.63
C THR Z 19 60.36 37.63 5.62
N GLY Z 20 60.16 36.31 5.66
CA GLY Z 20 59.16 35.66 6.50
C GLY Z 20 58.16 34.91 5.65
N PHE Z 21 58.65 34.40 4.53
CA PHE Z 21 57.82 33.99 3.41
C PHE Z 21 58.00 32.50 3.12
N TYR Z 22 57.06 31.91 2.37
CA TYR Z 22 57.20 30.55 1.86
C TYR Z 22 56.19 30.18 0.74
N TYR Z 23 56.67 29.50 -0.30
CA TYR Z 23 55.79 28.91 -1.30
C TYR Z 23 55.50 27.49 -0.88
N THR Z 24 54.73 26.74 -1.68
CA THR Z 24 54.32 25.38 -1.31
C THR Z 24 54.14 24.46 -2.53
N THR Z 25 55.03 23.49 -2.74
CA THR Z 25 54.75 22.51 -3.82
C THR Z 25 55.31 21.10 -3.59
N THR Z 26 55.47 20.36 -4.68
CA THR Z 26 55.59 18.90 -4.58
C THR Z 26 56.66 18.27 -5.50
N LYS Z 27 57.73 17.76 -4.89
CA LYS Z 27 58.78 17.05 -5.62
C LYS Z 27 58.58 15.53 -5.47
N ASN Z 28 58.95 14.77 -6.50
CA ASN Z 28 58.70 13.34 -6.53
C ASN Z 28 59.49 12.54 -5.49
N ARG Z 29 60.53 13.14 -4.91
CA ARG Z 29 61.46 12.46 -3.99
C ARG Z 29 62.17 11.21 -4.58
N ARG Z 30 61.71 10.78 -5.75
CA ARG Z 30 62.49 9.92 -6.63
C ARG Z 30 63.08 10.86 -7.67
N ASN Z 31 63.90 11.80 -7.20
CA ASN Z 31 64.42 12.87 -8.03
C ASN Z 31 65.51 13.64 -7.32
N THR Z 32 65.07 14.56 -6.47
CA THR Z 32 65.95 15.52 -5.80
C THR Z 32 66.77 14.89 -4.67
N GLN Z 33 66.09 14.27 -3.71
CA GLN Z 33 66.72 13.54 -2.59
C GLN Z 33 67.66 14.39 -1.69
N ALA Z 34 67.91 15.63 -2.09
CA ALA Z 34 68.78 16.54 -1.34
C ALA Z 34 68.00 17.77 -0.90
N LYS Z 35 67.49 18.53 -1.88
CA LYS Z 35 66.68 19.72 -1.62
C LYS Z 35 66.14 20.24 -2.94
N LEU Z 36 65.80 21.53 -2.99
CA LEU Z 36 65.35 22.16 -4.23
C LEU Z 36 65.68 23.67 -4.31
N GLU Z 37 66.14 24.11 -5.48
CA GLU Z 37 66.56 25.48 -5.71
C GLU Z 37 65.70 26.12 -6.78
N LEU Z 38 64.83 27.05 -6.38
CA LEU Z 38 63.92 27.71 -7.31
C LEU Z 38 64.00 29.22 -7.19
N LYS Z 39 63.53 29.92 -8.22
CA LYS Z 39 63.72 31.36 -8.35
C LYS Z 39 62.44 32.17 -8.37
N LYS Z 40 61.60 32.09 -7.33
CA LYS Z 40 60.31 32.80 -7.38
C LYS Z 40 60.34 34.26 -6.84
N TYR Z 41 59.31 35.04 -7.14
CA TYR Z 41 59.12 36.41 -6.61
C TYR Z 41 59.16 36.47 -5.06
N ASP Z 42 58.88 37.64 -4.48
CA ASP Z 42 58.77 37.81 -3.03
C ASP Z 42 58.28 39.23 -2.76
N PRO Z 43 56.98 39.40 -2.52
CA PRO Z 43 56.31 40.67 -2.19
C PRO Z 43 57.14 41.60 -1.32
N VAL Z 44 57.79 41.07 -0.27
CA VAL Z 44 58.57 41.89 0.64
C VAL Z 44 59.90 42.43 0.05
N ALA Z 45 60.00 42.44 -1.29
CA ALA Z 45 61.13 43.00 -2.07
C ALA Z 45 60.91 42.78 -3.58
N ALA Z 46 61.81 42.02 -4.21
CA ALA Z 46 61.67 41.63 -5.63
C ALA Z 46 62.73 40.61 -6.14
N HIS Z 47 62.39 39.32 -6.10
CA HIS Z 47 63.16 38.18 -6.67
C HIS Z 47 64.24 37.54 -5.77
N VAL Z 48 63.88 36.50 -5.02
CA VAL Z 48 64.76 35.96 -3.96
C VAL Z 48 65.63 34.74 -4.29
N VAL Z 49 65.03 33.67 -4.81
CA VAL Z 49 65.61 32.31 -4.86
C VAL Z 49 65.42 31.55 -3.54
N PHE Z 50 64.72 30.42 -3.62
CA PHE Z 50 64.18 29.73 -2.43
C PHE Z 50 64.77 28.34 -2.18
N ALA Z 51 65.03 28.04 -0.91
CA ALA Z 51 65.48 26.70 -0.52
C ALA Z 51 64.30 25.86 -0.04
N ALA Z 52 64.18 24.63 -0.54
CA ALA Z 52 63.11 23.72 -0.16
C ALA Z 52 63.16 23.36 1.33
N ALA Z 53 62.53 24.18 2.16
CA ALA Z 53 62.54 24.03 3.62
C ALA Z 53 61.90 22.74 4.12
N ALA Z 54 62.38 22.26 5.25
CA ALA Z 54 61.87 21.03 5.87
C ALA Z 54 60.35 21.04 6.05
N MET AA 1 -15.01 -16.56 38.94
CA MET AA 1 -14.92 -17.53 40.03
C MET AA 1 -15.08 -16.89 41.43
N LYS AA 2 -13.97 -16.62 42.11
CA LYS AA 2 -13.94 -15.86 43.37
C LYS AA 2 -13.43 -14.46 43.08
N ARG AA 3 -13.82 -13.45 43.87
CA ARG AA 3 -13.53 -12.08 43.47
C ARG AA 3 -12.49 -11.28 44.25
N THR AA 4 -12.01 -10.24 43.57
CA THR AA 4 -11.13 -9.23 44.11
C THR AA 4 -11.46 -8.79 45.54
N TYR AA 5 -12.71 -8.37 45.76
CA TYR AA 5 -13.10 -7.72 47.01
C TYR AA 5 -13.76 -8.58 48.09
N GLN AA 6 -12.98 -9.06 49.05
CA GLN AA 6 -13.50 -9.85 50.16
C GLN AA 6 -13.30 -9.07 51.46
N PRO AA 7 -14.32 -8.29 51.85
CA PRO AA 7 -14.21 -7.31 52.94
C PRO AA 7 -13.64 -7.90 54.20
N ASN AA 8 -12.87 -7.09 54.89
CA ASN AA 8 -12.30 -7.48 56.16
C ASN AA 8 -12.20 -6.23 57.02
N ASN AA 9 -13.12 -6.09 57.97
CA ASN AA 9 -13.21 -4.88 58.79
C ASN AA 9 -11.86 -4.46 59.36
N ARG AA 10 -11.19 -5.38 60.05
CA ARG AA 10 -9.88 -5.09 60.60
C ARG AA 10 -8.89 -4.73 59.52
N LYS AA 11 -8.92 -5.43 58.39
CA LYS AA 11 -8.05 -5.06 57.28
C LYS AA 11 -8.36 -3.63 56.82
N ARG AA 12 -9.55 -3.45 56.28
CA ARG AA 12 -10.05 -2.13 55.88
C ARG AA 12 -9.50 -1.00 56.76
N ALA AA 13 -9.87 -1.01 58.05
CA ALA AA 13 -9.43 0.02 59.00
C ALA AA 13 -7.91 0.08 59.25
N LYS AA 14 -7.25 -1.06 59.49
CA LYS AA 14 -5.82 -1.05 59.76
C LYS AA 14 -5.02 -0.68 58.52
N THR AA 15 -5.70 -0.54 57.40
CA THR AA 15 -5.05 -0.26 56.12
C THR AA 15 -5.29 1.15 55.63
N HIS AA 16 -6.53 1.59 55.70
CA HIS AA 16 -6.91 2.84 55.07
C HIS AA 16 -7.31 3.95 56.06
N GLY AA 17 -7.45 3.58 57.33
CA GLY AA 17 -8.05 4.42 58.35
C GLY AA 17 -7.36 5.74 58.69
N PHE AA 18 -7.48 6.18 59.93
CA PHE AA 18 -7.00 7.51 60.25
C PHE AA 18 -5.73 7.50 61.08
N ARG AA 19 -5.66 6.61 62.07
CA ARG AA 19 -4.44 6.45 62.86
C ARG AA 19 -3.39 6.05 61.87
N ALA AA 20 -3.80 5.13 60.99
CA ALA AA 20 -3.00 4.67 59.86
C ALA AA 20 -2.57 5.80 58.90
N ARG AA 21 -3.54 6.55 58.36
CA ARG AA 21 -3.20 7.57 57.39
C ARG AA 21 -2.34 8.69 58.00
N MET AA 22 -2.41 8.87 59.30
CA MET AA 22 -1.63 9.93 59.95
C MET AA 22 -0.26 9.41 60.37
N LYS AA 23 -0.12 8.09 60.46
CA LYS AA 23 1.15 7.47 60.87
C LYS AA 23 2.29 7.80 59.92
N THR AA 24 1.95 8.11 58.68
CA THR AA 24 2.94 8.43 57.65
C THR AA 24 2.82 9.87 57.15
N LYS AA 25 3.92 10.40 56.62
CA LYS AA 25 3.90 11.76 56.09
C LYS AA 25 2.89 11.88 54.96
N SER AA 26 3.13 11.12 53.89
CA SER AA 26 2.28 11.14 52.69
C SER AA 26 0.79 10.86 52.95
N GLY AA 27 0.48 10.45 54.17
CA GLY AA 27 -0.89 10.26 54.58
C GLY AA 27 -1.44 11.49 55.27
N ARG AA 28 -0.60 12.22 56.00
CA ARG AA 28 -0.96 13.56 56.41
C ARG AA 28 -1.30 14.29 55.12
N ASN AA 29 -0.36 14.25 54.19
CA ASN AA 29 -0.52 14.90 52.90
C ASN AA 29 -1.81 14.45 52.19
N ILE AA 30 -2.10 13.16 52.19
CA ILE AA 30 -3.35 12.69 51.60
C ILE AA 30 -4.51 13.35 52.30
N LEU AA 31 -4.45 13.34 53.63
CA LEU AA 31 -5.49 13.95 54.46
C LEU AA 31 -5.79 15.40 54.04
N ALA AA 32 -4.86 16.30 54.28
CA ALA AA 32 -5.21 17.68 54.03
C ALA AA 32 -5.52 17.93 52.54
N ARG AA 33 -4.87 17.19 51.63
CA ARG AA 33 -5.14 17.36 50.18
C ARG AA 33 -6.52 16.80 49.77
N ARG AA 34 -7.11 16.04 50.69
CA ARG AA 34 -8.50 15.59 50.54
C ARG AA 34 -9.40 16.67 51.09
N ARG AA 35 -9.14 17.05 52.34
CA ARG AA 35 -9.89 18.09 53.05
C ARG AA 35 -10.14 19.26 52.12
N ALA AA 36 -9.08 19.72 51.48
CA ALA AA 36 -9.21 20.79 50.50
C ALA AA 36 -10.26 20.51 49.41
N LYS AA 37 -10.39 19.26 48.97
CA LYS AA 37 -11.40 18.96 47.97
C LYS AA 37 -12.76 18.74 48.61
N GLY AA 38 -12.88 19.18 49.86
CA GLY AA 38 -14.15 19.18 50.55
C GLY AA 38 -14.76 17.82 50.68
N ARG AA 39 -13.93 16.80 50.86
CA ARG AA 39 -14.44 15.45 51.11
C ARG AA 39 -15.29 15.43 52.37
N HIS AA 40 -16.48 14.85 52.23
CA HIS AA 40 -17.21 14.43 53.40
C HIS AA 40 -16.52 13.13 53.79
N GLN AA 41 -16.25 12.31 52.77
CA GLN AA 41 -15.51 11.06 52.90
C GLN AA 41 -14.03 11.38 53.11
N LEU AA 42 -13.65 11.59 54.36
CA LEU AA 42 -12.27 11.95 54.65
C LEU AA 42 -11.38 10.72 54.55
N THR AA 43 -11.93 9.56 54.88
CA THR AA 43 -11.13 8.42 55.30
C THR AA 43 -12.08 7.26 55.65
N VAL AA 44 -11.62 6.02 55.50
CA VAL AA 44 -12.48 4.90 55.78
C VAL AA 44 -12.81 4.77 57.27
N SER AA 45 -12.23 5.64 58.08
CA SER AA 45 -12.63 5.72 59.46
C SER AA 45 -14.01 6.34 59.51
N ASP AA 46 -14.30 7.19 58.52
CA ASP AA 46 -15.48 8.06 58.53
C ASP AA 46 -16.70 7.41 57.88
N GLU AA 47 -16.49 6.23 57.30
CA GLU AA 47 -17.60 5.35 56.96
C GLU AA 47 -18.39 5.03 58.24
N PRO BA 1 8.38 38.55 21.70
CA PRO BA 1 9.48 39.34 22.29
C PRO BA 1 10.51 39.79 21.26
N LYS BA 2 11.60 40.43 21.70
CA LYS BA 2 12.63 40.95 20.78
C LYS BA 2 13.34 39.84 19.98
N MET BA 3 13.22 39.91 18.65
CA MET BA 3 13.78 38.90 17.78
C MET BA 3 15.30 38.84 17.80
N LYS BA 4 15.82 37.72 18.27
CA LYS BA 4 17.25 37.56 18.52
C LYS BA 4 18.13 37.68 17.28
N THR BA 5 19.31 38.25 17.48
CA THR BA 5 20.30 38.37 16.42
C THR BA 5 21.10 37.07 16.35
N HIS BA 6 21.27 36.55 15.14
CA HIS BA 6 21.91 35.25 14.96
C HIS BA 6 23.43 35.28 15.01
N LYS BA 7 23.99 35.24 16.21
CA LYS BA 7 25.43 35.31 16.47
C LYS BA 7 26.21 34.33 15.61
N MET BA 8 25.49 33.32 15.11
CA MET BA 8 25.94 32.53 13.97
C MET BA 8 26.50 33.39 12.84
N ALA BA 9 26.07 34.64 12.74
CA ALA BA 9 26.32 35.47 11.55
C ALA BA 9 27.14 36.77 11.76
N LYS BA 10 27.50 37.03 13.02
CA LYS BA 10 28.18 38.25 13.44
C LYS BA 10 29.70 38.24 13.18
N ARG BA 11 30.09 37.75 12.00
CA ARG BA 11 31.48 37.65 11.64
C ARG BA 11 31.50 37.09 10.25
N ARG BA 12 30.33 36.85 9.66
CA ARG BA 12 30.33 36.28 8.32
C ARG BA 12 29.40 36.93 7.31
N ILE BA 13 28.52 37.82 7.76
CA ILE BA 13 27.69 38.54 6.80
C ILE BA 13 27.56 40.06 7.00
N LYS BA 14 27.30 40.79 5.92
CA LYS BA 14 27.34 42.24 5.96
C LYS BA 14 26.21 42.91 5.19
N ILE BA 15 25.67 43.97 5.80
CA ILE BA 15 24.71 44.87 5.18
C ILE BA 15 25.41 45.89 4.26
N THR BA 16 24.71 46.95 3.88
CA THR BA 16 25.32 48.03 3.10
C THR BA 16 24.48 49.31 3.04
N GLY BA 17 24.65 50.05 1.96
CA GLY BA 17 23.77 51.16 1.66
C GLY BA 17 22.51 50.62 1.04
N THR BA 18 22.62 50.12 -0.20
CA THR BA 18 21.46 49.66 -0.98
C THR BA 18 20.62 48.63 -0.24
N GLY BA 19 21.18 48.07 0.83
CA GLY BA 19 20.50 47.05 1.59
C GLY BA 19 21.06 45.67 1.27
N LYS BA 20 21.77 45.57 0.15
CA LYS BA 20 22.35 44.29 -0.29
C LYS BA 20 23.22 43.64 0.81
N VAL BA 21 23.27 42.31 0.81
CA VAL BA 21 24.07 41.60 1.80
C VAL BA 21 25.31 40.96 1.20
N MET BA 22 26.44 41.14 1.87
CA MET BA 22 27.68 40.59 1.37
C MET BA 22 28.18 39.48 2.25
N ALA BA 23 29.03 38.65 1.68
CA ALA BA 23 29.77 37.66 2.45
C ALA BA 23 31.07 37.30 1.71
N PHE BA 24 31.79 36.31 2.19
CA PHE BA 24 33.13 36.10 1.66
C PHE BA 24 33.17 34.96 0.65
N LYS BA 25 34.34 34.71 0.06
CA LYS BA 25 34.50 33.53 -0.81
C LYS BA 25 35.21 32.39 -0.08
N SER BA 26 34.90 31.18 -0.50
CA SER BA 26 35.11 29.99 0.29
C SER BA 26 36.19 29.07 -0.26
N GLY BA 27 37.16 28.72 0.59
CA GLY BA 27 38.13 27.68 0.27
C GLY BA 27 39.59 28.02 0.52
N LYS BA 28 39.96 28.10 1.81
CA LYS BA 28 41.17 28.80 2.17
C LYS BA 28 41.83 28.23 3.43
N ARG BA 29 41.65 26.93 3.66
CA ARG BA 29 42.26 26.28 4.81
C ARG BA 29 42.92 24.91 4.50
N HIS BA 30 42.32 24.12 3.62
CA HIS BA 30 43.01 22.93 3.10
C HIS BA 30 42.79 22.82 1.60
N GLN BA 31 41.96 23.75 1.09
CA GLN BA 31 41.83 23.99 -0.35
C GLN BA 31 42.98 24.89 -0.83
N ASN BA 32 44.19 24.55 -0.38
CA ASN BA 32 45.31 25.45 -0.54
C ASN BA 32 46.31 25.03 -1.59
N THR BA 33 47.25 24.17 -1.23
CA THR BA 33 48.34 23.83 -2.14
C THR BA 33 47.94 23.45 -3.58
N GLY BA 34 46.62 23.42 -3.81
CA GLY BA 34 46.00 23.16 -5.10
C GLY BA 34 46.72 23.56 -6.37
N LYS BA 35 46.95 24.86 -6.57
CA LYS BA 35 46.32 25.91 -5.76
C LYS BA 35 44.91 26.18 -6.32
N SER BA 36 44.70 26.92 -7.44
CA SER BA 36 45.69 27.70 -8.23
C SER BA 36 45.92 29.13 -7.66
N GLY BA 37 46.84 29.89 -8.27
CA GLY BA 37 47.19 31.22 -7.76
C GLY BA 37 46.03 32.20 -7.68
N ASP BA 38 45.28 32.32 -8.78
CA ASP BA 38 44.10 33.19 -8.84
C ASP BA 38 42.94 32.62 -8.01
N GLU BA 39 42.99 31.32 -7.72
CA GLU BA 39 42.08 30.74 -6.75
C GLU BA 39 42.42 31.31 -5.38
N ILE BA 40 43.56 30.92 -4.80
CA ILE BA 40 43.96 31.36 -3.46
C ILE BA 40 43.81 32.87 -3.25
N ARG BA 41 44.12 33.62 -4.30
CA ARG BA 41 43.93 35.07 -4.25
C ARG BA 41 42.44 35.39 -4.27
N GLY BA 42 41.67 34.71 -5.13
CA GLY BA 42 40.26 34.99 -5.27
C GLY BA 42 39.47 34.78 -3.98
N LYS BA 43 39.91 33.78 -3.23
CA LYS BA 43 39.14 33.31 -2.08
C LYS BA 43 39.35 34.06 -0.75
N GLY BA 44 40.47 34.79 -0.60
CA GLY BA 44 40.66 35.57 0.61
C GLY BA 44 39.59 36.65 0.80
N LYS BA 45 38.93 36.99 -0.30
CA LYS BA 45 38.17 38.25 -0.42
C LYS BA 45 36.79 38.30 0.22
N GLY BA 46 35.85 38.89 -0.52
CA GLY BA 46 34.48 39.12 -0.07
C GLY BA 46 33.57 39.39 -1.25
N PHE BA 47 32.27 39.19 -1.04
CA PHE BA 47 31.28 39.38 -2.12
C PHE BA 47 29.78 39.39 -1.72
N VAL BA 48 29.00 40.01 -2.59
CA VAL BA 48 27.56 40.08 -2.41
C VAL BA 48 26.95 38.77 -2.86
N LEU BA 49 25.99 38.27 -2.11
CA LEU BA 49 25.27 37.06 -2.51
C LEU BA 49 24.46 37.32 -3.78
N ALA BA 50 23.66 36.33 -4.19
CA ALA BA 50 22.79 36.51 -5.36
C ALA BA 50 21.60 37.37 -4.96
N LYS BA 51 20.40 36.82 -5.06
CA LYS BA 51 19.25 37.46 -4.41
C LYS BA 51 18.57 36.41 -3.54
N ALA BA 52 17.54 35.76 -4.10
CA ALA BA 52 16.88 34.57 -3.53
C ALA BA 52 17.24 34.14 -2.09
N GLU BA 53 18.54 34.09 -1.84
CA GLU BA 53 19.10 33.65 -0.57
C GLU BA 53 19.58 34.87 0.22
N TRP BA 54 18.94 36.00 -0.01
CA TRP BA 54 19.29 37.24 0.67
C TRP BA 54 18.54 37.42 1.98
N ALA BA 55 17.22 37.59 1.88
CA ALA BA 55 16.34 37.97 2.99
C ALA BA 55 16.59 37.20 4.27
N ARG BA 56 16.78 35.88 4.16
CA ARG BA 56 17.18 35.03 5.29
C ARG BA 56 18.24 35.70 6.17
N MET BA 57 19.41 35.93 5.57
CA MET BA 57 20.50 36.65 6.20
C MET BA 57 20.03 37.90 6.94
N LYS BA 58 19.19 38.67 6.25
CA LYS BA 58 18.75 39.94 6.78
C LYS BA 58 18.12 39.59 8.10
N LEU BA 59 17.14 38.71 8.04
CA LEU BA 59 16.37 38.32 9.22
C LEU BA 59 17.25 37.72 10.32
N MET BA 60 18.50 37.36 9.97
CA MET BA 60 19.42 36.86 11.00
C MET BA 60 19.83 37.95 11.99
N LEU BA 61 19.84 39.19 11.50
CA LEU BA 61 20.13 40.32 12.37
C LEU BA 61 19.18 41.49 12.11
N PRO BA 62 18.68 42.10 13.19
CA PRO BA 62 17.89 43.34 13.14
C PRO BA 62 18.73 44.65 13.05
N ARG BA 63 19.72 44.81 13.92
CA ARG BA 63 20.56 46.01 13.90
C ARG BA 63 21.32 46.18 12.58
N GLY BA 64 21.51 45.09 11.84
CA GLY BA 64 22.29 45.10 10.62
C GLY BA 64 23.78 44.91 10.91
N LYS BA 65 24.09 44.65 12.17
CA LYS BA 65 25.47 44.50 12.64
C LYS BA 65 25.51 43.51 13.80
#